data_9E7X
#
_entry.id   9E7X
#
_cell.length_a   1.00
_cell.length_b   1.00
_cell.length_c   1.00
_cell.angle_alpha   90.00
_cell.angle_beta   90.00
_cell.angle_gamma   90.00
#
_symmetry.space_group_name_H-M   'P 1'
#
loop_
_entity.id
_entity.type
_entity.pdbx_description
1 polymer 'Capsid protein 2'
2 polymer 'Heavy chain antibody fragment'
3 polymer 'Light chain antibody fragment'
#
loop_
_entity_poly.entity_id
_entity_poly.type
_entity_poly.pdbx_seq_one_letter_code
_entity_poly.pdbx_strand_id
1 'polypeptide(L)'
;GVGISTGTFNNQTEFKFLENGWVYITANSSRLVHLNMPESENYRRVVVNNLDKTAVNGNMALDDTHAEIVTPWSLVDANA
WGVWFNPGDWQLIVNTMSELHLVSFEQEIFNVVLKTVSESATQPPTKVYNNDLTASLMVALDSNNTMPFTPAAMRSETLG
FYPWKPTIPTPWRYYFQWDRTLIPSHTGTSGTPTNIYHGTDPDDVQFYTIENSVPVHLLRTGDEFATGTFFFDCKPCRLT
HTWQTNRALGLPPFLNSLPQSEGGTNFGYIGVQQDKRRGVTQMGNTNYITEATIMRPAEVGYSAPYYSFEASTQGPFKTP
IAAGRGGAQTDENQAADGDPRYAFGRQHGQKTTTTGETPERFTYIAHQDTGRYPEGDWIQNINFNLPVTDDNVLLPTDPI
GGKTGINYTNIFNTYGPLTALNNVPPVYPNGQIWDKEFDTDLKPRLHVNAPFVCQNNCPGQLFVKVAPNLTNQYDPDASA
NMSRIVTYSDFWWKGKLVFKAKLRASHTWNPIQQMSINVDNQFNYVPSNIGGMKIVYEKSQLAPRKLY
;
A,B,C,D,E,F
2 'polypeptide(L)'
;EVQLVESGGDLVKPAGSLRLSCVASGFTFSSYGMNWVRQAPGKGLQWVAGVNSGGFTGYADAVKGRFTISRDNAKNTVYL
QMNSLTAEDTAVYYCAKDRYYCTGDYCFNLIAFGYWGQGTLVTVSS
;
H
3 'polypeptide(L)'
;QSVLTQPTSVSGSLGQRVTISCSGSTNNIGIVGASWYQQLPGKAPKLLVYSDGNRPSGVPDRFSGSNSGNSATLTITGLQ
AEDEADYYCQSVDPTLGVVVFGGGTHLTVL
;
L
#
# COMPACT_ATOMS: atom_id res chain seq x y z
N GLY A 1 -20.30 43.31 7.74
CA GLY A 1 -19.24 44.34 7.56
C GLY A 1 -18.42 44.58 8.82
N VAL A 2 -17.69 45.69 8.84
CA VAL A 2 -16.82 46.00 9.97
C VAL A 2 -17.65 46.37 11.19
N GLY A 3 -18.67 47.20 11.01
CA GLY A 3 -19.47 47.72 12.09
C GLY A 3 -20.80 47.03 12.31
N ILE A 4 -20.97 45.81 11.81
CA ILE A 4 -22.22 45.08 11.93
C ILE A 4 -21.97 43.81 12.75
N SER A 5 -22.81 43.58 13.75
CA SER A 5 -22.67 42.40 14.58
C SER A 5 -23.21 41.17 13.86
N THR A 6 -22.63 40.02 14.17
CA THR A 6 -22.94 38.77 13.47
C THR A 6 -23.57 37.73 14.39
N GLY A 7 -24.06 38.12 15.55
CA GLY A 7 -24.69 37.17 16.45
C GLY A 7 -25.14 37.86 17.71
N THR A 8 -25.87 37.10 18.53
CA THR A 8 -26.41 37.60 19.78
C THR A 8 -25.95 36.74 20.94
N PHE A 9 -25.75 37.38 22.10
CA PHE A 9 -25.38 36.66 23.31
C PHE A 9 -26.61 36.00 23.92
N ASN A 10 -26.49 34.72 24.25
CA ASN A 10 -27.58 34.00 24.89
C ASN A 10 -27.00 32.95 25.83
N ASN A 11 -27.26 33.11 27.12
CA ASN A 11 -26.89 32.14 28.13
C ASN A 11 -28.12 31.70 28.93
N GLN A 12 -29.27 31.63 28.26
CA GLN A 12 -30.51 31.25 28.93
C GLN A 12 -30.71 29.75 28.91
N THR A 13 -31.57 29.29 29.80
CA THR A 13 -32.03 27.90 29.84
C THR A 13 -33.53 27.91 29.62
N GLU A 14 -34.02 27.06 28.72
CA GLU A 14 -35.43 26.96 28.42
C GLU A 14 -35.91 25.56 28.77
N PHE A 15 -37.08 25.49 29.38
CA PHE A 15 -37.72 24.22 29.75
C PHE A 15 -39.07 24.16 29.07
N LYS A 16 -39.10 23.59 27.87
CA LYS A 16 -40.34 23.41 27.13
C LYS A 16 -40.93 22.07 27.53
N PHE A 17 -42.17 22.08 28.00
CA PHE A 17 -42.80 20.88 28.55
C PHE A 17 -43.66 20.22 27.48
N LEU A 18 -43.20 19.08 26.98
CA LEU A 18 -43.92 18.33 25.97
C LEU A 18 -45.03 17.51 26.63
N GLU A 19 -45.69 16.67 25.82
CA GLU A 19 -46.75 15.84 26.34
C GLU A 19 -46.16 14.61 27.05
N ASN A 20 -46.99 14.00 27.89
CA ASN A 20 -46.67 12.73 28.52
C ASN A 20 -45.48 12.84 29.48
N GLY A 21 -45.36 13.97 30.16
CA GLY A 21 -44.38 14.11 31.21
C GLY A 21 -42.96 14.29 30.76
N TRP A 22 -42.73 14.66 29.50
CA TRP A 22 -41.39 14.89 29.01
C TRP A 22 -41.13 16.38 28.84
N VAL A 23 -39.88 16.77 29.05
CA VAL A 23 -39.45 18.16 28.99
C VAL A 23 -38.31 18.28 28.01
N TYR A 24 -38.29 19.38 27.28
CA TYR A 24 -37.27 19.66 26.26
C TYR A 24 -36.37 20.76 26.82
N ILE A 25 -35.26 20.37 27.43
CA ILE A 25 -34.34 21.30 28.07
C ILE A 25 -33.37 21.80 27.01
N THR A 26 -33.41 23.10 26.74
CA THR A 26 -32.47 23.75 25.83
C THR A 26 -31.55 24.62 26.67
N ALA A 27 -30.25 24.36 26.59
CA ALA A 27 -29.25 25.09 27.35
C ALA A 27 -28.39 25.91 26.39
N ASN A 28 -28.45 27.23 26.53
CA ASN A 28 -27.66 28.14 25.72
C ASN A 28 -26.50 28.67 26.54
N SER A 29 -25.32 28.71 25.92
CA SER A 29 -24.12 29.18 26.58
C SER A 29 -23.37 30.11 25.65
N SER A 30 -23.04 31.29 26.14
CA SER A 30 -22.31 32.28 25.37
C SER A 30 -21.11 32.75 26.17
N ARG A 31 -19.97 32.86 25.50
CA ARG A 31 -18.72 33.19 26.16
C ARG A 31 -17.95 34.20 25.32
N LEU A 32 -17.10 34.96 25.99
CA LEU A 32 -16.10 35.79 25.31
C LEU A 32 -14.77 35.06 25.40
N VAL A 33 -14.22 34.70 24.24
CA VAL A 33 -13.03 33.85 24.18
C VAL A 33 -11.84 34.71 23.76
N HIS A 34 -10.77 34.63 24.53
CA HIS A 34 -9.54 35.36 24.27
C HIS A 34 -8.48 34.41 23.75
N LEU A 35 -7.93 34.71 22.58
CA LEU A 35 -6.99 33.85 21.89
C LEU A 35 -5.75 34.65 21.54
N ASN A 36 -4.59 34.22 22.04
CA ASN A 36 -3.32 34.77 21.63
C ASN A 36 -2.71 33.97 20.50
N MET A 37 -1.75 34.57 19.80
CA MET A 37 -1.10 33.86 18.71
C MET A 37 -0.19 32.78 19.28
N PRO A 38 -0.01 31.67 18.57
CA PRO A 38 0.77 30.56 19.12
C PRO A 38 2.22 30.94 19.31
N GLU A 39 2.84 30.28 20.29
CA GLU A 39 4.24 30.55 20.59
C GLU A 39 5.13 30.26 19.39
N SER A 40 4.81 29.20 18.65
CA SER A 40 5.42 28.96 17.35
C SER A 40 4.35 28.45 16.41
N GLU A 41 4.55 28.70 15.12
CA GLU A 41 3.63 28.22 14.09
C GLU A 41 3.89 26.77 13.71
N ASN A 42 4.82 26.10 14.39
CA ASN A 42 5.26 24.77 13.99
C ASN A 42 4.68 23.70 14.91
N TYR A 43 4.66 22.48 14.40
CA TYR A 43 4.30 21.31 15.21
C TYR A 43 5.56 20.75 15.84
N ARG A 44 5.50 20.52 17.16
CA ARG A 44 6.63 20.02 17.91
C ARG A 44 6.33 18.62 18.40
N ARG A 45 7.33 17.74 18.32
CA ARG A 45 7.25 16.41 18.92
C ARG A 45 8.10 16.45 20.19
N VAL A 46 7.45 16.57 21.34
CA VAL A 46 8.12 16.78 22.62
C VAL A 46 7.99 15.52 23.45
N VAL A 47 9.05 15.20 24.20
CA VAL A 47 9.11 14.03 25.06
C VAL A 47 9.38 14.49 26.49
N VAL A 48 8.58 13.98 27.43
CA VAL A 48 8.74 14.28 28.85
C VAL A 48 9.29 13.03 29.53
N ASN A 49 10.26 13.21 30.42
CA ASN A 49 10.89 12.10 31.12
C ASN A 49 11.34 12.60 32.49
N ASN A 50 10.50 12.35 33.50
CA ASN A 50 10.81 12.78 34.87
C ASN A 50 11.56 11.68 35.60
N LEU A 51 12.74 11.35 35.05
CA LEU A 51 13.56 10.30 35.65
C LEU A 51 13.99 10.67 37.07
N ASP A 52 14.06 11.96 37.38
CA ASP A 52 14.46 12.38 38.72
C ASP A 52 13.42 11.96 39.76
N LYS A 53 12.14 12.11 39.43
CA LYS A 53 11.08 11.74 40.38
C LYS A 53 10.91 10.23 40.46
N THR A 54 11.05 9.53 39.33
CA THR A 54 10.87 8.09 39.30
C THR A 54 12.12 7.33 39.70
N ALA A 55 13.29 7.96 39.68
CA ALA A 55 14.50 7.30 40.14
C ALA A 55 14.47 7.00 41.63
N VAL A 56 13.58 7.65 42.38
CA VAL A 56 13.42 7.36 43.80
C VAL A 56 12.61 6.07 43.92
N ASN A 57 13.21 5.03 44.46
CA ASN A 57 12.55 3.74 44.55
C ASN A 57 11.24 3.88 45.31
N GLY A 58 10.18 3.30 44.75
CA GLY A 58 8.85 3.40 45.33
C GLY A 58 8.00 4.52 44.79
N ASN A 59 8.53 5.36 43.90
CA ASN A 59 7.78 6.45 43.30
C ASN A 59 7.29 6.10 41.89
N MET A 60 7.17 4.81 41.57
CA MET A 60 6.82 4.42 40.21
C MET A 60 5.43 4.89 39.81
N ALA A 61 4.57 5.23 40.77
CA ALA A 61 3.24 5.71 40.43
C ALA A 61 3.26 7.15 39.94
N LEU A 62 4.34 7.89 40.20
CA LEU A 62 4.45 9.27 39.79
C LEU A 62 5.05 9.44 38.41
N ASP A 63 4.91 8.44 37.54
CA ASP A 63 5.53 8.47 36.24
C ASP A 63 4.78 9.42 35.31
N ASP A 64 5.52 10.29 34.63
CA ASP A 64 4.96 11.26 33.70
C ASP A 64 5.51 11.12 32.29
N THR A 65 6.25 10.06 32.01
CA THR A 65 6.91 9.92 30.73
C THR A 65 5.90 9.77 29.61
N HIS A 66 6.10 10.49 28.53
CA HIS A 66 5.22 10.42 27.37
C HIS A 66 5.79 11.29 26.27
N ALA A 67 5.25 11.10 25.07
CA ALA A 67 5.58 11.90 23.90
C ALA A 67 4.30 12.49 23.34
N GLU A 68 4.37 13.74 22.88
CA GLU A 68 3.19 14.41 22.39
C GLU A 68 3.57 15.36 21.26
N ILE A 69 2.62 15.59 20.37
CA ILE A 69 2.75 16.61 19.33
C ILE A 69 2.12 17.88 19.87
N VAL A 70 2.90 18.95 19.95
CA VAL A 70 2.40 20.25 20.37
C VAL A 70 2.07 21.05 19.12
N THR A 71 0.82 21.47 19.02
CA THR A 71 0.29 22.12 17.83
C THR A 71 0.10 23.61 18.06
N PRO A 72 0.13 24.41 16.99
CA PRO A 72 -0.17 25.84 17.14
C PRO A 72 -1.64 26.16 17.33
N TRP A 73 -2.52 25.16 17.19
CA TRP A 73 -3.95 25.36 17.27
C TRP A 73 -4.44 25.27 18.71
N SER A 74 -5.59 25.88 18.96
CA SER A 74 -6.25 25.85 20.25
C SER A 74 -7.61 25.18 20.09
N LEU A 75 -8.06 24.55 21.17
CA LEU A 75 -9.28 23.77 21.18
C LEU A 75 -10.34 24.49 22.00
N VAL A 76 -11.52 24.67 21.41
CA VAL A 76 -12.65 25.32 22.08
C VAL A 76 -13.55 24.18 22.54
N ASP A 77 -13.42 23.79 23.81
CA ASP A 77 -14.09 22.62 24.36
C ASP A 77 -15.15 23.08 25.35
N ALA A 78 -16.40 22.65 25.13
CA ALA A 78 -17.52 22.94 26.00
C ALA A 78 -18.13 21.69 26.61
N ASN A 79 -17.33 20.65 26.83
CA ASN A 79 -17.82 19.36 27.30
C ASN A 79 -17.70 19.25 28.81
N ALA A 80 -18.44 20.11 29.50
CA ALA A 80 -18.50 20.10 30.95
C ALA A 80 -19.84 20.67 31.37
N TRP A 81 -20.40 20.13 32.45
CA TRP A 81 -21.76 20.50 32.85
C TRP A 81 -21.85 21.96 33.23
N GLY A 82 -20.75 22.54 33.71
CA GLY A 82 -20.77 23.91 34.16
C GLY A 82 -20.85 24.93 33.04
N VAL A 83 -20.54 24.52 31.81
CA VAL A 83 -20.63 25.44 30.69
C VAL A 83 -22.08 25.77 30.35
N TRP A 84 -23.02 24.97 30.83
CA TRP A 84 -24.41 25.02 30.37
C TRP A 84 -25.41 25.31 31.48
N PHE A 85 -25.19 24.77 32.67
CA PHE A 85 -26.16 24.85 33.76
C PHE A 85 -25.57 25.57 34.95
N ASN A 86 -26.34 26.49 35.53
CA ASN A 86 -25.99 27.09 36.80
C ASN A 86 -26.64 26.29 37.92
N PRO A 87 -26.27 26.56 39.17
CA PRO A 87 -26.78 25.72 40.27
C PRO A 87 -28.30 25.64 40.32
N GLY A 88 -29.03 26.70 39.98
CA GLY A 88 -30.47 26.62 39.96
C GLY A 88 -31.00 25.67 38.91
N ASP A 89 -30.43 25.73 37.70
CA ASP A 89 -30.79 24.80 36.65
C ASP A 89 -30.54 23.36 37.08
N TRP A 90 -29.37 23.12 37.68
CA TRP A 90 -29.04 21.78 38.13
C TRP A 90 -30.00 21.30 39.21
N GLN A 91 -30.36 22.20 40.13
CA GLN A 91 -31.30 21.83 41.17
C GLN A 91 -32.63 21.43 40.57
N LEU A 92 -33.11 22.22 39.61
CA LEU A 92 -34.36 21.88 38.94
C LEU A 92 -34.26 20.49 38.30
N ILE A 93 -33.18 20.25 37.57
CA ILE A 93 -33.03 18.99 36.84
C ILE A 93 -32.98 17.81 37.79
N VAL A 94 -32.15 17.91 38.83
CA VAL A 94 -31.88 16.73 39.66
C VAL A 94 -32.96 16.56 40.73
N ASN A 95 -33.80 17.57 40.94
CA ASN A 95 -34.89 17.41 41.89
C ASN A 95 -36.16 16.95 41.20
N THR A 96 -36.36 17.33 39.94
CA THR A 96 -37.63 17.08 39.27
C THR A 96 -37.56 16.02 38.18
N MET A 97 -36.38 15.60 37.76
CA MET A 97 -36.24 14.70 36.63
C MET A 97 -35.84 13.31 37.09
N SER A 98 -36.26 12.30 36.32
CA SER A 98 -35.91 10.92 36.61
C SER A 98 -34.83 10.39 35.67
N GLU A 99 -34.88 10.78 34.40
CA GLU A 99 -33.89 10.33 33.43
C GLU A 99 -33.60 11.49 32.48
N LEU A 100 -32.44 11.42 31.84
CA LEU A 100 -31.94 12.53 31.03
C LEU A 100 -31.38 11.99 29.73
N HIS A 101 -31.78 12.59 28.62
CA HIS A 101 -31.35 12.19 27.29
C HIS A 101 -30.52 13.31 26.67
N LEU A 102 -29.56 12.94 25.85
CA LEU A 102 -28.75 13.91 25.13
C LEU A 102 -29.19 13.94 23.67
N VAL A 103 -29.67 15.10 23.21
CA VAL A 103 -30.36 15.19 21.93
C VAL A 103 -29.47 15.80 20.86
N SER A 104 -29.07 17.06 21.03
CA SER A 104 -28.39 17.77 19.96
C SER A 104 -27.43 18.80 20.53
N PHE A 105 -26.51 19.24 19.68
CA PHE A 105 -25.47 20.20 20.05
C PHE A 105 -25.09 21.02 18.83
N GLU A 106 -25.06 22.34 18.98
CA GLU A 106 -24.57 23.23 17.94
C GLU A 106 -23.83 24.38 18.59
N GLN A 107 -22.86 24.93 17.86
CA GLN A 107 -22.08 26.07 18.33
C GLN A 107 -21.78 26.99 17.16
N GLU A 108 -21.37 28.22 17.48
CA GLU A 108 -21.00 29.18 16.47
C GLU A 108 -20.03 30.19 17.06
N ILE A 109 -19.29 30.85 16.17
CA ILE A 109 -18.35 31.91 16.54
C ILE A 109 -18.79 33.17 15.80
N PHE A 110 -18.94 34.26 16.54
CA PHE A 110 -19.41 35.51 15.97
C PHE A 110 -18.73 36.69 16.64
N ASN A 111 -18.77 37.83 15.96
CA ASN A 111 -18.17 39.07 16.44
C ASN A 111 -16.68 38.86 16.71
N VAL A 112 -15.95 38.55 15.64
CA VAL A 112 -14.51 38.32 15.76
C VAL A 112 -13.79 39.65 15.81
N VAL A 113 -12.86 39.79 16.75
CA VAL A 113 -12.04 40.98 16.88
C VAL A 113 -10.58 40.54 16.89
N LEU A 114 -9.77 41.14 16.02
CA LEU A 114 -8.34 40.90 15.97
C LEU A 114 -7.62 42.21 16.19
N LYS A 115 -6.71 42.23 17.16
CA LYS A 115 -5.96 43.42 17.53
C LYS A 115 -4.47 43.16 17.45
N THR A 116 -3.70 44.23 17.51
CA THR A 116 -2.24 44.16 17.49
C THR A 116 -1.70 45.02 18.63
N VAL A 117 -0.48 44.69 19.08
CA VAL A 117 0.16 45.36 20.20
C VAL A 117 1.46 45.98 19.72
N SER A 118 1.66 47.26 20.05
CA SER A 118 2.86 47.99 19.69
C SER A 118 3.41 48.69 20.94
N GLU A 119 4.71 48.54 21.16
CA GLU A 119 5.37 49.09 22.33
C GLU A 119 6.26 50.26 21.91
N SER A 120 6.18 51.36 22.65
CA SER A 120 6.94 52.55 22.32
C SER A 120 8.39 52.40 22.77
N ALA A 121 9.26 53.23 22.19
CA ALA A 121 10.66 53.28 22.58
C ALA A 121 10.91 54.20 23.76
N THR A 122 9.86 54.82 24.31
CA THR A 122 10.01 55.69 25.46
C THR A 122 10.66 54.96 26.62
N GLN A 123 11.56 55.64 27.32
CA GLN A 123 12.29 54.99 28.41
C GLN A 123 11.35 54.36 29.42
N PRO A 124 10.34 55.04 29.95
CA PRO A 124 9.26 54.35 30.66
C PRO A 124 8.36 53.62 29.68
N PRO A 125 8.25 52.29 29.78
CA PRO A 125 7.49 51.55 28.78
C PRO A 125 6.03 51.99 28.70
N THR A 126 5.49 51.95 27.49
CA THR A 126 4.08 52.19 27.24
C THR A 126 3.70 51.50 25.94
N LYS A 127 2.49 50.95 25.89
CA LYS A 127 2.07 50.16 24.74
C LYS A 127 0.62 50.45 24.42
N VAL A 128 0.27 50.28 23.14
CA VAL A 128 -1.04 50.65 22.61
C VAL A 128 -1.61 49.48 21.83
N TYR A 129 -2.92 49.41 21.76
CA TYR A 129 -3.64 48.31 21.11
C TYR A 129 -4.44 48.87 19.94
N ASN A 130 -4.28 48.26 18.78
CA ASN A 130 -4.92 48.73 17.55
C ASN A 130 -5.68 47.60 16.89
N ASN A 131 -6.79 47.94 16.25
CA ASN A 131 -7.53 46.97 15.47
C ASN A 131 -6.82 46.69 14.15
N ASP A 132 -6.86 45.43 13.73
CA ASP A 132 -6.42 45.01 12.41
C ASP A 132 -7.63 44.50 11.65
N LEU A 133 -8.28 45.37 10.90
CA LEU A 133 -9.53 45.01 10.23
C LEU A 133 -9.33 43.94 9.17
N THR A 134 -8.12 43.78 8.64
CA THR A 134 -7.84 42.80 7.61
C THR A 134 -7.27 41.50 8.15
N ALA A 135 -6.94 41.43 9.44
CA ALA A 135 -6.46 40.18 10.02
C ALA A 135 -7.59 39.16 10.06
N SER A 136 -7.19 37.88 10.08
CA SER A 136 -8.15 36.79 10.00
C SER A 136 -7.93 35.82 11.16
N LEU A 137 -9.01 35.15 11.55
CA LEU A 137 -8.96 34.11 12.57
C LEU A 137 -9.24 32.77 11.89
N MET A 138 -8.30 31.83 12.01
CA MET A 138 -8.47 30.52 11.39
C MET A 138 -9.33 29.63 12.28
N VAL A 139 -10.31 28.98 11.68
CA VAL A 139 -11.27 28.15 12.39
C VAL A 139 -11.44 26.85 11.61
N ALA A 140 -11.31 25.72 12.32
CA ALA A 140 -11.44 24.41 11.71
C ALA A 140 -12.35 23.54 12.57
N LEU A 141 -13.31 22.89 11.92
CA LEU A 141 -14.23 21.97 12.59
C LEU A 141 -13.97 20.57 12.04
N ASP A 142 -13.49 19.68 12.89
CA ASP A 142 -13.17 18.31 12.50
C ASP A 142 -14.43 17.43 12.56
N SER A 143 -15.37 17.75 11.67
CA SER A 143 -16.66 17.07 11.68
C SER A 143 -16.54 15.58 11.39
N ASN A 144 -15.51 15.16 10.67
CA ASN A 144 -15.31 13.76 10.35
C ASN A 144 -14.58 12.99 11.44
N ASN A 145 -14.19 13.66 12.52
CA ASN A 145 -13.49 13.03 13.64
C ASN A 145 -12.22 12.34 13.15
N THR A 146 -11.40 13.11 12.44
CA THR A 146 -10.10 12.61 11.98
C THR A 146 -9.02 12.82 13.02
N MET A 147 -9.10 13.89 13.80
CA MET A 147 -8.09 14.18 14.80
C MET A 147 -8.31 13.34 16.05
N PRO A 148 -7.25 13.10 16.82
CA PRO A 148 -7.42 12.36 18.07
C PRO A 148 -8.38 13.09 19.01
N PHE A 149 -9.21 12.33 19.71
CA PHE A 149 -10.18 12.91 20.61
C PHE A 149 -9.50 13.29 21.92
N THR A 150 -9.61 14.57 22.27
CA THR A 150 -8.92 15.13 23.44
C THR A 150 -9.91 15.95 24.25
N PRO A 151 -10.74 15.28 25.05
CA PRO A 151 -11.69 16.02 25.89
C PRO A 151 -10.98 16.76 27.01
N ALA A 152 -11.28 18.05 27.14
CA ALA A 152 -10.54 18.92 28.04
C ALA A 152 -11.00 18.83 29.50
N ALA A 153 -12.13 18.19 29.77
CA ALA A 153 -12.57 18.06 31.15
C ALA A 153 -11.59 17.25 31.98
N MET A 154 -10.82 16.37 31.33
CA MET A 154 -9.84 15.57 32.06
C MET A 154 -8.75 16.45 32.67
N ARG A 155 -8.37 17.53 31.99
CA ARG A 155 -7.37 18.45 32.48
C ARG A 155 -7.95 19.74 33.03
N SER A 156 -9.27 19.79 33.25
CA SER A 156 -9.95 21.01 33.69
C SER A 156 -9.62 22.17 32.76
N GLU A 157 -9.78 21.92 31.45
CA GLU A 157 -9.43 22.91 30.44
C GLU A 157 -10.57 23.18 29.47
N THR A 158 -11.82 22.98 29.91
CA THR A 158 -12.95 23.40 29.11
C THR A 158 -13.14 24.91 29.22
N LEU A 159 -14.17 25.41 28.55
CA LEU A 159 -14.52 26.82 28.68
C LEU A 159 -14.98 27.10 30.11
N GLY A 160 -14.77 28.33 30.54
CA GLY A 160 -15.19 28.73 31.87
C GLY A 160 -16.66 28.45 32.12
N PHE A 161 -17.05 28.62 33.39
CA PHE A 161 -18.41 28.32 33.82
C PHE A 161 -19.23 29.57 34.11
N TYR A 162 -18.67 30.76 33.95
CA TYR A 162 -19.39 32.00 34.25
C TYR A 162 -19.71 32.74 32.96
N PRO A 163 -20.98 33.03 32.68
CA PRO A 163 -21.29 33.81 31.46
C PRO A 163 -20.66 35.18 31.42
N TRP A 164 -20.37 35.78 32.58
CA TRP A 164 -19.87 37.15 32.63
C TRP A 164 -18.36 37.23 32.81
N LYS A 165 -17.64 36.13 32.63
CA LYS A 165 -16.19 36.15 32.72
C LYS A 165 -15.59 35.65 31.42
N PRO A 166 -14.68 36.40 30.79
CA PRO A 166 -14.03 35.91 29.57
C PRO A 166 -13.25 34.64 29.84
N THR A 167 -13.13 33.83 28.79
CA THR A 167 -12.47 32.53 28.89
C THR A 167 -11.47 32.38 27.77
N ILE A 168 -10.70 31.30 27.83
CA ILE A 168 -9.62 31.04 26.88
C ILE A 168 -9.76 29.63 26.32
N PRO A 169 -9.26 29.35 25.13
CA PRO A 169 -9.21 27.97 24.64
C PRO A 169 -7.89 27.31 25.01
N THR A 170 -7.97 26.03 25.28
CA THR A 170 -6.77 25.30 25.69
C THR A 170 -5.87 25.06 24.49
N PRO A 171 -4.56 25.28 24.61
CA PRO A 171 -3.66 24.87 23.52
C PRO A 171 -3.78 23.38 23.26
N TRP A 172 -3.74 22.99 22.00
CA TRP A 172 -4.06 21.63 21.62
C TRP A 172 -2.81 20.79 21.44
N ARG A 173 -2.89 19.54 21.88
CA ARG A 173 -1.83 18.57 21.74
C ARG A 173 -2.45 17.19 21.77
N TYR A 174 -1.72 16.21 21.25
CA TYR A 174 -2.18 14.83 21.27
C TYR A 174 -0.99 13.91 21.47
N TYR A 175 -1.28 12.68 21.88
CA TYR A 175 -0.23 11.74 22.25
C TYR A 175 0.45 11.17 21.02
N PHE A 176 1.77 11.24 21.01
CA PHE A 176 2.60 10.57 20.03
C PHE A 176 3.15 9.28 20.64
N GLN A 177 3.21 8.23 19.83
CA GLN A 177 3.55 6.91 20.34
C GLN A 177 4.95 6.90 20.94
N TRP A 178 5.10 6.13 22.02
CA TRP A 178 6.40 5.91 22.63
C TRP A 178 6.36 4.56 23.34
N ASP A 179 7.54 3.98 23.52
CA ASP A 179 7.70 2.75 24.27
C ASP A 179 8.44 3.07 25.56
N ARG A 180 7.96 2.53 26.68
CA ARG A 180 8.51 2.84 27.98
C ARG A 180 8.41 1.63 28.89
N THR A 181 9.44 1.43 29.70
CA THR A 181 9.48 0.37 30.71
C THR A 181 9.89 0.95 32.05
N LEU A 182 9.22 0.51 33.11
CA LEU A 182 9.51 0.98 34.46
C LEU A 182 9.24 -0.17 35.43
N ILE A 183 10.30 -0.81 35.89
CA ILE A 183 10.18 -1.93 36.82
C ILE A 183 9.94 -1.34 38.22
N PRO A 184 8.85 -1.70 38.89
CA PRO A 184 8.53 -1.06 40.17
C PRO A 184 9.47 -1.52 41.28
N SER A 185 9.41 -0.79 42.39
CA SER A 185 10.31 -1.03 43.50
C SER A 185 9.70 -0.42 44.76
N HIS A 186 10.45 -0.50 45.85
CA HIS A 186 10.04 0.03 47.13
C HIS A 186 11.24 0.67 47.82
N THR A 187 10.96 1.51 48.81
CA THR A 187 12.02 2.06 49.64
C THR A 187 12.77 0.91 50.29
N GLY A 188 14.02 0.73 49.89
CA GLY A 188 14.81 -0.39 50.34
C GLY A 188 15.14 -1.41 49.26
N THR A 189 14.62 -1.23 48.05
CA THR A 189 15.01 -2.09 46.95
C THR A 189 16.49 -1.92 46.65
N SER A 190 17.19 -3.03 46.52
CA SER A 190 18.61 -3.00 46.23
C SER A 190 18.84 -2.80 44.75
N GLY A 191 19.58 -1.75 44.40
CA GLY A 191 19.83 -1.41 43.01
C GLY A 191 18.81 -0.44 42.46
N THR A 192 19.09 0.04 41.25
CA THR A 192 18.20 0.96 40.57
C THR A 192 17.39 0.19 39.55
N PRO A 193 16.08 0.02 39.74
CA PRO A 193 15.29 -0.74 38.76
C PRO A 193 15.42 -0.19 37.36
N THR A 194 14.93 -0.96 36.39
CA THR A 194 15.00 -0.55 35.00
C THR A 194 14.01 0.56 34.73
N ASN A 195 14.50 1.73 34.35
CA ASN A 195 13.70 2.93 34.13
C ASN A 195 14.20 3.56 32.84
N ILE A 196 13.59 3.16 31.72
CA ILE A 196 14.11 3.50 30.40
C ILE A 196 12.97 3.94 29.50
N TYR A 197 13.24 4.97 28.71
CA TYR A 197 12.38 5.39 27.61
C TYR A 197 12.95 4.78 26.32
N HIS A 198 12.17 3.94 25.66
CA HIS A 198 12.67 3.10 24.59
C HIS A 198 12.66 3.76 23.22
N GLY A 199 11.89 4.82 23.04
CA GLY A 199 11.74 5.42 21.73
C GLY A 199 10.35 5.26 21.16
N THR A 200 10.24 5.12 19.85
CA THR A 200 8.96 5.09 19.16
C THR A 200 8.92 3.95 18.16
N ASP A 201 7.80 3.26 18.10
CA ASP A 201 7.59 2.21 17.12
C ASP A 201 7.18 2.82 15.79
N PRO A 202 7.94 2.60 14.70
CA PRO A 202 7.56 3.21 13.43
C PRO A 202 6.21 2.75 12.92
N ASP A 203 5.75 1.57 13.32
CA ASP A 203 4.48 1.04 12.86
C ASP A 203 3.30 1.72 13.54
N ASP A 204 3.54 2.58 14.52
CA ASP A 204 2.48 3.24 15.27
C ASP A 204 2.50 4.76 15.11
N VAL A 205 3.41 5.30 14.31
CA VAL A 205 3.53 6.75 14.16
C VAL A 205 2.29 7.30 13.48
N GLN A 206 1.77 8.40 14.00
CA GLN A 206 0.65 9.12 13.40
C GLN A 206 0.83 10.60 13.69
N PHE A 207 1.31 11.33 12.70
CA PHE A 207 1.49 12.79 12.80
C PHE A 207 0.31 13.45 12.10
N TYR A 208 -0.63 13.95 12.90
CA TYR A 208 -1.83 14.59 12.37
C TYR A 208 -1.61 16.09 12.23
N THR A 209 -2.18 16.66 11.18
CA THR A 209 -2.10 18.09 10.91
C THR A 209 -3.49 18.61 10.58
N ILE A 210 -3.91 19.67 11.27
CA ILE A 210 -5.23 20.26 11.02
C ILE A 210 -5.32 20.75 9.58
N GLU A 211 -4.24 21.33 9.07
CA GLU A 211 -4.26 21.88 7.72
C GLU A 211 -4.54 20.81 6.68
N ASN A 212 -3.99 19.61 6.87
CA ASN A 212 -4.11 18.55 5.87
C ASN A 212 -5.36 17.70 6.04
N SER A 213 -6.14 17.91 7.10
CA SER A 213 -7.25 17.02 7.42
C SER A 213 -8.59 17.72 7.50
N VAL A 214 -8.63 19.00 7.85
CA VAL A 214 -9.88 19.70 8.08
C VAL A 214 -9.94 20.95 7.21
N PRO A 215 -11.09 21.28 6.62
CA PRO A 215 -11.23 22.60 6.01
C PRO A 215 -11.07 23.69 7.06
N VAL A 216 -10.41 24.78 6.67
CA VAL A 216 -10.13 25.89 7.57
C VAL A 216 -10.81 27.13 7.02
N HIS A 217 -11.57 27.80 7.87
CA HIS A 217 -12.25 29.04 7.50
C HIS A 217 -11.48 30.24 8.06
N LEU A 218 -11.24 31.22 7.19
CA LEU A 218 -10.62 32.47 7.61
C LEU A 218 -11.72 33.48 7.88
N LEU A 219 -11.82 33.93 9.13
CA LEU A 219 -12.86 34.86 9.57
C LEU A 219 -12.23 36.21 9.84
N ARG A 220 -12.73 37.24 9.18
CA ARG A 220 -12.39 38.61 9.52
C ARG A 220 -13.41 39.15 10.51
N THR A 221 -13.27 40.43 10.88
CA THR A 221 -14.12 40.98 11.92
C THR A 221 -15.59 40.96 11.55
N GLY A 222 -15.91 40.85 10.27
CA GLY A 222 -17.29 40.82 9.82
C GLY A 222 -17.83 39.46 9.45
N ASP A 223 -17.14 38.38 9.83
CA ASP A 223 -17.53 37.03 9.44
C ASP A 223 -18.01 36.24 10.65
N GLU A 224 -18.70 35.13 10.37
CA GLU A 224 -19.22 34.26 11.40
C GLU A 224 -19.09 32.82 10.95
N PHE A 225 -19.09 31.92 11.93
CA PHE A 225 -18.96 30.48 11.67
C PHE A 225 -19.98 29.74 12.53
N ALA A 226 -20.81 28.93 11.88
CA ALA A 226 -21.77 28.08 12.56
C ALA A 226 -21.54 26.64 12.14
N THR A 227 -21.57 25.73 13.10
CA THR A 227 -21.26 24.33 12.83
C THR A 227 -22.43 23.54 12.28
N GLY A 228 -23.65 23.92 12.61
CA GLY A 228 -24.81 23.10 12.35
C GLY A 228 -25.14 22.21 13.53
N THR A 229 -26.37 21.74 13.57
CA THR A 229 -26.85 20.95 14.69
C THR A 229 -26.42 19.51 14.51
N PHE A 230 -25.69 18.97 15.49
CA PHE A 230 -25.37 17.55 15.53
C PHE A 230 -26.33 16.87 16.49
N PHE A 231 -26.79 15.68 16.11
CA PHE A 231 -27.76 14.93 16.88
C PHE A 231 -27.09 13.68 17.46
N PHE A 232 -27.27 13.46 18.76
CA PHE A 232 -26.62 12.35 19.44
C PHE A 232 -27.45 11.07 19.31
N ASP A 233 -26.78 9.94 19.55
CA ASP A 233 -27.41 8.63 19.56
C ASP A 233 -27.07 7.85 20.82
N CYS A 234 -27.14 8.49 21.99
CA CYS A 234 -26.66 7.90 23.21
C CYS A 234 -27.79 7.23 24.00
N LYS A 235 -27.40 6.44 24.99
CA LYS A 235 -28.37 5.84 25.89
C LYS A 235 -28.82 6.84 26.94
N PRO A 236 -30.03 6.70 27.48
CA PRO A 236 -30.48 7.62 28.52
C PRO A 236 -29.65 7.52 29.77
N CYS A 237 -29.55 8.65 30.48
CA CYS A 237 -28.82 8.73 31.73
C CYS A 237 -29.82 8.88 32.88
N ARG A 238 -29.67 8.03 33.90
CA ARG A 238 -30.59 8.01 35.01
C ARG A 238 -30.16 9.01 36.08
N LEU A 239 -31.14 9.74 36.61
CA LEU A 239 -30.94 10.68 37.70
C LEU A 239 -31.40 10.10 39.03
N THR A 240 -31.47 8.78 39.12
CA THR A 240 -31.85 8.05 40.32
C THR A 240 -30.75 7.05 40.65
N HIS A 241 -30.65 6.72 41.93
CA HIS A 241 -29.62 5.81 42.40
C HIS A 241 -30.25 4.56 42.98
N THR A 242 -29.48 3.48 42.99
CA THR A 242 -29.90 2.20 43.54
C THR A 242 -29.23 1.97 44.88
N TRP A 243 -30.02 1.60 45.88
CA TRP A 243 -29.48 1.31 47.20
C TRP A 243 -29.38 -0.19 47.49
N GLN A 244 -29.95 -1.04 46.64
CA GLN A 244 -30.07 -2.46 46.96
C GLN A 244 -28.79 -3.20 46.61
N THR A 245 -28.17 -3.81 47.61
CA THR A 245 -27.14 -4.81 47.38
C THR A 245 -27.78 -6.18 47.36
N ASN A 246 -26.95 -7.22 47.25
CA ASN A 246 -27.50 -8.58 47.14
C ASN A 246 -28.33 -8.94 48.36
N ARG A 247 -28.00 -8.34 49.52
CA ARG A 247 -28.74 -8.66 50.73
C ARG A 247 -30.15 -8.11 50.73
N ALA A 248 -30.48 -7.22 49.79
CA ALA A 248 -31.79 -6.57 49.74
C ALA A 248 -32.58 -6.96 48.49
N LEU A 249 -32.32 -8.12 47.93
CA LEU A 249 -33.00 -8.60 46.73
C LEU A 249 -33.93 -9.75 47.09
N GLY A 250 -35.20 -9.63 46.70
CA GLY A 250 -36.14 -10.71 46.83
C GLY A 250 -37.00 -10.61 48.06
N LEU A 251 -37.67 -11.72 48.34
CA LEU A 251 -38.58 -11.83 49.47
C LEU A 251 -37.79 -11.98 50.76
N PRO A 252 -37.97 -11.12 51.75
CA PRO A 252 -37.30 -11.32 53.04
C PRO A 252 -37.87 -12.52 53.76
N PRO A 253 -37.19 -13.02 54.77
CA PRO A 253 -37.72 -14.16 55.53
C PRO A 253 -38.90 -13.77 56.37
N PHE A 254 -39.77 -14.74 56.63
CA PHE A 254 -40.91 -14.49 57.48
C PHE A 254 -40.49 -14.43 58.94
N LEU A 255 -40.90 -13.37 59.64
CA LEU A 255 -40.55 -13.19 61.04
C LEU A 255 -41.66 -13.82 61.87
N ASN A 256 -41.38 -14.99 62.44
CA ASN A 256 -42.35 -15.66 63.30
C ASN A 256 -42.48 -14.98 64.64
N SER A 257 -41.61 -14.04 64.97
CA SER A 257 -41.76 -13.20 66.14
C SER A 257 -41.56 -11.75 65.74
N LEU A 258 -42.44 -10.89 66.23
CA LEU A 258 -42.36 -9.45 65.99
C LEU A 258 -42.39 -8.70 67.31
N PRO A 259 -41.71 -7.57 67.40
CA PRO A 259 -41.62 -6.87 68.69
C PRO A 259 -42.99 -6.40 69.18
N GLN A 260 -43.14 -6.39 70.50
CA GLN A 260 -44.37 -5.94 71.14
C GLN A 260 -44.25 -4.53 71.73
N SER A 261 -43.06 -3.95 71.71
CA SER A 261 -42.86 -2.58 72.19
C SER A 261 -41.75 -1.95 71.38
N GLU A 262 -41.94 -0.67 71.04
CA GLU A 262 -40.97 0.02 70.20
C GLU A 262 -39.71 0.34 70.99
N GLY A 263 -38.59 0.36 70.28
CA GLY A 263 -37.31 0.61 70.90
C GLY A 263 -36.18 0.14 70.03
N GLY A 264 -34.98 0.62 70.34
CA GLY A 264 -33.81 0.26 69.55
C GLY A 264 -33.44 -1.20 69.65
N THR A 265 -33.54 -1.77 70.85
CA THR A 265 -33.14 -3.15 71.09
C THR A 265 -34.27 -4.15 70.92
N ASN A 266 -35.46 -3.69 70.51
CA ASN A 266 -36.60 -4.58 70.34
C ASN A 266 -36.61 -5.10 68.91
N PHE A 267 -35.96 -6.24 68.72
CA PHE A 267 -35.79 -6.82 67.40
C PHE A 267 -36.85 -7.87 67.12
N GLY A 268 -37.09 -8.11 65.83
CA GLY A 268 -37.85 -9.26 65.42
C GLY A 268 -36.97 -10.47 65.19
N TYR A 269 -37.54 -11.65 65.35
CA TYR A 269 -36.80 -12.90 65.24
C TYR A 269 -37.43 -13.78 64.20
N ILE A 270 -36.61 -14.41 63.37
CA ILE A 270 -37.12 -15.35 62.38
C ILE A 270 -37.76 -16.54 63.07
N GLY A 271 -37.14 -17.06 64.12
CA GLY A 271 -37.74 -18.10 64.94
C GLY A 271 -37.57 -19.50 64.43
N VAL A 272 -36.99 -19.69 63.24
CA VAL A 272 -36.70 -21.01 62.70
C VAL A 272 -35.21 -21.25 62.80
N GLN A 273 -34.83 -22.39 63.38
CA GLN A 273 -33.43 -22.72 63.51
C GLN A 273 -32.80 -22.80 62.12
N GLN A 274 -31.57 -22.30 62.00
CA GLN A 274 -31.01 -21.97 60.70
C GLN A 274 -30.92 -23.17 59.77
N ASP A 275 -30.47 -24.32 60.27
CA ASP A 275 -30.38 -25.50 59.43
C ASP A 275 -31.72 -26.21 59.26
N LYS A 276 -32.78 -25.68 59.85
CA LYS A 276 -34.13 -26.20 59.66
C LYS A 276 -35.00 -25.30 58.78
N ARG A 277 -34.40 -24.39 58.03
CA ARG A 277 -35.17 -23.41 57.29
C ARG A 277 -35.45 -23.89 55.86
N ARG A 278 -36.36 -23.18 55.20
CA ARG A 278 -36.73 -23.46 53.82
C ARG A 278 -36.27 -22.32 52.92
N GLY A 279 -35.87 -22.67 51.71
CA GLY A 279 -35.37 -21.72 50.75
C GLY A 279 -34.38 -22.38 49.82
N VAL A 280 -33.69 -21.56 49.04
CA VAL A 280 -32.75 -22.02 48.04
C VAL A 280 -31.39 -21.40 48.29
N THR A 281 -30.34 -22.21 48.21
CA THR A 281 -28.97 -21.75 48.33
C THR A 281 -28.15 -22.34 47.20
N GLN A 282 -27.08 -21.63 46.82
CA GLN A 282 -26.12 -22.13 45.84
C GLN A 282 -25.01 -22.94 46.46
N MET A 283 -25.23 -23.45 47.67
CA MET A 283 -24.24 -24.22 48.42
C MET A 283 -24.83 -25.60 48.67
N GLY A 284 -24.45 -26.57 47.84
CA GLY A 284 -25.05 -27.88 47.88
C GLY A 284 -24.59 -28.76 49.03
N ASN A 285 -23.61 -28.31 49.81
CA ASN A 285 -23.08 -29.11 50.91
C ASN A 285 -23.31 -28.44 52.27
N THR A 286 -24.44 -27.76 52.45
CA THR A 286 -24.80 -27.21 53.74
C THR A 286 -26.31 -27.07 53.84
N ASN A 287 -26.82 -27.19 55.05
CA ASN A 287 -28.23 -26.97 55.33
C ASN A 287 -28.52 -25.58 55.88
N TYR A 288 -27.50 -24.73 56.04
CA TYR A 288 -27.70 -23.40 56.60
C TYR A 288 -28.26 -22.48 55.52
N ILE A 289 -29.48 -21.99 55.73
CA ILE A 289 -30.09 -21.00 54.86
C ILE A 289 -30.14 -19.68 55.63
N THR A 290 -29.23 -18.77 55.31
CA THR A 290 -29.12 -17.50 55.99
C THR A 290 -29.16 -16.39 54.97
N GLU A 291 -29.21 -15.14 55.46
CA GLU A 291 -29.21 -14.00 54.55
C GLU A 291 -27.95 -13.94 53.73
N ALA A 292 -26.81 -14.31 54.32
CA ALA A 292 -25.56 -14.33 53.58
C ALA A 292 -25.51 -15.49 52.60
N THR A 293 -26.16 -16.60 52.92
CA THR A 293 -26.03 -17.83 52.14
C THR A 293 -27.21 -18.09 51.21
N ILE A 294 -28.32 -17.38 51.36
CA ILE A 294 -29.47 -17.64 50.49
C ILE A 294 -29.17 -17.19 49.07
N MET A 295 -29.73 -17.91 48.11
CA MET A 295 -29.54 -17.57 46.71
C MET A 295 -30.17 -16.23 46.39
N ARG A 296 -29.50 -15.46 45.54
CA ARG A 296 -29.99 -14.20 45.01
C ARG A 296 -29.97 -14.27 43.50
N PRO A 297 -30.76 -13.44 42.82
CA PRO A 297 -30.80 -13.53 41.36
C PRO A 297 -29.45 -13.38 40.70
N ALA A 298 -28.66 -12.39 41.11
CA ALA A 298 -27.39 -12.11 40.48
C ALA A 298 -26.55 -11.28 41.46
N GLU A 299 -25.47 -10.70 40.96
CA GLU A 299 -24.57 -9.86 41.76
C GLU A 299 -24.81 -8.39 41.44
N VAL A 300 -24.77 -7.56 42.47
CA VAL A 300 -24.76 -6.11 42.30
C VAL A 300 -23.38 -5.61 42.67
N GLY A 301 -22.66 -5.07 41.70
CA GLY A 301 -21.29 -4.65 41.91
C GLY A 301 -20.30 -5.77 41.65
N TYR A 302 -19.03 -5.44 41.81
CA TYR A 302 -17.97 -6.41 41.62
C TYR A 302 -16.72 -5.95 42.33
N SER A 303 -16.07 -6.89 43.02
CA SER A 303 -14.74 -6.62 43.59
C SER A 303 -13.72 -6.53 42.47
N ALA A 304 -12.82 -5.57 42.59
CA ALA A 304 -11.74 -5.37 41.63
C ALA A 304 -10.44 -5.13 42.38
N PRO A 305 -9.30 -5.43 41.76
CA PRO A 305 -8.02 -5.10 42.39
C PRO A 305 -7.85 -3.58 42.49
N TYR A 306 -7.76 -3.08 43.72
CA TYR A 306 -7.76 -1.64 43.93
C TYR A 306 -6.35 -1.13 44.16
N TYR A 307 -6.08 0.03 43.56
CA TYR A 307 -4.72 0.55 43.39
C TYR A 307 -3.84 -0.53 42.81
N SER A 308 -4.35 -1.16 41.76
CA SER A 308 -3.54 -2.04 40.93
C SER A 308 -3.04 -1.25 39.72
N PHE A 309 -1.74 -1.32 39.46
CA PHE A 309 -1.12 -0.62 38.35
C PHE A 309 -0.65 -1.63 37.33
N GLU A 310 -1.05 -1.43 36.08
CA GLU A 310 -0.77 -2.36 35.01
C GLU A 310 0.15 -1.69 34.00
N ALA A 311 1.04 -2.48 33.39
CA ALA A 311 2.02 -1.98 32.45
C ALA A 311 1.69 -2.44 31.05
N SER A 312 1.93 -1.57 30.09
CA SER A 312 1.80 -1.89 28.68
C SER A 312 2.97 -1.20 27.96
N THR A 313 2.88 -1.11 26.64
CA THR A 313 3.99 -0.56 25.88
C THR A 313 4.39 0.82 26.39
N GLN A 314 3.42 1.63 26.82
CA GLN A 314 3.66 3.03 27.15
C GLN A 314 3.97 3.27 28.62
N GLY A 315 3.94 2.23 29.46
CA GLY A 315 4.26 2.39 30.86
C GLY A 315 3.10 2.06 31.77
N PRO A 316 3.30 2.25 33.08
CA PRO A 316 2.27 1.88 34.05
C PRO A 316 1.06 2.79 34.01
N PHE A 317 -0.07 2.25 34.45
CA PHE A 317 -1.29 3.02 34.61
C PHE A 317 -2.19 2.32 35.61
N LYS A 318 -3.09 3.08 36.23
CA LYS A 318 -3.98 2.53 37.22
C LYS A 318 -5.10 1.74 36.56
N THR A 319 -5.41 0.58 37.12
CA THR A 319 -6.52 -0.21 36.64
C THR A 319 -7.82 0.49 37.02
N PRO A 320 -8.65 0.90 36.07
CA PRO A 320 -9.86 1.65 36.41
C PRO A 320 -10.95 0.75 36.98
N ILE A 321 -11.79 1.35 37.82
CA ILE A 321 -12.89 0.68 38.49
C ILE A 321 -14.17 1.48 38.25
N ALA A 322 -15.28 0.79 38.12
CA ALA A 322 -16.53 1.41 37.70
C ALA A 322 -17.41 1.87 38.86
N ALA A 323 -17.05 1.58 40.10
CA ALA A 323 -17.89 1.92 41.24
C ALA A 323 -17.02 2.37 42.40
N GLY A 324 -17.64 3.10 43.33
CA GLY A 324 -16.93 3.67 44.46
C GLY A 324 -16.88 2.73 45.65
N ARG A 325 -16.20 3.21 46.69
CA ARG A 325 -15.97 2.39 47.88
C ARG A 325 -17.21 2.31 48.74
N GLY A 326 -17.28 1.25 49.54
CA GLY A 326 -18.35 1.11 50.50
C GLY A 326 -17.98 1.72 51.84
N GLY A 327 -18.97 2.34 52.48
CA GLY A 327 -18.75 3.00 53.75
C GLY A 327 -18.21 4.40 53.58
N ALA A 328 -17.98 4.81 52.32
CA ALA A 328 -17.48 6.15 52.05
C ALA A 328 -18.54 7.21 52.31
N GLN A 329 -19.81 6.89 52.11
CA GLN A 329 -20.87 7.86 52.40
C GLN A 329 -20.92 8.21 53.88
N THR A 330 -20.69 7.23 54.75
CA THR A 330 -20.73 7.47 56.19
C THR A 330 -19.49 8.19 56.70
N ASP A 331 -18.32 7.91 56.11
CA ASP A 331 -17.06 8.52 56.52
C ASP A 331 -16.30 8.91 55.26
N GLU A 332 -16.21 10.22 55.01
CA GLU A 332 -15.57 10.70 53.79
C GLU A 332 -14.08 10.36 53.76
N ASN A 333 -13.46 10.24 54.93
CA ASN A 333 -12.03 9.90 54.98
C ASN A 333 -11.75 8.54 54.36
N GLN A 334 -12.78 7.69 54.23
CA GLN A 334 -12.61 6.38 53.63
C GLN A 334 -12.81 6.38 52.12
N ALA A 335 -13.05 7.55 51.52
CA ALA A 335 -13.21 7.62 50.08
C ALA A 335 -11.88 7.29 49.41
N ALA A 336 -11.93 6.33 48.47
CA ALA A 336 -10.73 5.79 47.87
C ALA A 336 -11.01 5.35 46.44
N ASP A 337 -10.17 4.46 45.91
CA ASP A 337 -10.30 3.98 44.54
C ASP A 337 -11.76 3.91 44.10
N GLY A 338 -12.06 4.51 42.96
CA GLY A 338 -13.38 4.53 42.40
C GLY A 338 -14.17 5.79 42.65
N ASP A 339 -13.85 6.54 43.71
CA ASP A 339 -14.51 7.81 43.96
C ASP A 339 -13.72 8.90 43.24
N PRO A 340 -14.23 9.42 42.12
CA PRO A 340 -13.42 10.35 41.32
C PRO A 340 -13.08 11.61 42.09
N ARG A 341 -11.83 12.04 41.97
CA ARG A 341 -11.33 13.25 42.63
C ARG A 341 -11.00 14.27 41.56
N TYR A 342 -11.58 15.46 41.68
CA TYR A 342 -11.42 16.52 40.70
C TYR A 342 -10.58 17.64 41.30
N ALA A 343 -9.62 18.13 40.52
CA ALA A 343 -8.86 19.32 40.86
C ALA A 343 -9.07 20.34 39.75
N PHE A 344 -9.31 21.59 40.13
CA PHE A 344 -9.73 22.60 39.16
C PHE A 344 -9.29 23.97 39.62
N GLY A 345 -9.42 24.95 38.71
CA GLY A 345 -8.95 26.29 38.95
C GLY A 345 -10.08 27.29 39.15
N ARG A 346 -9.76 28.56 38.92
CA ARG A 346 -10.69 29.63 39.21
C ARG A 346 -11.69 29.84 38.10
N GLN A 347 -11.40 29.35 36.89
CA GLN A 347 -12.39 29.36 35.83
C GLN A 347 -13.49 28.34 36.05
N HIS A 348 -13.25 27.32 36.88
CA HIS A 348 -14.09 26.13 36.89
C HIS A 348 -14.64 25.81 38.28
N GLY A 349 -14.65 26.79 39.19
CA GLY A 349 -15.27 26.59 40.48
C GLY A 349 -14.52 27.16 41.66
N GLN A 350 -13.19 27.20 41.60
CA GLN A 350 -12.44 27.72 42.73
C GLN A 350 -12.75 29.19 42.94
N LYS A 351 -12.89 29.58 44.20
CA LYS A 351 -13.11 30.96 44.59
C LYS A 351 -12.20 31.87 43.77
N THR A 352 -12.79 32.82 43.04
CA THR A 352 -12.04 33.57 42.04
C THR A 352 -11.10 34.59 42.68
N THR A 353 -11.30 34.92 43.95
CA THR A 353 -10.47 35.89 44.63
C THR A 353 -9.30 35.23 45.36
N THR A 354 -9.13 33.93 45.23
CA THR A 354 -8.03 33.24 45.88
C THR A 354 -6.75 33.42 45.09
N THR A 355 -5.63 33.50 45.81
CA THR A 355 -4.32 33.64 45.22
C THR A 355 -3.51 32.38 45.49
N GLY A 356 -2.73 31.97 44.50
CA GLY A 356 -1.88 30.81 44.62
C GLY A 356 -2.18 29.76 43.56
N GLU A 357 -1.21 28.87 43.35
CA GLU A 357 -1.31 27.82 42.35
C GLU A 357 -1.99 26.57 42.88
N THR A 358 -2.38 26.54 44.14
CA THR A 358 -2.99 25.35 44.71
C THR A 358 -4.44 25.25 44.23
N PRO A 359 -4.84 24.14 43.62
CA PRO A 359 -6.21 24.04 43.09
C PRO A 359 -7.21 23.65 44.17
N GLU A 360 -8.48 23.85 43.83
CA GLU A 360 -9.58 23.36 44.65
C GLU A 360 -9.93 21.94 44.23
N ARG A 361 -10.18 21.10 45.22
CA ARG A 361 -10.39 19.68 44.97
C ARG A 361 -11.60 19.18 45.74
N PHE A 362 -12.27 18.18 45.17
CA PHE A 362 -13.31 17.44 45.85
C PHE A 362 -13.33 16.01 45.33
N THR A 363 -13.61 15.08 46.22
CA THR A 363 -13.84 13.69 45.84
C THR A 363 -15.35 13.48 45.77
N TYR A 364 -15.81 12.94 44.66
CA TYR A 364 -17.24 12.76 44.43
C TYR A 364 -17.69 11.43 45.00
N ILE A 365 -18.42 11.46 46.11
CA ILE A 365 -19.03 10.27 46.68
C ILE A 365 -20.45 10.16 46.15
N ALA A 366 -20.74 9.05 45.47
CA ALA A 366 -22.04 8.88 44.83
C ALA A 366 -23.01 8.18 45.77
N HIS A 367 -24.29 8.43 45.54
CA HIS A 367 -25.34 7.88 46.38
C HIS A 367 -25.62 6.41 46.13
N GLN A 368 -25.22 5.88 44.97
CA GLN A 368 -25.54 4.51 44.62
C GLN A 368 -24.68 3.54 45.43
N ASP A 369 -25.33 2.51 45.96
CA ASP A 369 -24.63 1.50 46.75
C ASP A 369 -24.27 0.30 45.89
N THR A 370 -23.33 0.48 44.98
CA THR A 370 -22.82 -0.59 44.13
C THR A 370 -21.39 -0.97 44.44
N GLY A 371 -20.82 -0.44 45.52
CA GLY A 371 -19.43 -0.67 45.85
C GLY A 371 -19.22 -1.90 46.71
N ARG A 372 -18.00 -2.00 47.21
CA ARG A 372 -17.60 -3.10 48.08
C ARG A 372 -16.90 -2.55 49.32
N TYR A 373 -17.04 -3.26 50.42
CA TYR A 373 -16.36 -2.94 51.65
C TYR A 373 -15.34 -4.04 51.93
N PRO A 374 -14.13 -3.94 51.36
CA PRO A 374 -13.23 -5.11 51.38
C PRO A 374 -12.85 -5.60 52.75
N GLU A 375 -12.92 -4.76 53.79
CA GLU A 375 -12.59 -5.21 55.13
C GLU A 375 -13.56 -6.27 55.63
N GLY A 376 -14.72 -6.41 54.98
CA GLY A 376 -15.73 -7.36 55.37
C GLY A 376 -15.83 -8.60 54.51
N ASP A 377 -14.88 -8.83 53.61
CA ASP A 377 -14.89 -10.02 52.77
C ASP A 377 -14.09 -11.13 53.43
N TRP A 378 -14.34 -12.36 53.00
CA TRP A 378 -13.54 -13.50 53.43
C TRP A 378 -13.81 -14.69 52.54
N ILE A 379 -12.77 -15.48 52.31
CA ILE A 379 -12.86 -16.77 51.66
C ILE A 379 -12.73 -17.84 52.73
N GLN A 380 -13.35 -19.00 52.50
CA GLN A 380 -13.18 -20.12 53.41
C GLN A 380 -13.33 -21.42 52.62
N ASN A 381 -12.81 -22.49 53.22
CA ASN A 381 -12.73 -23.78 52.55
C ASN A 381 -14.09 -24.28 52.14
N ILE A 382 -14.13 -25.17 51.14
CA ILE A 382 -15.38 -25.65 50.59
C ILE A 382 -16.14 -26.51 51.58
N ASN A 383 -15.44 -27.11 52.55
CA ASN A 383 -16.11 -27.94 53.54
C ASN A 383 -17.17 -27.17 54.30
N PHE A 384 -16.93 -25.90 54.59
CA PHE A 384 -17.91 -25.04 55.25
C PHE A 384 -18.27 -25.57 56.64
N ASN A 385 -17.25 -25.86 57.44
CA ASN A 385 -17.48 -26.21 58.83
C ASN A 385 -17.48 -24.96 59.69
N LEU A 386 -18.56 -24.77 60.45
CA LEU A 386 -18.75 -23.56 61.22
C LEU A 386 -18.76 -23.87 62.71
N PRO A 387 -18.15 -23.02 63.55
CA PRO A 387 -17.41 -21.80 63.21
C PRO A 387 -16.10 -22.12 62.52
N VAL A 388 -15.66 -21.26 61.61
CA VAL A 388 -14.50 -21.59 60.78
C VAL A 388 -13.22 -21.47 61.62
N THR A 389 -12.27 -22.35 61.34
CA THR A 389 -10.98 -22.35 62.01
C THR A 389 -9.98 -21.50 61.23
N ASP A 390 -8.83 -21.25 61.86
CA ASP A 390 -7.84 -20.34 61.27
C ASP A 390 -7.36 -20.86 59.93
N ASP A 391 -7.02 -22.14 59.86
CA ASP A 391 -6.40 -22.68 58.66
C ASP A 391 -7.36 -22.77 57.48
N ASN A 392 -8.65 -22.61 57.70
CA ASN A 392 -9.65 -22.82 56.67
C ASN A 392 -10.33 -21.53 56.23
N VAL A 393 -9.73 -20.37 56.50
CA VAL A 393 -10.30 -19.08 56.12
C VAL A 393 -9.19 -18.14 55.72
N LEU A 394 -9.46 -17.32 54.70
CA LEU A 394 -8.57 -16.25 54.29
C LEU A 394 -9.28 -14.93 54.57
N LEU A 395 -8.71 -14.14 55.47
CA LEU A 395 -9.30 -12.89 55.90
C LEU A 395 -8.59 -11.69 55.28
N PRO A 396 -9.24 -10.53 55.22
CA PRO A 396 -8.56 -9.34 54.70
C PRO A 396 -7.40 -8.87 55.57
N THR A 397 -7.28 -9.40 56.79
CA THR A 397 -6.19 -9.08 57.68
C THR A 397 -5.03 -10.07 57.56
N ASP A 398 -4.88 -10.69 56.39
CA ASP A 398 -3.94 -11.79 56.24
C ASP A 398 -2.95 -11.48 55.13
N PRO A 399 -1.64 -11.63 55.36
CA PRO A 399 -0.66 -11.13 54.39
C PRO A 399 -0.59 -12.01 53.15
N ILE A 400 -0.62 -11.37 51.99
CA ILE A 400 -0.38 -12.02 50.71
C ILE A 400 1.04 -11.76 50.28
N GLY A 401 1.75 -12.81 49.87
CA GLY A 401 3.11 -12.65 49.38
C GLY A 401 4.08 -12.20 50.45
N GLY A 402 3.75 -12.37 51.73
CA GLY A 402 4.63 -11.97 52.80
C GLY A 402 4.52 -10.53 53.22
N LYS A 403 3.49 -9.81 52.77
CA LYS A 403 3.36 -8.39 53.02
C LYS A 403 2.25 -8.14 54.03
N THR A 404 2.57 -7.38 55.09
CA THR A 404 1.57 -7.07 56.10
C THR A 404 0.53 -6.07 55.60
N GLY A 405 0.84 -5.31 54.55
CA GLY A 405 -0.04 -4.31 54.03
C GLY A 405 -0.81 -4.69 52.78
N ILE A 406 -0.62 -5.92 52.29
CA ILE A 406 -1.34 -6.41 51.13
C ILE A 406 -2.05 -7.69 51.53
N ASN A 407 -3.36 -7.74 51.30
CA ASN A 407 -4.18 -8.90 51.57
C ASN A 407 -4.89 -9.32 50.29
N TYR A 408 -5.67 -10.40 50.39
CA TYR A 408 -6.18 -11.04 49.19
C TYR A 408 -7.13 -10.15 48.42
N THR A 409 -7.81 -9.21 49.10
CA THR A 409 -8.78 -8.36 48.41
C THR A 409 -8.10 -7.35 47.50
N ASN A 410 -6.78 -7.13 47.65
CA ASN A 410 -6.09 -6.23 46.74
C ASN A 410 -5.93 -6.84 45.35
N ILE A 411 -5.83 -8.16 45.27
CA ILE A 411 -5.68 -8.86 44.00
C ILE A 411 -6.96 -9.63 43.62
N PHE A 412 -8.11 -9.18 44.09
CA PHE A 412 -9.34 -9.95 44.02
C PHE A 412 -10.27 -9.36 42.96
N ASN A 413 -10.73 -10.20 42.04
CA ASN A 413 -11.67 -9.82 41.01
C ASN A 413 -12.83 -10.82 41.02
N THR A 414 -14.05 -10.32 41.15
CA THR A 414 -15.25 -11.15 41.12
C THR A 414 -16.18 -10.79 39.98
N TYR A 415 -15.71 -10.01 39.01
CA TYR A 415 -16.52 -9.74 37.82
C TYR A 415 -16.80 -11.04 37.07
N GLY A 416 -18.06 -11.22 36.71
CA GLY A 416 -18.48 -12.43 36.03
C GLY A 416 -19.73 -12.17 35.21
N PRO A 417 -20.32 -13.25 34.68
CA PRO A 417 -21.53 -13.09 33.88
C PRO A 417 -22.74 -12.65 34.69
N LEU A 418 -22.67 -12.70 36.01
CA LEU A 418 -23.78 -12.33 36.88
C LEU A 418 -23.67 -10.90 37.39
N THR A 419 -22.63 -10.17 37.04
CA THR A 419 -22.45 -8.83 37.58
C THR A 419 -23.45 -7.86 36.99
N ALA A 420 -24.06 -7.05 37.85
CA ALA A 420 -24.90 -5.94 37.45
C ALA A 420 -24.34 -4.66 38.06
N LEU A 421 -24.28 -3.60 37.25
CA LEU A 421 -23.73 -2.34 37.72
C LEU A 421 -24.37 -1.19 36.93
N ASN A 422 -24.19 0.01 37.46
CA ASN A 422 -24.78 1.21 36.88
C ASN A 422 -23.73 2.05 36.17
N ASN A 423 -24.21 2.95 35.32
CA ASN A 423 -23.36 3.93 34.67
C ASN A 423 -22.94 5.00 35.69
N VAL A 424 -21.81 5.64 35.41
CA VAL A 424 -21.29 6.64 36.36
C VAL A 424 -22.25 7.81 36.43
N PRO A 425 -22.51 8.36 37.62
CA PRO A 425 -23.42 9.50 37.71
C PRO A 425 -22.78 10.74 37.09
N PRO A 426 -23.58 11.68 36.59
CA PRO A 426 -23.02 12.97 36.18
C PRO A 426 -22.43 13.71 37.37
N VAL A 427 -21.37 14.47 37.11
CA VAL A 427 -20.72 15.29 38.13
C VAL A 427 -20.83 16.74 37.71
N TYR A 428 -21.56 17.52 38.50
CA TYR A 428 -21.67 18.95 38.24
C TYR A 428 -20.67 19.72 39.09
N PRO A 429 -19.98 20.74 38.56
CA PRO A 429 -19.97 21.22 37.17
C PRO A 429 -18.82 20.65 36.34
N ASN A 430 -17.83 20.03 36.99
CA ASN A 430 -16.59 19.67 36.35
C ASN A 430 -16.67 18.36 35.56
N GLY A 431 -17.80 17.67 35.61
CA GLY A 431 -17.89 16.39 34.93
C GLY A 431 -18.04 16.55 33.43
N GLN A 432 -17.39 15.67 32.69
CA GLN A 432 -17.58 15.59 31.25
C GLN A 432 -18.98 15.07 30.93
N ILE A 433 -19.56 15.57 29.83
CA ILE A 433 -20.92 15.22 29.48
C ILE A 433 -20.95 13.98 28.59
N TRP A 434 -20.31 14.06 27.43
CA TRP A 434 -20.29 12.96 26.48
C TRP A 434 -18.86 12.57 26.16
N ASP A 435 -18.69 11.32 25.75
CA ASP A 435 -17.39 10.80 25.34
C ASP A 435 -17.55 9.95 24.10
N LYS A 436 -16.48 9.88 23.31
CA LYS A 436 -16.47 9.05 22.12
C LYS A 436 -16.20 7.60 22.49
N GLU A 437 -16.90 6.70 21.84
CA GLU A 437 -16.66 5.27 22.04
C GLU A 437 -15.32 4.87 21.45
N PHE A 438 -14.66 3.94 22.13
CA PHE A 438 -13.40 3.40 21.63
C PHE A 438 -13.63 2.76 20.28
N ASP A 439 -12.62 2.86 19.41
CA ASP A 439 -12.68 2.22 18.10
C ASP A 439 -12.14 0.81 18.11
N THR A 440 -12.18 0.15 19.27
CA THR A 440 -11.84 -1.25 19.37
C THR A 440 -12.96 -2.10 18.83
N ASP A 441 -12.62 -3.33 18.41
CA ASP A 441 -13.63 -4.25 17.91
C ASP A 441 -14.63 -4.58 18.99
N LEU A 442 -14.16 -4.83 20.21
CA LEU A 442 -15.02 -5.11 21.35
C LEU A 442 -14.93 -3.95 22.32
N LYS A 443 -16.09 -3.43 22.72
CA LYS A 443 -16.16 -2.13 23.34
C LYS A 443 -16.45 -2.24 24.84
N PRO A 444 -16.01 -1.28 25.63
CA PRO A 444 -16.30 -1.31 27.06
C PRO A 444 -17.78 -1.13 27.33
N ARG A 445 -18.25 -1.73 28.42
CA ARG A 445 -19.66 -1.62 28.76
C ARG A 445 -20.02 -0.22 29.23
N LEU A 446 -19.06 0.54 29.76
CA LEU A 446 -19.30 1.92 30.16
C LEU A 446 -17.98 2.68 30.19
N HIS A 447 -18.10 4.00 30.23
CA HIS A 447 -16.99 4.90 30.42
C HIS A 447 -17.03 5.47 31.83
N VAL A 448 -15.86 5.61 32.44
CA VAL A 448 -15.81 6.12 33.81
C VAL A 448 -15.85 7.64 33.88
N ASN A 449 -15.71 8.33 32.75
CA ASN A 449 -15.59 9.78 32.76
C ASN A 449 -16.87 10.50 32.35
N ALA A 450 -17.67 9.91 31.48
CA ALA A 450 -18.86 10.57 30.97
C ALA A 450 -20.08 9.67 31.13
N PRO A 451 -21.25 10.24 31.42
CA PRO A 451 -22.46 9.42 31.43
C PRO A 451 -23.00 9.12 30.05
N PHE A 452 -22.63 9.90 29.04
CA PHE A 452 -23.08 9.70 27.68
C PHE A 452 -21.90 9.28 26.81
N VAL A 453 -22.07 8.19 26.08
CA VAL A 453 -21.04 7.67 25.18
C VAL A 453 -21.63 7.58 23.78
N CYS A 454 -20.86 8.04 22.80
CA CYS A 454 -21.33 8.23 21.43
C CYS A 454 -21.04 6.96 20.64
N GLN A 455 -22.09 6.34 20.09
CA GLN A 455 -21.89 5.07 19.41
C GLN A 455 -21.23 5.27 18.04
N ASN A 456 -21.89 5.98 17.14
CA ASN A 456 -21.37 6.14 15.79
C ASN A 456 -20.33 7.25 15.73
N ASN A 457 -20.75 8.46 16.06
CA ASN A 457 -19.86 9.62 16.10
C ASN A 457 -20.50 10.66 17.00
N CYS A 458 -19.69 11.61 17.44
CA CYS A 458 -20.30 12.80 17.99
C CYS A 458 -19.37 14.00 17.80
N PRO A 459 -19.82 15.21 18.14
CA PRO A 459 -19.47 16.36 17.30
C PRO A 459 -17.96 16.54 17.15
N GLY A 460 -17.58 16.94 15.94
CA GLY A 460 -16.19 17.25 15.69
C GLY A 460 -15.68 18.31 16.66
N GLN A 461 -14.36 18.38 16.77
CA GLN A 461 -13.75 19.34 17.67
C GLN A 461 -13.48 20.64 16.94
N LEU A 462 -13.67 21.75 17.65
CA LEU A 462 -13.55 23.08 17.09
C LEU A 462 -12.18 23.65 17.44
N PHE A 463 -11.37 23.90 16.42
CA PHE A 463 -10.02 24.40 16.59
C PHE A 463 -9.91 25.82 16.05
N VAL A 464 -9.16 26.67 16.75
CA VAL A 464 -8.99 28.06 16.35
C VAL A 464 -7.51 28.40 16.38
N LYS A 465 -7.14 29.43 15.64
CA LYS A 465 -5.74 29.85 15.53
C LYS A 465 -5.70 31.22 14.87
N VAL A 466 -4.98 32.16 15.49
CA VAL A 466 -4.77 33.45 14.85
C VAL A 466 -3.89 33.25 13.62
N ALA A 467 -4.35 33.77 12.49
CA ALA A 467 -3.60 33.61 11.26
C ALA A 467 -2.28 34.39 11.38
N PRO A 468 -1.21 33.90 10.75
CA PRO A 468 0.07 34.61 10.86
C PRO A 468 -0.04 36.04 10.36
N ASN A 469 0.57 36.96 11.09
CA ASN A 469 0.57 38.38 10.78
C ASN A 469 2.04 38.81 10.64
N LEU A 470 2.56 38.68 9.43
CA LEU A 470 3.99 38.82 9.19
C LEU A 470 4.39 40.27 9.05
N THR A 471 5.65 40.53 9.36
CA THR A 471 6.26 41.84 9.11
C THR A 471 6.81 41.88 7.69
N ASN A 472 7.58 42.92 7.38
CA ASN A 472 8.12 43.07 6.04
C ASN A 472 9.44 42.33 5.84
N GLN A 473 9.96 41.69 6.89
CA GLN A 473 11.27 41.07 6.85
C GLN A 473 11.23 39.55 6.76
N TYR A 474 10.09 38.97 6.39
CA TYR A 474 9.96 37.53 6.39
C TYR A 474 10.89 36.89 5.36
N ASP A 475 11.54 35.81 5.75
CA ASP A 475 12.39 35.02 4.86
C ASP A 475 12.18 33.55 5.21
N PRO A 476 11.40 32.81 4.42
CA PRO A 476 11.09 31.43 4.79
C PRO A 476 12.30 30.52 4.86
N ASP A 477 13.41 30.88 4.21
CA ASP A 477 14.61 30.06 4.24
C ASP A 477 15.45 30.31 5.49
N ALA A 478 15.05 31.25 6.33
CA ALA A 478 15.76 31.49 7.58
C ALA A 478 15.48 30.37 8.57
N SER A 479 16.52 29.93 9.26
CA SER A 479 16.38 28.89 10.28
C SER A 479 15.76 29.40 11.56
N ALA A 480 15.75 30.72 11.78
CA ALA A 480 15.23 31.29 13.01
C ALA A 480 13.70 31.31 12.98
N ASN A 481 13.12 31.75 14.09
CA ASN A 481 11.67 31.77 14.21
C ASN A 481 11.07 32.86 13.32
N MET A 482 9.78 32.70 13.05
CA MET A 482 9.06 33.64 12.19
C MET A 482 8.89 34.98 12.89
N SER A 483 9.10 36.06 12.15
CA SER A 483 8.90 37.41 12.67
C SER A 483 7.45 37.79 12.44
N ARG A 484 6.69 37.94 13.52
CA ARG A 484 5.26 38.18 13.46
C ARG A 484 4.91 39.43 14.25
N ILE A 485 3.87 40.13 13.80
CA ILE A 485 3.30 41.21 14.59
C ILE A 485 2.55 40.61 15.76
N VAL A 486 2.69 41.22 16.94
CA VAL A 486 2.04 40.69 18.14
C VAL A 486 0.54 40.89 17.98
N THR A 487 -0.15 39.79 17.66
CA THR A 487 -1.57 39.82 17.31
C THR A 487 -2.33 38.87 18.23
N TYR A 488 -3.54 39.26 18.60
CA TYR A 488 -4.40 38.43 19.43
C TYR A 488 -5.85 38.69 19.05
N SER A 489 -6.72 37.75 19.38
CA SER A 489 -8.11 37.80 18.96
C SER A 489 -9.04 37.61 20.14
N ASP A 490 -10.12 38.39 20.15
CA ASP A 490 -11.24 38.20 21.06
C ASP A 490 -12.48 37.94 20.21
N PHE A 491 -13.14 36.81 20.45
CA PHE A 491 -14.33 36.46 19.70
C PHE A 491 -15.36 35.86 20.64
N TRP A 492 -16.62 35.95 20.24
CA TRP A 492 -17.74 35.44 21.02
C TRP A 492 -18.13 34.06 20.54
N TRP A 493 -18.29 33.14 21.48
CA TRP A 493 -18.73 31.79 21.19
C TRP A 493 -20.12 31.58 21.77
N LYS A 494 -20.99 30.96 21.00
CA LYS A 494 -22.32 30.60 21.46
C LYS A 494 -22.60 29.14 21.11
N GLY A 495 -23.09 28.39 22.09
CA GLY A 495 -23.44 27.00 21.88
C GLY A 495 -24.84 26.71 22.38
N LYS A 496 -25.48 25.72 21.77
CA LYS A 496 -26.80 25.26 22.17
C LYS A 496 -26.73 23.76 22.40
N LEU A 497 -27.08 23.34 23.61
CA LEU A 497 -27.12 21.94 23.99
C LEU A 497 -28.54 21.59 24.37
N VAL A 498 -29.09 20.56 23.75
CA VAL A 498 -30.49 20.18 23.92
C VAL A 498 -30.54 18.85 24.65
N PHE A 499 -31.40 18.79 25.67
CA PHE A 499 -31.64 17.57 26.43
C PHE A 499 -33.12 17.25 26.40
N LYS A 500 -33.44 15.99 26.66
CA LYS A 500 -34.80 15.53 26.88
C LYS A 500 -34.84 14.77 28.20
N ALA A 501 -35.71 15.21 29.11
CA ALA A 501 -35.77 14.66 30.46
C ALA A 501 -37.19 14.26 30.80
N LYS A 502 -37.33 13.31 31.71
CA LYS A 502 -38.61 12.80 32.16
C LYS A 502 -38.86 13.23 33.59
N LEU A 503 -40.00 13.85 33.82
CA LEU A 503 -40.36 14.28 35.17
C LEU A 503 -40.56 13.07 36.07
N ARG A 504 -40.26 13.23 37.35
CA ARG A 504 -40.31 12.10 38.26
C ARG A 504 -41.70 11.95 38.87
N ALA A 505 -41.98 10.76 39.38
CA ALA A 505 -43.22 10.46 40.06
C ALA A 505 -42.92 9.97 41.48
N SER A 506 -43.79 10.34 42.41
CA SER A 506 -43.65 9.90 43.79
C SER A 506 -44.27 8.52 43.94
N HIS A 507 -43.43 7.51 44.10
CA HIS A 507 -43.90 6.13 44.20
C HIS A 507 -44.10 5.70 45.65
N THR A 508 -43.49 6.39 46.59
CA THR A 508 -43.44 5.97 47.98
C THR A 508 -44.21 6.94 48.86
N TRP A 509 -44.56 6.45 50.06
CA TRP A 509 -45.24 7.29 51.04
C TRP A 509 -44.30 8.36 51.57
N ASN A 510 -43.01 8.07 51.65
CA ASN A 510 -42.07 9.00 52.23
C ASN A 510 -41.57 9.99 51.19
N PRO A 511 -41.12 11.17 51.63
CA PRO A 511 -40.41 12.06 50.71
C PRO A 511 -39.01 11.55 50.44
N ILE A 512 -38.41 12.06 49.35
CA ILE A 512 -37.10 11.61 48.91
C ILE A 512 -36.09 12.72 49.14
N GLN A 513 -34.81 12.39 48.94
CA GLN A 513 -33.75 13.39 49.11
C GLN A 513 -33.81 14.41 47.98
N GLN A 514 -33.63 15.68 48.35
CA GLN A 514 -33.69 16.78 47.40
C GLN A 514 -32.56 17.76 47.72
N MET A 515 -32.12 18.49 46.69
CA MET A 515 -31.12 19.51 46.89
C MET A 515 -31.78 20.82 47.29
N SER A 516 -31.23 21.46 48.32
CA SER A 516 -31.81 22.66 48.89
C SER A 516 -30.71 23.59 49.39
N ILE A 517 -31.05 24.87 49.49
CA ILE A 517 -30.16 25.84 50.11
C ILE A 517 -30.41 25.88 51.61
N ASN A 518 -29.33 26.07 52.38
CA ASN A 518 -29.42 26.11 53.83
C ASN A 518 -28.39 27.11 54.34
N VAL A 519 -28.43 27.33 55.66
CA VAL A 519 -27.59 28.36 56.26
C VAL A 519 -26.12 28.05 56.06
N ASP A 520 -25.76 26.77 55.90
CA ASP A 520 -24.36 26.40 55.76
C ASP A 520 -23.84 26.66 54.35
N ASN A 521 -24.57 26.22 53.32
CA ASN A 521 -24.16 26.39 51.94
C ASN A 521 -24.74 27.63 51.29
N GLN A 522 -25.31 28.54 52.08
CA GLN A 522 -26.01 29.70 51.55
C GLN A 522 -25.08 30.59 50.73
N PHE A 523 -23.84 30.76 51.20
CA PHE A 523 -22.91 31.69 50.57
C PHE A 523 -21.98 31.02 49.57
N ASN A 524 -22.30 29.82 49.12
CA ASN A 524 -21.59 29.19 48.01
C ASN A 524 -22.22 29.51 46.66
N TYR A 525 -23.35 30.23 46.64
CA TYR A 525 -24.10 30.49 45.43
C TYR A 525 -24.30 31.97 45.14
N VAL A 526 -23.57 32.85 45.84
CA VAL A 526 -23.71 34.29 45.62
C VAL A 526 -22.34 34.93 45.65
N PRO A 527 -22.19 36.05 44.95
CA PRO A 527 -20.88 36.72 44.90
C PRO A 527 -20.48 37.31 46.24
N SER A 528 -19.17 37.44 46.42
CA SER A 528 -18.64 38.04 47.63
C SER A 528 -18.63 39.57 47.50
N ASN A 529 -18.27 40.23 48.61
CA ASN A 529 -18.30 41.69 48.62
C ASN A 529 -17.30 42.30 47.64
N ILE A 530 -16.33 41.53 47.17
CA ILE A 530 -15.38 41.99 46.18
C ILE A 530 -15.55 41.26 44.85
N GLY A 531 -16.71 40.62 44.65
CA GLY A 531 -17.03 40.02 43.37
C GLY A 531 -16.57 38.60 43.17
N GLY A 532 -16.03 37.97 44.20
CA GLY A 532 -15.56 36.59 44.04
C GLY A 532 -16.72 35.62 43.89
N MET A 533 -16.51 34.62 43.05
CA MET A 533 -17.50 33.57 42.82
C MET A 533 -16.86 32.20 42.96
N LYS A 534 -17.71 31.22 43.26
CA LYS A 534 -17.31 29.82 43.31
C LYS A 534 -18.50 28.98 42.86
N ILE A 535 -18.22 27.82 42.29
CA ILE A 535 -19.25 26.84 41.93
C ILE A 535 -18.87 25.53 42.63
N VAL A 536 -19.54 25.24 43.74
CA VAL A 536 -19.29 23.98 44.44
C VAL A 536 -19.97 22.84 43.68
N TYR A 537 -19.58 21.63 44.02
CA TYR A 537 -20.08 20.47 43.32
C TYR A 537 -21.43 20.02 43.87
N GLU A 538 -22.22 19.39 43.01
CA GLU A 538 -23.57 18.96 43.34
C GLU A 538 -23.73 17.50 42.95
N LYS A 539 -24.46 16.74 43.76
CA LYS A 539 -24.71 15.34 43.46
C LYS A 539 -25.94 15.22 42.57
N SER A 540 -25.91 14.22 41.69
CA SER A 540 -26.88 14.12 40.60
C SER A 540 -27.97 13.10 40.84
N GLN A 541 -27.64 11.92 41.36
CA GLN A 541 -28.61 10.83 41.48
C GLN A 541 -29.21 10.81 42.89
N LEU A 542 -29.97 11.87 43.17
CA LEU A 542 -30.50 12.07 44.52
C LEU A 542 -31.63 11.09 44.82
N ALA A 543 -32.57 10.93 43.90
CA ALA A 543 -33.75 10.13 44.18
C ALA A 543 -33.41 8.64 44.15
N PRO A 544 -34.05 7.83 44.99
CA PRO A 544 -33.83 6.39 44.93
C PRO A 544 -34.81 5.68 44.01
N ARG A 545 -34.31 4.65 43.34
CA ARG A 545 -35.14 3.77 42.54
C ARG A 545 -34.88 2.32 42.95
N LYS A 546 -35.90 1.50 42.82
CA LYS A 546 -35.76 0.09 43.21
C LYS A 546 -35.05 -0.68 42.11
N LEU A 547 -34.04 -1.45 42.51
CA LEU A 547 -33.24 -2.21 41.56
C LEU A 547 -33.97 -3.44 41.07
N TYR A 548 -34.78 -4.05 41.93
CA TYR A 548 -35.38 -5.33 41.64
C TYR A 548 -36.60 -5.56 42.52
N GLY B 1 -74.55 -13.02 41.96
CA GLY B 1 -75.24 -12.97 43.29
C GLY B 1 -74.64 -13.91 44.31
N VAL B 2 -75.41 -14.21 45.37
CA VAL B 2 -74.90 -15.02 46.45
C VAL B 2 -74.74 -16.47 46.01
N GLY B 3 -75.72 -17.00 45.30
CA GLY B 3 -75.76 -18.42 44.99
C GLY B 3 -75.31 -18.80 43.60
N ILE B 4 -74.54 -17.97 42.93
CA ILE B 4 -74.08 -18.22 41.57
C ILE B 4 -72.57 -18.29 41.56
N SER B 5 -72.02 -19.39 41.05
CA SER B 5 -70.58 -19.53 40.93
C SER B 5 -70.04 -18.62 39.85
N THR B 6 -68.85 -18.07 40.08
CA THR B 6 -68.25 -17.08 39.20
C THR B 6 -67.06 -17.62 38.42
N GLY B 7 -66.86 -18.93 38.41
CA GLY B 7 -65.75 -19.51 37.67
C GLY B 7 -65.77 -21.02 37.80
N THR B 8 -64.85 -21.65 37.08
CA THR B 8 -64.76 -23.10 37.04
C THR B 8 -63.35 -23.55 37.40
N PHE B 9 -63.24 -24.79 37.83
CA PHE B 9 -61.97 -25.39 38.17
C PHE B 9 -61.35 -26.05 36.95
N ASN B 10 -60.08 -25.74 36.67
CA ASN B 10 -59.37 -26.35 35.57
C ASN B 10 -57.92 -26.54 35.97
N ASN B 11 -57.46 -27.79 36.01
CA ASN B 11 -56.06 -28.12 36.23
C ASN B 11 -55.54 -29.06 35.16
N GLN B 12 -55.99 -28.85 33.92
CA GLN B 12 -55.59 -29.70 32.81
C GLN B 12 -54.44 -29.08 32.05
N THR B 13 -53.51 -29.91 31.61
CA THR B 13 -52.42 -29.50 30.75
C THR B 13 -52.74 -29.95 29.33
N GLU B 14 -52.81 -29.00 28.41
CA GLU B 14 -53.20 -29.25 27.02
C GLU B 14 -51.99 -29.07 26.12
N PHE B 15 -51.81 -30.01 25.20
CA PHE B 15 -50.75 -29.95 24.19
C PHE B 15 -51.40 -29.87 22.82
N LYS B 16 -51.25 -28.73 22.16
CA LYS B 16 -51.80 -28.50 20.83
C LYS B 16 -50.63 -28.40 19.85
N PHE B 17 -50.70 -29.18 18.78
CA PHE B 17 -49.58 -29.27 17.85
C PHE B 17 -49.79 -28.34 16.67
N LEU B 18 -48.86 -27.41 16.49
CA LEU B 18 -48.88 -26.43 15.42
C LEU B 18 -48.14 -26.98 14.21
N GLU B 19 -47.84 -26.10 13.25
CA GLU B 19 -47.07 -26.48 12.09
C GLU B 19 -45.59 -26.58 12.43
N ASN B 20 -44.90 -27.45 11.71
CA ASN B 20 -43.43 -27.50 11.72
C ASN B 20 -42.87 -27.85 13.10
N GLY B 21 -43.45 -28.88 13.72
CA GLY B 21 -42.87 -29.42 14.93
C GLY B 21 -42.97 -28.54 16.16
N TRP B 22 -43.90 -27.60 16.20
CA TRP B 22 -44.09 -26.75 17.36
C TRP B 22 -45.39 -27.09 18.07
N VAL B 23 -45.35 -27.02 19.40
CA VAL B 23 -46.47 -27.40 20.25
C VAL B 23 -46.82 -26.23 21.15
N TYR B 24 -48.12 -26.07 21.39
CA TYR B 24 -48.65 -25.02 22.26
C TYR B 24 -49.08 -25.67 23.57
N ILE B 25 -48.33 -25.44 24.64
CA ILE B 25 -48.56 -26.08 25.93
C ILE B 25 -49.29 -25.08 26.81
N THR B 26 -50.55 -25.39 27.13
CA THR B 26 -51.37 -24.58 28.02
C THR B 26 -51.54 -25.36 29.32
N ALA B 27 -50.85 -24.92 30.36
CA ALA B 27 -50.94 -25.53 31.68
C ALA B 27 -51.93 -24.72 32.51
N ASN B 28 -53.07 -25.34 32.82
CA ASN B 28 -54.06 -24.71 33.68
C ASN B 28 -53.86 -25.19 35.12
N SER B 29 -53.98 -24.26 36.05
CA SER B 29 -53.81 -24.55 37.46
C SER B 29 -54.96 -23.93 38.24
N SER B 30 -55.56 -24.71 39.13
CA SER B 30 -56.64 -24.24 39.98
C SER B 30 -56.34 -24.61 41.42
N ARG B 31 -56.60 -23.68 42.33
CA ARG B 31 -56.31 -23.88 43.74
C ARG B 31 -57.42 -23.30 44.59
N LEU B 32 -57.59 -23.87 45.78
CA LEU B 32 -58.39 -23.28 46.84
C LEU B 32 -57.43 -22.64 47.84
N VAL B 33 -57.56 -21.32 48.01
CA VAL B 33 -56.63 -20.54 48.83
C VAL B 33 -57.34 -20.14 50.12
N HIS B 34 -56.66 -20.37 51.23
CA HIS B 34 -57.20 -20.04 52.56
C HIS B 34 -56.45 -18.83 53.08
N LEU B 35 -57.19 -17.76 53.41
CA LEU B 35 -56.61 -16.48 53.80
C LEU B 35 -57.23 -16.04 55.12
N ASN B 36 -56.40 -15.97 56.16
CA ASN B 36 -56.81 -15.40 57.42
C ASN B 36 -56.61 -13.89 57.41
N MET B 37 -57.21 -13.22 58.39
CA MET B 37 -57.04 -11.79 58.50
C MET B 37 -55.65 -11.47 59.03
N PRO B 38 -55.07 -10.34 58.62
CA PRO B 38 -53.71 -10.01 59.05
C PRO B 38 -53.62 -9.81 60.54
N GLU B 39 -52.44 -10.15 61.09
CA GLU B 39 -52.19 -9.94 62.51
C GLU B 39 -52.48 -8.50 62.91
N SER B 40 -52.05 -7.55 62.09
CA SER B 40 -52.36 -6.15 62.30
C SER B 40 -52.65 -5.50 60.96
N GLU B 41 -53.54 -4.52 60.98
CA GLU B 41 -53.82 -3.73 59.78
C GLU B 41 -52.69 -2.76 59.46
N ASN B 42 -51.67 -2.68 60.31
CA ASN B 42 -50.64 -1.66 60.19
C ASN B 42 -49.39 -2.20 59.52
N TYR B 43 -48.68 -1.30 58.85
CA TYR B 43 -47.34 -1.60 58.37
C TYR B 43 -46.35 -1.50 59.52
N ARG B 44 -45.32 -2.34 59.49
CA ARG B 44 -44.30 -2.35 60.53
C ARG B 44 -42.93 -2.24 59.88
N ARG B 45 -42.00 -1.61 60.59
CA ARG B 45 -40.60 -1.57 60.20
C ARG B 45 -39.81 -2.34 61.23
N VAL B 46 -39.33 -3.53 60.86
CA VAL B 46 -38.77 -4.49 61.80
C VAL B 46 -37.32 -4.76 61.43
N VAL B 47 -36.47 -4.89 62.44
CA VAL B 47 -35.05 -5.16 62.28
C VAL B 47 -34.74 -6.49 62.95
N VAL B 48 -34.05 -7.37 62.23
CA VAL B 48 -33.55 -8.62 62.78
C VAL B 48 -32.05 -8.47 62.97
N ASN B 49 -31.54 -8.93 64.11
CA ASN B 49 -30.11 -8.81 64.43
C ASN B 49 -29.74 -9.99 65.32
N ASN B 50 -29.19 -11.03 64.69
CA ASN B 50 -28.81 -12.25 65.40
C ASN B 50 -27.36 -12.14 65.88
N LEU B 51 -27.11 -11.12 66.70
CA LEU B 51 -25.77 -10.89 67.24
C LEU B 51 -25.29 -12.08 68.06
N ASP B 52 -26.21 -12.79 68.71
CA ASP B 52 -25.83 -13.93 69.53
C ASP B 52 -25.22 -15.05 68.70
N LYS B 53 -25.50 -15.08 67.40
CA LYS B 53 -24.96 -16.12 66.53
C LYS B 53 -23.65 -15.68 65.87
N THR B 54 -23.55 -14.41 65.46
CA THR B 54 -22.35 -13.91 64.83
C THR B 54 -21.31 -13.42 65.82
N ALA B 55 -21.68 -13.25 67.10
CA ALA B 55 -20.71 -12.92 68.13
C ALA B 55 -19.71 -14.05 68.34
N VAL B 56 -20.04 -15.27 67.92
CA VAL B 56 -19.11 -16.38 67.97
C VAL B 56 -18.15 -16.24 66.80
N ASN B 57 -16.88 -16.03 67.08
CA ASN B 57 -15.90 -15.80 66.03
C ASN B 57 -15.87 -16.98 65.08
N GLY B 58 -15.97 -16.69 63.79
CA GLY B 58 -16.01 -17.72 62.77
C GLY B 58 -17.40 -18.02 62.23
N ASN B 59 -18.44 -17.36 62.76
CA ASN B 59 -19.81 -17.60 62.35
C ASN B 59 -20.36 -16.48 61.49
N MET B 60 -19.48 -15.72 60.82
CA MET B 60 -19.93 -14.56 60.07
C MET B 60 -20.86 -14.92 58.92
N ALA B 61 -20.83 -16.17 58.45
CA ALA B 61 -21.72 -16.57 57.37
C ALA B 61 -23.14 -16.80 57.84
N LEU B 62 -23.36 -16.93 59.14
CA LEU B 62 -24.68 -17.16 59.70
C LEU B 62 -25.42 -15.87 60.01
N ASP B 63 -25.04 -14.77 59.36
CA ASP B 63 -25.66 -13.48 59.63
C ASP B 63 -27.04 -13.42 59.00
N ASP B 64 -28.04 -13.00 59.79
CA ASP B 64 -29.39 -12.77 59.30
C ASP B 64 -29.82 -11.32 59.44
N THR B 65 -28.90 -10.43 59.83
CA THR B 65 -29.27 -9.06 60.14
C THR B 65 -29.83 -8.37 58.91
N HIS B 66 -30.97 -7.70 59.07
CA HIS B 66 -31.61 -6.99 57.98
C HIS B 66 -32.81 -6.24 58.53
N ALA B 67 -33.36 -5.36 57.70
CA ALA B 67 -34.58 -4.64 57.99
C ALA B 67 -35.61 -4.92 56.91
N GLU B 68 -36.87 -5.00 57.32
CA GLU B 68 -37.94 -5.31 56.38
C GLU B 68 -39.20 -4.57 56.81
N ILE B 69 -40.10 -4.38 55.85
CA ILE B 69 -41.43 -3.87 56.11
C ILE B 69 -42.38 -5.05 56.09
N VAL B 70 -43.07 -5.28 57.21
CA VAL B 70 -44.10 -6.31 57.29
C VAL B 70 -45.43 -5.65 56.97
N THR B 71 -46.07 -6.09 55.89
CA THR B 71 -47.30 -5.51 55.41
C THR B 71 -48.49 -6.36 55.84
N PRO B 72 -49.69 -5.77 55.89
CA PRO B 72 -50.89 -6.56 56.20
C PRO B 72 -51.44 -7.35 55.02
N TRP B 73 -50.78 -7.31 53.88
CA TRP B 73 -51.23 -7.97 52.67
C TRP B 73 -50.59 -9.34 52.53
N SER B 74 -51.18 -10.17 51.67
CA SER B 74 -50.65 -11.47 51.34
C SER B 74 -50.37 -11.53 49.85
N LEU B 75 -49.44 -12.40 49.47
CA LEU B 75 -49.00 -12.51 48.09
C LEU B 75 -49.41 -13.86 47.53
N VAL B 76 -50.09 -13.84 46.38
CA VAL B 76 -50.48 -15.05 45.68
C VAL B 76 -49.44 -15.26 44.58
N ASP B 77 -48.53 -16.21 44.81
CA ASP B 77 -47.42 -16.46 43.91
C ASP B 77 -47.57 -17.85 43.30
N ALA B 78 -47.56 -17.91 41.97
CA ALA B 78 -47.62 -19.15 41.24
C ALA B 78 -46.38 -19.38 40.39
N ASN B 79 -45.26 -18.77 40.76
CA ASN B 79 -44.05 -18.79 39.94
C ASN B 79 -43.14 -19.95 40.31
N ALA B 80 -43.67 -21.17 40.30
CA ALA B 80 -42.89 -22.37 40.51
C ALA B 80 -43.34 -23.44 39.54
N TRP B 81 -42.41 -24.28 39.10
CA TRP B 81 -42.72 -25.25 38.07
C TRP B 81 -43.78 -26.24 38.53
N GLY B 82 -43.80 -26.57 39.82
CA GLY B 82 -44.73 -27.55 40.33
C GLY B 82 -46.16 -27.06 40.44
N VAL B 83 -46.39 -25.76 40.29
CA VAL B 83 -47.75 -25.23 40.33
C VAL B 83 -48.49 -25.51 39.03
N TRP B 84 -47.81 -25.99 38.00
CA TRP B 84 -48.39 -26.16 36.68
C TRP B 84 -48.30 -27.57 36.13
N PHE B 85 -47.22 -28.28 36.42
CA PHE B 85 -46.94 -29.57 35.81
C PHE B 85 -46.82 -30.64 36.88
N ASN B 86 -47.45 -31.79 36.64
CA ASN B 86 -47.19 -32.97 37.43
C ASN B 86 -46.04 -33.74 36.81
N PRO B 87 -45.56 -34.80 37.46
CA PRO B 87 -44.46 -35.57 36.87
C PRO B 87 -44.74 -36.08 35.47
N GLY B 88 -46.00 -36.34 35.13
CA GLY B 88 -46.30 -36.83 33.79
C GLY B 88 -46.03 -35.81 32.71
N ASP B 89 -46.60 -34.61 32.84
CA ASP B 89 -46.36 -33.58 31.83
C ASP B 89 -44.90 -33.15 31.81
N TRP B 90 -44.25 -33.11 32.97
CA TRP B 90 -42.83 -32.78 32.96
C TRP B 90 -42.02 -33.85 32.23
N GLN B 91 -42.38 -35.12 32.43
CA GLN B 91 -41.72 -36.18 31.68
C GLN B 91 -41.90 -35.96 30.19
N LEU B 92 -43.13 -35.68 29.77
CA LEU B 92 -43.38 -35.45 28.35
C LEU B 92 -42.53 -34.30 27.83
N ILE B 93 -42.51 -33.17 28.56
CA ILE B 93 -41.78 -32.00 28.10
C ILE B 93 -40.29 -32.30 27.99
N VAL B 94 -39.71 -32.86 29.05
CA VAL B 94 -38.26 -33.05 29.07
C VAL B 94 -37.83 -34.11 28.07
N ASN B 95 -38.62 -35.17 27.92
CA ASN B 95 -38.20 -36.27 27.05
C ASN B 95 -38.44 -35.97 25.58
N THR B 96 -39.46 -35.19 25.23
CA THR B 96 -39.84 -35.02 23.84
C THR B 96 -39.64 -33.62 23.29
N MET B 97 -39.07 -32.69 24.05
CA MET B 97 -38.97 -31.29 23.63
C MET B 97 -37.50 -30.87 23.62
N SER B 98 -37.16 -29.94 22.74
CA SER B 98 -35.79 -29.44 22.64
C SER B 98 -35.61 -28.04 23.20
N GLU B 99 -36.58 -27.16 23.02
CA GLU B 99 -36.51 -25.82 23.58
C GLU B 99 -37.89 -25.41 24.05
N LEU B 100 -37.91 -24.49 25.02
CA LEU B 100 -39.13 -24.11 25.70
C LEU B 100 -39.27 -22.60 25.71
N HIS B 101 -40.40 -22.09 25.24
CA HIS B 101 -40.69 -20.66 25.19
C HIS B 101 -41.80 -20.36 26.19
N LEU B 102 -41.70 -19.22 26.85
CA LEU B 102 -42.73 -18.75 27.77
C LEU B 102 -43.57 -17.69 27.05
N VAL B 103 -44.86 -17.98 26.86
CA VAL B 103 -45.69 -17.16 25.97
C VAL B 103 -46.56 -16.19 26.76
N SER B 104 -47.41 -16.69 27.65
CA SER B 104 -48.37 -15.82 28.30
C SER B 104 -48.75 -16.40 29.66
N PHE B 105 -49.39 -15.55 30.47
CA PHE B 105 -49.80 -15.90 31.81
C PHE B 105 -51.03 -15.08 32.20
N GLU B 106 -52.03 -15.74 32.77
CA GLU B 106 -53.20 -15.06 33.31
C GLU B 106 -53.70 -15.80 34.53
N GLN B 107 -54.34 -15.06 35.43
CA GLN B 107 -54.90 -15.64 36.64
C GLN B 107 -56.18 -14.92 37.01
N GLU B 108 -57.05 -15.61 37.74
CA GLU B 108 -58.32 -15.05 38.17
C GLU B 108 -58.70 -15.60 39.53
N ILE B 109 -59.36 -14.76 40.32
CA ILE B 109 -59.90 -15.13 41.62
C ILE B 109 -61.42 -15.18 41.48
N PHE B 110 -62.02 -16.31 41.85
CA PHE B 110 -63.45 -16.52 41.73
C PHE B 110 -63.95 -17.29 42.93
N ASN B 111 -65.28 -17.41 43.02
CA ASN B 111 -65.95 -18.10 44.13
C ASN B 111 -65.37 -17.68 45.47
N VAL B 112 -65.54 -16.40 45.78
CA VAL B 112 -65.01 -15.86 47.02
C VAL B 112 -65.98 -16.17 48.15
N VAL B 113 -65.47 -16.75 49.23
CA VAL B 113 -66.26 -17.07 50.40
C VAL B 113 -65.59 -16.40 51.61
N LEU B 114 -66.38 -15.66 52.38
CA LEU B 114 -65.93 -15.02 53.60
C LEU B 114 -66.74 -15.52 54.76
N LYS B 115 -66.07 -15.91 55.84
CA LYS B 115 -66.70 -16.50 57.00
C LYS B 115 -66.19 -15.83 58.26
N THR B 116 -67.00 -15.89 59.31
CA THR B 116 -66.66 -15.34 60.62
C THR B 116 -66.64 -16.46 61.64
N VAL B 117 -65.85 -16.28 62.70
CA VAL B 117 -65.69 -17.28 63.75
C VAL B 117 -66.17 -16.68 65.06
N SER B 118 -67.08 -17.38 65.74
CA SER B 118 -67.60 -16.96 67.04
C SER B 118 -67.38 -18.11 68.03
N GLU B 119 -66.83 -17.77 69.19
CA GLU B 119 -66.55 -18.75 70.23
C GLU B 119 -67.51 -18.55 71.39
N SER B 120 -68.12 -19.64 71.85
CA SER B 120 -69.11 -19.56 72.91
C SER B 120 -68.46 -19.30 74.26
N ALA B 121 -69.25 -18.78 75.19
CA ALA B 121 -68.80 -18.60 76.56
C ALA B 121 -68.94 -19.88 77.38
N THR B 122 -69.44 -20.96 76.79
CA THR B 122 -69.59 -22.22 77.49
C THR B 122 -68.24 -22.68 78.04
N GLN B 123 -68.27 -23.22 79.26
CA GLN B 123 -67.03 -23.60 79.93
C GLN B 123 -66.20 -24.56 79.08
N PRO B 124 -66.74 -25.65 78.56
CA PRO B 124 -66.03 -26.40 77.51
C PRO B 124 -66.04 -25.64 76.21
N PRO B 125 -64.87 -25.33 75.65
CA PRO B 125 -64.83 -24.46 74.45
C PRO B 125 -65.61 -25.06 73.29
N THR B 126 -66.25 -24.17 72.53
CA THR B 126 -66.92 -24.54 71.29
C THR B 126 -67.03 -23.28 70.43
N LYS B 127 -67.09 -23.48 69.11
CA LYS B 127 -67.10 -22.35 68.19
C LYS B 127 -67.90 -22.73 66.94
N VAL B 128 -68.42 -21.70 66.27
CA VAL B 128 -69.30 -21.87 65.12
C VAL B 128 -68.79 -20.96 63.99
N TYR B 129 -69.15 -21.32 62.77
CA TYR B 129 -68.70 -20.62 61.58
C TYR B 129 -69.91 -20.14 60.78
N ASN B 130 -69.91 -18.85 60.43
CA ASN B 130 -71.03 -18.22 59.77
C ASN B 130 -70.54 -17.48 58.53
N ASN B 131 -71.38 -17.45 57.50
CA ASN B 131 -71.07 -16.68 56.31
C ASN B 131 -71.32 -15.20 56.55
N ASP B 132 -70.46 -14.37 55.95
CA ASP B 132 -70.61 -12.92 55.96
C ASP B 132 -70.84 -12.50 54.51
N LEU B 133 -72.10 -12.45 54.11
CA LEU B 133 -72.43 -12.24 52.71
C LEU B 133 -72.03 -10.87 52.22
N THR B 134 -71.77 -9.92 53.13
CA THR B 134 -71.40 -8.57 52.75
C THR B 134 -69.94 -8.24 53.05
N ALA B 135 -69.20 -9.15 53.67
CA ALA B 135 -67.78 -8.94 53.85
C ALA B 135 -67.08 -8.90 52.50
N SER B 136 -65.88 -8.34 52.49
CA SER B 136 -65.15 -8.13 51.25
C SER B 136 -63.74 -8.68 51.34
N LEU B 137 -63.30 -9.30 50.25
CA LEU B 137 -61.90 -9.66 50.06
C LEU B 137 -61.26 -8.62 49.16
N MET B 138 -60.18 -8.00 49.64
CA MET B 138 -59.52 -6.96 48.88
C MET B 138 -58.44 -7.58 47.99
N VAL B 139 -58.50 -7.26 46.70
CA VAL B 139 -57.57 -7.80 45.71
C VAL B 139 -56.88 -6.64 45.01
N ALA B 140 -55.55 -6.69 44.95
CA ALA B 140 -54.77 -5.65 44.30
C ALA B 140 -53.75 -6.30 43.38
N LEU B 141 -53.78 -5.93 42.10
CA LEU B 141 -52.83 -6.43 41.11
C LEU B 141 -51.92 -5.28 40.73
N ASP B 142 -50.61 -5.50 40.85
CA ASP B 142 -49.61 -4.46 40.58
C ASP B 142 -49.12 -4.57 39.14
N SER B 143 -50.03 -4.23 38.23
CA SER B 143 -49.73 -4.39 36.80
C SER B 143 -48.58 -3.51 36.35
N ASN B 144 -48.34 -2.38 37.02
CA ASN B 144 -47.27 -1.48 36.66
C ASN B 144 -45.96 -1.80 37.38
N ASN B 145 -45.93 -2.85 38.18
CA ASN B 145 -44.71 -3.29 38.87
C ASN B 145 -44.13 -2.17 39.71
N THR B 146 -45.00 -1.51 40.47
CA THR B 146 -44.55 -0.45 41.37
C THR B 146 -43.90 -1.01 42.63
N MET B 147 -44.39 -2.13 43.13
CA MET B 147 -43.90 -2.69 44.37
C MET B 147 -42.64 -3.52 44.14
N PRO B 148 -41.83 -3.73 45.17
CA PRO B 148 -40.64 -4.57 45.01
C PRO B 148 -41.01 -5.98 44.57
N PHE B 149 -40.18 -6.55 43.71
CA PHE B 149 -40.41 -7.91 43.23
C PHE B 149 -39.91 -8.90 44.27
N THR B 150 -40.80 -9.76 44.74
CA THR B 150 -40.50 -10.73 45.80
C THR B 150 -41.06 -12.09 45.41
N PRO B 151 -40.34 -12.84 44.57
CA PRO B 151 -40.82 -14.16 44.16
C PRO B 151 -40.69 -15.16 45.29
N ALA B 152 -41.78 -15.88 45.57
CA ALA B 152 -41.83 -16.76 46.72
C ALA B 152 -41.05 -18.05 46.53
N ALA B 153 -40.65 -18.37 45.29
CA ALA B 153 -39.89 -19.60 45.06
C ALA B 153 -38.59 -19.61 45.84
N MET B 154 -38.02 -18.44 46.12
CA MET B 154 -36.76 -18.39 46.85
C MET B 154 -36.94 -18.88 48.29
N ARG B 155 -38.07 -18.59 48.91
CA ARG B 155 -38.35 -19.01 50.27
C ARG B 155 -39.26 -20.24 50.33
N SER B 156 -39.51 -20.90 49.21
CA SER B 156 -40.42 -22.05 49.15
C SER B 156 -41.80 -21.67 49.69
N GLU B 157 -42.33 -20.56 49.16
CA GLU B 157 -43.57 -19.99 49.66
C GLU B 157 -44.57 -19.72 48.54
N THR B 158 -44.43 -20.42 47.41
CA THR B 158 -45.41 -20.32 46.35
C THR B 158 -46.67 -21.09 46.73
N LEU B 159 -47.60 -21.18 45.80
CA LEU B 159 -48.80 -21.97 46.01
C LEU B 159 -48.44 -23.45 46.03
N GLY B 160 -49.37 -24.27 46.53
CA GLY B 160 -49.10 -25.69 46.61
C GLY B 160 -49.01 -26.33 45.25
N PHE B 161 -48.45 -27.54 45.24
CA PHE B 161 -48.24 -28.30 44.01
C PHE B 161 -49.31 -29.35 43.76
N TYR B 162 -50.31 -29.46 44.63
CA TYR B 162 -51.31 -30.52 44.52
C TYR B 162 -52.67 -29.91 44.21
N PRO B 163 -53.27 -30.19 43.07
CA PRO B 163 -54.57 -29.56 42.76
C PRO B 163 -55.64 -29.84 43.79
N TRP B 164 -55.60 -30.98 44.48
CA TRP B 164 -56.64 -31.34 45.43
C TRP B 164 -56.30 -30.96 46.86
N LYS B 165 -55.19 -30.25 47.08
CA LYS B 165 -54.82 -29.82 48.42
C LYS B 165 -55.01 -28.31 48.56
N PRO B 166 -55.84 -27.83 49.47
CA PRO B 166 -55.94 -26.39 49.67
C PRO B 166 -54.60 -25.80 50.11
N THR B 167 -54.34 -24.58 49.64
CA THR B 167 -53.07 -23.91 49.86
C THR B 167 -53.31 -22.56 50.52
N ILE B 168 -52.22 -21.86 50.81
CA ILE B 168 -52.28 -20.57 51.48
C ILE B 168 -51.42 -19.57 50.70
N PRO B 169 -51.70 -18.28 50.80
CA PRO B 169 -50.77 -17.29 50.26
C PRO B 169 -49.75 -16.87 51.33
N THR B 170 -48.65 -16.30 50.86
CA THR B 170 -47.57 -16.01 51.81
C THR B 170 -47.71 -14.60 52.34
N PRO B 171 -47.57 -14.37 53.65
CA PRO B 171 -47.57 -13.00 54.15
C PRO B 171 -46.52 -12.17 53.45
N TRP B 172 -46.86 -10.95 53.04
CA TRP B 172 -45.99 -10.17 52.19
C TRP B 172 -45.15 -9.20 53.00
N ARG B 173 -43.88 -9.12 52.63
CA ARG B 173 -42.92 -8.22 53.26
C ARG B 173 -41.87 -7.90 52.22
N TYR B 174 -41.14 -6.81 52.44
CA TYR B 174 -40.10 -6.41 51.51
C TYR B 174 -38.99 -5.72 52.28
N TYR B 175 -37.81 -5.70 51.66
CA TYR B 175 -36.62 -5.18 52.34
C TYR B 175 -36.67 -3.67 52.46
N PHE B 176 -36.16 -3.18 53.59
CA PHE B 176 -36.01 -1.76 53.87
C PHE B 176 -34.54 -1.48 54.12
N GLN B 177 -34.05 -0.37 53.58
CA GLN B 177 -32.61 -0.12 53.58
C GLN B 177 -32.05 -0.12 54.99
N TRP B 178 -30.87 -0.72 55.14
CA TRP B 178 -30.13 -0.71 56.40
C TRP B 178 -28.64 -0.72 56.10
N ASP B 179 -27.88 -0.21 57.06
CA ASP B 179 -26.42 -0.22 57.01
C ASP B 179 -25.90 -1.20 58.05
N ARG B 180 -24.95 -2.04 57.65
CA ARG B 180 -24.46 -3.10 58.51
C ARG B 180 -23.02 -3.42 58.14
N THR B 181 -22.16 -3.52 59.15
CA THR B 181 -20.78 -3.94 58.96
C THR B 181 -20.48 -5.13 59.86
N LEU B 182 -19.71 -6.08 59.34
CA LEU B 182 -19.38 -7.31 60.07
C LEU B 182 -18.00 -7.76 59.61
N ILE B 183 -17.00 -7.55 60.45
CA ILE B 183 -15.62 -7.94 60.12
C ILE B 183 -15.47 -9.44 60.35
N PRO B 184 -15.03 -10.21 59.36
CA PRO B 184 -14.92 -11.66 59.54
C PRO B 184 -13.80 -12.02 60.52
N SER B 185 -13.94 -13.20 61.11
CA SER B 185 -13.00 -13.69 62.10
C SER B 185 -12.89 -15.20 61.96
N HIS B 186 -12.26 -15.84 62.94
CA HIS B 186 -12.14 -17.29 62.98
C HIS B 186 -12.03 -17.72 64.43
N THR B 187 -12.29 -19.01 64.66
CA THR B 187 -12.08 -19.57 65.98
C THR B 187 -10.63 -19.35 66.40
N GLY B 188 -10.44 -18.61 67.48
CA GLY B 188 -9.11 -18.24 67.94
C GLY B 188 -8.72 -16.81 67.64
N THR B 189 -9.62 -16.00 67.09
CA THR B 189 -9.35 -14.59 66.92
C THR B 189 -9.46 -13.88 68.26
N SER B 190 -8.56 -12.92 68.50
CA SER B 190 -8.55 -12.20 69.76
C SER B 190 -9.46 -10.98 69.68
N GLY B 191 -10.22 -10.76 70.76
CA GLY B 191 -11.09 -9.61 70.82
C GLY B 191 -12.43 -9.87 70.15
N THR B 192 -13.26 -8.82 70.18
CA THR B 192 -14.57 -8.87 69.57
C THR B 192 -14.54 -8.16 68.23
N PRO B 193 -14.61 -8.87 67.10
CA PRO B 193 -14.63 -8.18 65.81
C PRO B 193 -15.85 -7.27 65.70
N THR B 194 -15.67 -6.20 64.93
CA THR B 194 -16.72 -5.20 64.79
C THR B 194 -17.98 -5.85 64.22
N ASN B 195 -19.07 -5.75 64.97
CA ASN B 195 -20.36 -6.32 64.58
C ASN B 195 -21.43 -5.33 65.03
N ILE B 196 -21.81 -4.43 64.14
CA ILE B 196 -22.71 -3.33 64.48
C ILE B 196 -23.71 -3.13 63.36
N TYR B 197 -24.97 -2.89 63.74
CA TYR B 197 -26.02 -2.48 62.81
C TYR B 197 -26.10 -0.96 62.86
N HIS B 198 -25.69 -0.32 61.77
CA HIS B 198 -25.48 1.12 61.76
C HIS B 198 -26.77 1.93 61.72
N GLY B 199 -27.81 1.44 61.05
CA GLY B 199 -29.04 2.18 60.89
C GLY B 199 -29.48 2.20 59.44
N THR B 200 -30.12 3.30 59.05
CA THR B 200 -30.68 3.44 57.72
C THR B 200 -30.19 4.75 57.11
N ASP B 201 -29.86 4.71 55.83
CA ASP B 201 -29.46 5.90 55.11
C ASP B 201 -30.72 6.68 54.69
N PRO B 202 -30.87 7.95 55.08
CA PRO B 202 -32.07 8.69 54.67
C PRO B 202 -32.20 8.85 53.17
N ASP B 203 -31.11 8.76 52.43
CA ASP B 203 -31.15 8.91 50.97
C ASP B 203 -31.75 7.71 50.27
N ASP B 204 -31.99 6.62 51.00
CA ASP B 204 -32.40 5.35 50.41
C ASP B 204 -33.71 4.81 50.98
N VAL B 205 -34.39 5.58 51.83
CA VAL B 205 -35.66 5.12 52.39
C VAL B 205 -36.68 5.01 51.28
N GLN B 206 -37.43 3.90 51.26
CA GLN B 206 -38.49 3.66 50.28
C GLN B 206 -39.58 2.85 50.97
N PHE B 207 -40.59 3.55 51.48
CA PHE B 207 -41.72 2.91 52.14
C PHE B 207 -42.89 2.83 51.17
N TYR B 208 -43.17 1.63 50.68
CA TYR B 208 -44.26 1.39 49.75
C TYR B 208 -45.49 0.90 50.48
N THR B 209 -46.66 1.25 49.96
CA THR B 209 -47.93 0.76 50.47
C THR B 209 -48.84 0.44 49.29
N ILE B 210 -49.57 -0.68 49.40
CA ILE B 210 -50.46 -1.09 48.33
C ILE B 210 -51.58 -0.06 48.15
N GLU B 211 -52.11 0.45 49.24
CA GLU B 211 -53.25 1.35 49.17
C GLU B 211 -52.93 2.60 48.35
N ASN B 212 -51.69 3.08 48.42
CA ASN B 212 -51.33 4.32 47.75
C ASN B 212 -50.82 4.12 46.33
N SER B 213 -50.59 2.88 45.91
CA SER B 213 -49.93 2.61 44.65
C SER B 213 -50.72 1.76 43.67
N VAL B 214 -51.65 0.94 44.15
CA VAL B 214 -52.35 -0.01 43.27
C VAL B 214 -53.85 0.15 43.47
N PRO B 215 -54.67 0.05 42.43
CA PRO B 215 -56.12 -0.05 42.63
C PRO B 215 -56.45 -1.30 43.42
N VAL B 216 -57.49 -1.20 44.25
CA VAL B 216 -57.92 -2.30 45.11
C VAL B 216 -59.37 -2.61 44.79
N HIS B 217 -59.67 -3.87 44.50
CA HIS B 217 -61.01 -4.32 44.21
C HIS B 217 -61.60 -5.00 45.44
N LEU B 218 -62.75 -4.50 45.89
CA LEU B 218 -63.47 -5.13 46.98
C LEU B 218 -64.36 -6.21 46.38
N LEU B 219 -64.04 -7.46 46.68
CA LEU B 219 -64.78 -8.61 46.15
C LEU B 219 -65.73 -9.13 47.22
N ARG B 220 -67.00 -9.24 46.88
CA ARG B 220 -67.97 -9.92 47.72
C ARG B 220 -68.20 -11.34 47.19
N THR B 221 -69.03 -12.09 47.90
CA THR B 221 -69.13 -13.52 47.62
C THR B 221 -69.55 -13.80 46.18
N GLY B 222 -70.22 -12.85 45.54
CA GLY B 222 -70.68 -13.03 44.18
C GLY B 222 -69.80 -12.40 43.12
N ASP B 223 -68.61 -11.93 43.49
CA ASP B 223 -67.75 -11.21 42.57
C ASP B 223 -66.57 -12.07 42.12
N GLU B 224 -65.82 -11.54 41.16
CA GLU B 224 -64.68 -12.23 40.60
C GLU B 224 -63.67 -11.20 40.11
N PHE B 225 -62.43 -11.65 39.96
CA PHE B 225 -61.34 -10.81 39.50
C PHE B 225 -60.50 -11.58 38.47
N ALA B 226 -60.32 -10.99 37.30
CA ALA B 226 -59.49 -11.55 36.25
C ALA B 226 -58.40 -10.55 35.89
N THR B 227 -57.16 -11.03 35.86
CA THR B 227 -56.02 -10.15 35.62
C THR B 227 -55.88 -9.75 34.16
N GLY B 228 -56.36 -10.57 33.23
CA GLY B 228 -56.08 -10.38 31.84
C GLY B 228 -54.81 -11.11 31.45
N THR B 229 -54.57 -11.28 30.17
CA THR B 229 -53.41 -12.03 29.69
C THR B 229 -52.22 -11.09 29.56
N PHE B 230 -51.09 -11.52 30.12
CA PHE B 230 -49.82 -10.85 29.89
C PHE B 230 -48.98 -11.73 28.98
N PHE B 231 -48.32 -11.09 28.01
CA PHE B 231 -47.48 -11.77 27.04
C PHE B 231 -46.03 -11.46 27.34
N PHE B 232 -45.21 -12.51 27.46
CA PHE B 232 -43.81 -12.36 27.82
C PHE B 232 -42.96 -11.98 26.61
N ASP B 233 -41.74 -11.54 26.91
CA ASP B 233 -40.74 -11.20 25.89
C ASP B 233 -39.40 -11.86 26.19
N CYS B 234 -39.41 -13.10 26.69
CA CYS B 234 -38.21 -13.74 27.17
C CYS B 234 -37.51 -14.51 26.04
N LYS B 235 -36.30 -14.97 26.35
CA LYS B 235 -35.57 -15.82 25.42
C LYS B 235 -36.00 -17.28 25.59
N PRO B 236 -35.76 -18.12 24.59
CA PRO B 236 -36.07 -19.54 24.74
C PRO B 236 -35.17 -20.22 25.75
N CYS B 237 -35.66 -21.32 26.30
CA CYS B 237 -34.92 -22.13 27.26
C CYS B 237 -34.67 -23.51 26.65
N ARG B 238 -33.40 -23.90 26.59
CA ARG B 238 -33.01 -25.16 25.98
C ARG B 238 -33.22 -26.29 26.98
N LEU B 239 -33.86 -27.36 26.50
CA LEU B 239 -34.05 -28.58 27.29
C LEU B 239 -32.98 -29.62 26.97
N THR B 240 -31.83 -29.18 26.47
CA THR B 240 -30.70 -30.03 26.16
C THR B 240 -29.47 -29.48 26.86
N HIS B 241 -28.52 -30.37 27.13
CA HIS B 241 -27.31 -30.01 27.84
C HIS B 241 -26.09 -30.22 26.95
N THR B 242 -25.11 -29.35 27.10
CA THR B 242 -23.83 -29.53 26.43
C THR B 242 -22.90 -30.35 27.31
N TRP B 243 -22.08 -31.19 26.68
CA TRP B 243 -21.10 -32.00 27.38
C TRP B 243 -19.67 -31.63 27.04
N GLN B 244 -19.44 -30.90 25.96
CA GLN B 244 -18.08 -30.63 25.48
C GLN B 244 -17.42 -29.59 26.37
N THR B 245 -16.22 -29.90 26.85
CA THR B 245 -15.34 -28.91 27.45
C THR B 245 -14.29 -28.52 26.42
N ASN B 246 -13.31 -27.73 26.84
CA ASN B 246 -12.30 -27.26 25.91
C ASN B 246 -11.55 -28.42 25.29
N ARG B 247 -11.38 -29.51 26.02
CA ARG B 247 -10.64 -30.66 25.52
C ARG B 247 -11.38 -31.39 24.41
N ALA B 248 -12.67 -31.11 24.21
CA ALA B 248 -13.47 -31.80 23.20
C ALA B 248 -14.00 -30.85 22.13
N LEU B 249 -13.24 -29.82 21.78
CA LEU B 249 -13.62 -28.91 20.71
C LEU B 249 -12.67 -29.06 19.53
N GLY B 250 -13.24 -29.23 18.34
CA GLY B 250 -12.44 -29.20 17.13
C GLY B 250 -12.05 -30.57 16.64
N LEU B 251 -11.07 -30.57 15.74
CA LEU B 251 -10.62 -31.79 15.09
C LEU B 251 -9.62 -32.52 15.99
N PRO B 252 -9.90 -33.75 16.40
CA PRO B 252 -8.95 -34.49 17.24
C PRO B 252 -7.67 -34.78 16.48
N PRO B 253 -6.61 -35.19 17.19
CA PRO B 253 -5.38 -35.59 16.49
C PRO B 253 -5.60 -36.85 15.67
N PHE B 254 -4.78 -37.00 14.64
CA PHE B 254 -4.83 -38.20 13.82
C PHE B 254 -4.06 -39.32 14.51
N LEU B 255 -4.70 -40.48 14.62
CA LEU B 255 -4.09 -41.65 15.26
C LEU B 255 -3.36 -42.45 14.19
N ASN B 256 -2.04 -42.37 14.19
CA ASN B 256 -1.23 -43.11 13.24
C ASN B 256 -1.14 -44.59 13.59
N SER B 257 -1.56 -44.98 14.80
CA SER B 257 -1.62 -46.37 15.19
C SER B 257 -2.97 -46.62 15.85
N LEU B 258 -3.67 -47.65 15.38
CA LEU B 258 -4.99 -47.99 15.88
C LEU B 258 -4.95 -49.37 16.52
N PRO B 259 -5.82 -49.65 17.47
CA PRO B 259 -5.81 -50.97 18.12
C PRO B 259 -6.18 -52.07 17.14
N GLN B 260 -5.60 -53.25 17.35
CA GLN B 260 -5.89 -54.42 16.55
C GLN B 260 -6.79 -55.42 17.26
N SER B 261 -6.95 -55.30 18.57
CA SER B 261 -7.80 -56.19 19.35
C SER B 261 -8.57 -55.35 20.36
N GLU B 262 -9.76 -55.83 20.70
CA GLU B 262 -10.63 -55.09 21.62
C GLU B 262 -10.24 -55.38 23.06
N GLY B 263 -10.36 -54.35 23.90
CA GLY B 263 -9.98 -54.46 25.29
C GLY B 263 -9.72 -53.10 25.92
N GLY B 264 -9.85 -53.03 27.24
CA GLY B 264 -9.66 -51.76 27.93
C GLY B 264 -8.24 -51.23 27.88
N THR B 265 -7.26 -52.11 27.68
CA THR B 265 -5.86 -51.74 27.60
C THR B 265 -5.37 -51.59 26.16
N ASN B 266 -6.26 -51.69 25.17
CA ASN B 266 -5.88 -51.55 23.77
C ASN B 266 -6.16 -50.12 23.32
N PHE B 267 -5.21 -49.24 23.62
CA PHE B 267 -5.34 -47.83 23.27
C PHE B 267 -4.78 -47.56 21.89
N GLY B 268 -5.21 -46.43 21.31
CA GLY B 268 -4.61 -45.92 20.11
C GLY B 268 -3.53 -44.90 20.41
N TYR B 269 -2.70 -44.63 19.42
CA TYR B 269 -1.55 -43.76 19.59
C TYR B 269 -1.48 -42.75 18.47
N ILE B 270 -0.97 -41.56 18.79
CA ILE B 270 -0.85 -40.51 17.79
C ILE B 270 0.38 -40.74 16.92
N GLY B 271 1.44 -41.31 17.49
CA GLY B 271 2.59 -41.70 16.71
C GLY B 271 3.66 -40.64 16.62
N VAL B 272 3.27 -39.42 16.27
CA VAL B 272 4.24 -38.34 16.12
C VAL B 272 4.65 -37.82 17.49
N GLN B 273 5.93 -37.55 17.65
CA GLN B 273 6.44 -37.05 18.92
C GLN B 273 5.89 -35.66 19.19
N GLN B 274 5.76 -35.32 20.48
CA GLN B 274 4.97 -34.14 20.85
C GLN B 274 5.59 -32.84 20.35
N ASP B 275 6.91 -32.73 20.39
CA ASP B 275 7.57 -31.53 19.89
C ASP B 275 7.70 -31.51 18.37
N LYS B 276 7.35 -32.61 17.71
CA LYS B 276 7.44 -32.71 16.26
C LYS B 276 6.07 -32.60 15.59
N ARG B 277 5.05 -32.16 16.32
CA ARG B 277 3.69 -32.17 15.80
C ARG B 277 3.35 -30.86 15.08
N ARG B 278 2.23 -30.90 14.36
CA ARG B 278 1.71 -29.75 13.64
C ARG B 278 0.41 -29.29 14.29
N GLY B 279 0.15 -27.99 14.18
CA GLY B 279 -1.03 -27.39 14.75
C GLY B 279 -0.72 -26.01 15.28
N VAL B 280 -1.62 -25.50 16.11
CA VAL B 280 -1.51 -24.13 16.63
C VAL B 280 -1.67 -24.15 18.14
N THR B 281 -0.85 -23.36 18.82
CA THR B 281 -0.94 -23.15 20.25
C THR B 281 -0.82 -21.66 20.53
N GLN B 282 -1.36 -21.25 21.68
CA GLN B 282 -1.16 -19.89 22.18
C GLN B 282 0.00 -19.82 23.15
N MET B 283 1.01 -20.66 22.92
CA MET B 283 2.22 -20.72 23.74
C MET B 283 3.39 -20.48 22.79
N GLY B 284 3.73 -19.21 22.61
CA GLY B 284 4.69 -18.82 21.58
C GLY B 284 6.13 -19.17 21.91
N ASN B 285 6.37 -19.80 23.07
CA ASN B 285 7.73 -20.16 23.47
C ASN B 285 7.85 -21.65 23.78
N THR B 286 7.08 -22.48 23.11
CA THR B 286 7.17 -23.93 23.28
C THR B 286 6.82 -24.62 21.97
N ASN B 287 7.48 -25.76 21.74
CA ASN B 287 7.18 -26.60 20.59
C ASN B 287 6.22 -27.72 20.90
N TYR B 288 5.73 -27.81 22.14
CA TYR B 288 4.89 -28.91 22.58
C TYR B 288 3.45 -28.63 22.22
N ILE B 289 2.90 -29.39 21.27
CA ILE B 289 1.48 -29.34 20.94
C ILE B 289 0.86 -30.60 21.51
N THR B 290 0.00 -30.43 22.52
CA THR B 290 -0.70 -31.53 23.15
C THR B 290 -2.14 -31.11 23.37
N GLU B 291 -2.96 -32.06 23.81
CA GLU B 291 -4.37 -31.77 24.01
C GLU B 291 -4.57 -30.66 25.03
N ALA B 292 -3.66 -30.52 25.99
CA ALA B 292 -3.76 -29.47 26.98
C ALA B 292 -3.35 -28.11 26.43
N THR B 293 -2.43 -28.09 25.46
CA THR B 293 -1.85 -26.84 24.99
C THR B 293 -2.37 -26.37 23.63
N ILE B 294 -3.04 -27.24 22.87
CA ILE B 294 -3.52 -26.85 21.55
C ILE B 294 -4.58 -25.76 21.70
N MET B 295 -4.68 -24.92 20.67
CA MET B 295 -5.62 -23.80 20.73
C MET B 295 -7.04 -24.30 20.54
N ARG B 296 -7.97 -23.66 21.26
CA ARG B 296 -9.40 -23.89 21.08
C ARG B 296 -10.08 -22.55 20.82
N PRO B 297 -11.23 -22.55 20.15
CA PRO B 297 -11.83 -21.27 19.75
C PRO B 297 -12.11 -20.33 20.91
N ALA B 298 -12.53 -20.86 22.05
CA ALA B 298 -12.89 -20.06 23.21
C ALA B 298 -12.85 -20.96 24.43
N GLU B 299 -13.38 -20.47 25.55
CA GLU B 299 -13.35 -21.19 26.81
C GLU B 299 -14.77 -21.52 27.24
N VAL B 300 -15.01 -22.79 27.54
CA VAL B 300 -16.32 -23.22 28.02
C VAL B 300 -16.28 -23.21 29.55
N GLY B 301 -17.10 -22.36 30.15
CA GLY B 301 -17.11 -22.22 31.59
C GLY B 301 -16.00 -21.29 32.07
N TYR B 302 -16.00 -21.05 33.38
CA TYR B 302 -14.98 -20.20 33.97
C TYR B 302 -14.75 -20.61 35.42
N SER B 303 -13.58 -20.23 35.94
CA SER B 303 -13.28 -20.43 37.34
C SER B 303 -13.66 -19.18 38.13
N ALA B 304 -14.25 -19.39 39.30
CA ALA B 304 -14.70 -18.31 40.15
C ALA B 304 -14.24 -18.56 41.57
N PRO B 305 -14.06 -17.52 42.39
CA PRO B 305 -13.72 -17.75 43.79
C PRO B 305 -14.89 -18.38 44.52
N TYR B 306 -14.71 -19.62 44.97
CA TYR B 306 -15.81 -20.41 45.49
C TYR B 306 -15.85 -20.31 47.01
N TYR B 307 -17.09 -20.28 47.53
CA TYR B 307 -17.36 -19.82 48.89
C TYR B 307 -16.59 -18.54 49.18
N SER B 308 -16.77 -17.57 48.29
CA SER B 308 -16.28 -16.22 48.47
C SER B 308 -17.40 -15.34 48.99
N PHE B 309 -17.21 -14.73 50.16
CA PHE B 309 -18.19 -13.86 50.76
C PHE B 309 -17.73 -12.42 50.63
N GLU B 310 -18.57 -11.59 50.03
CA GLU B 310 -18.26 -10.18 49.79
C GLU B 310 -19.21 -9.31 50.59
N ALA B 311 -18.68 -8.21 51.10
CA ALA B 311 -19.44 -7.29 51.94
C ALA B 311 -19.71 -6.00 51.20
N SER B 312 -20.87 -5.42 51.48
CA SER B 312 -21.26 -4.12 50.97
C SER B 312 -21.98 -3.40 52.10
N THR B 313 -22.73 -2.34 51.75
CA THR B 313 -23.44 -1.58 52.76
C THR B 313 -24.26 -2.47 53.69
N GLN B 314 -24.91 -3.49 53.14
CA GLN B 314 -25.86 -4.28 53.89
C GLN B 314 -25.24 -5.47 54.62
N GLY B 315 -23.98 -5.79 54.35
CA GLY B 315 -23.33 -6.90 55.02
C GLY B 315 -22.83 -7.96 54.06
N PRO B 316 -22.27 -9.03 54.59
CA PRO B 316 -21.69 -10.07 53.74
C PRO B 316 -22.73 -10.86 52.97
N PHE B 317 -22.36 -11.26 51.76
CA PHE B 317 -23.17 -12.14 50.94
C PHE B 317 -22.26 -13.04 50.11
N LYS B 318 -22.74 -14.24 49.81
CA LYS B 318 -21.97 -15.18 49.01
C LYS B 318 -21.92 -14.73 47.56
N THR B 319 -20.74 -14.74 46.98
CA THR B 319 -20.60 -14.44 45.57
C THR B 319 -21.23 -15.55 44.75
N PRO B 320 -22.27 -15.28 43.96
CA PRO B 320 -22.89 -16.34 43.16
C PRO B 320 -21.99 -16.80 42.02
N ILE B 321 -22.25 -18.03 41.58
CA ILE B 321 -21.51 -18.66 40.49
C ILE B 321 -22.52 -19.26 39.52
N ALA B 322 -22.23 -19.13 38.22
CA ALA B 322 -23.21 -19.45 37.19
C ALA B 322 -23.19 -20.91 36.74
N ALA B 323 -22.28 -21.73 37.26
CA ALA B 323 -22.17 -23.12 36.84
C ALA B 323 -21.79 -23.98 38.03
N GLY B 324 -22.10 -25.27 37.92
CA GLY B 324 -21.87 -26.20 38.99
C GLY B 324 -20.47 -26.78 39.00
N ARG B 325 -20.25 -27.69 39.95
CA ARG B 325 -18.94 -28.26 40.17
C ARG B 325 -18.66 -29.39 39.18
N GLY B 326 -17.40 -29.79 39.11
CA GLY B 326 -17.01 -30.92 38.30
C GLY B 326 -16.79 -32.17 39.12
N GLY B 327 -17.21 -33.30 38.56
CA GLY B 327 -17.11 -34.57 39.24
C GLY B 327 -18.25 -34.89 40.18
N ALA B 328 -19.19 -33.96 40.37
CA ALA B 328 -20.34 -34.24 41.23
C ALA B 328 -21.28 -35.26 40.63
N GLN B 329 -21.28 -35.40 39.30
CA GLN B 329 -22.17 -36.38 38.67
C GLN B 329 -21.77 -37.81 39.04
N THR B 330 -20.48 -38.06 39.25
CA THR B 330 -20.01 -39.39 39.61
C THR B 330 -20.13 -39.66 41.10
N ASP B 331 -19.90 -38.65 41.94
CA ASP B 331 -19.99 -38.78 43.39
C ASP B 331 -20.71 -37.54 43.92
N GLU B 332 -21.95 -37.73 44.39
CA GLU B 332 -22.75 -36.60 44.84
C GLU B 332 -22.16 -35.93 46.08
N ASN B 333 -21.30 -36.64 46.83
CA ASN B 333 -20.72 -36.04 48.01
C ASN B 333 -19.84 -34.83 47.68
N GLN B 334 -19.45 -34.68 46.41
CA GLN B 334 -18.65 -33.54 45.98
C GLN B 334 -19.51 -32.40 45.43
N ALA B 335 -20.83 -32.50 45.52
CA ALA B 335 -21.68 -31.40 45.11
C ALA B 335 -21.44 -30.20 46.04
N ALA B 336 -21.10 -29.07 45.44
CA ALA B 336 -20.63 -27.91 46.20
C ALA B 336 -21.03 -26.63 45.51
N ASP B 337 -20.35 -25.53 45.85
CA ASP B 337 -20.63 -24.22 45.27
C ASP B 337 -21.09 -24.33 43.82
N GLY B 338 -22.21 -23.69 43.52
CA GLY B 338 -22.76 -23.69 42.18
C GLY B 338 -23.88 -24.67 41.95
N ASP B 339 -24.01 -25.68 42.80
CA ASP B 339 -25.11 -26.63 42.70
C ASP B 339 -26.23 -26.19 43.63
N PRO B 340 -27.34 -25.67 43.11
CA PRO B 340 -28.37 -25.13 44.00
C PRO B 340 -28.96 -26.20 44.89
N ARG B 341 -29.26 -25.82 46.13
CA ARG B 341 -29.84 -26.70 47.12
C ARG B 341 -31.18 -26.13 47.55
N TYR B 342 -32.23 -26.94 47.46
CA TYR B 342 -33.58 -26.51 47.72
C TYR B 342 -34.09 -27.17 49.00
N ALA B 343 -34.66 -26.37 49.89
CA ALA B 343 -35.29 -26.85 51.11
C ALA B 343 -36.76 -26.46 51.07
N PHE B 344 -37.64 -27.44 51.26
CA PHE B 344 -39.06 -27.23 51.04
C PHE B 344 -39.85 -28.03 52.05
N GLY B 345 -41.13 -27.69 52.16
CA GLY B 345 -42.02 -28.34 53.09
C GLY B 345 -43.01 -29.28 52.40
N ARG B 346 -44.14 -29.49 53.07
CA ARG B 346 -45.10 -30.49 52.63
C ARG B 346 -46.01 -29.97 51.52
N GLN B 347 -46.14 -28.65 51.38
CA GLN B 347 -46.89 -28.10 50.27
C GLN B 347 -46.16 -28.21 48.95
N HIS B 348 -44.83 -28.39 48.99
CA HIS B 348 -44.01 -28.27 47.79
C HIS B 348 -43.13 -29.48 47.55
N GLY B 349 -43.53 -30.66 48.00
CA GLY B 349 -42.85 -31.88 47.61
C GLY B 349 -42.51 -32.84 48.73
N GLN B 350 -42.44 -32.36 49.97
CA GLN B 350 -42.13 -33.24 51.08
C GLN B 350 -43.31 -34.16 51.37
N LYS B 351 -42.99 -35.38 51.78
CA LYS B 351 -44.02 -36.37 52.11
C LYS B 351 -45.06 -35.74 53.02
N THR B 352 -46.30 -35.66 52.54
CA THR B 352 -47.32 -34.90 53.26
C THR B 352 -47.70 -35.54 54.59
N THR B 353 -47.29 -36.77 54.82
CA THR B 353 -47.61 -37.48 56.06
C THR B 353 -46.47 -37.44 57.08
N THR B 354 -45.37 -36.78 56.75
CA THR B 354 -44.28 -36.65 57.70
C THR B 354 -44.60 -35.60 58.75
N THR B 355 -43.93 -35.70 59.90
CA THR B 355 -44.09 -34.77 60.99
C THR B 355 -42.74 -34.18 61.38
N GLY B 356 -42.78 -33.00 61.98
CA GLY B 356 -41.57 -32.30 62.36
C GLY B 356 -41.19 -31.24 61.33
N GLU B 357 -40.56 -30.18 61.84
CA GLU B 357 -40.21 -29.03 61.02
C GLU B 357 -38.83 -29.16 60.39
N THR B 358 -38.32 -30.37 60.27
CA THR B 358 -37.14 -30.62 59.45
C THR B 358 -37.57 -30.67 57.99
N PRO B 359 -37.05 -29.81 57.13
CA PRO B 359 -37.53 -29.79 55.74
C PRO B 359 -36.89 -30.88 54.89
N GLU B 360 -37.46 -31.07 53.71
CA GLU B 360 -36.89 -31.95 52.72
C GLU B 360 -35.94 -31.17 51.82
N ARG B 361 -34.78 -31.76 51.53
CA ARG B 361 -33.75 -31.06 50.80
C ARG B 361 -33.17 -31.93 49.71
N PHE B 362 -32.71 -31.29 48.64
CA PHE B 362 -31.96 -31.94 47.59
C PHE B 362 -31.03 -30.92 46.96
N THR B 363 -29.93 -31.40 46.41
CA THR B 363 -29.01 -30.59 45.62
C THR B 363 -29.17 -30.98 44.16
N TYR B 364 -29.24 -29.97 43.29
CA TYR B 364 -29.45 -30.20 41.86
C TYR B 364 -28.09 -30.30 41.17
N ILE B 365 -27.79 -31.48 40.64
CA ILE B 365 -26.54 -31.71 39.91
C ILE B 365 -26.91 -31.76 38.44
N ALA B 366 -26.87 -30.60 37.78
CA ALA B 366 -27.25 -30.53 36.38
C ALA B 366 -26.39 -31.45 35.52
N HIS B 367 -26.87 -31.71 34.31
CA HIS B 367 -26.13 -32.56 33.38
C HIS B 367 -25.10 -31.80 32.56
N GLN B 368 -25.18 -30.47 32.50
CA GLN B 368 -24.26 -29.71 31.69
C GLN B 368 -22.86 -29.76 32.30
N ASP B 369 -21.87 -30.10 31.48
CA ASP B 369 -20.48 -30.17 31.92
C ASP B 369 -19.76 -28.85 31.61
N THR B 370 -20.16 -27.81 32.34
CA THR B 370 -19.58 -26.49 32.20
C THR B 370 -18.85 -26.05 33.47
N GLY B 371 -18.56 -26.97 34.38
CA GLY B 371 -17.92 -26.66 35.64
C GLY B 371 -16.42 -26.87 35.62
N ARG B 372 -15.82 -26.73 36.79
CA ARG B 372 -14.38 -26.84 36.96
C ARG B 372 -14.05 -27.84 38.06
N TYR B 373 -12.93 -28.53 37.88
CA TYR B 373 -12.37 -29.43 38.88
C TYR B 373 -11.13 -28.74 39.45
N PRO B 374 -11.27 -27.89 40.47
CA PRO B 374 -10.11 -27.09 40.90
C PRO B 374 -8.94 -27.92 41.37
N GLU B 375 -9.16 -29.16 41.81
CA GLU B 375 -8.04 -30.01 42.18
C GLU B 375 -7.16 -30.36 40.99
N GLY B 376 -7.63 -30.11 39.77
CA GLY B 376 -6.84 -30.42 38.59
C GLY B 376 -6.17 -29.21 37.97
N ASP B 377 -6.50 -28.02 38.45
CA ASP B 377 -5.91 -26.80 37.94
C ASP B 377 -4.50 -26.62 38.48
N TRP B 378 -3.67 -25.91 37.72
CA TRP B 378 -2.36 -25.51 38.18
C TRP B 378 -1.87 -24.35 37.34
N ILE B 379 -0.94 -23.59 37.89
CA ILE B 379 -0.26 -22.49 37.20
C ILE B 379 1.23 -22.74 37.28
N GLN B 380 1.93 -22.49 36.18
CA GLN B 380 3.37 -22.67 36.15
C GLN B 380 4.03 -21.52 35.41
N ASN B 381 5.34 -21.41 35.58
CA ASN B 381 6.09 -20.24 35.14
C ASN B 381 6.05 -20.13 33.62
N ILE B 382 6.21 -18.89 33.13
CA ILE B 382 6.12 -18.61 31.70
C ILE B 382 7.18 -19.36 30.90
N ASN B 383 8.30 -19.71 31.53
CA ASN B 383 9.36 -20.41 30.80
C ASN B 383 8.88 -21.74 30.26
N PHE B 384 8.08 -22.47 31.03
CA PHE B 384 7.51 -23.74 30.59
C PHE B 384 8.59 -24.78 30.33
N ASN B 385 9.39 -25.05 31.36
CA ASN B 385 10.32 -26.16 31.34
C ASN B 385 9.69 -27.38 31.99
N LEU B 386 9.84 -28.53 31.34
CA LEU B 386 9.19 -29.74 31.82
C LEU B 386 10.21 -30.86 32.02
N PRO B 387 10.02 -31.71 33.03
CA PRO B 387 8.96 -31.67 34.04
C PRO B 387 9.14 -30.50 34.98
N VAL B 388 8.06 -29.81 35.33
CA VAL B 388 8.17 -28.56 36.07
C VAL B 388 8.65 -28.82 37.48
N THR B 389 9.53 -27.96 37.98
CA THR B 389 10.08 -28.08 39.31
C THR B 389 9.20 -27.33 40.32
N ASP B 390 9.50 -27.56 41.60
CA ASP B 390 8.62 -27.08 42.66
C ASP B 390 8.47 -25.56 42.63
N ASP B 391 9.57 -24.85 42.43
CA ASP B 391 9.53 -23.39 42.54
C ASP B 391 8.81 -22.74 41.38
N ASN B 392 8.56 -23.46 40.29
CA ASN B 392 8.02 -22.89 39.07
C ASN B 392 6.58 -23.31 38.79
N VAL B 393 5.90 -23.91 39.77
CA VAL B 393 4.51 -24.34 39.61
C VAL B 393 3.76 -24.02 40.89
N LEU B 394 2.51 -23.60 40.73
CA LEU B 394 1.61 -23.34 41.85
C LEU B 394 0.45 -24.32 41.77
N LEU B 395 0.34 -25.18 42.77
CA LEU B 395 -0.62 -26.28 42.76
C LEU B 395 -1.79 -26.00 43.68
N PRO B 396 -2.93 -26.66 43.48
CA PRO B 396 -4.04 -26.51 44.42
C PRO B 396 -3.71 -26.96 45.82
N THR B 397 -2.64 -27.71 46.01
CA THR B 397 -2.20 -28.13 47.33
C THR B 397 -1.29 -27.12 48.01
N ASP B 398 -0.91 -26.05 47.32
CA ASP B 398 0.00 -25.07 47.90
C ASP B 398 -0.79 -24.05 48.72
N PRO B 399 -0.30 -23.64 49.87
CA PRO B 399 -1.06 -22.70 50.71
C PRO B 399 -0.98 -21.27 50.21
N ILE B 400 -2.06 -20.53 50.43
CA ILE B 400 -2.15 -19.11 50.09
C ILE B 400 -2.47 -18.34 51.36
N GLY B 401 -1.68 -17.29 51.62
CA GLY B 401 -1.83 -16.55 52.85
C GLY B 401 -1.28 -17.25 54.07
N GLY B 402 -0.54 -18.35 53.88
CA GLY B 402 -0.05 -19.13 54.97
C GLY B 402 -1.02 -20.16 55.50
N LYS B 403 -2.17 -20.34 54.87
CA LYS B 403 -3.22 -21.23 55.36
C LYS B 403 -3.10 -22.59 54.68
N THR B 404 -3.09 -23.64 55.49
CA THR B 404 -3.05 -25.00 54.95
C THR B 404 -4.36 -25.39 54.28
N GLY B 405 -5.43 -24.62 54.49
CA GLY B 405 -6.73 -24.95 53.94
C GLY B 405 -7.23 -24.05 52.83
N ILE B 406 -6.42 -23.10 52.38
CA ILE B 406 -6.81 -22.20 51.30
C ILE B 406 -5.71 -22.23 50.23
N ASN B 407 -6.12 -22.43 48.98
CA ASN B 407 -5.20 -22.51 47.86
C ASN B 407 -5.62 -21.47 46.83
N TYR B 408 -4.81 -21.35 45.78
CA TYR B 408 -5.01 -20.27 44.82
C TYR B 408 -6.36 -20.40 44.12
N THR B 409 -6.83 -21.63 43.92
CA THR B 409 -8.11 -21.82 43.25
C THR B 409 -9.25 -21.17 44.00
N ASN B 410 -9.09 -20.92 45.30
CA ASN B 410 -10.15 -20.28 46.06
C ASN B 410 -10.33 -18.82 45.66
N ILE B 411 -9.25 -18.14 45.29
CA ILE B 411 -9.29 -16.72 44.92
C ILE B 411 -9.12 -16.52 43.43
N PHE B 412 -9.51 -17.48 42.62
CA PHE B 412 -9.12 -17.55 41.22
C PHE B 412 -10.30 -17.23 40.32
N ASN B 413 -10.13 -16.25 39.45
CA ASN B 413 -11.14 -15.86 38.48
C ASN B 413 -10.54 -15.92 37.09
N THR B 414 -11.16 -16.69 36.20
CA THR B 414 -10.75 -16.77 34.80
C THR B 414 -11.84 -16.33 33.85
N TYR B 415 -12.85 -15.61 34.34
CA TYR B 415 -13.83 -15.03 33.44
C TYR B 415 -13.17 -14.03 32.51
N GLY B 416 -13.48 -14.13 31.23
CA GLY B 416 -12.88 -13.28 30.23
C GLY B 416 -13.75 -13.16 29.00
N PRO B 417 -13.24 -12.47 27.98
CA PRO B 417 -14.01 -12.30 26.75
C PRO B 417 -14.19 -13.59 25.96
N LEU B 418 -13.49 -14.66 26.33
CA LEU B 418 -13.60 -15.94 25.65
C LEU B 418 -14.46 -16.94 26.42
N THR B 419 -15.25 -16.48 27.38
CA THR B 419 -16.06 -17.38 28.19
C THR B 419 -17.40 -17.63 27.52
N ALA B 420 -17.75 -18.91 27.38
CA ALA B 420 -19.07 -19.34 26.94
C ALA B 420 -19.69 -20.16 28.04
N LEU B 421 -20.95 -19.89 28.35
CA LEU B 421 -21.66 -20.65 29.36
C LEU B 421 -23.14 -20.66 29.04
N ASN B 422 -23.85 -21.59 29.66
CA ASN B 422 -25.27 -21.79 29.40
C ASN B 422 -26.10 -21.15 30.50
N ASN B 423 -27.37 -20.90 30.18
CA ASN B 423 -28.33 -20.43 31.16
C ASN B 423 -28.71 -21.56 32.10
N VAL B 424 -29.17 -21.21 33.29
CA VAL B 424 -29.45 -22.22 34.31
C VAL B 424 -30.58 -23.11 33.84
N PRO B 425 -30.59 -24.39 34.21
CA PRO B 425 -31.68 -25.27 33.77
C PRO B 425 -32.90 -25.10 34.65
N PRO B 426 -34.09 -25.42 34.13
CA PRO B 426 -35.27 -25.49 35.01
C PRO B 426 -35.08 -26.56 36.08
N VAL B 427 -35.60 -26.30 37.26
CA VAL B 427 -35.56 -27.24 38.37
C VAL B 427 -37.00 -27.56 38.74
N TYR B 428 -37.41 -28.80 38.48
CA TYR B 428 -38.76 -29.22 38.81
C TYR B 428 -38.78 -29.93 40.15
N PRO B 429 -39.77 -29.67 41.01
CA PRO B 429 -40.86 -28.69 40.88
C PRO B 429 -40.54 -27.34 41.53
N ASN B 430 -39.55 -27.28 42.42
CA ASN B 430 -39.37 -26.11 43.27
C ASN B 430 -38.71 -24.93 42.56
N GLY B 431 -38.20 -25.12 41.36
CA GLY B 431 -37.53 -24.04 40.68
C GLY B 431 -38.48 -22.93 40.28
N GLN B 432 -37.95 -21.71 40.27
CA GLN B 432 -38.67 -20.57 39.74
C GLN B 432 -38.75 -20.67 38.22
N ILE B 433 -39.80 -20.07 37.65
CA ILE B 433 -40.01 -20.12 36.20
C ILE B 433 -39.45 -18.84 35.57
N TRP B 434 -40.01 -17.69 35.94
CA TRP B 434 -39.56 -16.42 35.41
C TRP B 434 -39.07 -15.52 36.53
N ASP B 435 -38.24 -14.55 36.16
CA ASP B 435 -37.72 -13.56 37.09
C ASP B 435 -37.69 -12.21 36.40
N LYS B 436 -37.59 -11.16 37.20
CA LYS B 436 -37.57 -9.81 36.65
C LYS B 436 -36.13 -9.34 36.46
N GLU B 437 -35.89 -8.64 35.36
CA GLU B 437 -34.56 -8.12 35.08
C GLU B 437 -34.22 -6.98 36.03
N PHE B 438 -32.94 -6.89 36.38
CA PHE B 438 -32.48 -5.80 37.23
C PHE B 438 -32.66 -4.46 36.53
N ASP B 439 -32.96 -3.44 37.32
CA ASP B 439 -33.12 -2.09 36.79
C ASP B 439 -31.81 -1.33 36.74
N THR B 440 -30.70 -2.03 36.69
CA THR B 440 -29.40 -1.41 36.52
C THR B 440 -29.19 -1.00 35.07
N ASP B 441 -28.23 -0.10 34.86
CA ASP B 441 -27.90 0.31 33.50
C ASP B 441 -27.25 -0.82 32.72
N LEU B 442 -26.29 -1.51 33.33
CA LEU B 442 -25.63 -2.66 32.73
C LEU B 442 -26.18 -3.91 33.39
N LYS B 443 -26.71 -4.81 32.60
CA LYS B 443 -27.50 -5.90 33.15
C LYS B 443 -26.73 -7.21 33.17
N PRO B 444 -27.09 -8.12 34.07
CA PRO B 444 -26.41 -9.42 34.12
C PRO B 444 -26.75 -10.27 32.91
N ARG B 445 -25.83 -11.15 32.55
CA ARG B 445 -26.03 -12.00 31.37
C ARG B 445 -27.04 -13.11 31.65
N LEU B 446 -27.23 -13.48 32.91
CA LEU B 446 -28.24 -14.46 33.27
C LEU B 446 -28.59 -14.30 34.74
N HIS B 447 -29.70 -14.92 35.13
CA HIS B 447 -30.08 -15.06 36.52
C HIS B 447 -29.93 -16.51 36.94
N VAL B 448 -29.41 -16.73 38.14
CA VAL B 448 -29.16 -18.10 38.58
C VAL B 448 -30.40 -18.78 39.15
N ASN B 449 -31.51 -18.04 39.31
CA ASN B 449 -32.68 -18.60 39.97
C ASN B 449 -33.79 -18.98 38.99
N ALA B 450 -33.88 -18.34 37.83
CA ALA B 450 -34.93 -18.64 36.87
C ALA B 450 -34.34 -18.75 35.47
N PRO B 451 -34.86 -19.67 34.64
CA PRO B 451 -34.38 -19.75 33.26
C PRO B 451 -34.92 -18.67 32.36
N PHE B 452 -36.04 -18.05 32.71
CA PHE B 452 -36.64 -16.98 31.92
C PHE B 452 -36.51 -15.67 32.68
N VAL B 453 -35.87 -14.69 32.06
CA VAL B 453 -35.67 -13.37 32.64
C VAL B 453 -36.48 -12.38 31.83
N CYS B 454 -37.17 -11.49 32.53
CA CYS B 454 -38.15 -10.60 31.91
C CYS B 454 -37.46 -9.31 31.48
N GLN B 455 -37.40 -9.07 30.17
CA GLN B 455 -36.65 -7.92 29.67
C GLN B 455 -37.28 -6.61 30.09
N ASN B 456 -38.53 -6.39 29.70
CA ASN B 456 -39.17 -5.09 29.93
C ASN B 456 -39.96 -5.09 31.24
N ASN B 457 -40.94 -5.96 31.34
CA ASN B 457 -41.75 -6.10 32.54
C ASN B 457 -42.40 -7.47 32.51
N CYS B 458 -42.83 -7.94 33.68
CA CYS B 458 -43.68 -9.12 33.61
C CYS B 458 -44.58 -9.24 34.83
N PRO B 459 -45.48 -10.24 34.87
CA PRO B 459 -46.81 -10.00 35.44
C PRO B 459 -46.74 -9.35 36.81
N GLY B 460 -47.67 -8.42 37.04
CA GLY B 460 -47.76 -7.77 38.32
C GLY B 460 -48.06 -8.76 39.42
N GLN B 461 -47.53 -8.49 40.61
CA GLN B 461 -47.79 -9.35 41.75
C GLN B 461 -49.23 -9.14 42.22
N LEU B 462 -49.87 -10.24 42.60
CA LEU B 462 -51.27 -10.23 43.01
C LEU B 462 -51.34 -10.30 44.53
N PHE B 463 -52.02 -9.34 45.13
CA PHE B 463 -52.09 -9.20 46.58
C PHE B 463 -53.54 -9.32 47.04
N VAL B 464 -53.73 -9.94 48.20
CA VAL B 464 -55.06 -10.20 48.72
C VAL B 464 -55.07 -9.87 50.22
N LYS B 465 -56.20 -9.35 50.69
CA LYS B 465 -56.33 -8.98 52.10
C LYS B 465 -57.80 -8.97 52.45
N VAL B 466 -58.12 -9.46 53.66
CA VAL B 466 -59.48 -9.45 54.13
C VAL B 466 -59.83 -8.05 54.63
N ALA B 467 -60.88 -7.47 54.07
CA ALA B 467 -61.28 -6.13 54.47
C ALA B 467 -61.60 -6.12 55.96
N PRO B 468 -61.16 -5.11 56.71
CA PRO B 468 -61.37 -5.13 58.16
C PRO B 468 -62.83 -5.19 58.55
N ASN B 469 -63.20 -6.28 59.24
CA ASN B 469 -64.56 -6.47 59.73
C ASN B 469 -64.59 -5.92 61.15
N LEU B 470 -65.17 -4.74 61.31
CA LEU B 470 -65.08 -4.02 62.58
C LEU B 470 -66.23 -4.35 63.50
N THR B 471 -65.99 -4.20 64.80
CA THR B 471 -67.04 -4.30 65.79
C THR B 471 -67.62 -2.92 66.06
N ASN B 472 -68.59 -2.87 66.98
CA ASN B 472 -69.24 -1.61 67.31
C ASN B 472 -68.42 -0.75 68.27
N GLN B 473 -67.33 -1.28 68.82
CA GLN B 473 -66.53 -0.57 69.80
C GLN B 473 -65.30 0.10 69.20
N TYR B 474 -65.30 0.35 67.90
CA TYR B 474 -64.12 0.92 67.26
C TYR B 474 -63.92 2.38 67.69
N ASP B 475 -62.66 2.74 67.92
CA ASP B 475 -62.26 4.09 68.27
C ASP B 475 -60.91 4.38 67.65
N PRO B 476 -60.84 5.08 66.51
CA PRO B 476 -59.56 5.26 65.82
C PRO B 476 -58.52 6.03 66.62
N ASP B 477 -58.93 6.81 67.61
CA ASP B 477 -57.99 7.57 68.43
C ASP B 477 -57.33 6.73 69.51
N ALA B 478 -57.72 5.47 69.67
CA ALA B 478 -57.13 4.63 70.69
C ALA B 478 -55.78 4.10 70.25
N SER B 479 -54.80 4.12 71.15
CA SER B 479 -53.49 3.60 70.85
C SER B 479 -53.47 2.07 70.81
N ALA B 480 -54.46 1.42 71.43
CA ALA B 480 -54.48 -0.03 71.51
C ALA B 480 -54.79 -0.65 70.15
N ASN B 481 -54.79 -1.98 70.11
CA ASN B 481 -55.04 -2.68 68.87
C ASN B 481 -56.50 -2.54 68.45
N MET B 482 -56.72 -2.62 67.14
CA MET B 482 -58.07 -2.50 66.59
C MET B 482 -58.88 -3.74 66.90
N SER B 483 -60.15 -3.55 67.25
CA SER B 483 -61.05 -4.66 67.55
C SER B 483 -61.73 -5.08 66.26
N ARG B 484 -61.50 -6.33 65.85
CA ARG B 484 -62.03 -6.85 64.59
C ARG B 484 -62.75 -8.16 64.84
N ILE B 485 -63.72 -8.46 63.97
CA ILE B 485 -64.36 -9.76 63.98
C ILE B 485 -63.42 -10.77 63.34
N VAL B 486 -63.29 -11.94 63.95
CA VAL B 486 -62.40 -12.97 63.41
C VAL B 486 -62.98 -13.45 62.10
N THR B 487 -62.37 -13.03 61.00
CA THR B 487 -62.88 -13.27 59.66
C THR B 487 -61.80 -13.93 58.82
N TYR B 488 -62.20 -14.90 58.00
CA TYR B 488 -61.30 -15.57 57.08
C TYR B 488 -62.02 -15.79 55.77
N SER B 489 -61.24 -15.76 54.69
CA SER B 489 -61.77 -15.87 53.34
C SER B 489 -61.19 -17.08 52.64
N ASP B 490 -62.06 -17.83 51.97
CA ASP B 490 -61.63 -18.90 51.07
C ASP B 490 -62.06 -18.54 49.66
N PHE B 491 -61.11 -18.55 48.74
CA PHE B 491 -61.38 -18.21 47.35
C PHE B 491 -60.63 -19.17 46.45
N TRP B 492 -61.14 -19.34 45.24
CA TRP B 492 -60.51 -20.20 44.25
C TRP B 492 -59.66 -19.37 43.30
N TRP B 493 -58.46 -19.85 43.02
CA TRP B 493 -57.52 -19.20 42.11
C TRP B 493 -57.31 -20.10 40.90
N LYS B 494 -57.55 -19.56 39.71
CA LYS B 494 -57.27 -20.25 38.47
C LYS B 494 -56.21 -19.48 37.70
N GLY B 495 -55.22 -20.20 37.18
CA GLY B 495 -54.19 -19.61 36.36
C GLY B 495 -54.05 -20.36 35.05
N LYS B 496 -53.56 -19.66 34.03
CA LYS B 496 -53.25 -20.27 32.74
C LYS B 496 -51.89 -19.77 32.30
N LEU B 497 -50.93 -20.68 32.22
CA LEU B 497 -49.57 -20.38 31.80
C LEU B 497 -49.31 -21.10 30.48
N VAL B 498 -48.90 -20.35 29.47
CA VAL B 498 -48.78 -20.85 28.10
C VAL B 498 -47.30 -20.94 27.74
N PHE B 499 -46.91 -22.08 27.19
CA PHE B 499 -45.56 -22.31 26.68
C PHE B 499 -45.63 -22.73 25.22
N LYS B 500 -44.51 -22.53 24.53
CA LYS B 500 -44.34 -23.03 23.17
C LYS B 500 -43.03 -23.80 23.11
N ALA B 501 -43.12 -25.08 22.76
CA ALA B 501 -41.96 -25.97 22.77
C ALA B 501 -41.73 -26.55 21.38
N LYS B 502 -40.50 -26.96 21.13
CA LYS B 502 -40.10 -27.59 19.88
C LYS B 502 -39.83 -29.07 20.12
N LEU B 503 -40.40 -29.91 19.25
CA LEU B 503 -40.16 -31.34 19.34
C LEU B 503 -38.72 -31.66 18.95
N ARG B 504 -38.15 -32.67 19.60
CA ARG B 504 -36.76 -33.01 19.37
C ARG B 504 -36.61 -34.00 18.22
N ALA B 505 -35.47 -33.93 17.56
CA ALA B 505 -35.10 -34.89 16.53
C ALA B 505 -34.03 -35.83 17.07
N SER B 506 -33.78 -36.90 16.32
CA SER B 506 -32.73 -37.86 16.63
C SER B 506 -31.61 -37.67 15.62
N HIS B 507 -30.48 -37.12 16.09
CA HIS B 507 -29.35 -36.81 15.23
C HIS B 507 -28.23 -37.85 15.31
N THR B 508 -28.39 -38.87 16.13
CA THR B 508 -27.32 -39.81 16.40
C THR B 508 -27.84 -41.24 16.31
N TRP B 509 -26.92 -42.15 16.02
CA TRP B 509 -27.27 -43.57 15.99
C TRP B 509 -27.74 -44.03 17.37
N ASN B 510 -27.06 -43.60 18.42
CA ASN B 510 -27.36 -44.08 19.75
C ASN B 510 -28.66 -43.46 20.27
N PRO B 511 -29.34 -44.14 21.18
CA PRO B 511 -30.42 -43.48 21.92
C PRO B 511 -29.86 -42.55 22.99
N ILE B 512 -30.71 -41.62 23.42
CA ILE B 512 -30.31 -40.63 24.39
C ILE B 512 -30.99 -40.93 25.72
N GLN B 513 -30.49 -40.33 26.79
CA GLN B 513 -31.08 -40.53 28.10
C GLN B 513 -32.47 -39.91 28.17
N GLN B 514 -33.36 -40.58 28.90
CA GLN B 514 -34.75 -40.17 29.05
C GLN B 514 -35.17 -40.40 30.49
N MET B 515 -36.18 -39.66 30.92
CA MET B 515 -36.77 -39.89 32.23
C MET B 515 -37.72 -41.08 32.14
N SER B 516 -37.72 -41.91 33.18
CA SER B 516 -38.54 -43.11 33.17
C SER B 516 -38.91 -43.51 34.59
N ILE B 517 -40.03 -44.21 34.71
CA ILE B 517 -40.40 -44.83 35.97
C ILE B 517 -39.77 -46.21 36.07
N ASN B 518 -39.25 -46.54 37.24
CA ASN B 518 -38.62 -47.83 37.46
C ASN B 518 -38.98 -48.30 38.87
N VAL B 519 -38.51 -49.50 39.20
CA VAL B 519 -38.86 -50.13 40.47
C VAL B 519 -38.32 -49.34 41.65
N ASP B 520 -37.20 -48.63 41.46
CA ASP B 520 -36.64 -47.86 42.56
C ASP B 520 -37.47 -46.62 42.87
N ASN B 521 -37.89 -45.89 41.84
CA ASN B 521 -38.62 -44.64 42.01
C ASN B 521 -40.12 -44.80 41.85
N GLN B 522 -40.63 -46.02 41.84
CA GLN B 522 -42.04 -46.27 41.60
C GLN B 522 -42.93 -45.47 42.55
N PHE B 523 -42.63 -45.52 43.84
CA PHE B 523 -43.52 -44.99 44.87
C PHE B 523 -43.28 -43.52 45.15
N ASN B 524 -42.48 -42.84 44.33
CA ASN B 524 -42.38 -41.40 44.39
C ASN B 524 -43.50 -40.70 43.62
N TYR B 525 -44.31 -41.45 42.89
CA TYR B 525 -45.28 -40.89 41.97
C TYR B 525 -46.71 -41.36 42.24
N VAL B 526 -46.93 -42.07 43.33
CA VAL B 526 -48.27 -42.55 43.69
C VAL B 526 -48.54 -42.27 45.15
N PRO B 527 -49.79 -42.11 45.56
CA PRO B 527 -50.08 -41.79 46.97
C PRO B 527 -49.85 -42.98 47.88
N SER B 528 -49.66 -42.69 49.16
CA SER B 528 -49.52 -43.73 50.17
C SER B 528 -50.90 -44.23 50.60
N ASN B 529 -50.90 -45.30 51.39
CA ASN B 529 -52.15 -45.91 51.81
C ASN B 529 -52.92 -44.99 52.75
N ILE B 530 -52.25 -44.03 53.38
CA ILE B 530 -52.92 -43.07 54.26
C ILE B 530 -53.08 -41.74 53.54
N GLY B 531 -52.97 -41.76 52.21
CA GLY B 531 -53.19 -40.57 51.42
C GLY B 531 -52.00 -39.65 51.28
N GLY B 532 -50.82 -40.06 51.73
CA GLY B 532 -49.66 -39.20 51.64
C GLY B 532 -49.10 -39.14 50.23
N MET B 533 -48.54 -37.98 49.89
CA MET B 533 -47.92 -37.75 48.59
C MET B 533 -46.58 -37.07 48.76
N LYS B 534 -45.78 -37.16 47.72
CA LYS B 534 -44.52 -36.45 47.60
C LYS B 534 -44.25 -36.18 46.14
N ILE B 535 -43.40 -35.19 45.87
CA ILE B 535 -42.92 -34.88 44.52
C ILE B 535 -41.41 -34.77 44.59
N VAL B 536 -40.71 -35.79 44.07
CA VAL B 536 -39.27 -35.71 44.00
C VAL B 536 -38.85 -34.78 42.86
N TYR B 537 -37.59 -34.37 42.89
CA TYR B 537 -37.09 -33.47 41.87
C TYR B 537 -36.73 -34.23 40.61
N GLU B 538 -36.90 -33.57 39.47
CA GLU B 538 -36.63 -34.15 38.17
C GLU B 538 -35.69 -33.25 37.38
N LYS B 539 -34.81 -33.86 36.61
CA LYS B 539 -33.86 -33.12 35.80
C LYS B 539 -34.48 -32.78 34.45
N SER B 540 -33.98 -31.72 33.82
CA SER B 540 -34.67 -31.08 32.71
C SER B 540 -33.93 -31.12 31.38
N GLN B 541 -32.60 -31.15 31.40
CA GLN B 541 -31.80 -31.03 30.18
C GLN B 541 -31.26 -32.39 29.73
N LEU B 542 -32.10 -33.41 29.80
CA LEU B 542 -31.65 -34.79 29.66
C LEU B 542 -30.90 -35.00 28.34
N ALA B 543 -31.46 -34.54 27.23
CA ALA B 543 -30.86 -34.84 25.94
C ALA B 543 -29.56 -34.06 25.76
N PRO B 544 -28.54 -34.66 25.15
CA PRO B 544 -27.32 -33.91 24.87
C PRO B 544 -27.42 -33.12 23.57
N ARG B 545 -26.60 -32.08 23.48
CA ARG B 545 -26.54 -31.28 22.27
C ARG B 545 -25.10 -30.90 21.98
N LYS B 546 -24.84 -30.57 20.72
CA LYS B 546 -23.51 -30.24 20.28
C LYS B 546 -23.20 -28.77 20.55
N LEU B 547 -22.12 -28.53 21.28
CA LEU B 547 -21.69 -27.16 21.56
C LEU B 547 -20.99 -26.55 20.36
N TYR B 548 -20.26 -27.36 19.60
CA TYR B 548 -19.39 -26.86 18.54
C TYR B 548 -18.96 -28.00 17.62
N GLY C 1 -20.59 -37.69 -19.61
CA GLY C 1 -20.05 -38.91 -20.29
C GLY C 1 -18.68 -39.31 -19.78
N VAL C 2 -18.19 -40.46 -20.27
CA VAL C 2 -16.89 -40.96 -19.83
C VAL C 2 -15.79 -40.00 -20.24
N GLY C 3 -15.83 -39.51 -21.48
CA GLY C 3 -14.79 -38.69 -22.04
C GLY C 3 -15.09 -37.20 -22.09
N ILE C 4 -16.09 -36.73 -21.36
CA ILE C 4 -16.44 -35.31 -21.31
C ILE C 4 -16.03 -34.76 -19.95
N SER C 5 -15.27 -33.67 -19.96
CA SER C 5 -14.90 -33.00 -18.72
C SER C 5 -16.10 -32.25 -18.16
N THR C 6 -16.17 -32.17 -16.84
CA THR C 6 -17.34 -31.63 -16.15
C THR C 6 -17.06 -30.33 -15.42
N GLY C 7 -15.92 -29.68 -15.69
CA GLY C 7 -15.63 -28.43 -15.02
C GLY C 7 -14.34 -27.84 -15.55
N THR C 8 -14.03 -26.64 -15.05
CA THR C 8 -12.85 -25.90 -15.49
C THR C 8 -12.03 -25.49 -14.28
N PHE C 9 -10.71 -25.59 -14.43
CA PHE C 9 -9.77 -25.20 -13.39
C PHE C 9 -9.61 -23.69 -13.38
N ASN C 10 -9.76 -23.07 -12.21
CA ASN C 10 -9.64 -21.63 -12.08
C ASN C 10 -9.01 -21.32 -10.73
N ASN C 11 -7.92 -20.56 -10.75
CA ASN C 11 -7.24 -20.11 -9.54
C ASN C 11 -6.87 -18.64 -9.63
N GLN C 12 -7.78 -17.82 -10.14
CA GLN C 12 -7.53 -16.39 -10.25
C GLN C 12 -8.23 -15.63 -9.14
N THR C 13 -7.60 -14.54 -8.70
CA THR C 13 -8.19 -13.61 -7.75
C THR C 13 -8.54 -12.34 -8.51
N GLU C 14 -9.81 -11.96 -8.46
CA GLU C 14 -10.31 -10.82 -9.20
C GLU C 14 -10.67 -9.71 -8.22
N PHE C 15 -10.13 -8.52 -8.46
CA PHE C 15 -10.44 -7.33 -7.66
C PHE C 15 -11.33 -6.43 -8.50
N LYS C 16 -12.64 -6.52 -8.26
CA LYS C 16 -13.62 -5.71 -8.96
C LYS C 16 -13.99 -4.53 -8.07
N PHE C 17 -13.75 -3.32 -8.57
CA PHE C 17 -13.99 -2.13 -7.76
C PHE C 17 -15.43 -1.66 -7.95
N LEU C 18 -16.01 -1.17 -6.86
CA LEU C 18 -17.39 -0.71 -6.83
C LEU C 18 -17.40 0.78 -6.50
N GLU C 19 -18.60 1.31 -6.30
CA GLU C 19 -18.74 2.71 -5.92
C GLU C 19 -18.31 2.90 -4.47
N ASN C 20 -17.80 4.10 -4.18
CA ASN C 20 -17.53 4.55 -2.82
C ASN C 20 -16.35 3.81 -2.18
N GLY C 21 -15.35 3.45 -2.97
CA GLY C 21 -14.14 2.89 -2.44
C GLY C 21 -14.24 1.47 -1.92
N TRP C 22 -15.16 0.67 -2.46
CA TRP C 22 -15.28 -0.72 -2.07
C TRP C 22 -14.80 -1.62 -3.20
N VAL C 23 -14.20 -2.75 -2.81
CA VAL C 23 -13.63 -3.70 -3.74
C VAL C 23 -14.27 -5.06 -3.51
N TYR C 24 -14.66 -5.71 -4.61
CA TYR C 24 -15.28 -7.03 -4.57
C TYR C 24 -14.20 -8.05 -4.89
N ILE C 25 -13.64 -8.68 -3.85
CA ILE C 25 -12.54 -9.62 -4.01
C ILE C 25 -13.14 -11.02 -4.16
N THR C 26 -12.87 -11.65 -5.28
CA THR C 26 -13.32 -13.01 -5.57
C THR C 26 -12.10 -13.91 -5.68
N ALA C 27 -11.91 -14.77 -4.70
CA ALA C 27 -10.79 -15.70 -4.69
C ALA C 27 -11.24 -17.03 -5.27
N ASN C 28 -10.60 -17.46 -6.35
CA ASN C 28 -10.85 -18.75 -6.96
C ASN C 28 -9.69 -19.68 -6.66
N SER C 29 -10.02 -20.89 -6.23
CA SER C 29 -9.04 -21.88 -5.86
C SER C 29 -9.41 -23.21 -6.50
N SER C 30 -8.42 -23.88 -7.09
CA SER C 30 -8.63 -25.17 -7.72
C SER C 30 -7.49 -26.10 -7.35
N ARG C 31 -7.84 -27.33 -6.98
CA ARG C 31 -6.86 -28.31 -6.55
C ARG C 31 -7.19 -29.66 -7.16
N LEU C 32 -6.16 -30.48 -7.32
CA LEU C 32 -6.33 -31.89 -7.62
C LEU C 32 -6.18 -32.69 -6.34
N VAL C 33 -7.21 -33.42 -5.95
CA VAL C 33 -7.29 -34.05 -4.65
C VAL C 33 -7.13 -35.55 -4.82
N HIS C 34 -6.16 -36.13 -4.12
CA HIS C 34 -5.89 -37.56 -4.13
C HIS C 34 -6.52 -38.20 -2.91
N LEU C 35 -7.41 -39.17 -3.15
CA LEU C 35 -8.17 -39.81 -2.09
C LEU C 35 -7.98 -41.31 -2.18
N ASN C 36 -7.34 -41.89 -1.17
CA ASN C 36 -7.25 -43.34 -1.05
C ASN C 36 -8.48 -43.88 -0.33
N MET C 37 -8.73 -45.17 -0.52
CA MET C 37 -9.85 -45.79 0.16
C MET C 37 -9.51 -45.94 1.65
N PRO C 38 -10.51 -45.91 2.52
CA PRO C 38 -10.22 -45.92 3.96
C PRO C 38 -9.65 -47.25 4.43
N GLU C 39 -8.94 -47.17 5.56
CA GLU C 39 -8.36 -48.38 6.15
C GLU C 39 -9.42 -49.41 6.43
N SER C 40 -10.54 -48.99 7.00
CA SER C 40 -11.67 -49.88 7.25
C SER C 40 -12.96 -49.10 7.05
N GLU C 41 -13.96 -49.78 6.51
CA GLU C 41 -15.27 -49.16 6.32
C GLU C 41 -15.98 -48.88 7.62
N ASN C 42 -15.49 -49.40 8.74
CA ASN C 42 -16.21 -49.34 9.99
C ASN C 42 -15.88 -48.07 10.76
N TYR C 43 -16.82 -47.65 11.62
CA TYR C 43 -16.58 -46.57 12.57
C TYR C 43 -15.92 -47.16 13.81
N ARG C 44 -14.84 -46.52 14.25
CA ARG C 44 -14.08 -46.98 15.40
C ARG C 44 -14.25 -45.98 16.54
N ARG C 45 -14.33 -46.50 17.76
CA ARG C 45 -14.28 -45.68 18.97
C ARG C 45 -12.96 -45.96 19.67
N VAL C 46 -12.02 -45.02 19.59
CA VAL C 46 -10.65 -45.23 20.01
C VAL C 46 -10.35 -44.32 21.20
N VAL C 47 -9.62 -44.84 22.17
CA VAL C 47 -9.20 -44.10 23.34
C VAL C 47 -7.68 -43.97 23.32
N VAL C 48 -7.19 -42.77 23.59
CA VAL C 48 -5.76 -42.50 23.70
C VAL C 48 -5.45 -42.21 25.16
N ASN C 49 -4.40 -42.86 25.68
CA ASN C 49 -3.98 -42.69 27.08
C ASN C 49 -2.45 -42.73 27.09
N ASN C 50 -1.83 -41.56 27.21
CA ASN C 50 -0.37 -41.48 27.29
C ASN C 50 0.08 -41.43 28.74
N LEU C 51 -0.29 -42.47 29.48
CA LEU C 51 0.04 -42.54 30.89
C LEU C 51 1.54 -42.54 31.11
N ASP C 52 2.31 -43.06 30.14
CA ASP C 52 3.75 -43.09 30.27
C ASP C 52 4.34 -41.69 30.36
N LYS C 53 3.84 -40.76 29.54
CA LYS C 53 4.37 -39.40 29.55
C LYS C 53 3.93 -38.64 30.79
N THR C 54 2.66 -38.75 31.17
CA THR C 54 2.12 -38.02 32.31
C THR C 54 2.46 -38.68 33.65
N ALA C 55 2.93 -39.93 33.65
CA ALA C 55 3.35 -40.56 34.89
C ALA C 55 4.60 -39.91 35.45
N VAL C 56 5.35 -39.17 34.64
CA VAL C 56 6.48 -38.40 35.15
C VAL C 56 5.94 -37.12 35.77
N ASN C 57 6.18 -36.95 37.06
CA ASN C 57 5.58 -35.85 37.79
C ASN C 57 6.06 -34.52 37.21
N GLY C 58 5.12 -33.61 36.96
CA GLY C 58 5.43 -32.34 36.35
C GLY C 58 5.14 -32.27 34.86
N ASN C 59 4.68 -33.36 34.25
CA ASN C 59 4.41 -33.42 32.83
C ASN C 59 2.92 -33.40 32.51
N MET C 60 2.10 -32.87 33.44
CA MET C 60 0.66 -32.90 33.24
C MET C 60 0.22 -32.06 32.05
N ALA C 61 1.03 -31.09 31.62
CA ALA C 61 0.69 -30.32 30.43
C ALA C 61 0.86 -31.14 29.16
N LEU C 62 1.54 -32.27 29.24
CA LEU C 62 1.73 -33.16 28.10
C LEU C 62 0.63 -34.20 27.99
N ASP C 63 -0.54 -33.94 28.56
CA ASP C 63 -1.63 -34.91 28.55
C ASP C 63 -2.27 -34.98 27.16
N ASP C 64 -2.41 -36.18 26.63
CA ASP C 64 -3.07 -36.41 25.36
C ASP C 64 -4.27 -37.32 25.48
N THR C 65 -4.78 -37.53 26.69
CA THR C 65 -5.87 -38.48 26.89
C THR C 65 -7.16 -37.94 26.29
N HIS C 66 -7.78 -38.74 25.43
CA HIS C 66 -9.06 -38.37 24.84
C HIS C 66 -9.67 -39.60 24.19
N ALA C 67 -10.89 -39.43 23.69
CA ALA C 67 -11.62 -40.46 22.99
C ALA C 67 -12.26 -39.86 21.74
N GLU C 68 -12.17 -40.59 20.63
CA GLU C 68 -12.64 -40.07 19.36
C GLU C 68 -13.31 -41.19 18.58
N ILE C 69 -14.16 -40.78 17.63
CA ILE C 69 -14.73 -41.70 16.64
C ILE C 69 -13.95 -41.51 15.35
N VAL C 70 -13.32 -42.58 14.88
CA VAL C 70 -12.58 -42.56 13.63
C VAL C 70 -13.52 -43.02 12.53
N THR C 71 -13.80 -42.13 11.60
CA THR C 71 -14.75 -42.39 10.54
C THR C 71 -14.05 -42.86 9.28
N PRO C 72 -14.72 -43.66 8.44
CA PRO C 72 -14.15 -43.99 7.14
C PRO C 72 -14.15 -42.85 6.14
N TRP C 73 -14.81 -41.74 6.47
CA TRP C 73 -14.92 -40.61 5.56
C TRP C 73 -13.69 -39.72 5.66
N SER C 74 -13.57 -38.80 4.69
CA SER C 74 -12.49 -37.85 4.64
C SER C 74 -13.07 -36.46 4.42
N LEU C 75 -12.42 -35.45 4.99
CA LEU C 75 -12.94 -34.09 5.01
C LEU C 75 -12.12 -33.21 4.07
N VAL C 76 -12.82 -32.47 3.21
CA VAL C 76 -12.19 -31.48 2.34
C VAL C 76 -12.38 -30.11 3.00
N ASP C 77 -11.27 -29.48 3.37
CA ASP C 77 -11.31 -28.24 4.13
C ASP C 77 -10.49 -27.18 3.41
N ALA C 78 -11.12 -26.04 3.15
CA ALA C 78 -10.47 -24.89 2.54
C ALA C 78 -10.43 -23.69 3.47
N ASN C 79 -10.68 -23.89 4.76
CA ASN C 79 -10.79 -22.80 5.72
C ASN C 79 -9.41 -22.38 6.24
N ALA C 80 -8.54 -22.02 5.30
CA ALA C 80 -7.26 -21.43 5.63
C ALA C 80 -6.96 -20.33 4.63
N TRP C 81 -6.24 -19.30 5.09
CA TRP C 81 -6.02 -18.12 4.25
C TRP C 81 -5.18 -18.46 3.02
N GLY C 82 -4.23 -19.38 3.16
CA GLY C 82 -3.34 -19.71 2.07
C GLY C 82 -3.98 -20.54 0.97
N VAL C 83 -5.17 -21.07 1.19
CA VAL C 83 -5.86 -21.80 0.14
C VAL C 83 -6.40 -20.85 -0.93
N TRP C 84 -6.44 -19.56 -0.65
CA TRP C 84 -7.15 -18.59 -1.48
C TRP C 84 -6.26 -17.50 -2.04
N PHE C 85 -5.23 -17.08 -1.31
CA PHE C 85 -4.41 -15.95 -1.70
C PHE C 85 -2.94 -16.37 -1.74
N ASN C 86 -2.23 -15.87 -2.74
CA ASN C 86 -0.78 -16.00 -2.80
C ASN C 86 -0.15 -14.78 -2.14
N PRO C 87 1.16 -14.77 -1.98
CA PRO C 87 1.80 -13.61 -1.32
C PRO C 87 1.47 -12.27 -1.95
N GLY C 88 1.37 -12.19 -3.28
CA GLY C 88 1.09 -10.92 -3.91
C GLY C 88 -0.31 -10.40 -3.63
N ASP C 89 -1.32 -11.26 -3.73
CA ASP C 89 -2.68 -10.84 -3.41
C ASP C 89 -2.80 -10.42 -1.96
N TRP C 90 -2.13 -11.15 -1.06
CA TRP C 90 -2.13 -10.77 0.34
C TRP C 90 -1.46 -9.42 0.53
N GLN C 91 -0.37 -9.16 -0.18
CA GLN C 91 0.27 -7.85 -0.10
C GLN C 91 -0.71 -6.77 -0.50
N LEU C 92 -1.38 -6.96 -1.64
CA LEU C 92 -2.36 -5.97 -2.09
C LEU C 92 -3.42 -5.74 -1.03
N ILE C 93 -3.98 -6.82 -0.48
CA ILE C 93 -5.08 -6.71 0.48
C ILE C 93 -4.63 -5.97 1.71
N VAL C 94 -3.49 -6.37 2.29
CA VAL C 94 -3.10 -5.84 3.59
C VAL C 94 -2.50 -4.45 3.47
N ASN C 95 -1.98 -4.09 2.29
CA ASN C 95 -1.44 -2.76 2.12
C ASN C 95 -2.52 -1.75 1.74
N THR C 96 -3.51 -2.15 0.96
CA THR C 96 -4.44 -1.21 0.35
C THR C 96 -5.79 -1.10 1.04
N MET C 97 -6.19 -2.09 1.83
CA MET C 97 -7.53 -2.13 2.39
C MET C 97 -7.50 -1.79 3.87
N SER C 98 -8.64 -1.36 4.39
CA SER C 98 -8.77 -1.04 5.81
C SER C 98 -9.64 -2.04 6.55
N GLU C 99 -10.66 -2.60 5.90
CA GLU C 99 -11.49 -3.61 6.51
C GLU C 99 -11.85 -4.66 5.46
N LEU C 100 -12.30 -5.80 5.95
CA LEU C 100 -12.56 -6.96 5.11
C LEU C 100 -13.83 -7.65 5.57
N HIS C 101 -14.73 -7.92 4.63
CA HIS C 101 -15.99 -8.60 4.90
C HIS C 101 -15.97 -9.95 4.21
N LEU C 102 -16.47 -10.98 4.88
CA LEU C 102 -16.59 -12.30 4.26
C LEU C 102 -18.00 -12.46 3.72
N VAL C 103 -18.13 -12.55 2.39
CA VAL C 103 -19.42 -12.43 1.73
C VAL C 103 -20.03 -13.79 1.44
N SER C 104 -19.36 -14.62 0.64
CA SER C 104 -19.96 -15.87 0.21
C SER C 104 -18.89 -16.91 -0.08
N PHE C 105 -19.33 -18.16 -0.10
CA PHE C 105 -18.46 -19.30 -0.33
C PHE C 105 -19.22 -20.39 -1.07
N GLU C 106 -18.57 -20.99 -2.06
CA GLU C 106 -19.15 -22.11 -2.79
C GLU C 106 -18.02 -23.00 -3.29
N GLN C 107 -18.33 -24.26 -3.53
CA GLN C 107 -17.33 -25.22 -4.00
C GLN C 107 -18.00 -26.29 -4.83
N GLU C 108 -17.19 -26.97 -5.65
CA GLU C 108 -17.69 -28.03 -6.52
C GLU C 108 -16.61 -29.07 -6.71
N ILE C 109 -17.04 -30.31 -6.98
CA ILE C 109 -16.16 -31.41 -7.33
C ILE C 109 -16.45 -31.80 -8.77
N PHE C 110 -15.41 -31.89 -9.59
CA PHE C 110 -15.56 -32.23 -11.00
C PHE C 110 -14.40 -33.10 -11.46
N ASN C 111 -14.59 -33.74 -12.61
CA ASN C 111 -13.58 -34.58 -13.24
C ASN C 111 -13.11 -35.68 -12.28
N VAL C 112 -14.04 -36.56 -11.94
CA VAL C 112 -13.73 -37.65 -11.02
C VAL C 112 -13.07 -38.78 -11.81
N VAL C 113 -11.95 -39.27 -11.29
CA VAL C 113 -11.26 -40.43 -11.85
C VAL C 113 -11.10 -41.46 -10.74
N LEU C 114 -11.54 -42.68 -11.01
CA LEU C 114 -11.38 -43.79 -10.08
C LEU C 114 -10.51 -44.85 -10.73
N LYS C 115 -9.56 -45.36 -9.97
CA LYS C 115 -8.55 -46.29 -10.47
C LYS C 115 -8.39 -47.44 -9.51
N THR C 116 -7.94 -48.57 -10.03
CA THR C 116 -7.70 -49.77 -9.25
C THR C 116 -6.24 -50.18 -9.45
N VAL C 117 -5.67 -50.80 -8.43
CA VAL C 117 -4.28 -51.23 -8.45
C VAL C 117 -4.23 -52.75 -8.51
N SER C 118 -3.40 -53.28 -9.40
CA SER C 118 -3.19 -54.71 -9.53
C SER C 118 -1.70 -54.99 -9.55
N GLU C 119 -1.27 -55.93 -8.72
CA GLU C 119 0.13 -56.31 -8.61
C GLU C 119 0.33 -57.70 -9.18
N SER C 120 1.28 -57.83 -10.11
CA SER C 120 1.54 -59.10 -10.75
C SER C 120 2.13 -60.11 -9.77
N ALA C 121 1.92 -61.38 -10.05
CA ALA C 121 2.52 -62.46 -9.25
C ALA C 121 3.97 -62.73 -9.63
N THR C 122 4.51 -62.01 -10.62
CA THR C 122 5.90 -62.20 -11.00
C THR C 122 6.82 -61.92 -9.82
N GLN C 123 7.90 -62.71 -9.73
CA GLN C 123 8.79 -62.59 -8.57
C GLN C 123 9.30 -61.17 -8.39
N PRO C 124 9.83 -60.49 -9.41
CA PRO C 124 10.05 -59.05 -9.30
C PRO C 124 8.74 -58.29 -9.29
N PRO C 125 8.40 -57.60 -8.20
CA PRO C 125 7.09 -56.94 -8.13
C PRO C 125 6.92 -55.90 -9.22
N THR C 126 5.67 -55.78 -9.68
CA THR C 126 5.28 -54.74 -10.63
C THR C 126 3.76 -54.62 -10.58
N LYS C 127 3.28 -53.40 -10.81
CA LYS C 127 1.86 -53.11 -10.63
C LYS C 127 1.36 -52.20 -11.74
N VAL C 128 0.09 -52.36 -12.08
CA VAL C 128 -0.54 -51.63 -13.17
C VAL C 128 -1.77 -50.91 -12.62
N TYR C 129 -2.10 -49.76 -13.20
CA TYR C 129 -3.18 -48.91 -12.73
C TYR C 129 -4.28 -48.84 -13.78
N ASN C 130 -5.31 -49.65 -13.61
CA ASN C 130 -6.44 -49.65 -14.53
C ASN C 130 -7.52 -48.69 -14.05
N ASN C 131 -8.28 -48.16 -15.01
CA ASN C 131 -9.44 -47.35 -14.66
C ASN C 131 -10.62 -48.25 -14.30
N ASP C 132 -11.53 -47.69 -13.50
CA ASP C 132 -12.77 -48.36 -13.10
C ASP C 132 -13.89 -47.38 -13.43
N LEU C 133 -14.43 -47.48 -14.65
CA LEU C 133 -15.37 -46.49 -15.13
C LEU C 133 -16.71 -46.54 -14.40
N THR C 134 -17.07 -47.67 -13.83
CA THR C 134 -18.33 -47.80 -13.10
C THR C 134 -18.18 -47.61 -11.60
N ALA C 135 -16.96 -47.36 -11.12
CA ALA C 135 -16.77 -47.07 -9.71
C ALA C 135 -17.33 -45.69 -9.38
N SER C 136 -17.57 -45.47 -8.09
CA SER C 136 -18.25 -44.27 -7.62
C SER C 136 -17.47 -43.62 -6.50
N LEU C 137 -17.60 -42.31 -6.40
CA LEU C 137 -17.02 -41.52 -5.31
C LEU C 137 -18.17 -40.95 -4.48
N MET C 138 -18.15 -41.22 -3.18
CA MET C 138 -19.22 -40.78 -2.30
C MET C 138 -18.96 -39.37 -1.80
N VAL C 139 -19.94 -38.49 -1.99
CA VAL C 139 -19.83 -37.09 -1.61
C VAL C 139 -21.03 -36.75 -0.73
N ALA C 140 -20.77 -36.19 0.45
CA ALA C 140 -21.81 -35.78 1.37
C ALA C 140 -21.55 -34.36 1.83
N LEU C 141 -22.57 -33.51 1.77
CA LEU C 141 -22.48 -32.12 2.19
C LEU C 141 -23.40 -31.92 3.38
N ASP C 142 -22.82 -31.64 4.54
CA ASP C 142 -23.57 -31.47 5.78
C ASP C 142 -24.11 -30.03 5.88
N SER C 143 -24.98 -29.70 4.92
CA SER C 143 -25.49 -28.34 4.83
C SER C 143 -26.28 -27.92 6.06
N ASN C 144 -26.97 -28.85 6.73
CA ASN C 144 -27.69 -28.53 7.96
C ASN C 144 -26.77 -28.47 9.17
N ASN C 145 -25.49 -28.79 9.02
CA ASN C 145 -24.52 -28.72 10.10
C ASN C 145 -24.89 -29.70 11.22
N THR C 146 -25.22 -30.92 10.80
CA THR C 146 -25.57 -31.96 11.77
C THR C 146 -24.34 -32.55 12.43
N MET C 147 -23.19 -32.54 11.75
CA MET C 147 -21.99 -33.17 12.27
C MET C 147 -21.13 -32.19 13.06
N PRO C 148 -20.29 -32.68 13.96
CA PRO C 148 -19.38 -31.80 14.69
C PRO C 148 -18.49 -30.99 13.75
N PHE C 149 -18.27 -29.73 14.12
CA PHE C 149 -17.45 -28.83 13.33
C PHE C 149 -15.98 -29.11 13.64
N THR C 150 -15.22 -29.46 12.61
CA THR C 150 -13.84 -29.90 12.76
C THR C 150 -12.96 -29.16 11.77
N PRO C 151 -12.65 -27.89 12.03
CA PRO C 151 -11.78 -27.13 11.12
C PRO C 151 -10.38 -27.70 11.12
N ALA C 152 -9.87 -28.01 9.93
CA ALA C 152 -8.59 -28.69 9.82
C ALA C 152 -7.41 -27.76 10.04
N ALA C 153 -7.62 -26.45 10.06
CA ALA C 153 -6.50 -25.54 10.23
C ALA C 153 -5.86 -25.68 11.60
N MET C 154 -6.61 -26.14 12.59
CA MET C 154 -6.05 -26.30 13.93
C MET C 154 -4.97 -27.38 13.94
N ARG C 155 -5.15 -28.44 13.19
CA ARG C 155 -4.16 -29.50 13.05
C ARG C 155 -3.28 -29.32 11.84
N SER C 156 -3.42 -28.22 11.11
CA SER C 156 -2.68 -27.98 9.87
C SER C 156 -2.94 -29.09 8.86
N GLU C 157 -4.24 -29.30 8.58
CA GLU C 157 -4.67 -30.39 7.71
C GLU C 157 -5.66 -29.91 6.65
N THR C 158 -5.57 -28.65 6.23
CA THR C 158 -6.42 -28.15 5.17
C THR C 158 -5.85 -28.55 3.81
N LEU C 159 -6.48 -28.05 2.74
CA LEU C 159 -5.94 -28.25 1.42
C LEU C 159 -4.62 -27.50 1.27
N GLY C 160 -3.77 -28.01 0.39
CA GLY C 160 -2.49 -27.36 0.16
C GLY C 160 -2.64 -25.94 -0.32
N PHE C 161 -1.51 -25.23 -0.35
CA PHE C 161 -1.50 -23.82 -0.68
C PHE C 161 -1.00 -23.52 -2.08
N TYR C 162 -0.60 -24.54 -2.85
CA TYR C 162 -0.02 -24.32 -4.17
C TYR C 162 -0.96 -24.82 -5.24
N PRO C 163 -1.40 -23.97 -6.18
CA PRO C 163 -2.30 -24.46 -7.24
C PRO C 163 -1.72 -25.57 -8.09
N TRP C 164 -0.40 -25.66 -8.19
CA TRP C 164 0.24 -26.67 -9.04
C TRP C 164 0.60 -27.94 -8.31
N LYS C 165 0.32 -28.03 -7.01
CA LYS C 165 0.67 -29.21 -6.24
C LYS C 165 -0.60 -29.93 -5.83
N PRO C 166 -0.76 -31.21 -6.14
CA PRO C 166 -1.93 -31.94 -5.66
C PRO C 166 -1.97 -31.97 -4.13
N THR C 167 -3.17 -32.20 -3.61
CA THR C 167 -3.41 -32.19 -2.18
C THR C 167 -4.21 -33.42 -1.80
N ILE C 168 -4.45 -33.58 -0.49
CA ILE C 168 -5.23 -34.69 0.02
C ILE C 168 -6.25 -34.15 1.02
N PRO C 169 -7.37 -34.83 1.24
CA PRO C 169 -8.23 -34.49 2.38
C PRO C 169 -7.70 -35.14 3.64
N THR C 170 -8.37 -34.84 4.75
CA THR C 170 -7.93 -35.36 6.04
C THR C 170 -8.92 -36.39 6.54
N PRO C 171 -8.46 -37.58 6.95
CA PRO C 171 -9.40 -38.57 7.50
C PRO C 171 -10.21 -37.97 8.65
N TRP C 172 -11.52 -38.07 8.57
CA TRP C 172 -12.37 -37.36 9.50
C TRP C 172 -12.53 -38.13 10.80
N ARG C 173 -12.44 -37.41 11.91
CA ARG C 173 -12.64 -37.96 13.23
C ARG C 173 -13.17 -36.85 14.12
N TYR C 174 -13.98 -37.21 15.11
CA TYR C 174 -14.55 -36.24 16.01
C TYR C 174 -14.45 -36.76 17.44
N TYR C 175 -14.66 -35.86 18.39
CA TYR C 175 -14.44 -36.19 19.79
C TYR C 175 -15.62 -36.95 20.37
N PHE C 176 -15.33 -38.06 21.02
CA PHE C 176 -16.29 -38.78 21.84
C PHE C 176 -16.15 -38.28 23.28
N GLN C 177 -17.14 -38.59 24.11
CA GLN C 177 -17.13 -38.11 25.48
C GLN C 177 -16.32 -39.04 26.38
N TRP C 178 -15.57 -38.44 27.30
CA TRP C 178 -14.81 -39.20 28.27
C TRP C 178 -14.62 -38.35 29.52
N ASP C 179 -14.32 -39.02 30.63
CA ASP C 179 -14.04 -38.37 31.90
C ASP C 179 -12.61 -38.74 32.32
N ARG C 180 -11.84 -37.73 32.72
CA ARG C 180 -10.43 -37.95 33.00
C ARG C 180 -10.00 -37.04 34.14
N THR C 181 -9.31 -37.62 35.12
CA THR C 181 -8.74 -36.87 36.23
C THR C 181 -7.23 -36.92 36.15
N LEU C 182 -6.58 -35.79 36.42
CA LEU C 182 -5.12 -35.69 36.38
C LEU C 182 -4.70 -34.65 37.41
N ILE C 183 -4.32 -35.12 38.59
CA ILE C 183 -3.87 -34.24 39.66
C ILE C 183 -2.47 -33.74 39.32
N PRO C 184 -2.23 -32.44 39.25
CA PRO C 184 -0.90 -31.96 38.87
C PRO C 184 0.13 -32.23 39.96
N SER C 185 1.39 -32.09 39.59
CA SER C 185 2.50 -32.35 40.50
C SER C 185 3.73 -31.62 40.00
N HIS C 186 4.86 -31.87 40.66
CA HIS C 186 6.13 -31.27 40.31
C HIS C 186 7.24 -32.29 40.49
N THR C 187 8.39 -32.00 39.91
CA THR C 187 9.55 -32.86 40.12
C THR C 187 9.97 -32.78 41.57
N GLY C 188 9.69 -33.85 42.32
CA GLY C 188 9.87 -33.86 43.75
C GLY C 188 8.62 -34.15 44.55
N THR C 189 7.49 -34.39 43.88
CA THR C 189 6.28 -34.79 44.58
C THR C 189 6.37 -36.27 44.94
N SER C 190 5.92 -36.62 46.14
CA SER C 190 6.00 -37.99 46.62
C SER C 190 4.81 -38.80 46.12
N GLY C 191 5.08 -40.02 45.66
CA GLY C 191 4.01 -40.89 45.26
C GLY C 191 3.51 -40.59 43.86
N THR C 192 2.41 -41.25 43.52
CA THR C 192 1.81 -41.13 42.19
C THR C 192 0.53 -40.31 42.28
N PRO C 193 0.50 -39.09 41.74
CA PRO C 193 -0.74 -38.32 41.73
C PRO C 193 -1.81 -39.02 40.91
N THR C 194 -3.07 -38.80 41.30
CA THR C 194 -4.18 -39.47 40.64
C THR C 194 -4.20 -39.16 39.16
N ASN C 195 -4.08 -40.20 38.34
CA ASN C 195 -4.05 -40.08 36.88
C ASN C 195 -4.83 -41.26 36.33
N ILE C 196 -6.10 -41.04 36.01
CA ILE C 196 -7.01 -42.14 35.69
C ILE C 196 -8.00 -41.69 34.63
N TYR C 197 -8.31 -42.61 33.72
CA TYR C 197 -9.36 -42.42 32.71
C TYR C 197 -10.62 -43.11 33.21
N HIS C 198 -11.70 -42.35 33.34
CA HIS C 198 -12.89 -42.78 34.07
C HIS C 198 -13.94 -43.45 33.20
N GLY C 199 -13.85 -43.33 31.89
CA GLY C 199 -14.86 -43.90 31.01
C GLY C 199 -15.72 -42.83 30.34
N THR C 200 -16.98 -43.15 30.10
CA THR C 200 -17.88 -42.27 29.35
C THR C 200 -19.19 -42.11 30.12
N ASP C 201 -19.70 -40.90 30.14
CA ASP C 201 -21.01 -40.64 30.73
C ASP C 201 -22.10 -40.98 29.72
N PRO C 202 -23.01 -41.91 30.02
CA PRO C 202 -24.04 -42.25 29.04
C PRO C 202 -24.93 -41.08 28.67
N ASP C 203 -25.05 -40.08 29.55
CA ASP C 203 -25.87 -38.92 29.29
C ASP C 203 -25.32 -38.04 28.18
N ASP C 204 -24.07 -38.25 27.78
CA ASP C 204 -23.39 -37.39 26.84
C ASP C 204 -22.99 -38.09 25.56
N VAL C 205 -23.21 -39.40 25.44
CA VAL C 205 -22.80 -40.13 24.25
C VAL C 205 -23.50 -39.56 23.03
N GLN C 206 -22.75 -39.42 21.94
CA GLN C 206 -23.29 -38.94 20.67
C GLN C 206 -22.47 -39.60 19.56
N PHE C 207 -23.07 -40.59 18.89
CA PHE C 207 -22.41 -41.30 17.81
C PHE C 207 -23.05 -40.87 16.49
N TYR C 208 -22.39 -39.97 15.78
CA TYR C 208 -22.87 -39.50 14.49
C TYR C 208 -22.33 -40.36 13.36
N THR C 209 -23.15 -40.58 12.34
CA THR C 209 -22.75 -41.27 11.13
C THR C 209 -23.17 -40.43 9.93
N ILE C 210 -22.30 -40.36 8.92
CA ILE C 210 -22.60 -39.55 7.75
C ILE C 210 -23.79 -40.13 6.99
N GLU C 211 -23.90 -41.46 6.96
CA GLU C 211 -24.93 -42.10 6.17
C GLU C 211 -26.33 -41.82 6.72
N ASN C 212 -26.46 -41.70 8.03
CA ASN C 212 -27.76 -41.49 8.65
C ASN C 212 -28.15 -40.02 8.78
N SER C 213 -27.25 -39.10 8.45
CA SER C 213 -27.49 -37.68 8.66
C SER C 213 -27.44 -36.84 7.39
N VAL C 214 -26.67 -37.25 6.39
CA VAL C 214 -26.47 -36.42 5.19
C VAL C 214 -26.84 -37.22 3.96
N PRO C 215 -27.48 -36.61 2.96
CA PRO C 215 -27.59 -37.25 1.65
C PRO C 215 -26.20 -37.48 1.06
N VAL C 216 -26.03 -38.63 0.41
CA VAL C 216 -24.76 -39.02 -0.18
C VAL C 216 -24.94 -39.13 -1.69
N HIS C 217 -24.04 -38.50 -2.44
CA HIS C 217 -24.07 -38.52 -3.89
C HIS C 217 -22.99 -39.46 -4.41
N LEU C 218 -23.39 -40.38 -5.27
CA LEU C 218 -22.47 -41.33 -5.90
C LEU C 218 -22.02 -40.72 -7.21
N LEU C 219 -20.81 -40.19 -7.23
CA LEU C 219 -20.25 -39.60 -8.45
C LEU C 219 -19.48 -40.66 -9.22
N ARG C 220 -19.90 -40.91 -10.46
CA ARG C 220 -19.09 -41.68 -11.38
C ARG C 220 -18.20 -40.72 -12.18
N THR C 221 -17.37 -41.28 -13.05
CA THR C 221 -16.33 -40.46 -13.69
C THR C 221 -16.91 -39.31 -14.49
N GLY C 222 -18.18 -39.39 -14.89
CA GLY C 222 -18.81 -38.35 -15.68
C GLY C 222 -19.74 -37.43 -14.93
N ASP C 223 -19.68 -37.41 -13.61
CA ASP C 223 -20.57 -36.59 -12.80
C ASP C 223 -19.81 -35.43 -12.15
N GLU C 224 -20.58 -34.52 -11.56
CA GLU C 224 -20.03 -33.39 -10.85
C GLU C 224 -20.95 -33.04 -9.70
N PHE C 225 -20.38 -32.43 -8.66
CA PHE C 225 -21.13 -32.01 -7.49
C PHE C 225 -20.86 -30.54 -7.24
N ALA C 226 -21.93 -29.77 -7.06
CA ALA C 226 -21.85 -28.36 -6.73
C ALA C 226 -22.63 -28.10 -5.46
N THR C 227 -22.01 -27.38 -4.53
CA THR C 227 -22.63 -27.12 -3.23
C THR C 227 -23.72 -26.07 -3.29
N GLY C 228 -23.58 -25.07 -4.15
CA GLY C 228 -24.45 -23.92 -4.12
C GLY C 228 -23.85 -22.83 -3.26
N THR C 229 -24.07 -21.57 -3.63
CA THR C 229 -23.44 -20.46 -2.93
C THR C 229 -23.99 -20.36 -1.51
N PHE C 230 -23.09 -20.17 -0.54
CA PHE C 230 -23.48 -19.84 0.82
C PHE C 230 -23.10 -18.41 1.12
N PHE C 231 -23.95 -17.71 1.85
CA PHE C 231 -23.77 -16.30 2.16
C PHE C 231 -23.56 -16.14 3.66
N PHE C 232 -22.49 -15.43 4.03
CA PHE C 232 -22.10 -15.29 5.43
C PHE C 232 -22.86 -14.14 6.09
N ASP C 233 -22.75 -14.10 7.41
CA ASP C 233 -23.35 -13.03 8.23
C ASP C 233 -22.38 -12.53 9.28
N CYS C 234 -21.09 -12.46 8.96
CA CYS C 234 -20.08 -12.18 9.96
C CYS C 234 -19.87 -10.67 10.10
N LYS C 235 -19.19 -10.29 11.18
CA LYS C 235 -18.77 -8.91 11.35
C LYS C 235 -17.53 -8.63 10.50
N PRO C 236 -17.29 -7.38 10.14
CA PRO C 236 -16.11 -7.05 9.34
C PRO C 236 -14.83 -7.24 10.13
N CYS C 237 -13.75 -7.55 9.42
CA CYS C 237 -12.44 -7.74 10.00
C CYS C 237 -11.57 -6.52 9.69
N ARG C 238 -11.12 -5.85 10.75
CA ARG C 238 -10.30 -4.66 10.57
C ARG C 238 -8.88 -5.05 10.20
N LEU C 239 -8.32 -4.35 9.21
CA LEU C 239 -6.95 -4.58 8.76
C LEU C 239 -6.01 -3.50 9.26
N THR C 240 -6.40 -2.78 10.30
CA THR C 240 -5.56 -1.80 10.97
C THR C 240 -5.34 -2.26 12.41
N HIS C 241 -4.32 -1.71 13.05
CA HIS C 241 -4.01 -2.05 14.42
C HIS C 241 -4.06 -0.81 15.29
N THR C 242 -4.43 -1.00 16.55
CA THR C 242 -4.46 0.07 17.54
C THR C 242 -3.18 0.04 18.35
N TRP C 243 -2.54 1.20 18.48
CA TRP C 243 -1.31 1.32 19.25
C TRP C 243 -1.51 2.00 20.59
N GLN C 244 -2.69 2.53 20.86
CA GLN C 244 -2.89 3.34 22.06
C GLN C 244 -3.18 2.45 23.27
N THR C 245 -2.40 2.61 24.32
CA THR C 245 -2.70 2.03 25.61
C THR C 245 -3.39 3.09 26.47
N ASN C 246 -3.59 2.78 27.75
CA ASN C 246 -4.27 3.73 28.63
C ASN C 246 -3.45 5.00 28.81
N ARG C 247 -2.13 4.91 28.67
CA ARG C 247 -1.29 6.08 28.83
C ARG C 247 -1.37 7.03 27.64
N ALA C 248 -2.03 6.62 26.56
CA ALA C 248 -2.11 7.42 25.34
C ALA C 248 -3.54 7.74 24.94
N LEU C 249 -4.44 7.88 25.91
CA LEU C 249 -5.83 8.25 25.65
C LEU C 249 -6.11 9.64 26.19
N GLY C 250 -6.60 10.53 25.34
CA GLY C 250 -7.04 11.82 25.78
C GLY C 250 -6.07 12.94 25.53
N LEU C 251 -6.25 14.00 26.29
CA LEU C 251 -5.48 15.23 26.11
C LEU C 251 -4.22 15.17 26.98
N PRO C 252 -3.02 15.19 26.39
CA PRO C 252 -1.81 15.19 27.20
C PRO C 252 -1.73 16.43 28.07
N PRO C 253 -0.86 16.42 29.08
CA PRO C 253 -0.71 17.62 29.91
C PRO C 253 -0.06 18.74 29.14
N PHE C 254 -0.42 19.97 29.49
CA PHE C 254 0.21 21.14 28.90
C PHE C 254 1.63 21.27 29.42
N LEU C 255 2.58 21.41 28.51
CA LEU C 255 3.99 21.54 28.85
C LEU C 255 4.31 23.02 29.00
N ASN C 256 4.61 23.46 30.23
CA ASN C 256 4.92 24.85 30.47
C ASN C 256 6.34 25.21 30.07
N SER C 257 7.22 24.21 29.92
CA SER C 257 8.58 24.43 29.43
C SER C 257 8.80 23.53 28.23
N LEU C 258 9.24 24.14 27.12
CA LEU C 258 9.52 23.40 25.91
C LEU C 258 10.99 23.51 25.55
N PRO C 259 11.57 22.49 24.92
CA PRO C 259 13.00 22.53 24.61
C PRO C 259 13.35 23.65 23.65
N GLN C 260 14.56 24.18 23.83
CA GLN C 260 15.08 25.23 22.96
C GLN C 260 16.16 24.73 22.01
N SER C 261 16.48 23.44 22.03
CA SER C 261 17.51 22.89 21.16
C SER C 261 17.24 21.42 20.94
N GLU C 262 17.78 20.89 19.84
CA GLU C 262 17.63 19.48 19.51
C GLU C 262 18.69 18.65 20.20
N GLY C 263 18.31 17.45 20.62
CA GLY C 263 19.20 16.55 21.31
C GLY C 263 18.44 15.58 22.17
N GLY C 264 19.15 14.55 22.62
CA GLY C 264 18.53 13.52 23.44
C GLY C 264 18.29 13.91 24.88
N THR C 265 18.93 14.98 25.35
CA THR C 265 18.76 15.44 26.71
C THR C 265 17.86 16.66 26.82
N ASN C 266 17.26 17.11 25.72
CA ASN C 266 16.37 18.27 25.74
C ASN C 266 14.92 17.78 25.78
N PHE C 267 14.41 17.67 27.00
CA PHE C 267 13.05 17.23 27.24
C PHE C 267 12.13 18.43 27.46
N GLY C 268 10.83 18.15 27.47
CA GLY C 268 9.86 19.12 27.89
C GLY C 268 9.39 18.85 29.31
N TYR C 269 8.98 19.92 29.99
CA TYR C 269 8.59 19.84 31.38
C TYR C 269 7.19 20.39 31.56
N ILE C 270 6.38 19.69 32.36
CA ILE C 270 5.04 20.16 32.66
C ILE C 270 5.10 21.46 33.45
N GLY C 271 5.99 21.54 34.43
CA GLY C 271 6.18 22.77 35.17
C GLY C 271 5.39 22.84 36.47
N VAL C 272 4.17 22.33 36.45
CA VAL C 272 3.34 22.34 37.65
C VAL C 272 3.76 21.19 38.56
N GLN C 273 3.87 21.48 39.85
CA GLN C 273 4.22 20.44 40.81
C GLN C 273 3.08 19.41 40.89
N GLN C 274 3.45 18.16 41.17
CA GLN C 274 2.52 17.06 40.93
C GLN C 274 1.28 17.13 41.81
N ASP C 275 1.41 17.55 43.06
CA ASP C 275 0.25 17.69 43.93
C ASP C 275 -0.49 19.01 43.72
N LYS C 276 0.03 19.90 42.88
CA LYS C 276 -0.61 21.16 42.55
C LYS C 276 -1.30 21.14 41.19
N ARG C 277 -1.51 19.97 40.60
CA ARG C 277 -2.01 19.89 39.23
C ARG C 277 -3.53 19.79 39.20
N ARG C 278 -4.09 20.08 38.03
CA ARG C 278 -5.52 20.01 37.79
C ARG C 278 -5.85 18.80 36.92
N GLY C 279 -6.99 18.20 37.20
CA GLY C 279 -7.46 17.07 36.42
C GLY C 279 -8.38 16.19 37.23
N VAL C 280 -8.61 14.99 36.71
CA VAL C 280 -9.52 14.02 37.31
C VAL C 280 -8.77 12.71 37.54
N THR C 281 -8.86 12.19 38.75
CA THR C 281 -8.29 10.90 39.10
C THR C 281 -9.38 10.07 39.77
N GLN C 282 -9.20 8.75 39.72
CA GLN C 282 -10.09 7.82 40.41
C GLN C 282 -9.56 7.45 41.79
N MET C 283 -8.74 8.32 42.38
CA MET C 283 -8.08 8.06 43.66
C MET C 283 -8.50 9.17 44.61
N GLY C 284 -9.61 8.93 45.32
CA GLY C 284 -10.21 9.95 46.16
C GLY C 284 -9.38 10.35 47.35
N ASN C 285 -8.26 9.67 47.61
CA ASN C 285 -7.44 9.95 48.79
C ASN C 285 -6.01 10.33 48.43
N THR C 286 -5.81 11.07 47.34
CA THR C 286 -4.50 11.61 47.01
C THR C 286 -4.65 12.79 46.08
N ASN C 287 -3.69 13.71 46.15
CA ASN C 287 -3.66 14.89 45.31
C ASN C 287 -2.76 14.73 44.09
N TYR C 288 -2.10 13.58 43.93
CA TYR C 288 -1.16 13.38 42.84
C TYR C 288 -1.93 13.11 41.56
N ILE C 289 -1.82 14.02 40.59
CA ILE C 289 -2.32 13.81 39.25
C ILE C 289 -1.11 13.55 38.36
N THR C 290 -0.89 12.29 38.03
CA THR C 290 0.24 11.88 37.20
C THR C 290 -0.29 11.02 36.06
N GLU C 291 0.57 10.80 35.07
CA GLU C 291 0.15 10.05 33.90
C GLU C 291 -0.26 8.63 34.26
N ALA C 292 0.30 8.08 35.33
CA ALA C 292 -0.10 6.76 35.80
C ALA C 292 -1.36 6.80 36.66
N THR C 293 -1.77 7.98 37.12
CA THR C 293 -2.92 8.09 38.01
C THR C 293 -4.09 8.85 37.41
N ILE C 294 -3.88 9.61 36.33
CA ILE C 294 -4.98 10.38 35.77
C ILE C 294 -6.04 9.45 35.19
N MET C 295 -7.30 9.86 35.30
CA MET C 295 -8.40 9.04 34.83
C MET C 295 -8.35 8.88 33.32
N ARG C 296 -8.68 7.69 32.85
CA ARG C 296 -8.85 7.40 31.43
C ARG C 296 -10.25 6.86 31.20
N PRO C 297 -10.80 7.00 29.98
CA PRO C 297 -12.19 6.59 29.76
C PRO C 297 -12.47 5.14 30.13
N ALA C 298 -11.55 4.24 29.81
CA ALA C 298 -11.75 2.82 30.03
C ALA C 298 -10.37 2.16 30.05
N GLU C 299 -10.34 0.83 29.98
CA GLU C 299 -9.10 0.07 30.01
C GLU C 299 -8.90 -0.64 28.68
N VAL C 300 -7.75 -0.40 28.05
CA VAL C 300 -7.40 -1.07 26.81
C VAL C 300 -6.68 -2.37 27.16
N GLY C 301 -7.33 -3.49 26.89
CA GLY C 301 -6.78 -4.77 27.24
C GLY C 301 -7.08 -5.16 28.68
N TYR C 302 -6.61 -6.34 29.04
CA TYR C 302 -6.79 -6.86 30.39
C TYR C 302 -5.65 -7.81 30.71
N SER C 303 -5.43 -8.03 31.99
CA SER C 303 -4.47 -9.03 32.44
C SER C 303 -5.20 -10.33 32.72
N ALA C 304 -4.59 -11.44 32.30
CA ALA C 304 -5.16 -12.76 32.51
C ALA C 304 -4.13 -13.67 33.15
N PRO C 305 -4.56 -14.68 33.90
CA PRO C 305 -3.59 -15.65 34.43
C PRO C 305 -2.90 -16.38 33.29
N TYR C 306 -1.58 -16.26 33.23
CA TYR C 306 -0.83 -16.74 32.08
C TYR C 306 -0.15 -18.06 32.39
N TYR C 307 -0.19 -18.96 31.40
CA TYR C 307 0.11 -20.38 31.58
C TYR C 307 -0.65 -20.95 32.76
N SER C 308 -1.95 -20.66 32.77
CA SER C 308 -2.88 -21.28 33.69
C SER C 308 -3.56 -22.45 33.01
N PHE C 309 -3.58 -23.60 33.68
CA PHE C 309 -4.25 -24.79 33.19
C PHE C 309 -5.44 -25.09 34.09
N GLU C 310 -6.62 -25.21 33.51
CA GLU C 310 -7.84 -25.49 34.24
C GLU C 310 -8.33 -26.88 33.87
N ALA C 311 -9.04 -27.50 34.80
CA ALA C 311 -9.52 -28.86 34.64
C ALA C 311 -11.05 -28.88 34.61
N SER C 312 -11.58 -29.79 33.80
CA SER C 312 -13.01 -30.05 33.74
C SER C 312 -13.16 -31.57 33.61
N THR C 313 -14.35 -32.01 33.21
CA THR C 313 -14.61 -33.45 33.13
C THR C 313 -13.56 -34.16 32.28
N GLN C 314 -13.08 -33.50 31.22
CA GLN C 314 -12.20 -34.15 30.25
C GLN C 314 -10.71 -33.99 30.54
N GLY C 315 -10.34 -33.26 31.58
CA GLY C 315 -8.94 -33.11 31.92
C GLY C 315 -8.45 -31.68 31.79
N PRO C 316 -7.16 -31.46 31.97
CA PRO C 316 -6.63 -30.10 31.99
C PRO C 316 -6.54 -29.48 30.61
N PHE C 317 -6.81 -28.17 30.56
CA PHE C 317 -6.64 -27.38 29.34
C PHE C 317 -6.14 -26.00 29.71
N LYS C 318 -5.48 -25.36 28.76
CA LYS C 318 -4.93 -24.03 29.01
C LYS C 318 -6.04 -22.99 28.99
N THR C 319 -5.94 -22.01 29.87
CA THR C 319 -6.86 -20.88 29.86
C THR C 319 -6.51 -19.98 28.67
N PRO C 320 -7.39 -19.83 27.69
CA PRO C 320 -7.06 -19.01 26.53
C PRO C 320 -7.05 -17.53 26.85
N ILE C 321 -6.33 -16.78 26.02
CA ILE C 321 -6.16 -15.34 26.20
C ILE C 321 -6.32 -14.67 24.84
N ALA C 322 -6.93 -13.49 24.84
CA ALA C 322 -7.27 -12.81 23.61
C ALA C 322 -6.18 -11.88 23.09
N ALA C 323 -5.20 -11.52 23.92
CA ALA C 323 -4.20 -10.55 23.53
C ALA C 323 -2.80 -11.10 23.78
N GLY C 324 -1.84 -10.60 23.02
CA GLY C 324 -0.47 -11.05 23.12
C GLY C 324 0.27 -10.38 24.27
N ARG C 325 1.58 -10.62 24.31
CA ARG C 325 2.41 -10.15 25.40
C ARG C 325 2.92 -8.74 25.12
N GLY C 326 3.45 -8.12 26.17
CA GLY C 326 4.09 -6.83 26.01
C GLY C 326 5.60 -6.99 25.87
N GLY C 327 6.16 -6.18 24.98
CA GLY C 327 7.57 -6.28 24.65
C GLY C 327 7.91 -7.37 23.65
N ALA C 328 6.92 -8.12 23.17
CA ALA C 328 7.19 -9.15 22.19
C ALA C 328 7.75 -8.56 20.90
N GLN C 329 7.18 -7.43 20.45
CA GLN C 329 7.71 -6.76 19.26
C GLN C 329 9.14 -6.31 19.48
N THR C 330 9.46 -5.76 20.66
CA THR C 330 10.81 -5.30 20.92
C THR C 330 11.81 -6.45 20.85
N ASP C 331 11.48 -7.60 21.44
CA ASP C 331 12.38 -8.75 21.44
C ASP C 331 11.52 -9.99 21.18
N GLU C 332 11.74 -10.63 20.03
CA GLU C 332 10.92 -11.77 19.65
C GLU C 332 11.13 -12.97 20.58
N ASN C 333 12.25 -13.02 21.29
CA ASN C 333 12.48 -14.12 22.22
C ASN C 333 11.52 -14.08 23.40
N GLN C 334 10.80 -12.97 23.59
CA GLN C 334 9.85 -12.83 24.68
C GLN C 334 8.43 -13.21 24.28
N ALA C 335 8.21 -13.68 23.06
CA ALA C 335 6.88 -14.12 22.67
C ALA C 335 6.43 -15.25 23.56
N ALA C 336 5.23 -15.11 24.12
CA ALA C 336 4.75 -16.06 25.12
C ALA C 336 3.23 -16.15 25.05
N ASP C 337 2.62 -16.67 26.12
CA ASP C 337 1.17 -16.80 26.22
C ASP C 337 0.48 -15.65 25.48
N GLY C 338 -0.41 -16.00 24.56
CA GLY C 338 -1.15 -15.04 23.78
C GLY C 338 -0.66 -14.84 22.37
N ASP C 339 0.53 -15.33 22.03
CA ASP C 339 1.08 -15.19 20.69
C ASP C 339 0.95 -16.51 19.96
N PRO C 340 0.05 -16.63 18.98
CA PRO C 340 -0.22 -17.95 18.40
C PRO C 340 1.00 -18.49 17.67
N ARG C 341 1.33 -19.75 17.95
CA ARG C 341 2.46 -20.43 17.34
C ARG C 341 1.93 -21.50 16.40
N TYR C 342 2.34 -21.43 15.14
CA TYR C 342 1.82 -22.30 14.09
C TYR C 342 2.90 -23.29 13.67
N ALA C 343 2.54 -24.57 13.64
CA ALA C 343 3.43 -25.63 13.19
C ALA C 343 2.80 -26.30 11.97
N PHE C 344 3.59 -26.43 10.91
CA PHE C 344 3.05 -26.84 9.62
C PHE C 344 4.09 -27.62 8.83
N GLY C 345 3.61 -28.34 7.82
CA GLY C 345 4.45 -29.14 6.97
C GLY C 345 4.54 -28.59 5.55
N ARG C 346 4.92 -29.47 4.63
CA ARG C 346 5.30 -29.04 3.29
C ARG C 346 4.10 -28.75 2.39
N GLN C 347 2.90 -29.17 2.80
CA GLN C 347 1.71 -28.76 2.05
C GLN C 347 1.33 -27.32 2.34
N HIS C 348 1.66 -26.82 3.54
CA HIS C 348 1.09 -25.59 4.05
C HIS C 348 2.13 -24.53 4.33
N GLY C 349 3.31 -24.63 3.73
CA GLY C 349 4.28 -23.55 3.82
C GLY C 349 5.72 -23.98 4.02
N GLN C 350 5.96 -25.09 4.68
CA GLN C 350 7.33 -25.53 4.90
C GLN C 350 8.02 -25.76 3.57
N LYS C 351 9.29 -25.34 3.49
CA LYS C 351 10.09 -25.55 2.29
C LYS C 351 9.92 -26.99 1.81
N THR C 352 9.50 -27.15 0.56
CA THR C 352 9.04 -28.46 0.09
C THR C 352 10.18 -29.42 -0.18
N THR C 353 11.41 -28.92 -0.39
CA THR C 353 12.53 -29.79 -0.71
C THR C 353 13.26 -30.28 0.53
N THR C 354 12.82 -29.91 1.72
CA THR C 354 13.51 -30.32 2.95
C THR C 354 13.04 -31.70 3.40
N THR C 355 14.00 -32.53 3.79
CA THR C 355 13.72 -33.84 4.33
C THR C 355 13.56 -33.76 5.85
N GLY C 356 12.92 -34.78 6.40
CA GLY C 356 12.77 -34.90 7.83
C GLY C 356 11.35 -34.66 8.29
N GLU C 357 11.04 -35.15 9.48
CA GLU C 357 9.72 -35.05 10.06
C GLU C 357 9.55 -33.82 10.94
N THR C 358 10.56 -33.00 11.08
CA THR C 358 10.44 -31.80 11.91
C THR C 358 9.57 -30.77 11.20
N PRO C 359 8.57 -30.21 11.87
CA PRO C 359 7.73 -29.19 11.24
C PRO C 359 8.39 -27.82 11.24
N GLU C 360 7.94 -26.99 10.31
CA GLU C 360 8.28 -25.58 10.31
C GLU C 360 7.36 -24.83 11.26
N ARG C 361 7.94 -23.93 12.04
CA ARG C 361 7.18 -23.23 13.08
C ARG C 361 7.47 -21.74 13.03
N PHE C 362 6.51 -20.96 13.50
CA PHE C 362 6.70 -19.54 13.76
C PHE C 362 5.69 -19.10 14.80
N THR C 363 6.09 -18.13 15.61
CA THR C 363 5.18 -17.46 16.54
C THR C 363 4.74 -16.15 15.93
N TYR C 364 3.44 -15.89 15.95
CA TYR C 364 2.89 -14.69 15.35
C TYR C 364 2.86 -13.57 16.37
N ILE C 365 3.59 -12.49 16.10
CA ILE C 365 3.62 -11.31 16.96
C ILE C 365 2.81 -10.23 16.27
N ALA C 366 1.60 -9.98 16.76
CA ALA C 366 0.71 -9.01 16.16
C ALA C 366 1.20 -7.60 16.42
N HIS C 367 0.81 -6.69 15.52
CA HIS C 367 1.17 -5.29 15.66
C HIS C 367 0.33 -4.55 16.68
N GLN C 368 -0.79 -5.11 17.11
CA GLN C 368 -1.67 -4.42 18.04
C GLN C 368 -1.05 -4.39 19.44
N ASP C 369 -1.10 -3.22 20.07
CA ASP C 369 -0.57 -3.05 21.41
C ASP C 369 -1.67 -3.14 22.46
N THR C 370 -2.20 -4.34 22.70
CA THR C 370 -3.21 -4.57 23.72
C THR C 370 -2.76 -5.53 24.80
N GLY C 371 -1.49 -5.94 24.79
CA GLY C 371 -0.98 -6.88 25.76
C GLY C 371 -0.56 -6.19 27.04
N ARG C 372 0.17 -6.94 27.86
CA ARG C 372 0.61 -6.46 29.16
C ARG C 372 2.07 -6.76 29.37
N TYR C 373 2.70 -5.96 30.22
CA TYR C 373 4.07 -6.19 30.66
C TYR C 373 4.02 -6.52 32.15
N PRO C 374 3.72 -7.77 32.51
CA PRO C 374 3.45 -8.08 33.93
C PRO C 374 4.61 -7.75 34.86
N GLU C 375 5.84 -7.73 34.36
CA GLU C 375 6.96 -7.32 35.20
C GLU C 375 6.89 -5.86 35.58
N GLY C 376 6.02 -5.09 34.93
CA GLY C 376 5.83 -3.68 35.25
C GLY C 376 4.62 -3.37 36.10
N ASP C 377 3.81 -4.38 36.42
CA ASP C 377 2.64 -4.16 37.26
C ASP C 377 3.03 -4.15 38.73
N TRP C 378 2.16 -3.60 39.56
CA TRP C 378 2.33 -3.67 41.00
C TRP C 378 1.02 -3.31 41.69
N ILE C 379 0.87 -3.83 42.91
CA ILE C 379 -0.24 -3.51 43.79
C ILE C 379 0.32 -2.81 45.01
N GLN C 380 -0.36 -1.78 45.49
CA GLN C 380 0.07 -1.11 46.70
C GLN C 380 -1.14 -0.71 47.54
N ASN C 381 -0.90 -0.63 48.84
CA ASN C 381 -1.98 -0.43 49.81
C ASN C 381 -2.80 0.81 49.47
N ILE C 382 -4.07 0.79 49.87
CA ILE C 382 -4.99 1.87 49.52
C ILE C 382 -4.52 3.21 50.03
N ASN C 383 -3.79 3.24 51.15
CA ASN C 383 -3.33 4.50 51.72
C ASN C 383 -2.55 5.33 50.70
N PHE C 384 -1.69 4.70 49.91
CA PHE C 384 -0.98 5.38 48.83
C PHE C 384 0.02 6.40 49.37
N ASN C 385 0.73 6.03 50.43
CA ASN C 385 1.82 6.86 50.91
C ASN C 385 3.07 6.59 50.07
N LEU C 386 3.64 7.66 49.50
CA LEU C 386 4.79 7.53 48.64
C LEU C 386 6.01 8.18 49.28
N PRO C 387 7.22 7.63 49.06
CA PRO C 387 7.54 6.43 48.29
C PRO C 387 7.08 5.16 49.01
N VAL C 388 6.58 4.17 48.26
CA VAL C 388 5.96 3.01 48.87
C VAL C 388 7.01 2.15 49.56
N THR C 389 6.68 1.69 50.76
CA THR C 389 7.55 0.82 51.53
C THR C 389 7.29 -0.64 51.21
N ASP C 390 8.17 -1.51 51.69
CA ASP C 390 8.14 -2.92 51.30
C ASP C 390 6.82 -3.56 51.69
N ASP C 391 6.34 -3.31 52.91
CA ASP C 391 5.14 -3.98 53.39
C ASP C 391 3.89 -3.55 52.65
N ASN C 392 3.91 -2.39 51.99
CA ASN C 392 2.72 -1.82 51.38
C ASN C 392 2.72 -1.90 49.86
N VAL C 393 3.52 -2.78 49.28
CA VAL C 393 3.52 -3.00 47.84
C VAL C 393 3.65 -4.49 47.58
N LEU C 394 2.94 -4.98 46.58
CA LEU C 394 3.08 -6.34 46.08
C LEU C 394 3.66 -6.26 44.67
N LEU C 395 4.92 -6.67 44.52
CA LEU C 395 5.64 -6.58 43.27
C LEU C 395 5.62 -7.91 42.53
N PRO C 396 5.83 -7.91 41.22
CA PRO C 396 5.99 -9.17 40.48
C PRO C 396 7.21 -9.96 40.92
N THR C 397 8.10 -9.38 41.70
CA THR C 397 9.28 -10.08 42.20
C THR C 397 9.02 -10.86 43.47
N ASP C 398 7.79 -10.84 43.98
CA ASP C 398 7.45 -11.37 45.30
C ASP C 398 6.86 -12.77 45.18
N PRO C 399 7.37 -13.76 45.91
CA PRO C 399 6.82 -15.11 45.78
C PRO C 399 5.38 -15.20 46.25
N ILE C 400 4.64 -16.14 45.65
CA ILE C 400 3.27 -16.47 46.04
C ILE C 400 3.24 -17.94 46.42
N GLY C 401 2.66 -18.22 47.59
CA GLY C 401 2.64 -19.59 48.07
C GLY C 401 4.01 -20.13 48.40
N GLY C 402 4.99 -19.26 48.61
CA GLY C 402 6.34 -19.68 48.86
C GLY C 402 7.12 -20.09 47.63
N LYS C 403 6.58 -19.82 46.44
CA LYS C 403 7.21 -20.24 45.20
C LYS C 403 7.96 -19.07 44.59
N THR C 404 9.28 -19.23 44.43
CA THR C 404 10.10 -18.15 43.89
C THR C 404 9.84 -17.89 42.42
N GLY C 405 9.31 -18.86 41.70
CA GLY C 405 9.04 -18.72 40.28
C GLY C 405 7.64 -18.28 39.93
N ILE C 406 6.76 -18.12 40.92
CA ILE C 406 5.38 -17.71 40.70
C ILE C 406 5.14 -16.42 41.46
N ASN C 407 4.69 -15.40 40.75
CA ASN C 407 4.34 -14.11 41.32
C ASN C 407 2.85 -13.86 41.13
N TYR C 408 2.36 -12.78 41.75
CA TYR C 408 0.92 -12.56 41.79
C TYR C 408 0.33 -12.36 40.40
N THR C 409 1.12 -11.85 39.45
CA THR C 409 0.59 -11.62 38.12
C THR C 409 0.23 -12.90 37.40
N ASN C 410 0.72 -14.05 37.90
CA ASN C 410 0.34 -15.33 37.31
C ASN C 410 -1.11 -15.68 37.62
N ILE C 411 -1.60 -15.31 38.80
CA ILE C 411 -2.97 -15.61 39.21
C ILE C 411 -3.88 -14.40 39.08
N PHE C 412 -3.53 -13.44 38.22
CA PHE C 412 -4.13 -12.12 38.22
C PHE C 412 -5.07 -11.97 37.03
N ASN C 413 -6.22 -11.34 37.27
CA ASN C 413 -7.24 -11.13 36.26
C ASN C 413 -7.83 -9.73 36.44
N THR C 414 -7.73 -8.90 35.41
CA THR C 414 -8.25 -7.54 35.44
C THR C 414 -9.33 -7.30 34.40
N TYR C 415 -9.99 -8.36 33.93
CA TYR C 415 -11.11 -8.18 33.03
C TYR C 415 -12.29 -7.58 33.78
N GLY C 416 -12.97 -6.64 33.16
CA GLY C 416 -14.08 -5.96 33.78
C GLY C 416 -14.95 -5.26 32.78
N PRO C 417 -15.97 -4.54 33.26
CA PRO C 417 -16.87 -3.83 32.36
C PRO C 417 -16.19 -2.72 31.58
N LEU C 418 -15.02 -2.25 32.03
CA LEU C 418 -14.28 -1.20 31.37
C LEU C 418 -13.29 -1.74 30.35
N THR C 419 -13.25 -3.04 30.11
CA THR C 419 -12.24 -3.62 29.25
C THR C 419 -12.62 -3.47 27.78
N ALA C 420 -11.65 -3.05 26.97
CA ALA C 420 -11.81 -2.92 25.53
C ALA C 420 -10.67 -3.67 24.85
N LEU C 421 -11.02 -4.55 23.91
CA LEU C 421 -10.04 -5.36 23.23
C LEU C 421 -10.45 -5.52 21.77
N ASN C 422 -9.51 -6.01 20.97
CA ASN C 422 -9.71 -6.18 19.54
C ASN C 422 -9.88 -7.65 19.18
N ASN C 423 -10.46 -7.88 18.01
CA ASN C 423 -10.53 -9.22 17.45
C ASN C 423 -9.16 -9.64 16.95
N VAL C 424 -8.97 -10.96 16.83
CA VAL C 424 -7.66 -11.48 16.43
C VAL C 424 -7.42 -11.15 14.97
N PRO C 425 -6.19 -10.80 14.57
CA PRO C 425 -5.95 -10.48 13.17
C PRO C 425 -5.87 -11.74 12.32
N PRO C 426 -6.13 -11.63 11.03
CA PRO C 426 -5.84 -12.76 10.14
C PRO C 426 -4.37 -13.14 10.20
N VAL C 427 -4.10 -14.44 10.21
CA VAL C 427 -2.75 -14.96 10.15
C VAL C 427 -2.59 -15.65 8.81
N TYR C 428 -1.78 -15.06 7.94
CA TYR C 428 -1.53 -15.66 6.64
C TYR C 428 -0.24 -16.46 6.68
N PRO C 429 -0.16 -17.62 6.03
CA PRO C 429 -1.20 -18.33 5.29
C PRO C 429 -1.91 -19.37 6.14
N ASN C 430 -1.38 -19.68 7.31
CA ASN C 430 -1.81 -20.85 8.06
C ASN C 430 -3.04 -20.61 8.92
N GLY C 431 -3.56 -19.39 8.95
CA GLY C 431 -4.66 -19.09 9.85
C GLY C 431 -5.99 -19.57 9.32
N GLN C 432 -6.88 -19.91 10.26
CA GLN C 432 -8.25 -20.20 9.91
C GLN C 432 -8.98 -18.92 9.54
N ILE C 433 -9.89 -19.02 8.57
CA ILE C 433 -10.61 -17.84 8.08
C ILE C 433 -11.86 -17.61 8.91
N TRP C 434 -12.78 -18.57 8.91
CA TRP C 434 -14.04 -18.43 9.63
C TRP C 434 -14.18 -19.57 10.63
N ASP C 435 -15.07 -19.37 11.59
CA ASP C 435 -15.36 -20.37 12.61
C ASP C 435 -16.84 -20.32 12.96
N LYS C 436 -17.31 -21.39 13.58
CA LYS C 436 -18.70 -21.50 13.98
C LYS C 436 -18.90 -20.97 15.39
N GLU C 437 -20.01 -20.27 15.59
CA GLU C 437 -20.36 -19.81 16.92
C GLU C 437 -20.76 -20.97 17.81
N PHE C 438 -20.41 -20.86 19.08
CA PHE C 438 -20.81 -21.87 20.06
C PHE C 438 -22.33 -21.91 20.17
N ASP C 439 -22.86 -23.10 20.42
CA ASP C 439 -24.29 -23.27 20.65
C ASP C 439 -24.66 -23.12 22.12
N THR C 440 -23.80 -22.47 22.89
CA THR C 440 -24.11 -22.10 24.25
C THR C 440 -25.08 -20.92 24.27
N ASP C 441 -25.79 -20.78 25.38
CA ASP C 441 -26.75 -19.67 25.50
C ASP C 441 -26.03 -18.33 25.52
N LEU C 442 -25.00 -18.21 26.37
CA LEU C 442 -24.18 -17.02 26.43
C LEU C 442 -22.91 -17.28 25.64
N LYS C 443 -22.66 -16.46 24.64
CA LYS C 443 -21.63 -16.74 23.66
C LYS C 443 -20.39 -15.92 23.90
N PRO C 444 -19.22 -16.40 23.49
CA PRO C 444 -17.98 -15.63 23.70
C PRO C 444 -17.95 -14.40 22.81
N ARG C 445 -17.22 -13.38 23.30
CA ARG C 445 -17.13 -12.13 22.57
C ARG C 445 -16.25 -12.26 21.32
N LEU C 446 -15.35 -13.24 21.31
CA LEU C 446 -14.52 -13.47 20.14
C LEU C 446 -13.97 -14.89 20.19
N HIS C 447 -13.53 -15.36 19.02
CA HIS C 447 -12.79 -16.60 18.91
C HIS C 447 -11.33 -16.27 18.62
N VAL C 448 -10.42 -16.98 19.29
CA VAL C 448 -8.99 -16.71 19.13
C VAL C 448 -8.38 -17.40 17.94
N ASN C 449 -9.17 -18.10 17.12
CA ASN C 449 -8.61 -18.86 16.00
C ASN C 449 -9.06 -18.35 14.64
N ALA C 450 -10.10 -17.52 14.57
CA ALA C 450 -10.57 -17.02 13.29
C ALA C 450 -11.12 -15.61 13.45
N PRO C 451 -10.82 -14.70 12.52
CA PRO C 451 -11.39 -13.35 12.62
C PRO C 451 -12.88 -13.31 12.36
N PHE C 452 -13.41 -14.20 11.54
CA PHE C 452 -14.83 -14.22 11.21
C PHE C 452 -15.51 -15.37 11.94
N VAL C 453 -16.58 -15.05 12.65
CA VAL C 453 -17.32 -16.03 13.44
C VAL C 453 -18.75 -16.05 12.93
N CYS C 454 -19.30 -17.26 12.76
CA CYS C 454 -20.53 -17.47 12.01
C CYS C 454 -21.70 -17.34 12.97
N GLN C 455 -22.44 -16.23 12.88
CA GLN C 455 -23.45 -15.95 13.89
C GLN C 455 -24.50 -17.04 13.98
N ASN C 456 -25.09 -17.44 12.84
CA ASN C 456 -26.18 -18.39 12.82
C ASN C 456 -25.75 -19.75 12.31
N ASN C 457 -25.20 -19.80 11.10
CA ASN C 457 -24.70 -21.05 10.53
C ASN C 457 -23.70 -20.69 9.45
N CYS C 458 -22.83 -21.64 9.11
CA CYS C 458 -22.05 -21.42 7.90
C CYS C 458 -21.53 -22.73 7.33
N PRO C 459 -20.84 -22.70 6.19
CA PRO C 459 -21.03 -23.75 5.19
C PRO C 459 -20.86 -25.15 5.77
N GLY C 460 -21.73 -26.05 5.34
CA GLY C 460 -21.62 -27.42 5.78
C GLY C 460 -20.31 -28.04 5.33
N GLN C 461 -19.77 -28.90 6.19
CA GLN C 461 -18.53 -29.58 5.85
C GLN C 461 -18.75 -30.53 4.70
N LEU C 462 -17.72 -30.71 3.88
CA LEU C 462 -17.79 -31.55 2.69
C LEU C 462 -16.99 -32.83 2.97
N PHE C 463 -17.67 -33.97 2.90
CA PHE C 463 -17.06 -35.26 3.18
C PHE C 463 -17.02 -36.09 1.91
N VAL C 464 -15.93 -36.80 1.70
CA VAL C 464 -15.74 -37.64 0.52
C VAL C 464 -15.34 -39.04 0.97
N LYS C 465 -15.56 -40.01 0.09
CA LYS C 465 -15.28 -41.40 0.41
C LYS C 465 -15.34 -42.22 -0.87
N VAL C 466 -14.39 -43.15 -1.01
CA VAL C 466 -14.39 -44.07 -2.14
C VAL C 466 -15.35 -45.21 -1.83
N ALA C 467 -16.31 -45.43 -2.72
CA ALA C 467 -17.31 -46.46 -2.49
C ALA C 467 -16.65 -47.83 -2.45
N PRO C 468 -17.12 -48.73 -1.60
CA PRO C 468 -16.46 -50.05 -1.48
C PRO C 468 -16.53 -50.85 -2.77
N ASN C 469 -15.37 -51.13 -3.34
CA ASN C 469 -15.25 -51.94 -4.55
C ASN C 469 -14.98 -53.36 -4.11
N LEU C 470 -16.03 -54.18 -4.10
CA LEU C 470 -15.95 -55.51 -3.52
C LEU C 470 -15.47 -56.55 -4.54
N THR C 471 -14.78 -57.57 -4.02
CA THR C 471 -14.47 -58.74 -4.81
C THR C 471 -15.67 -59.68 -4.85
N ASN C 472 -15.46 -60.88 -5.41
CA ASN C 472 -16.52 -61.86 -5.50
C ASN C 472 -16.61 -62.76 -4.28
N GLN C 473 -15.70 -62.61 -3.31
CA GLN C 473 -15.67 -63.44 -2.13
C GLN C 473 -16.25 -62.74 -0.91
N TYR C 474 -17.03 -61.68 -1.11
CA TYR C 474 -17.58 -60.94 0.02
C TYR C 474 -18.59 -61.80 0.78
N ASP C 475 -18.61 -61.64 2.09
CA ASP C 475 -19.53 -62.37 2.96
C ASP C 475 -19.80 -61.53 4.21
N PRO C 476 -20.94 -60.85 4.31
CA PRO C 476 -21.16 -59.94 5.45
C PRO C 476 -21.14 -60.62 6.80
N ASP C 477 -21.34 -61.94 6.87
CA ASP C 477 -21.29 -62.67 8.12
C ASP C 477 -19.87 -63.00 8.56
N ALA C 478 -18.88 -62.71 7.74
CA ALA C 478 -17.49 -62.97 8.12
C ALA C 478 -16.99 -61.93 9.10
N SER C 479 -16.37 -62.39 10.18
CA SER C 479 -15.85 -61.49 11.21
C SER C 479 -14.65 -60.70 10.73
N ALA C 480 -13.86 -61.24 9.81
CA ALA C 480 -12.68 -60.54 9.33
C ALA C 480 -13.10 -59.31 8.53
N ASN C 481 -12.12 -58.44 8.28
CA ASN C 481 -12.38 -57.21 7.53
C ASN C 481 -12.81 -57.55 6.10
N MET C 482 -13.62 -56.67 5.53
CA MET C 482 -14.16 -56.88 4.20
C MET C 482 -13.02 -56.89 3.18
N SER C 483 -13.13 -57.77 2.19
CA SER C 483 -12.13 -57.86 1.13
C SER C 483 -12.50 -56.92 -0.01
N ARG C 484 -11.59 -56.02 -0.37
CA ARG C 484 -11.87 -54.96 -1.31
C ARG C 484 -10.82 -54.91 -2.41
N ILE C 485 -11.23 -54.44 -3.59
CA ILE C 485 -10.29 -54.09 -4.63
C ILE C 485 -9.59 -52.79 -4.24
N VAL C 486 -8.27 -52.77 -4.35
CA VAL C 486 -7.51 -51.59 -3.98
C VAL C 486 -7.87 -50.47 -4.94
N THR C 487 -8.62 -49.50 -4.46
CA THR C 487 -9.19 -48.44 -5.28
C THR C 487 -8.81 -47.08 -4.71
N TYR C 488 -8.53 -46.13 -5.59
CA TYR C 488 -8.27 -44.76 -5.19
C TYR C 488 -8.85 -43.83 -6.24
N SER C 489 -9.10 -42.60 -5.83
CA SER C 489 -9.74 -41.60 -6.68
C SER C 489 -8.94 -40.31 -6.69
N ASP C 490 -8.87 -39.69 -7.86
CA ASP C 490 -8.36 -38.33 -8.00
C ASP C 490 -9.46 -37.48 -8.62
N PHE C 491 -9.83 -36.41 -7.93
CA PHE C 491 -10.89 -35.53 -8.40
C PHE C 491 -10.44 -34.08 -8.25
N TRP C 492 -11.04 -33.21 -9.05
CA TRP C 492 -10.71 -31.79 -9.06
C TRP C 492 -11.70 -31.03 -8.19
N TRP C 493 -11.16 -30.21 -7.29
CA TRP C 493 -11.96 -29.38 -6.40
C TRP C 493 -11.77 -27.92 -6.77
N LYS C 494 -12.87 -27.21 -6.96
CA LYS C 494 -12.84 -25.77 -7.18
C LYS C 494 -13.73 -25.09 -6.16
N GLY C 495 -13.19 -24.07 -5.51
CA GLY C 495 -13.95 -23.27 -4.55
C GLY C 495 -13.85 -21.80 -4.91
N LYS C 496 -14.89 -21.04 -4.55
CA LYS C 496 -14.92 -19.60 -4.76
C LYS C 496 -15.25 -18.92 -3.45
N LEU C 497 -14.37 -18.04 -3.00
CA LEU C 497 -14.54 -17.30 -1.75
C LEU C 497 -14.60 -15.81 -2.09
N VAL C 498 -15.70 -15.17 -1.73
CA VAL C 498 -15.95 -13.78 -2.08
C VAL C 498 -15.80 -12.92 -0.84
N PHE C 499 -14.97 -11.89 -0.93
CA PHE C 499 -14.79 -10.91 0.14
C PHE C 499 -15.23 -9.54 -0.35
N LYS C 500 -15.58 -8.68 0.59
CA LYS C 500 -15.81 -7.27 0.34
C LYS C 500 -14.89 -6.46 1.23
N ALA C 501 -14.08 -5.59 0.63
CA ALA C 501 -13.06 -4.85 1.35
C ALA C 501 -13.17 -3.37 1.04
N LYS C 502 -12.69 -2.55 1.97
CA LYS C 502 -12.67 -1.10 1.83
C LYS C 502 -11.24 -0.63 1.62
N LEU C 503 -11.04 0.24 0.64
CA LEU C 503 -9.73 0.82 0.43
C LEU C 503 -9.38 1.81 1.53
N ARG C 504 -8.10 1.89 1.85
CA ARG C 504 -7.66 2.74 2.93
C ARG C 504 -7.43 4.17 2.44
N ALA C 505 -7.39 5.09 3.39
CA ALA C 505 -7.14 6.50 3.12
C ALA C 505 -5.97 6.98 3.97
N SER C 506 -5.22 7.94 3.44
CA SER C 506 -4.10 8.52 4.16
C SER C 506 -4.64 9.57 5.14
N HIS C 507 -4.48 9.32 6.43
CA HIS C 507 -4.99 10.20 7.46
C HIS C 507 -3.91 11.09 8.06
N THR C 508 -2.64 10.82 7.78
CA THR C 508 -1.54 11.44 8.50
C THR C 508 -0.50 11.96 7.51
N TRP C 509 0.31 12.89 7.99
CA TRP C 509 1.40 13.40 7.17
C TRP C 509 2.40 12.31 6.82
N ASN C 510 2.74 11.46 7.79
CA ASN C 510 3.75 10.45 7.60
C ASN C 510 3.17 9.23 6.87
N PRO C 511 4.01 8.46 6.19
CA PRO C 511 3.56 7.19 5.65
C PRO C 511 3.48 6.13 6.74
N ILE C 512 2.84 5.02 6.39
CA ILE C 512 2.55 3.96 7.34
C ILE C 512 3.34 2.71 6.99
N GLN C 513 3.23 1.69 7.83
CA GLN C 513 3.93 0.43 7.56
C GLN C 513 3.26 -0.30 6.41
N GLN C 514 4.06 -0.75 5.46
CA GLN C 514 3.58 -1.49 4.30
C GLN C 514 4.41 -2.75 4.12
N MET C 515 3.79 -3.78 3.55
CA MET C 515 4.50 -5.03 3.29
C MET C 515 5.25 -4.90 1.97
N SER C 516 6.51 -5.35 1.95
CA SER C 516 7.37 -5.13 0.81
C SER C 516 8.34 -6.29 0.64
N ILE C 517 8.81 -6.44 -0.60
CA ILE C 517 9.89 -7.38 -0.89
C ILE C 517 11.22 -6.67 -0.80
N ASN C 518 12.20 -7.32 -0.18
CA ASN C 518 13.50 -6.71 0.04
C ASN C 518 14.57 -7.77 -0.13
N VAL C 519 15.83 -7.32 -0.03
CA VAL C 519 16.96 -8.20 -0.33
C VAL C 519 17.05 -9.34 0.65
N ASP C 520 16.42 -9.22 1.82
CA ASP C 520 16.47 -10.27 2.82
C ASP C 520 15.39 -11.32 2.58
N ASN C 521 14.14 -10.91 2.40
CA ASN C 521 13.03 -11.83 2.25
C ASN C 521 12.80 -12.24 0.81
N GLN C 522 13.69 -11.86 -0.11
CA GLN C 522 13.47 -12.01 -1.54
C GLN C 522 13.14 -13.44 -1.94
N PHE C 523 13.97 -14.39 -1.55
CA PHE C 523 13.86 -15.75 -2.02
C PHE C 523 12.84 -16.57 -1.26
N ASN C 524 12.02 -15.93 -0.44
CA ASN C 524 10.87 -16.58 0.17
C ASN C 524 9.67 -16.64 -0.76
N TYR C 525 9.75 -16.01 -1.94
CA TYR C 525 8.63 -15.87 -2.84
C TYR C 525 8.92 -16.39 -4.24
N VAL C 526 10.03 -17.10 -4.42
CA VAL C 526 10.35 -17.67 -5.72
C VAL C 526 10.93 -19.06 -5.53
N PRO C 527 10.76 -19.93 -6.53
CA PRO C 527 11.18 -21.31 -6.36
C PRO C 527 12.70 -21.46 -6.35
N SER C 528 13.14 -22.57 -5.77
CA SER C 528 14.55 -22.93 -5.79
C SER C 528 14.91 -23.58 -7.12
N ASN C 529 16.21 -23.77 -7.33
CA ASN C 529 16.67 -24.31 -8.60
C ASN C 529 16.16 -25.73 -8.83
N ILE C 530 15.71 -26.41 -7.78
CA ILE C 530 15.14 -27.75 -7.90
C ILE C 530 13.64 -27.76 -7.67
N GLY C 531 12.98 -26.61 -7.77
CA GLY C 531 11.54 -26.55 -7.67
C GLY C 531 10.98 -26.33 -6.29
N GLY C 532 11.80 -25.93 -5.33
CA GLY C 532 11.33 -25.80 -3.97
C GLY C 532 10.45 -24.57 -3.78
N MET C 533 9.43 -24.72 -2.94
CA MET C 533 8.53 -23.65 -2.60
C MET C 533 8.37 -23.55 -1.09
N LYS C 534 8.11 -22.33 -0.62
CA LYS C 534 7.73 -22.09 0.76
C LYS C 534 6.84 -20.86 0.80
N ILE C 535 5.99 -20.79 1.81
CA ILE C 535 5.16 -19.62 2.06
C ILE C 535 5.45 -19.17 3.49
N VAL C 536 6.07 -18.00 3.62
CA VAL C 536 6.37 -17.47 4.94
C VAL C 536 5.16 -16.69 5.47
N TYR C 537 5.03 -16.67 6.79
CA TYR C 537 3.92 -15.97 7.40
C TYR C 537 4.03 -14.47 7.14
N GLU C 538 2.89 -13.80 7.06
CA GLU C 538 2.87 -12.38 6.79
C GLU C 538 1.85 -11.72 7.71
N LYS C 539 2.20 -10.56 8.25
CA LYS C 539 1.29 -9.84 9.13
C LYS C 539 0.23 -9.13 8.30
N SER C 540 -0.86 -8.76 8.97
CA SER C 540 -2.04 -8.27 8.27
C SER C 540 -2.52 -6.90 8.73
N GLN C 541 -2.45 -6.57 10.01
CA GLN C 541 -2.90 -5.26 10.49
C GLN C 541 -1.74 -4.26 10.51
N LEU C 542 -1.21 -3.97 9.32
CA LEU C 542 0.01 -3.17 9.23
C LEU C 542 -0.27 -1.71 9.58
N ALA C 543 -1.32 -1.14 9.02
CA ALA C 543 -1.57 0.28 9.20
C ALA C 543 -2.12 0.55 10.60
N PRO C 544 -1.83 1.70 11.18
CA PRO C 544 -2.41 2.06 12.47
C PRO C 544 -3.72 2.80 12.34
N ARG C 545 -4.60 2.58 13.32
CA ARG C 545 -5.82 3.35 13.46
C ARG C 545 -5.93 3.87 14.88
N LYS C 546 -6.46 5.09 15.00
CA LYS C 546 -6.59 5.70 16.31
C LYS C 546 -7.73 5.08 17.09
N LEU C 547 -7.45 4.69 18.32
CA LEU C 547 -8.45 4.05 19.17
C LEU C 547 -9.42 5.05 19.74
N TYR C 548 -8.96 6.28 20.00
CA TYR C 548 -9.74 7.25 20.74
C TYR C 548 -9.22 8.65 20.49
N GLY D 1 -18.24 -37.24 -27.35
CA GLY D 1 -18.08 -38.53 -26.62
C GLY D 1 -16.73 -39.18 -26.85
N VAL D 2 -16.60 -40.44 -26.44
CA VAL D 2 -15.33 -41.14 -26.57
C VAL D 2 -15.02 -41.42 -28.03
N GLY D 3 -16.00 -41.91 -28.77
CA GLY D 3 -15.80 -42.32 -30.15
C GLY D 3 -16.29 -41.35 -31.20
N ILE D 4 -16.53 -40.09 -30.83
CA ILE D 4 -17.01 -39.08 -31.76
C ILE D 4 -15.92 -38.03 -31.92
N SER D 5 -15.56 -37.73 -33.17
CA SER D 5 -14.55 -36.72 -33.44
C SER D 5 -15.10 -35.34 -33.13
N THR D 6 -14.20 -34.40 -32.87
CA THR D 6 -14.57 -33.05 -32.45
C THR D 6 -14.05 -31.97 -33.39
N GLY D 7 -13.36 -32.34 -34.46
CA GLY D 7 -12.86 -31.37 -35.40
C GLY D 7 -12.49 -32.03 -36.71
N THR D 8 -12.05 -31.21 -37.66
CA THR D 8 -11.67 -31.68 -38.98
C THR D 8 -10.29 -31.14 -39.35
N PHE D 9 -9.52 -31.97 -40.05
CA PHE D 9 -8.21 -31.58 -40.54
C PHE D 9 -8.36 -30.65 -41.74
N ASN D 10 -7.55 -29.61 -41.79
CA ASN D 10 -7.61 -28.63 -42.87
C ASN D 10 -6.28 -27.91 -42.97
N ASN D 11 -5.59 -28.10 -44.09
CA ASN D 11 -4.35 -27.39 -44.38
C ASN D 11 -4.40 -26.76 -45.77
N GLN D 12 -5.56 -26.24 -46.16
CA GLN D 12 -5.71 -25.58 -47.44
C GLN D 12 -5.44 -24.09 -47.31
N THR D 13 -5.01 -23.48 -48.40
CA THR D 13 -4.87 -22.03 -48.52
C THR D 13 -5.81 -21.55 -49.61
N GLU D 14 -6.70 -20.64 -49.26
CA GLU D 14 -7.71 -20.13 -50.17
C GLU D 14 -7.36 -18.72 -50.58
N PHE D 15 -7.62 -18.39 -51.85
CA PHE D 15 -7.41 -17.04 -52.39
C PHE D 15 -8.74 -16.57 -52.95
N LYS D 16 -9.49 -15.82 -52.13
CA LYS D 16 -10.75 -15.24 -52.55
C LYS D 16 -10.50 -13.84 -53.08
N PHE D 17 -10.87 -13.61 -54.34
CA PHE D 17 -10.55 -12.35 -55.00
C PHE D 17 -11.69 -11.37 -54.82
N LEU D 18 -11.43 -10.27 -54.14
CA LEU D 18 -12.41 -9.24 -53.87
C LEU D 18 -12.44 -8.22 -55.00
N GLU D 19 -13.14 -7.11 -54.77
CA GLU D 19 -13.18 -6.03 -55.73
C GLU D 19 -11.95 -5.14 -55.58
N ASN D 20 -11.62 -4.44 -56.66
CA ASN D 20 -10.60 -3.40 -56.65
C ASN D 20 -9.20 -3.96 -56.39
N GLY D 21 -8.93 -5.15 -56.92
CA GLY D 21 -7.58 -5.69 -56.87
C GLY D 21 -7.14 -6.18 -55.51
N TRP D 22 -8.05 -6.47 -54.60
CA TRP D 22 -7.71 -7.02 -53.30
C TRP D 22 -8.13 -8.48 -53.21
N VAL D 23 -7.29 -9.28 -52.57
CA VAL D 23 -7.48 -10.71 -52.43
C VAL D 23 -7.50 -11.07 -50.95
N TYR D 24 -8.33 -12.03 -50.58
CA TYR D 24 -8.55 -12.44 -49.20
C TYR D 24 -7.91 -13.80 -49.01
N ILE D 25 -6.71 -13.83 -48.43
CA ILE D 25 -5.94 -15.07 -48.28
C ILE D 25 -6.24 -15.69 -46.92
N THR D 26 -6.76 -16.90 -46.94
CA THR D 26 -7.05 -17.67 -45.72
C THR D 26 -6.13 -18.88 -45.69
N ALA D 27 -5.24 -18.91 -44.72
CA ALA D 27 -4.26 -19.98 -44.57
C ALA D 27 -4.69 -20.89 -43.44
N ASN D 28 -5.06 -22.12 -43.76
CA ASN D 28 -5.44 -23.12 -42.78
C ASN D 28 -4.27 -24.04 -42.51
N SER D 29 -4.01 -24.32 -41.24
CA SER D 29 -2.91 -25.15 -40.83
C SER D 29 -3.39 -26.17 -39.81
N SER D 30 -3.14 -27.44 -40.07
CA SER D 30 -3.49 -28.51 -39.16
C SER D 30 -2.27 -29.37 -38.87
N ARG D 31 -2.06 -29.68 -37.59
CA ARG D 31 -0.93 -30.49 -37.16
C ARG D 31 -1.40 -31.52 -36.15
N LEU D 32 -0.64 -32.60 -36.05
CA LEU D 32 -0.77 -33.55 -34.94
C LEU D 32 0.33 -33.26 -33.94
N VAL D 33 -0.05 -32.99 -32.70
CA VAL D 33 0.86 -32.50 -31.68
C VAL D 33 1.07 -33.60 -30.64
N HIS D 34 2.32 -33.86 -30.30
CA HIS D 34 2.70 -34.88 -29.35
C HIS D 34 3.23 -34.21 -28.09
N LEU D 35 2.64 -34.54 -26.94
CA LEU D 35 2.96 -33.87 -25.67
C LEU D 35 3.25 -34.92 -24.61
N ASN D 36 4.51 -35.02 -24.19
CA ASN D 36 4.87 -35.82 -23.03
C ASN D 36 4.58 -35.05 -21.74
N MET D 37 4.47 -35.77 -20.65
CA MET D 37 4.26 -35.13 -19.37
C MET D 37 5.55 -34.45 -18.92
N PRO D 38 5.46 -33.36 -18.15
CA PRO D 38 6.66 -32.60 -17.80
C PRO D 38 7.61 -33.39 -16.94
N GLU D 39 8.89 -33.00 -17.02
CA GLU D 39 9.93 -33.66 -16.23
C GLU D 39 9.64 -33.52 -14.74
N SER D 40 9.17 -32.34 -14.32
CA SER D 40 8.64 -32.15 -12.98
C SER D 40 7.43 -31.23 -13.06
N GLU D 41 6.58 -31.34 -12.05
CA GLU D 41 5.37 -30.51 -11.98
C GLU D 41 5.64 -29.15 -11.35
N ASN D 42 6.88 -28.87 -10.96
CA ASN D 42 7.20 -27.69 -10.18
C ASN D 42 7.81 -26.60 -11.06
N TYR D 43 7.69 -25.36 -10.58
CA TYR D 43 8.37 -24.24 -11.22
C TYR D 43 9.78 -24.12 -10.64
N ARG D 44 10.77 -24.03 -11.52
CA ARG D 44 12.16 -23.95 -11.13
C ARG D 44 12.73 -22.59 -11.48
N ARG D 45 13.61 -22.09 -10.62
CA ARG D 45 14.36 -20.86 -10.88
C ARG D 45 15.81 -21.26 -11.08
N VAL D 46 16.21 -21.43 -12.35
CA VAL D 46 17.51 -21.98 -12.70
C VAL D 46 18.37 -20.85 -13.24
N VAL D 47 19.64 -20.85 -12.85
CA VAL D 47 20.62 -19.87 -13.31
C VAL D 47 21.66 -20.59 -14.17
N VAL D 48 22.04 -19.95 -15.27
CA VAL D 48 23.08 -20.45 -16.15
C VAL D 48 24.24 -19.47 -16.07
N ASN D 49 25.46 -20.01 -15.98
CA ASN D 49 26.66 -19.17 -15.86
C ASN D 49 27.82 -19.95 -16.49
N ASN D 50 28.15 -19.61 -17.73
CA ASN D 50 29.20 -20.30 -18.46
C ASN D 50 30.56 -19.63 -18.20
N LEU D 51 30.91 -19.58 -16.91
CA LEU D 51 32.17 -18.96 -16.52
C LEU D 51 33.36 -19.62 -17.20
N ASP D 52 33.28 -20.92 -17.46
CA ASP D 52 34.39 -21.60 -18.11
C ASP D 52 34.65 -21.02 -19.50
N LYS D 53 33.59 -20.73 -20.24
CA LYS D 53 33.75 -20.18 -21.57
C LYS D 53 34.19 -18.72 -21.53
N THR D 54 33.57 -17.91 -20.69
CA THR D 54 33.89 -16.48 -20.62
C THR D 54 35.13 -16.19 -19.80
N ALA D 55 35.60 -17.15 -19.00
CA ALA D 55 36.87 -16.96 -18.29
C ALA D 55 38.03 -16.80 -19.25
N VAL D 56 37.92 -17.34 -20.45
CA VAL D 56 38.96 -17.16 -21.46
C VAL D 56 38.88 -15.72 -21.97
N ASN D 57 39.98 -14.99 -21.87
CA ASN D 57 39.99 -13.60 -22.29
C ASN D 57 39.67 -13.50 -23.78
N GLY D 58 38.77 -12.58 -24.12
CA GLY D 58 38.35 -12.39 -25.49
C GLY D 58 37.11 -13.15 -25.88
N ASN D 59 36.48 -13.88 -24.97
CA ASN D 59 35.28 -14.65 -25.23
C ASN D 59 34.03 -13.98 -24.68
N MET D 60 34.11 -12.70 -24.33
CA MET D 60 32.99 -12.01 -23.69
C MET D 60 31.74 -12.03 -24.56
N ALA D 61 31.88 -12.16 -25.87
CA ALA D 61 30.73 -12.22 -26.76
C ALA D 61 29.99 -13.55 -26.66
N LEU D 62 30.56 -14.54 -25.98
CA LEU D 62 29.95 -15.85 -25.85
C LEU D 62 29.19 -16.01 -24.54
N ASP D 63 28.95 -14.92 -23.83
CA ASP D 63 28.26 -14.99 -22.54
C ASP D 63 26.90 -15.64 -22.71
N ASP D 64 26.60 -16.62 -21.85
CA ASP D 64 25.29 -17.26 -21.80
C ASP D 64 24.64 -17.09 -20.44
N THR D 65 25.20 -16.25 -19.58
CA THR D 65 24.68 -16.10 -18.22
C THR D 65 23.28 -15.52 -18.24
N HIS D 66 22.36 -16.18 -17.56
CA HIS D 66 21.00 -15.70 -17.43
C HIS D 66 20.27 -16.52 -16.39
N ALA D 67 19.15 -16.00 -15.95
CA ALA D 67 18.26 -16.69 -15.02
C ALA D 67 16.88 -16.82 -15.66
N GLU D 68 16.27 -18.00 -15.51
CA GLU D 68 14.99 -18.27 -16.14
C GLU D 68 14.14 -19.10 -15.20
N ILE D 69 12.83 -18.98 -15.34
CA ILE D 69 11.88 -19.83 -14.64
C ILE D 69 11.49 -20.96 -15.59
N VAL D 70 11.82 -22.19 -15.22
CA VAL D 70 11.45 -23.36 -16.00
C VAL D 70 10.10 -23.85 -15.50
N THR D 71 9.14 -23.90 -16.40
CA THR D 71 7.75 -24.18 -16.06
C THR D 71 7.36 -25.58 -16.50
N PRO D 72 6.35 -26.16 -15.85
CA PRO D 72 5.85 -27.47 -16.29
C PRO D 72 4.93 -27.43 -17.50
N TRP D 73 4.80 -26.28 -18.16
CA TRP D 73 3.88 -26.09 -19.27
C TRP D 73 4.64 -26.09 -20.59
N SER D 74 3.88 -26.30 -21.67
CA SER D 74 4.42 -26.27 -23.02
C SER D 74 3.63 -25.25 -23.85
N LEU D 75 4.31 -24.68 -24.83
CA LEU D 75 3.80 -23.56 -25.61
C LEU D 75 3.54 -24.03 -27.04
N VAL D 76 2.33 -23.80 -27.53
CA VAL D 76 1.95 -24.13 -28.90
C VAL D 76 2.06 -22.85 -29.72
N ASP D 77 3.19 -22.68 -30.39
CA ASP D 77 3.50 -21.45 -31.11
C ASP D 77 3.43 -21.72 -32.61
N ALA D 78 2.56 -20.99 -33.31
CA ALA D 78 2.43 -21.08 -34.75
C ALA D 78 2.86 -19.82 -35.46
N ASN D 79 3.78 -19.05 -34.88
CA ASN D 79 4.18 -17.76 -35.41
C ASN D 79 5.41 -17.89 -36.31
N ALA D 80 5.22 -18.57 -37.43
CA ALA D 80 6.26 -18.72 -38.43
C ALA D 80 5.61 -18.94 -39.79
N TRP D 81 6.23 -18.39 -40.83
CA TRP D 81 5.63 -18.43 -42.15
C TRP D 81 5.45 -19.87 -42.64
N GLY D 82 6.43 -20.73 -42.40
CA GLY D 82 6.33 -22.11 -42.84
C GLY D 82 5.18 -22.87 -42.23
N VAL D 83 4.64 -22.38 -41.11
CA VAL D 83 3.49 -23.04 -40.51
C VAL D 83 2.25 -22.90 -41.38
N TRP D 84 2.22 -21.92 -42.28
CA TRP D 84 1.00 -21.55 -42.98
C TRP D 84 1.10 -21.70 -44.48
N PHE D 85 2.29 -21.57 -45.07
CA PHE D 85 2.43 -21.53 -46.51
C PHE D 85 3.47 -22.53 -46.99
N ASN D 86 3.10 -23.31 -48.00
CA ASN D 86 4.05 -24.11 -48.75
C ASN D 86 4.69 -23.26 -49.82
N PRO D 87 5.79 -23.71 -50.42
CA PRO D 87 6.51 -22.86 -51.38
C PRO D 87 5.66 -22.38 -52.53
N GLY D 88 4.67 -23.17 -52.98
CA GLY D 88 3.83 -22.72 -54.07
C GLY D 88 2.98 -21.52 -53.71
N ASP D 89 2.37 -21.56 -52.52
CA ASP D 89 1.59 -20.42 -52.06
C ASP D 89 2.47 -19.19 -51.89
N TRP D 90 3.68 -19.37 -51.36
CA TRP D 90 4.59 -18.25 -51.20
C TRP D 90 4.99 -17.68 -52.56
N GLN D 91 5.21 -18.54 -53.55
CA GLN D 91 5.50 -18.07 -54.88
C GLN D 91 4.35 -17.23 -55.41
N LEU D 92 3.13 -17.72 -55.25
CA LEU D 92 1.96 -16.95 -55.70
C LEU D 92 1.93 -15.58 -55.03
N ILE D 93 2.12 -15.55 -53.71
CA ILE D 93 2.00 -14.31 -52.96
C ILE D 93 3.08 -13.33 -53.39
N VAL D 94 4.34 -13.79 -53.46
CA VAL D 94 5.44 -12.87 -53.66
C VAL D 94 5.66 -12.56 -55.13
N ASN D 95 5.02 -13.28 -56.04
CA ASN D 95 5.11 -12.93 -57.45
C ASN D 95 3.96 -12.04 -57.88
N THR D 96 2.77 -12.24 -57.31
CA THR D 96 1.58 -11.56 -57.80
C THR D 96 1.04 -10.48 -56.86
N MET D 97 1.51 -10.41 -55.62
CA MET D 97 1.04 -9.40 -54.67
C MET D 97 2.06 -8.29 -54.51
N SER D 98 1.57 -7.13 -54.07
CA SER D 98 2.41 -5.97 -53.82
C SER D 98 2.48 -5.59 -52.35
N GLU D 99 1.41 -5.82 -51.59
CA GLU D 99 1.41 -5.55 -50.16
C GLU D 99 0.56 -6.59 -49.47
N LEU D 100 0.73 -6.71 -48.16
CA LEU D 100 0.13 -7.78 -47.38
C LEU D 100 -0.36 -7.23 -46.04
N HIS D 101 -1.62 -7.52 -45.71
CA HIS D 101 -2.23 -7.08 -44.45
C HIS D 101 -2.51 -8.29 -43.59
N LEU D 102 -2.23 -8.17 -42.30
CA LEU D 102 -2.52 -9.22 -41.33
C LEU D 102 -3.87 -8.95 -40.69
N VAL D 103 -4.86 -9.81 -40.95
CA VAL D 103 -6.23 -9.52 -40.55
C VAL D 103 -6.60 -10.24 -39.26
N SER D 104 -6.60 -11.57 -39.26
CA SER D 104 -7.16 -12.31 -38.14
C SER D 104 -6.44 -13.63 -37.94
N PHE D 105 -6.60 -14.18 -36.75
CA PHE D 105 -5.99 -15.44 -36.36
C PHE D 105 -6.89 -16.16 -35.37
N GLU D 106 -7.13 -17.45 -35.62
CA GLU D 106 -7.84 -18.29 -34.67
C GLU D 106 -7.23 -19.69 -34.70
N GLN D 107 -7.37 -20.40 -33.59
CA GLN D 107 -6.85 -21.76 -33.48
C GLN D 107 -7.75 -22.58 -32.58
N GLU D 108 -7.64 -23.90 -32.70
CA GLU D 108 -8.43 -24.80 -31.89
C GLU D 108 -7.67 -26.11 -31.68
N ILE D 109 -8.03 -26.81 -30.62
CA ILE D 109 -7.47 -28.12 -30.29
C ILE D 109 -8.63 -29.11 -30.28
N PHE D 110 -8.45 -30.23 -30.98
CA PHE D 110 -9.53 -31.20 -31.11
C PHE D 110 -8.95 -32.61 -31.20
N ASN D 111 -9.81 -33.58 -30.96
CA ASN D 111 -9.45 -35.00 -31.02
C ASN D 111 -8.29 -35.31 -30.08
N VAL D 112 -8.53 -35.12 -28.78
CA VAL D 112 -7.50 -35.30 -27.78
C VAL D 112 -7.41 -36.79 -27.43
N VAL D 113 -6.19 -37.30 -27.38
CA VAL D 113 -5.93 -38.68 -26.99
C VAL D 113 -4.88 -38.67 -25.89
N LEU D 114 -5.19 -39.32 -24.78
CA LEU D 114 -4.27 -39.46 -23.66
C LEU D 114 -4.00 -40.94 -23.43
N LYS D 115 -2.72 -41.32 -23.45
CA LYS D 115 -2.30 -42.70 -23.32
C LYS D 115 -1.33 -42.83 -22.17
N THR D 116 -1.24 -44.05 -21.64
CA THR D 116 -0.31 -44.38 -20.57
C THR D 116 0.63 -45.48 -21.05
N VAL D 117 1.85 -45.47 -20.53
CA VAL D 117 2.87 -46.45 -20.89
C VAL D 117 3.11 -47.35 -19.69
N SER D 118 3.03 -48.66 -19.91
CA SER D 118 3.31 -49.66 -18.89
C SER D 118 4.41 -50.57 -19.40
N GLU D 119 5.39 -50.85 -18.55
CA GLU D 119 6.53 -51.69 -18.89
C GLU D 119 6.49 -52.95 -18.05
N SER D 120 6.65 -54.10 -18.70
CA SER D 120 6.61 -55.38 -18.01
C SER D 120 7.91 -55.63 -17.26
N ALA D 121 7.86 -56.59 -16.33
CA ALA D 121 9.04 -57.02 -15.59
C ALA D 121 9.83 -58.09 -16.33
N THR D 122 9.40 -58.47 -17.53
CA THR D 122 10.11 -59.48 -18.30
C THR D 122 11.55 -59.06 -18.52
N GLN D 123 12.47 -60.04 -18.41
CA GLN D 123 13.89 -59.72 -18.53
C GLN D 123 14.22 -58.99 -19.83
N PRO D 124 13.80 -59.48 -20.99
CA PRO D 124 13.84 -58.63 -22.20
C PRO D 124 12.76 -57.57 -22.14
N PRO D 125 13.13 -56.28 -22.18
CA PRO D 125 12.13 -55.23 -21.98
C PRO D 125 11.01 -55.29 -23.02
N THR D 126 9.81 -54.94 -22.58
CA THR D 126 8.65 -54.84 -23.45
C THR D 126 7.59 -53.99 -22.75
N LYS D 127 6.99 -53.09 -23.51
CA LYS D 127 6.05 -52.13 -22.94
C LYS D 127 4.80 -52.04 -23.81
N VAL D 128 3.67 -51.74 -23.17
CA VAL D 128 2.37 -51.72 -23.82
C VAL D 128 1.73 -50.36 -23.59
N TYR D 129 1.17 -49.80 -24.66
CA TYR D 129 0.56 -48.48 -24.63
C TYR D 129 -0.95 -48.62 -24.55
N ASN D 130 -1.55 -47.98 -23.55
CA ASN D 130 -2.96 -48.12 -23.28
C ASN D 130 -3.61 -46.75 -23.23
N ASN D 131 -4.93 -46.73 -23.43
CA ASN D 131 -5.69 -45.48 -23.35
C ASN D 131 -6.18 -45.26 -21.94
N ASP D 132 -6.25 -43.98 -21.55
CA ASP D 132 -6.87 -43.56 -20.30
C ASP D 132 -7.98 -42.60 -20.70
N LEU D 133 -9.18 -43.13 -20.86
CA LEU D 133 -10.30 -42.33 -21.36
C LEU D 133 -10.70 -41.22 -20.40
N THR D 134 -10.27 -41.28 -19.15
CA THR D 134 -10.65 -40.29 -18.15
C THR D 134 -9.53 -39.34 -17.78
N ALA D 135 -8.35 -39.46 -18.39
CA ALA D 135 -7.32 -38.47 -18.19
C ALA D 135 -7.66 -37.18 -18.92
N SER D 136 -7.08 -36.08 -18.46
CA SER D 136 -7.41 -34.75 -18.96
C SER D 136 -6.16 -34.06 -19.47
N LEU D 137 -6.35 -33.18 -20.44
CA LEU D 137 -5.28 -32.33 -20.95
C LEU D 137 -5.55 -30.89 -20.54
N MET D 138 -4.56 -30.24 -19.95
CA MET D 138 -4.71 -28.89 -19.43
C MET D 138 -4.36 -27.89 -20.51
N VAL D 139 -5.32 -27.05 -20.88
CA VAL D 139 -5.16 -26.08 -21.94
C VAL D 139 -5.47 -24.69 -21.37
N ALA D 140 -4.52 -23.77 -21.50
CA ALA D 140 -4.67 -22.41 -21.00
C ALA D 140 -4.37 -21.44 -22.12
N LEU D 141 -5.26 -20.47 -22.31
CA LEU D 141 -5.10 -19.41 -23.31
C LEU D 141 -4.97 -18.08 -22.57
N ASP D 142 -3.82 -17.43 -22.74
CA ASP D 142 -3.55 -16.16 -22.06
C ASP D 142 -4.03 -15.00 -22.94
N SER D 143 -5.34 -14.88 -23.04
CA SER D 143 -5.94 -13.88 -23.91
C SER D 143 -5.59 -12.46 -23.49
N ASN D 144 -5.35 -12.21 -22.21
CA ASN D 144 -5.08 -10.88 -21.71
C ASN D 144 -3.59 -10.54 -21.70
N ASN D 145 -2.74 -11.44 -22.20
CA ASN D 145 -1.31 -11.20 -22.29
C ASN D 145 -0.72 -10.85 -20.93
N THR D 146 -1.02 -11.71 -19.95
CA THR D 146 -0.45 -11.57 -18.62
C THR D 146 0.93 -12.20 -18.51
N MET D 147 1.22 -13.19 -19.33
CA MET D 147 2.50 -13.89 -19.28
C MET D 147 3.52 -13.19 -20.16
N PRO D 148 4.81 -13.37 -19.88
CA PRO D 148 5.83 -12.82 -20.77
C PRO D 148 5.67 -13.35 -22.18
N PHE D 149 5.89 -12.48 -23.16
CA PHE D 149 5.79 -12.86 -24.56
C PHE D 149 7.08 -13.56 -24.99
N THR D 150 6.95 -14.80 -25.45
CA THR D 150 8.10 -15.63 -25.81
C THR D 150 7.86 -16.24 -27.18
N PRO D 151 8.13 -15.46 -28.25
CA PRO D 151 7.94 -16.01 -29.61
C PRO D 151 8.95 -17.11 -29.89
N ALA D 152 8.44 -18.29 -30.23
CA ALA D 152 9.30 -19.46 -30.38
C ALA D 152 10.14 -19.40 -31.65
N ALA D 153 9.81 -18.51 -32.60
CA ALA D 153 10.60 -18.42 -33.82
C ALA D 153 12.05 -18.04 -33.53
N MET D 154 12.29 -17.29 -32.46
CA MET D 154 13.66 -16.87 -32.15
C MET D 154 14.56 -18.06 -31.87
N ARG D 155 14.01 -19.11 -31.25
CA ARG D 155 14.77 -20.31 -30.92
C ARG D 155 14.53 -21.43 -31.92
N SER D 156 13.83 -21.16 -33.02
CA SER D 156 13.46 -22.19 -33.99
C SER D 156 12.68 -23.31 -33.30
N GLU D 157 11.64 -22.91 -32.57
CA GLU D 157 10.86 -23.84 -31.77
C GLU D 157 9.37 -23.63 -31.96
N THR D 158 8.93 -23.23 -33.15
CA THR D 158 7.52 -23.20 -33.46
C THR D 158 7.04 -24.60 -33.84
N LEU D 159 5.81 -24.69 -34.35
CA LEU D 159 5.32 -25.94 -34.86
C LEU D 159 5.99 -26.25 -36.20
N GLY D 160 6.03 -27.54 -36.54
CA GLY D 160 6.67 -27.96 -37.77
C GLY D 160 5.97 -27.41 -39.00
N PHE D 161 6.67 -27.52 -40.12
CA PHE D 161 6.21 -26.94 -41.38
C PHE D 161 5.57 -27.96 -42.32
N TYR D 162 5.44 -29.22 -41.92
CA TYR D 162 4.85 -30.25 -42.76
C TYR D 162 3.52 -30.71 -42.18
N PRO D 163 2.42 -30.65 -42.93
CA PRO D 163 1.16 -31.21 -42.41
C PRO D 163 1.23 -32.70 -42.12
N TRP D 164 1.98 -33.46 -42.90
CA TRP D 164 2.01 -34.91 -42.74
C TRP D 164 3.03 -35.38 -41.72
N LYS D 165 3.75 -34.46 -41.07
CA LYS D 165 4.71 -34.82 -40.04
C LYS D 165 4.18 -34.37 -38.69
N PRO D 166 4.03 -35.26 -37.71
CA PRO D 166 3.61 -34.81 -36.37
C PRO D 166 4.66 -33.88 -35.75
N THR D 167 4.19 -33.04 -34.83
CA THR D 167 5.03 -32.01 -34.24
C THR D 167 4.89 -32.03 -32.73
N ILE D 168 5.76 -31.28 -32.07
CA ILE D 168 5.78 -31.19 -30.60
C ILE D 168 5.75 -29.72 -30.21
N PRO D 169 5.19 -29.36 -29.06
CA PRO D 169 5.31 -27.99 -28.56
C PRO D 169 6.60 -27.82 -27.76
N THR D 170 6.96 -26.55 -27.56
CA THR D 170 8.19 -26.29 -26.85
C THR D 170 7.95 -26.12 -25.36
N PRO D 171 8.78 -26.69 -24.49
CA PRO D 171 8.64 -26.43 -23.05
C PRO D 171 8.77 -24.94 -22.77
N TRP D 172 7.88 -24.43 -21.94
CA TRP D 172 7.81 -22.99 -21.74
C TRP D 172 8.73 -22.54 -20.61
N ARG D 173 9.45 -21.45 -20.86
CA ARG D 173 10.30 -20.84 -19.86
C ARG D 173 10.34 -19.35 -20.14
N TYR D 174 10.61 -18.56 -19.10
CA TYR D 174 10.72 -17.12 -19.26
C TYR D 174 11.83 -16.60 -18.38
N TYR D 175 12.26 -15.38 -18.67
CA TYR D 175 13.43 -14.82 -18.02
C TYR D 175 13.11 -14.36 -16.61
N PHE D 176 13.98 -14.71 -15.68
CA PHE D 176 14.00 -14.15 -14.34
C PHE D 176 15.13 -13.14 -14.22
N GLN D 177 14.91 -12.11 -13.43
CA GLN D 177 15.86 -11.01 -13.35
C GLN D 177 17.18 -11.46 -12.77
N TRP D 178 18.26 -10.85 -13.25
CA TRP D 178 19.58 -11.12 -12.70
C TRP D 178 20.49 -9.94 -13.02
N ASP D 179 21.45 -9.72 -12.14
CA ASP D 179 22.47 -8.69 -12.34
C ASP D 179 23.78 -9.38 -12.71
N ARG D 180 24.43 -8.90 -13.76
CA ARG D 180 25.65 -9.53 -14.25
C ARG D 180 26.60 -8.44 -14.75
N THR D 181 27.87 -8.59 -14.41
CA THR D 181 28.92 -7.70 -14.88
C THR D 181 29.99 -8.53 -15.58
N LEU D 182 30.40 -8.09 -16.76
CA LEU D 182 31.45 -8.76 -17.53
C LEU D 182 32.31 -7.70 -18.19
N ILE D 183 33.53 -7.53 -17.70
CA ILE D 183 34.45 -6.55 -18.27
C ILE D 183 35.19 -7.19 -19.45
N PRO D 184 35.11 -6.62 -20.64
CA PRO D 184 35.73 -7.25 -21.81
C PRO D 184 37.25 -7.29 -21.69
N SER D 185 37.85 -8.10 -22.57
CA SER D 185 39.28 -8.31 -22.58
C SER D 185 39.66 -8.85 -23.95
N HIS D 186 40.95 -9.14 -24.12
CA HIS D 186 41.46 -9.64 -25.38
C HIS D 186 42.58 -10.63 -25.10
N THR D 187 42.83 -11.49 -26.09
CA THR D 187 43.94 -12.43 -25.97
C THR D 187 45.21 -11.63 -25.75
N GLY D 188 45.79 -11.73 -24.56
CA GLY D 188 46.90 -10.90 -24.16
C GLY D 188 46.59 -9.95 -23.02
N THR D 189 45.35 -9.93 -22.54
CA THR D 189 45.02 -9.14 -21.36
C THR D 189 45.51 -9.87 -20.11
N SER D 190 46.21 -9.14 -19.25
CA SER D 190 46.76 -9.73 -18.05
C SER D 190 45.75 -9.66 -16.90
N GLY D 191 45.72 -10.71 -16.10
CA GLY D 191 44.79 -10.77 -14.99
C GLY D 191 43.44 -11.32 -15.42
N THR D 192 42.51 -11.28 -14.47
CA THR D 192 41.16 -11.77 -14.67
C THR D 192 40.20 -10.59 -14.73
N PRO D 193 39.61 -10.27 -15.87
CA PRO D 193 38.58 -9.24 -15.90
C PRO D 193 37.40 -9.63 -15.02
N THR D 194 36.74 -8.61 -14.46
CA THR D 194 35.64 -8.85 -13.54
C THR D 194 34.53 -9.59 -14.27
N ASN D 195 34.32 -10.85 -13.88
CA ASN D 195 33.33 -11.73 -14.48
C ASN D 195 32.53 -12.33 -13.32
N ILE D 196 31.46 -11.65 -12.92
CA ILE D 196 30.74 -11.99 -11.69
C ILE D 196 29.23 -11.95 -11.96
N TYR D 197 28.54 -12.93 -11.42
CA TYR D 197 27.08 -12.96 -11.39
C TYR D 197 26.63 -12.39 -10.05
N HIS D 198 25.86 -11.30 -10.10
CA HIS D 198 25.59 -10.50 -8.91
C HIS D 198 24.31 -10.89 -8.19
N GLY D 199 23.50 -11.77 -8.75
CA GLY D 199 22.26 -12.15 -8.11
C GLY D 199 21.05 -11.48 -8.72
N THR D 200 20.01 -11.28 -7.93
CA THR D 200 18.74 -10.77 -8.41
C THR D 200 18.31 -9.58 -7.57
N ASP D 201 17.77 -8.56 -8.23
CA ASP D 201 17.23 -7.40 -7.55
C ASP D 201 15.83 -7.71 -7.06
N PRO D 202 15.54 -7.57 -5.76
CA PRO D 202 14.16 -7.81 -5.30
C PRO D 202 13.16 -6.89 -5.95
N ASP D 203 13.60 -5.70 -6.36
CA ASP D 203 12.68 -4.71 -6.90
C ASP D 203 12.13 -5.13 -8.25
N ASP D 204 12.72 -6.13 -8.89
CA ASP D 204 12.37 -6.54 -10.24
C ASP D 204 11.89 -7.99 -10.32
N VAL D 205 11.69 -8.66 -9.18
CA VAL D 205 11.27 -10.05 -9.21
C VAL D 205 9.85 -10.15 -9.71
N GLN D 206 9.64 -11.02 -10.71
CA GLN D 206 8.33 -11.27 -11.29
C GLN D 206 8.22 -12.77 -11.54
N PHE D 207 7.49 -13.46 -10.68
CA PHE D 207 7.31 -14.90 -10.76
C PHE D 207 5.88 -15.18 -11.21
N TYR D 208 5.72 -15.46 -12.50
CA TYR D 208 4.42 -15.73 -13.10
C TYR D 208 4.10 -17.21 -13.04
N THR D 209 2.83 -17.52 -12.82
CA THR D 209 2.35 -18.89 -12.87
C THR D 209 1.08 -18.95 -13.71
N ILE D 210 0.97 -19.98 -14.54
CA ILE D 210 -0.20 -20.13 -15.39
C ILE D 210 -1.46 -20.34 -14.56
N GLU D 211 -1.34 -21.14 -13.50
CA GLU D 211 -2.51 -21.47 -12.69
C GLU D 211 -3.14 -20.22 -12.09
N ASN D 212 -2.32 -19.26 -11.69
CA ASN D 212 -2.83 -18.08 -11.00
C ASN D 212 -3.29 -16.97 -11.94
N SER D 213 -2.96 -17.05 -13.21
CA SER D 213 -3.18 -15.94 -14.14
C SER D 213 -4.14 -16.26 -15.26
N VAL D 214 -4.27 -17.51 -15.66
CA VAL D 214 -5.06 -17.88 -16.83
C VAL D 214 -6.11 -18.91 -16.44
N PRO D 215 -7.32 -18.86 -16.99
CA PRO D 215 -8.24 -19.99 -16.82
C PRO D 215 -7.73 -21.21 -17.58
N VAL D 216 -7.80 -22.37 -16.93
CA VAL D 216 -7.28 -23.61 -17.49
C VAL D 216 -8.46 -24.53 -17.77
N HIS D 217 -8.53 -25.04 -18.99
CA HIS D 217 -9.57 -25.98 -19.39
C HIS D 217 -9.02 -27.40 -19.37
N LEU D 218 -9.79 -28.31 -18.80
CA LEU D 218 -9.45 -29.72 -18.76
C LEU D 218 -10.18 -30.43 -19.90
N LEU D 219 -9.43 -30.91 -20.87
CA LEU D 219 -9.99 -31.57 -22.05
C LEU D 219 -9.79 -33.07 -21.91
N ARG D 220 -10.88 -33.82 -22.01
CA ARG D 220 -10.83 -35.26 -22.12
C ARG D 220 -10.91 -35.67 -23.59
N THR D 221 -10.94 -36.97 -23.84
CA THR D 221 -10.85 -37.45 -25.22
C THR D 221 -12.03 -37.00 -26.08
N GLY D 222 -13.12 -36.54 -25.47
CA GLY D 222 -14.27 -36.06 -26.20
C GLY D 222 -14.45 -34.56 -26.21
N ASP D 223 -13.45 -33.80 -25.79
CA ASP D 223 -13.59 -32.36 -25.67
C ASP D 223 -12.76 -31.62 -26.71
N GLU D 224 -13.14 -30.38 -26.96
CA GLU D 224 -12.45 -29.52 -27.91
C GLU D 224 -12.33 -28.13 -27.31
N PHE D 225 -11.30 -27.41 -27.74
CA PHE D 225 -11.06 -26.05 -27.29
C PHE D 225 -10.81 -25.17 -28.51
N ALA D 226 -11.54 -24.07 -28.60
CA ALA D 226 -11.36 -23.09 -29.66
C ALA D 226 -11.13 -21.73 -29.04
N THR D 227 -10.16 -20.99 -29.59
CA THR D 227 -9.76 -19.72 -29.00
C THR D 227 -10.69 -18.57 -29.38
N GLY D 228 -11.35 -18.65 -30.53
CA GLY D 228 -12.07 -17.51 -31.05
C GLY D 228 -11.18 -16.72 -31.99
N THR D 229 -11.76 -15.87 -32.81
CA THR D 229 -11.00 -15.13 -33.80
C THR D 229 -10.47 -13.84 -33.20
N PHE D 230 -9.15 -13.66 -33.28
CA PHE D 230 -8.52 -12.40 -32.89
C PHE D 230 -8.19 -11.61 -34.14
N PHE D 231 -8.48 -10.30 -34.09
CA PHE D 231 -8.26 -9.41 -35.23
C PHE D 231 -7.07 -8.50 -34.95
N PHE D 232 -6.19 -8.38 -35.94
CA PHE D 232 -4.98 -7.59 -35.79
C PHE D 232 -5.22 -6.13 -36.13
N ASP D 233 -4.32 -5.28 -35.64
CA ASP D 233 -4.30 -3.86 -35.95
C ASP D 233 -2.97 -3.40 -36.50
N CYS D 234 -2.33 -4.22 -37.35
CA CYS D 234 -0.96 -3.98 -37.77
C CYS D 234 -0.91 -3.14 -39.05
N LYS D 235 0.25 -2.55 -39.30
CA LYS D 235 0.47 -1.81 -40.52
C LYS D 235 0.72 -2.77 -41.68
N PRO D 236 0.43 -2.36 -42.92
CA PRO D 236 0.66 -3.24 -44.06
C PRO D 236 2.14 -3.52 -44.26
N CYS D 237 2.42 -4.70 -44.82
CA CYS D 237 3.77 -5.10 -45.17
C CYS D 237 3.93 -5.05 -46.69
N ARG D 238 4.98 -4.38 -47.15
CA ARG D 238 5.23 -4.23 -48.57
C ARG D 238 5.98 -5.45 -49.10
N LEU D 239 5.50 -5.98 -50.23
CA LEU D 239 6.17 -7.07 -50.93
C LEU D 239 6.98 -6.57 -52.11
N THR D 240 7.53 -5.36 -51.99
CA THR D 240 8.37 -4.76 -53.00
C THR D 240 9.54 -4.06 -52.31
N HIS D 241 10.67 -3.99 -52.99
CA HIS D 241 11.89 -3.45 -52.42
C HIS D 241 12.28 -2.17 -53.14
N THR D 242 13.06 -1.34 -52.44
CA THR D 242 13.58 -0.10 -52.98
C THR D 242 15.01 -0.32 -53.45
N TRP D 243 15.35 0.30 -54.57
CA TRP D 243 16.71 0.24 -55.10
C TRP D 243 17.44 1.57 -55.01
N GLN D 244 16.72 2.65 -54.75
CA GLN D 244 17.29 3.99 -54.87
C GLN D 244 18.04 4.36 -53.59
N THR D 245 19.35 4.54 -53.70
CA THR D 245 20.11 5.19 -52.65
C THR D 245 20.02 6.70 -52.85
N ASN D 246 20.75 7.45 -52.04
CA ASN D 246 20.71 8.90 -52.15
C ASN D 246 21.20 9.36 -53.51
N ARG D 247 22.11 8.61 -54.12
CA ARG D 247 22.67 9.00 -55.40
C ARG D 247 21.66 8.93 -56.54
N ALA D 248 20.53 8.26 -56.33
CA ALA D 248 19.51 8.09 -57.37
C ALA D 248 18.19 8.75 -56.99
N LEU D 249 18.22 9.89 -56.33
CA LEU D 249 17.03 10.65 -55.98
C LEU D 249 17.00 11.95 -56.77
N GLY D 250 15.89 12.22 -57.42
CA GLY D 250 15.69 13.49 -58.08
C GLY D 250 16.03 13.48 -59.56
N LEU D 251 16.30 14.66 -60.07
CA LEU D 251 16.56 14.85 -61.48
C LEU D 251 18.05 14.66 -61.77
N PRO D 252 18.43 13.74 -62.64
CA PRO D 252 19.85 13.59 -62.98
C PRO D 252 20.39 14.83 -63.66
N PRO D 253 21.71 14.96 -63.75
CA PRO D 253 22.28 16.09 -64.50
C PRO D 253 22.01 15.95 -65.99
N PHE D 254 21.88 17.09 -66.64
CA PHE D 254 21.69 17.08 -68.09
C PHE D 254 23.00 16.76 -68.78
N LEU D 255 22.96 15.83 -69.72
CA LEU D 255 24.15 15.40 -70.44
C LEU D 255 24.23 16.19 -71.75
N ASN D 256 25.27 17.01 -71.87
CA ASN D 256 25.46 17.81 -73.07
C ASN D 256 26.22 17.06 -74.14
N SER D 257 26.76 15.88 -73.84
CA SER D 257 27.32 14.98 -74.83
C SER D 257 26.77 13.59 -74.60
N LEU D 258 26.26 12.97 -75.65
CA LEU D 258 25.68 11.64 -75.58
C LEU D 258 26.41 10.71 -76.52
N PRO D 259 26.46 9.41 -76.20
CA PRO D 259 27.22 8.49 -77.04
C PRO D 259 26.65 8.40 -78.44
N GLN D 260 27.54 8.26 -79.41
CA GLN D 260 27.15 8.03 -80.81
C GLN D 260 27.31 6.58 -81.23
N SER D 261 27.70 5.69 -80.32
CA SER D 261 27.90 4.29 -80.64
C SER D 261 27.62 3.45 -79.41
N GLU D 262 27.23 2.20 -79.63
CA GLU D 262 26.96 1.27 -78.55
C GLU D 262 28.27 0.67 -78.04
N GLY D 263 28.27 0.30 -76.76
CA GLY D 263 29.44 -0.27 -76.12
C GLY D 263 29.73 0.37 -74.78
N GLY D 264 30.32 -0.41 -73.88
CA GLY D 264 30.63 0.09 -72.55
C GLY D 264 31.74 1.12 -72.53
N THR D 265 32.53 1.21 -73.60
CA THR D 265 33.57 2.22 -73.68
C THR D 265 33.02 3.59 -74.08
N ASN D 266 31.73 3.67 -74.40
CA ASN D 266 31.10 4.89 -74.90
C ASN D 266 30.16 5.42 -73.83
N PHE D 267 30.64 6.39 -73.05
CA PHE D 267 29.85 6.99 -71.99
C PHE D 267 29.29 8.34 -72.44
N GLY D 268 28.34 8.84 -71.66
CA GLY D 268 27.87 10.19 -71.83
C GLY D 268 28.59 11.14 -70.89
N TYR D 269 28.52 12.43 -71.22
CA TYR D 269 29.25 13.45 -70.49
C TYR D 269 28.34 14.62 -70.17
N ILE D 270 28.49 15.17 -68.96
CA ILE D 270 27.71 16.33 -68.56
C ILE D 270 28.15 17.57 -69.33
N GLY D 271 29.45 17.75 -69.50
CA GLY D 271 29.96 18.85 -70.30
C GLY D 271 30.32 20.08 -69.49
N VAL D 272 29.47 20.45 -68.54
CA VAL D 272 29.71 21.66 -67.74
C VAL D 272 30.80 21.37 -66.72
N GLN D 273 31.76 22.28 -66.60
CA GLN D 273 32.83 22.12 -65.65
C GLN D 273 32.26 22.11 -64.23
N GLN D 274 32.88 21.31 -63.35
CA GLN D 274 32.22 20.94 -62.11
C GLN D 274 31.92 22.14 -61.22
N ASP D 275 32.83 23.12 -61.17
CA ASP D 275 32.59 24.31 -60.36
C ASP D 275 31.70 25.33 -61.05
N LYS D 276 31.45 25.17 -62.35
CA LYS D 276 30.60 26.09 -63.09
C LYS D 276 29.15 25.63 -63.16
N ARG D 277 28.82 24.54 -62.49
CA ARG D 277 27.51 23.92 -62.67
C ARG D 277 26.44 24.65 -61.86
N ARG D 278 25.19 24.32 -62.15
CA ARG D 278 24.04 24.86 -61.46
C ARG D 278 23.33 23.76 -60.68
N GLY D 279 22.85 24.13 -59.51
CA GLY D 279 22.20 23.22 -58.60
C GLY D 279 22.39 23.68 -57.17
N VAL D 280 21.87 22.89 -56.24
CA VAL D 280 21.87 23.26 -54.82
C VAL D 280 22.64 22.21 -54.05
N THR D 281 23.61 22.66 -53.25
CA THR D 281 24.37 21.80 -52.36
C THR D 281 24.22 22.31 -50.94
N GLN D 282 24.47 21.42 -49.97
CA GLN D 282 24.48 21.78 -48.56
C GLN D 282 25.87 22.16 -48.08
N MET D 283 26.79 22.39 -49.01
CA MET D 283 28.18 22.76 -48.71
C MET D 283 28.33 24.24 -49.05
N GLY D 284 28.16 25.08 -48.03
CA GLY D 284 28.10 26.52 -48.23
C GLY D 284 29.43 27.17 -48.54
N ASN D 285 30.52 26.40 -48.54
CA ASN D 285 31.84 26.95 -48.81
C ASN D 285 32.55 26.23 -49.95
N THR D 286 31.81 25.76 -50.95
CA THR D 286 32.41 25.12 -52.12
C THR D 286 31.51 25.35 -53.32
N ASN D 287 32.13 25.47 -54.49
CA ASN D 287 31.41 25.66 -55.74
C ASN D 287 31.20 24.37 -56.52
N TYR D 288 31.75 23.25 -56.05
CA TYR D 288 31.64 21.98 -56.76
C TYR D 288 30.25 21.39 -56.55
N ILE D 289 29.50 21.24 -57.63
CA ILE D 289 28.23 20.53 -57.60
C ILE D 289 28.42 19.23 -58.33
N THR D 290 28.62 18.15 -57.58
CA THR D 290 28.81 16.82 -58.12
C THR D 290 27.71 15.92 -57.61
N GLU D 291 27.67 14.69 -58.14
CA GLU D 291 26.66 13.75 -57.71
C GLU D 291 26.80 13.41 -56.24
N ALA D 292 28.02 13.50 -55.70
CA ALA D 292 28.24 13.22 -54.29
C ALA D 292 27.84 14.41 -53.41
N THR D 293 28.04 15.63 -53.90
CA THR D 293 27.84 16.82 -53.09
C THR D 293 26.46 17.44 -53.26
N ILE D 294 25.77 17.17 -54.36
CA ILE D 294 24.48 17.80 -54.58
C ILE D 294 23.51 17.40 -53.48
N MET D 295 22.61 18.30 -53.13
CA MET D 295 21.67 18.05 -52.05
C MET D 295 20.63 17.04 -52.51
N ARG D 296 20.14 16.25 -51.56
CA ARG D 296 19.07 15.29 -51.79
C ARG D 296 17.95 15.54 -50.79
N PRO D 297 16.72 15.10 -51.10
CA PRO D 297 15.61 15.39 -50.21
C PRO D 297 15.84 14.94 -48.77
N ALA D 298 16.42 13.75 -48.58
CA ALA D 298 16.66 13.22 -47.26
C ALA D 298 17.75 12.15 -47.38
N GLU D 299 17.92 11.35 -46.34
CA GLU D 299 18.90 10.26 -46.31
C GLU D 299 18.18 8.92 -46.27
N VAL D 300 18.66 7.97 -47.05
CA VAL D 300 18.11 6.62 -47.09
C VAL D 300 19.08 5.71 -46.34
N GLY D 301 18.59 5.10 -45.26
CA GLY D 301 19.43 4.25 -44.45
C GLY D 301 20.27 5.07 -43.50
N TYR D 302 21.06 4.36 -42.70
CA TYR D 302 21.92 5.00 -41.71
C TYR D 302 23.10 4.10 -41.40
N SER D 303 24.24 4.73 -41.14
CA SER D 303 25.37 4.01 -40.59
C SER D 303 25.15 3.74 -39.10
N ALA D 304 25.50 2.55 -38.66
CA ALA D 304 25.38 2.17 -37.27
C ALA D 304 26.68 1.49 -36.85
N PRO D 305 27.06 1.59 -35.57
CA PRO D 305 28.24 0.85 -35.09
C PRO D 305 27.99 -0.64 -35.19
N TYR D 306 28.82 -1.33 -35.97
CA TYR D 306 28.57 -2.73 -36.29
C TYR D 306 29.46 -3.62 -35.45
N TYR D 307 28.87 -4.74 -35.03
CA TYR D 307 29.43 -5.60 -33.98
C TYR D 307 29.82 -4.73 -32.79
N SER D 308 28.91 -3.87 -32.38
CA SER D 308 29.04 -3.13 -31.13
C SER D 308 28.26 -3.86 -30.05
N PHE D 309 28.91 -4.13 -28.93
CA PHE D 309 28.29 -4.83 -27.81
C PHE D 309 28.09 -3.88 -26.65
N GLU D 310 26.84 -3.72 -26.24
CA GLU D 310 26.46 -2.83 -25.17
C GLU D 310 26.15 -3.63 -23.92
N ALA D 311 26.54 -3.09 -22.76
CA ALA D 311 26.31 -3.74 -21.48
C ALA D 311 25.26 -2.98 -20.69
N SER D 312 24.41 -3.72 -20.00
CA SER D 312 23.43 -3.15 -19.09
C SER D 312 23.40 -4.08 -17.88
N THR D 313 22.36 -3.98 -17.06
CA THR D 313 22.30 -4.75 -15.83
C THR D 313 22.57 -6.23 -16.07
N GLN D 314 22.04 -6.78 -17.15
CA GLN D 314 22.08 -8.21 -17.40
C GLN D 314 23.31 -8.66 -18.17
N GLY D 315 24.17 -7.75 -18.59
CA GLY D 315 25.38 -8.11 -19.30
C GLY D 315 25.36 -7.67 -20.74
N PRO D 316 26.40 -8.01 -21.49
CA PRO D 316 26.55 -7.49 -22.85
C PRO D 316 25.55 -8.07 -23.83
N PHE D 317 25.24 -7.28 -24.85
CA PHE D 317 24.39 -7.72 -25.96
C PHE D 317 24.75 -6.91 -27.20
N LYS D 318 24.43 -7.47 -28.36
CA LYS D 318 24.77 -6.81 -29.61
C LYS D 318 23.79 -5.69 -29.92
N THR D 319 24.32 -4.56 -30.37
CA THR D 319 23.48 -3.46 -30.82
C THR D 319 22.78 -3.85 -32.11
N PRO D 320 21.46 -3.86 -32.16
CA PRO D 320 20.77 -4.28 -33.39
C PRO D 320 20.75 -3.19 -34.45
N ILE D 321 20.71 -3.62 -35.70
CA ILE D 321 20.71 -2.74 -36.86
C ILE D 321 19.53 -3.14 -37.75
N ALA D 322 19.00 -2.16 -38.47
CA ALA D 322 17.77 -2.37 -39.24
C ALA D 322 18.00 -2.70 -40.70
N ALA D 323 19.24 -2.74 -41.17
CA ALA D 323 19.51 -2.94 -42.59
C ALA D 323 20.76 -3.78 -42.77
N GLY D 324 20.87 -4.40 -43.96
CA GLY D 324 21.97 -5.27 -44.25
C GLY D 324 23.14 -4.56 -44.90
N ARG D 325 24.21 -5.31 -45.11
CA ARG D 325 25.44 -4.73 -45.64
C ARG D 325 25.30 -4.40 -47.12
N GLY D 326 26.14 -3.47 -47.57
CA GLY D 326 26.18 -3.14 -48.98
C GLY D 326 27.20 -3.99 -49.72
N GLY D 327 26.83 -4.38 -50.94
CA GLY D 327 27.66 -5.25 -51.74
C GLY D 327 27.53 -6.72 -51.42
N ALA D 328 26.70 -7.09 -50.45
CA ALA D 328 26.52 -8.49 -50.12
C ALA D 328 25.75 -9.24 -51.20
N GLN D 329 24.90 -8.55 -51.96
CA GLN D 329 24.16 -9.20 -53.03
C GLN D 329 25.10 -9.71 -54.12
N THR D 330 26.17 -8.97 -54.42
CA THR D 330 27.12 -9.42 -55.42
C THR D 330 27.99 -10.57 -54.89
N ASP D 331 28.34 -10.53 -53.60
CA ASP D 331 29.18 -11.55 -52.98
C ASP D 331 28.59 -11.88 -51.61
N GLU D 332 28.02 -13.08 -51.48
CA GLU D 332 27.44 -13.49 -50.21
C GLU D 332 28.48 -13.62 -49.11
N ASN D 333 29.74 -13.86 -49.47
CA ASN D 333 30.79 -13.98 -48.47
C ASN D 333 30.98 -12.69 -47.67
N GLN D 334 30.47 -11.58 -48.18
CA GLN D 334 30.54 -10.30 -47.48
C GLN D 334 29.30 -10.01 -46.66
N ALA D 335 28.41 -10.98 -46.49
CA ALA D 335 27.23 -10.77 -45.65
C ALA D 335 27.64 -10.72 -44.19
N ALA D 336 27.18 -9.70 -43.49
CA ALA D 336 27.63 -9.41 -42.13
C ALA D 336 26.53 -8.73 -41.34
N ASP D 337 26.91 -8.05 -40.26
CA ASP D 337 25.96 -7.36 -39.39
C ASP D 337 24.76 -6.83 -40.17
N GLY D 338 23.57 -7.15 -39.68
CA GLY D 338 22.34 -6.72 -40.28
C GLY D 338 21.66 -7.74 -41.15
N ASP D 339 22.39 -8.72 -41.67
CA ASP D 339 21.81 -9.78 -42.48
C ASP D 339 21.38 -10.92 -41.56
N PRO D 340 20.09 -11.07 -41.27
CA PRO D 340 19.68 -12.10 -40.31
C PRO D 340 20.12 -13.49 -40.75
N ARG D 341 20.61 -14.26 -39.80
CA ARG D 341 21.09 -15.62 -40.03
C ARG D 341 20.24 -16.58 -39.23
N TYR D 342 19.70 -17.59 -39.90
CA TYR D 342 18.73 -18.51 -39.32
C TYR D 342 19.35 -19.89 -39.21
N ALA D 343 19.27 -20.48 -38.01
CA ALA D 343 19.67 -21.85 -37.78
C ALA D 343 18.45 -22.64 -37.33
N PHE D 344 18.22 -23.79 -37.96
CA PHE D 344 16.99 -24.54 -37.75
C PHE D 344 17.27 -26.03 -37.89
N GLY D 345 16.23 -26.83 -37.67
CA GLY D 345 16.34 -28.27 -37.66
C GLY D 345 15.37 -28.94 -38.62
N ARG D 346 15.21 -30.25 -38.42
CA ARG D 346 14.48 -31.09 -39.36
C ARG D 346 12.98 -30.82 -39.33
N GLN D 347 12.48 -30.15 -38.30
CA GLN D 347 11.08 -29.76 -38.26
C GLN D 347 10.81 -28.48 -39.05
N HIS D 348 11.85 -27.73 -39.40
CA HIS D 348 11.68 -26.37 -39.90
C HIS D 348 12.47 -26.09 -41.17
N GLY D 349 12.86 -27.13 -41.90
CA GLY D 349 13.48 -26.93 -43.20
C GLY D 349 14.68 -27.81 -43.48
N GLN D 350 15.46 -28.14 -42.47
CA GLN D 350 16.62 -29.00 -42.70
C GLN D 350 16.17 -30.33 -43.26
N LYS D 351 16.94 -30.84 -44.22
CA LYS D 351 16.66 -32.13 -44.83
C LYS D 351 16.26 -33.13 -43.75
N THR D 352 15.06 -33.69 -43.85
CA THR D 352 14.49 -34.46 -42.75
C THR D 352 15.23 -35.77 -42.51
N THR D 353 16.14 -36.15 -43.40
CA THR D 353 16.79 -37.45 -43.33
C THR D 353 18.30 -37.34 -43.15
N THR D 354 18.77 -36.21 -42.62
CA THR D 354 20.16 -36.09 -42.26
C THR D 354 20.40 -36.62 -40.86
N THR D 355 21.67 -36.86 -40.54
CA THR D 355 22.08 -37.33 -39.23
C THR D 355 23.01 -36.31 -38.60
N GLY D 356 22.91 -36.17 -37.27
CA GLY D 356 23.77 -35.29 -36.52
C GLY D 356 23.04 -34.09 -35.97
N GLU D 357 23.69 -33.44 -35.00
CA GLU D 357 23.13 -32.27 -34.33
C GLU D 357 23.43 -30.97 -35.05
N THR D 358 24.27 -30.98 -36.07
CA THR D 358 24.61 -29.76 -36.77
C THR D 358 23.37 -29.19 -37.46
N PRO D 359 23.00 -27.95 -37.21
CA PRO D 359 21.79 -27.40 -37.82
C PRO D 359 22.03 -26.93 -39.24
N GLU D 360 20.92 -26.72 -39.95
CA GLU D 360 20.97 -26.05 -41.24
C GLU D 360 20.86 -24.55 -41.04
N ARG D 361 21.63 -23.79 -41.82
CA ARG D 361 21.74 -22.36 -41.62
C ARG D 361 21.71 -21.64 -42.96
N PHE D 362 21.19 -20.41 -42.95
CA PHE D 362 21.30 -19.53 -44.09
C PHE D 362 21.27 -18.09 -43.59
N THR D 363 22.01 -17.23 -44.29
CA THR D 363 21.97 -15.79 -44.05
C THR D 363 21.07 -15.18 -45.10
N TYR D 364 20.13 -14.34 -44.66
CA TYR D 364 19.15 -13.73 -45.55
C TYR D 364 19.72 -12.43 -46.10
N ILE D 365 19.93 -12.39 -47.41
CA ILE D 365 20.40 -11.20 -48.10
C ILE D 365 19.19 -10.56 -48.80
N ALA D 366 18.58 -9.59 -48.14
CA ALA D 366 17.38 -8.96 -48.69
C ALA D 366 17.71 -8.15 -49.94
N HIS D 367 16.70 -7.94 -50.77
CA HIS D 367 16.87 -7.20 -52.01
C HIS D 367 16.91 -5.69 -51.80
N GLN D 368 16.45 -5.19 -50.67
CA GLN D 368 16.38 -3.76 -50.46
C GLN D 368 17.78 -3.18 -50.30
N ASP D 369 18.08 -2.14 -51.06
CA ASP D 369 19.39 -1.50 -51.04
C ASP D 369 19.36 -0.27 -50.12
N THR D 370 19.22 -0.53 -48.82
CA THR D 370 19.14 0.52 -47.82
C THR D 370 20.36 0.53 -46.91
N GLY D 371 21.38 -0.27 -47.21
CA GLY D 371 22.50 -0.44 -46.31
C GLY D 371 23.64 0.50 -46.63
N ARG D 372 24.82 0.13 -46.13
CA ARG D 372 26.02 0.94 -46.25
C ARG D 372 27.20 0.07 -46.63
N TYR D 373 28.20 0.70 -47.22
CA TYR D 373 29.44 0.04 -47.56
C TYR D 373 30.56 0.78 -46.84
N PRO D 374 30.83 0.45 -45.57
CA PRO D 374 31.74 1.29 -44.78
C PRO D 374 33.14 1.39 -45.35
N GLU D 375 33.56 0.46 -46.20
CA GLU D 375 34.88 0.56 -46.80
C GLU D 375 34.96 1.71 -47.80
N GLY D 376 33.83 2.33 -48.14
CA GLY D 376 33.79 3.45 -49.06
C GLY D 376 33.42 4.78 -48.46
N ASP D 377 33.31 4.86 -47.13
CA ASP D 377 33.01 6.11 -46.47
C ASP D 377 34.31 6.87 -46.16
N TRP D 378 34.16 8.14 -45.83
CA TRP D 378 35.28 8.92 -45.31
C TRP D 378 34.75 10.21 -44.71
N ILE D 379 35.58 10.81 -43.86
CA ILE D 379 35.32 12.14 -43.31
C ILE D 379 36.50 13.02 -43.70
N GLN D 380 36.21 14.27 -44.06
CA GLN D 380 37.28 15.21 -44.37
C GLN D 380 36.95 16.59 -43.80
N ASN D 381 37.97 17.43 -43.75
CA ASN D 381 37.89 18.68 -43.03
C ASN D 381 36.89 19.63 -43.68
N ILE D 382 36.34 20.54 -42.86
CA ILE D 382 35.34 21.49 -43.33
C ILE D 382 35.88 22.38 -44.45
N ASN D 383 37.19 22.60 -44.49
CA ASN D 383 37.75 23.45 -45.52
C ASN D 383 37.45 22.93 -46.92
N PHE D 384 37.58 21.62 -47.13
CA PHE D 384 37.20 20.98 -48.39
C PHE D 384 38.12 21.40 -49.53
N ASN D 385 39.42 21.42 -49.26
CA ASN D 385 40.39 21.62 -50.32
C ASN D 385 40.70 20.29 -51.00
N LEU D 386 40.55 20.26 -52.32
CA LEU D 386 40.66 19.03 -53.09
C LEU D 386 41.86 19.12 -54.03
N PRO D 387 42.62 18.03 -54.21
CA PRO D 387 42.48 16.70 -53.58
C PRO D 387 42.81 16.75 -52.10
N VAL D 388 42.10 16.00 -51.26
CA VAL D 388 42.27 16.13 -49.82
C VAL D 388 43.59 15.49 -49.42
N THR D 389 44.29 16.10 -48.47
CA THR D 389 45.58 15.60 -48.02
C THR D 389 45.38 14.61 -46.87
N ASP D 390 46.49 13.98 -46.48
CA ASP D 390 46.42 12.92 -45.49
C ASP D 390 45.82 13.41 -44.18
N ASP D 391 46.37 14.50 -43.63
CA ASP D 391 45.94 14.97 -42.32
C ASP D 391 44.49 15.43 -42.31
N ASN D 392 43.89 15.67 -43.47
CA ASN D 392 42.57 16.28 -43.54
C ASN D 392 41.46 15.29 -43.85
N VAL D 393 41.75 13.99 -43.89
CA VAL D 393 40.74 12.98 -44.17
C VAL D 393 40.89 11.82 -43.20
N LEU D 394 39.77 11.30 -42.74
CA LEU D 394 39.71 10.13 -41.87
C LEU D 394 39.14 8.98 -42.70
N LEU D 395 40.01 8.08 -43.15
CA LEU D 395 39.63 6.98 -44.01
C LEU D 395 39.29 5.75 -43.20
N PRO D 396 38.49 4.82 -43.76
CA PRO D 396 38.24 3.55 -43.07
C PRO D 396 39.49 2.71 -42.88
N THR D 397 40.57 3.02 -43.60
CA THR D 397 41.83 2.31 -43.40
C THR D 397 42.64 2.86 -42.24
N ASP D 398 42.15 3.90 -41.55
CA ASP D 398 42.90 4.55 -40.48
C ASP D 398 42.54 3.93 -39.14
N PRO D 399 43.48 3.79 -38.22
CA PRO D 399 43.16 3.15 -36.94
C PRO D 399 42.51 4.11 -35.95
N ILE D 400 41.73 3.52 -35.04
CA ILE D 400 41.09 4.25 -33.95
C ILE D 400 41.54 3.65 -32.64
N GLY D 401 42.07 4.49 -31.75
CA GLY D 401 42.56 4.01 -30.48
C GLY D 401 43.81 3.18 -30.59
N GLY D 402 44.53 3.27 -31.70
CA GLY D 402 45.71 2.47 -31.92
C GLY D 402 45.45 1.09 -32.46
N LYS D 403 44.19 0.72 -32.67
CA LYS D 403 43.85 -0.60 -33.16
C LYS D 403 43.90 -0.61 -34.69
N THR D 404 44.70 -1.51 -35.25
CA THR D 404 44.82 -1.60 -36.70
C THR D 404 43.62 -2.28 -37.34
N GLY D 405 42.71 -2.82 -36.53
CA GLY D 405 41.55 -3.51 -37.06
C GLY D 405 40.24 -2.86 -36.69
N ILE D 406 40.30 -1.66 -36.10
CA ILE D 406 39.12 -0.85 -35.82
C ILE D 406 39.31 0.50 -36.46
N ASN D 407 38.32 0.93 -37.23
CA ASN D 407 38.32 2.23 -37.90
C ASN D 407 37.09 3.00 -37.46
N TYR D 408 37.03 4.26 -37.88
CA TYR D 408 35.99 5.16 -37.38
C TYR D 408 34.60 4.63 -37.71
N THR D 409 34.46 3.90 -38.82
CA THR D 409 33.16 3.38 -39.21
C THR D 409 32.62 2.39 -38.18
N ASN D 410 33.50 1.72 -37.43
CA ASN D 410 33.02 0.80 -36.40
C ASN D 410 32.24 1.54 -35.32
N ILE D 411 32.64 2.76 -34.99
CA ILE D 411 31.99 3.54 -33.93
C ILE D 411 31.10 4.63 -34.51
N PHE D 412 30.65 4.48 -35.75
CA PHE D 412 30.00 5.55 -36.49
C PHE D 412 28.49 5.43 -36.44
N ASN D 413 27.81 6.58 -36.33
CA ASN D 413 26.35 6.64 -36.30
C ASN D 413 25.90 7.89 -37.04
N THR D 414 25.09 7.71 -38.07
CA THR D 414 24.54 8.81 -38.85
C THR D 414 23.03 8.86 -38.83
N TYR D 415 22.39 8.21 -37.85
CA TYR D 415 20.95 8.30 -37.72
C TYR D 415 20.55 9.70 -37.32
N GLY D 416 19.56 10.25 -38.01
CA GLY D 416 19.13 11.61 -37.77
C GLY D 416 17.69 11.81 -38.16
N PRO D 417 17.24 13.07 -38.10
CA PRO D 417 15.86 13.37 -38.49
C PRO D 417 15.59 13.15 -39.97
N LEU D 418 16.63 13.06 -40.79
CA LEU D 418 16.48 12.91 -42.23
C LEU D 418 16.55 11.45 -42.68
N THR D 419 16.63 10.50 -41.76
CA THR D 419 16.79 9.11 -42.15
C THR D 419 15.45 8.52 -42.58
N ALA D 420 15.47 7.78 -43.68
CA ALA D 420 14.35 7.00 -44.14
C ALA D 420 14.80 5.55 -44.31
N LEU D 421 13.97 4.62 -43.88
CA LEU D 421 14.34 3.21 -43.97
C LEU D 421 13.07 2.37 -44.02
N ASN D 422 13.22 1.13 -44.46
CA ASN D 422 12.10 0.23 -44.65
C ASN D 422 12.00 -0.76 -43.50
N ASN D 423 10.81 -1.33 -43.35
CA ASN D 423 10.60 -2.44 -42.44
C ASN D 423 11.34 -3.68 -42.94
N VAL D 424 11.57 -4.62 -42.03
CA VAL D 424 12.27 -5.85 -42.39
C VAL D 424 11.38 -6.67 -43.32
N PRO D 425 11.94 -7.39 -44.29
CA PRO D 425 11.11 -8.19 -45.17
C PRO D 425 10.71 -9.50 -44.51
N PRO D 426 9.59 -10.09 -44.91
CA PRO D 426 9.26 -11.43 -44.42
C PRO D 426 10.27 -12.46 -44.88
N VAL D 427 10.81 -13.22 -43.94
CA VAL D 427 11.78 -14.27 -44.22
C VAL D 427 11.01 -15.59 -44.19
N TYR D 428 10.92 -16.24 -45.34
CA TYR D 428 10.23 -17.52 -45.43
C TYR D 428 11.23 -18.67 -45.43
N PRO D 429 10.95 -19.79 -44.75
CA PRO D 429 9.80 -20.07 -43.89
C PRO D 429 10.05 -19.78 -42.42
N ASN D 430 11.31 -19.60 -42.03
CA ASN D 430 11.69 -19.58 -40.63
C ASN D 430 11.39 -18.26 -39.94
N GLY D 431 10.99 -17.24 -40.69
CA GLY D 431 10.78 -15.93 -40.10
C GLY D 431 9.51 -15.87 -39.28
N GLN D 432 9.56 -15.02 -38.25
CA GLN D 432 8.39 -14.74 -37.44
C GLN D 432 7.43 -13.84 -38.21
N ILE D 433 6.13 -14.01 -37.94
CA ILE D 433 5.11 -13.25 -38.66
C ILE D 433 4.82 -11.95 -37.92
N TRP D 434 4.34 -12.05 -36.69
CA TRP D 434 3.96 -10.89 -35.91
C TRP D 434 4.72 -10.85 -34.59
N ASP D 435 4.85 -9.64 -34.05
CA ASP D 435 5.51 -9.43 -32.77
C ASP D 435 4.67 -8.50 -31.92
N LYS D 436 4.83 -8.64 -30.60
CA LYS D 436 4.15 -7.77 -29.66
C LYS D 436 4.95 -6.49 -29.46
N GLU D 437 4.24 -5.37 -29.35
CA GLU D 437 4.89 -4.08 -29.20
C GLU D 437 5.40 -3.90 -27.77
N PHE D 438 6.59 -3.32 -27.66
CA PHE D 438 7.18 -3.05 -26.36
C PHE D 438 6.25 -2.17 -25.53
N ASP D 439 6.26 -2.38 -24.22
CA ASP D 439 5.48 -1.56 -23.30
C ASP D 439 6.28 -0.38 -22.76
N THR D 440 7.26 0.09 -23.50
CA THR D 440 7.93 1.35 -23.15
C THR D 440 7.01 2.52 -23.45
N ASP D 441 7.25 3.62 -22.75
CA ASP D 441 6.52 4.85 -23.07
C ASP D 441 6.85 5.32 -24.48
N LEU D 442 8.11 5.22 -24.88
CA LEU D 442 8.56 5.54 -26.23
C LEU D 442 8.93 4.24 -26.93
N LYS D 443 8.41 4.06 -28.13
CA LYS D 443 8.45 2.76 -28.77
C LYS D 443 9.36 2.76 -29.99
N PRO D 444 9.93 1.61 -30.33
CA PRO D 444 10.80 1.56 -31.51
C PRO D 444 10.02 1.77 -32.79
N ARG D 445 10.71 2.32 -33.80
CA ARG D 445 10.07 2.54 -35.09
C ARG D 445 9.82 1.22 -35.82
N LEU D 446 10.54 0.17 -35.49
CA LEU D 446 10.33 -1.12 -36.12
C LEU D 446 10.94 -2.22 -35.26
N HIS D 447 10.53 -3.45 -35.55
CA HIS D 447 11.11 -4.65 -34.95
C HIS D 447 11.92 -5.39 -36.01
N VAL D 448 13.11 -5.85 -35.61
CA VAL D 448 14.00 -6.50 -36.58
C VAL D 448 13.61 -7.94 -36.86
N ASN D 449 12.65 -8.50 -36.15
CA ASN D 449 12.34 -9.91 -36.24
C ASN D 449 11.05 -10.21 -37.00
N ALA D 450 10.01 -9.41 -36.82
CA ALA D 450 8.74 -9.68 -37.47
C ALA D 450 8.33 -8.48 -38.31
N PRO D 451 7.72 -8.71 -39.48
CA PRO D 451 7.24 -7.57 -40.27
C PRO D 451 5.99 -6.94 -39.72
N PHE D 452 5.22 -7.66 -38.90
CA PHE D 452 3.99 -7.15 -38.31
C PHE D 452 4.20 -6.96 -36.81
N VAL D 453 3.88 -5.78 -36.32
CA VAL D 453 4.02 -5.44 -34.91
C VAL D 453 2.66 -5.03 -34.38
N CYS D 454 2.28 -5.58 -33.23
CA CYS D 454 0.95 -5.46 -32.69
C CYS D 454 0.88 -4.20 -31.82
N GLN D 455 0.06 -3.24 -32.22
CA GLN D 455 0.01 -1.98 -31.48
C GLN D 455 -0.63 -2.17 -30.11
N ASN D 456 -1.89 -2.60 -30.09
CA ASN D 456 -2.60 -2.75 -28.83
C ASN D 456 -2.33 -4.11 -28.18
N ASN D 457 -2.68 -5.18 -28.88
CA ASN D 457 -2.45 -6.53 -28.39
C ASN D 457 -2.45 -7.47 -29.58
N CYS D 458 -1.95 -8.68 -29.37
CA CYS D 458 -2.21 -9.73 -30.35
C CYS D 458 -2.15 -11.10 -29.68
N PRO D 459 -2.51 -12.17 -30.39
CA PRO D 459 -3.24 -13.26 -29.74
C PRO D 459 -2.51 -13.81 -28.52
N GLY D 460 -3.30 -14.18 -27.52
CA GLY D 460 -2.72 -14.78 -26.33
C GLY D 460 -1.99 -16.07 -26.66
N GLN D 461 -0.97 -16.36 -25.88
CA GLN D 461 -0.20 -17.57 -26.09
C GLN D 461 -0.96 -18.78 -25.55
N LEU D 462 -0.86 -19.89 -26.27
CA LEU D 462 -1.61 -21.10 -25.96
C LEU D 462 -0.70 -22.07 -25.25
N PHE D 463 -1.05 -22.43 -24.02
CA PHE D 463 -0.25 -23.33 -23.19
C PHE D 463 -0.99 -24.64 -22.99
N VAL D 464 -0.25 -25.74 -23.03
CA VAL D 464 -0.82 -27.07 -22.86
C VAL D 464 0.01 -27.83 -21.85
N LYS D 465 -0.59 -28.87 -21.27
CA LYS D 465 0.09 -29.65 -20.23
C LYS D 465 -0.76 -30.88 -19.92
N VAL D 466 -0.09 -32.01 -19.69
CA VAL D 466 -0.78 -33.22 -19.28
C VAL D 466 -1.11 -33.12 -17.79
N ALA D 467 -2.38 -33.31 -17.46
CA ALA D 467 -2.78 -33.20 -16.07
C ALA D 467 -2.10 -34.29 -15.24
N PRO D 468 -1.76 -34.02 -13.98
CA PRO D 468 -1.07 -35.03 -13.18
C PRO D 468 -1.89 -36.31 -13.09
N ASN D 469 -1.20 -37.44 -13.20
CA ASN D 469 -1.81 -38.77 -13.21
C ASN D 469 -1.15 -39.58 -12.11
N LEU D 470 -1.74 -39.54 -10.92
CA LEU D 470 -1.06 -40.03 -9.73
C LEU D 470 -1.32 -41.51 -9.49
N THR D 471 -0.34 -42.17 -8.89
CA THR D 471 -0.50 -43.53 -8.41
C THR D 471 -1.23 -43.51 -7.07
N ASN D 472 -1.38 -44.69 -6.46
CA ASN D 472 -2.06 -44.77 -5.17
C ASN D 472 -1.15 -44.39 -4.02
N GLN D 473 0.14 -44.18 -4.28
CA GLN D 473 1.12 -43.95 -3.22
C GLN D 473 1.46 -42.48 -3.02
N TYR D 474 0.73 -41.57 -3.65
CA TYR D 474 1.05 -40.16 -3.56
C TYR D 474 0.95 -39.67 -2.11
N ASP D 475 1.99 -38.98 -1.65
CA ASP D 475 2.01 -38.35 -0.34
C ASP D 475 2.45 -36.91 -0.50
N PRO D 476 1.57 -35.92 -0.32
CA PRO D 476 1.95 -34.53 -0.60
C PRO D 476 3.02 -33.98 0.33
N ASP D 477 3.27 -34.61 1.47
CA ASP D 477 4.28 -34.15 2.42
C ASP D 477 5.64 -34.77 2.17
N ALA D 478 5.76 -35.71 1.24
CA ALA D 478 7.06 -36.29 0.92
C ALA D 478 7.90 -35.31 0.15
N SER D 479 9.17 -35.21 0.53
CA SER D 479 10.09 -34.28 -0.12
C SER D 479 10.46 -34.72 -1.53
N ALA D 480 10.53 -36.02 -1.79
CA ALA D 480 10.95 -36.51 -3.09
C ALA D 480 9.97 -36.08 -4.17
N ASN D 481 10.32 -36.39 -5.41
CA ASN D 481 9.47 -36.01 -6.54
C ASN D 481 8.17 -36.80 -6.52
N MET D 482 7.20 -36.32 -7.28
CA MET D 482 5.90 -36.95 -7.36
C MET D 482 6.00 -38.30 -8.06
N SER D 483 5.13 -39.23 -7.66
CA SER D 483 5.04 -40.54 -8.31
C SER D 483 3.84 -40.49 -9.25
N ARG D 484 4.12 -40.51 -10.56
CA ARG D 484 3.10 -40.32 -11.58
C ARG D 484 3.10 -41.50 -12.56
N ILE D 485 1.94 -41.74 -13.15
CA ILE D 485 1.84 -42.71 -14.23
C ILE D 485 2.37 -42.07 -15.50
N VAL D 486 3.25 -42.78 -16.21
CA VAL D 486 3.85 -42.23 -17.42
C VAL D 486 2.70 -41.99 -18.41
N THR D 487 2.42 -40.72 -18.69
CA THR D 487 1.28 -40.32 -19.50
C THR D 487 1.73 -39.34 -20.55
N TYR D 488 1.15 -39.44 -21.74
CA TYR D 488 1.43 -38.53 -22.83
C TYR D 488 0.17 -38.32 -23.63
N SER D 489 0.12 -37.22 -24.36
CA SER D 489 -1.07 -36.80 -25.09
C SER D 489 -0.74 -36.52 -26.55
N ASP D 490 -1.59 -36.99 -27.44
CA ASP D 490 -1.59 -36.62 -28.85
C ASP D 490 -2.92 -35.95 -29.16
N PHE D 491 -2.87 -34.72 -29.64
CA PHE D 491 -4.07 -33.97 -29.97
C PHE D 491 -3.84 -33.23 -31.29
N TRP D 492 -4.94 -32.85 -31.93
CA TRP D 492 -4.90 -32.21 -33.23
C TRP D 492 -5.12 -30.72 -33.06
N TRP D 493 -4.28 -29.93 -33.72
CA TRP D 493 -4.34 -28.48 -33.66
C TRP D 493 -4.68 -27.95 -35.05
N LYS D 494 -5.68 -27.07 -35.11
CA LYS D 494 -6.03 -26.39 -36.35
C LYS D 494 -5.98 -24.89 -36.13
N GLY D 495 -5.30 -24.18 -37.02
CA GLY D 495 -5.21 -22.74 -36.99
C GLY D 495 -5.66 -22.13 -38.29
N LYS D 496 -6.23 -20.93 -38.21
CA LYS D 496 -6.66 -20.18 -39.38
C LYS D 496 -6.02 -18.81 -39.31
N LEU D 497 -5.26 -18.46 -40.34
CA LEU D 497 -4.59 -17.16 -40.44
C LEU D 497 -5.07 -16.48 -41.70
N VAL D 498 -5.60 -15.28 -41.55
CA VAL D 498 -6.28 -14.58 -42.63
C VAL D 498 -5.47 -13.34 -42.99
N PHE D 499 -5.11 -13.22 -44.26
CA PHE D 499 -4.40 -12.07 -44.79
C PHE D 499 -5.26 -11.37 -45.83
N LYS D 500 -4.88 -10.13 -46.13
CA LYS D 500 -5.45 -9.37 -47.24
C LYS D 500 -4.29 -8.78 -48.03
N ALA D 501 -4.29 -9.01 -49.34
CA ALA D 501 -3.19 -8.60 -50.19
C ALA D 501 -3.72 -7.85 -51.41
N LYS D 502 -2.84 -7.05 -52.00
CA LYS D 502 -3.16 -6.26 -53.18
C LYS D 502 -2.37 -6.80 -54.37
N LEU D 503 -3.09 -7.10 -55.45
CA LEU D 503 -2.45 -7.58 -56.67
C LEU D 503 -1.57 -6.49 -57.26
N ARG D 504 -0.40 -6.89 -57.75
CA ARG D 504 0.55 -5.91 -58.26
C ARG D 504 0.15 -5.46 -59.66
N ALA D 505 0.71 -4.33 -60.08
CA ALA D 505 0.47 -3.75 -61.39
C ALA D 505 1.79 -3.52 -62.10
N SER D 506 1.81 -3.83 -63.39
CA SER D 506 3.00 -3.61 -64.22
C SER D 506 3.10 -2.13 -64.54
N HIS D 507 4.12 -1.48 -63.99
CA HIS D 507 4.33 -0.05 -64.21
C HIS D 507 5.38 0.23 -65.26
N THR D 508 6.36 -0.65 -65.40
CA THR D 508 7.49 -0.42 -66.28
C THR D 508 7.34 -1.21 -67.57
N TRP D 509 8.14 -0.83 -68.57
CA TRP D 509 8.19 -1.59 -69.80
C TRP D 509 8.80 -2.97 -69.58
N ASN D 510 9.83 -3.04 -68.74
CA ASN D 510 10.59 -4.27 -68.58
C ASN D 510 9.88 -5.22 -67.61
N PRO D 511 10.18 -6.51 -67.67
CA PRO D 511 9.65 -7.44 -66.67
C PRO D 511 10.46 -7.41 -65.38
N ILE D 512 9.74 -7.58 -64.28
CA ILE D 512 10.32 -7.56 -62.92
C ILE D 512 10.90 -8.91 -62.55
N GLN D 513 11.64 -8.96 -61.46
CA GLN D 513 12.14 -10.23 -60.93
C GLN D 513 11.01 -11.08 -60.38
N GLN D 514 11.10 -12.39 -60.61
CA GLN D 514 10.10 -13.35 -60.17
C GLN D 514 10.79 -14.59 -59.64
N MET D 515 10.10 -15.31 -58.77
CA MET D 515 10.56 -16.61 -58.31
C MET D 515 10.03 -17.70 -59.21
N SER D 516 10.91 -18.63 -59.60
CA SER D 516 10.56 -19.71 -60.51
C SER D 516 11.25 -20.99 -60.07
N ILE D 517 10.74 -22.11 -60.58
CA ILE D 517 11.45 -23.38 -60.43
C ILE D 517 12.39 -23.57 -61.60
N ASN D 518 13.59 -24.06 -61.31
CA ASN D 518 14.60 -24.26 -62.33
C ASN D 518 15.39 -25.51 -62.01
N VAL D 519 16.23 -25.92 -62.96
CA VAL D 519 16.87 -27.23 -62.89
C VAL D 519 17.74 -27.34 -61.64
N ASP D 520 18.34 -26.24 -61.19
CA ASP D 520 19.21 -26.29 -60.03
C ASP D 520 18.41 -26.49 -58.74
N ASN D 521 17.33 -25.72 -58.58
CA ASN D 521 16.53 -25.77 -57.35
C ASN D 521 15.37 -26.75 -57.43
N GLN D 522 15.23 -27.48 -58.53
CA GLN D 522 14.07 -28.33 -58.74
C GLN D 522 13.85 -29.30 -57.59
N PHE D 523 14.92 -29.96 -57.15
CA PHE D 523 14.82 -31.00 -56.14
C PHE D 523 14.71 -30.47 -54.72
N ASN D 524 14.82 -29.15 -54.52
CA ASN D 524 14.56 -28.56 -53.22
C ASN D 524 13.09 -28.57 -52.85
N TYR D 525 12.20 -28.91 -53.78
CA TYR D 525 10.76 -28.77 -53.58
C TYR D 525 10.02 -30.09 -53.74
N VAL D 526 10.71 -31.21 -53.76
CA VAL D 526 10.06 -32.51 -53.93
C VAL D 526 10.72 -33.53 -53.01
N PRO D 527 9.97 -34.54 -52.59
CA PRO D 527 10.52 -35.54 -51.69
C PRO D 527 11.57 -36.40 -52.36
N SER D 528 12.49 -36.89 -51.54
CA SER D 528 13.49 -37.82 -52.01
C SER D 528 12.91 -39.24 -52.05
N ASN D 529 13.70 -40.16 -52.60
CA ASN D 529 13.22 -41.52 -52.80
C ASN D 529 12.98 -42.25 -51.47
N ILE D 530 13.51 -41.74 -50.38
CA ILE D 530 13.32 -42.35 -49.08
C ILE D 530 12.50 -41.46 -48.14
N GLY D 531 11.76 -40.50 -48.68
CA GLY D 531 10.83 -39.72 -47.89
C GLY D 531 11.36 -38.40 -47.36
N GLY D 532 12.61 -38.04 -47.68
CA GLY D 532 13.18 -36.85 -47.10
C GLY D 532 12.60 -35.59 -47.72
N MET D 533 12.48 -34.55 -46.89
CA MET D 533 11.99 -33.25 -47.31
C MET D 533 12.87 -32.14 -46.77
N LYS D 534 12.85 -31.02 -47.47
CA LYS D 534 13.49 -29.80 -47.02
C LYS D 534 12.68 -28.62 -47.53
N ILE D 535 12.74 -27.51 -46.78
CA ILE D 535 12.13 -26.26 -47.19
C ILE D 535 13.23 -25.21 -47.19
N VAL D 536 13.69 -24.83 -48.38
CA VAL D 536 14.70 -23.78 -48.48
C VAL D 536 14.03 -22.41 -48.33
N TYR D 537 14.87 -21.40 -48.10
CA TYR D 537 14.37 -20.06 -47.84
C TYR D 537 14.09 -19.32 -49.13
N GLU D 538 13.04 -18.51 -49.10
CA GLU D 538 12.58 -17.76 -50.26
C GLU D 538 12.55 -16.28 -49.92
N LYS D 539 12.97 -15.45 -50.88
CA LYS D 539 12.92 -14.00 -50.70
C LYS D 539 11.53 -13.49 -51.07
N SER D 540 11.10 -12.44 -50.38
CA SER D 540 9.73 -11.96 -50.45
C SER D 540 9.57 -10.69 -51.26
N GLN D 541 10.46 -9.72 -51.11
CA GLN D 541 10.32 -8.43 -51.80
C GLN D 541 11.03 -8.45 -53.15
N LEU D 542 10.52 -9.28 -54.05
CA LEU D 542 11.16 -9.47 -55.35
C LEU D 542 10.99 -8.26 -56.24
N ALA D 543 9.77 -7.74 -56.34
CA ALA D 543 9.49 -6.65 -57.27
C ALA D 543 10.07 -5.35 -56.74
N PRO D 544 10.52 -4.46 -57.62
CA PRO D 544 10.97 -3.14 -57.18
C PRO D 544 9.83 -2.13 -57.13
N ARG D 545 10.09 -1.04 -56.41
CA ARG D 545 9.22 0.12 -56.42
C ARG D 545 10.07 1.37 -56.33
N LYS D 546 9.48 2.49 -56.73
CA LYS D 546 10.24 3.75 -56.73
C LYS D 546 10.12 4.43 -55.37
N LEU D 547 11.28 4.74 -54.80
CA LEU D 547 11.32 5.39 -53.50
C LEU D 547 10.89 6.85 -53.60
N TYR D 548 11.27 7.51 -54.69
CA TYR D 548 11.09 8.95 -54.82
C TYR D 548 10.97 9.33 -56.29
N GLY E 1 -10.69 27.21 -82.67
CA GLY E 1 -10.26 27.22 -84.11
C GLY E 1 -8.87 27.78 -84.31
N VAL E 2 -8.49 27.99 -85.58
CA VAL E 2 -7.15 28.46 -85.89
C VAL E 2 -6.93 29.86 -85.33
N GLY E 3 -7.92 30.75 -85.49
CA GLY E 3 -7.78 32.14 -85.14
C GLY E 3 -8.44 32.57 -83.84
N ILE E 4 -8.73 31.64 -82.94
CA ILE E 4 -9.39 31.94 -81.67
C ILE E 4 -8.43 31.62 -80.53
N SER E 5 -8.24 32.56 -79.63
CA SER E 5 -7.36 32.37 -78.49
C SER E 5 -8.04 31.50 -77.45
N THR E 6 -7.28 30.56 -76.88
CA THR E 6 -7.83 29.56 -75.97
C THR E 6 -7.50 29.84 -74.51
N GLY E 7 -7.03 31.04 -74.18
CA GLY E 7 -6.76 31.37 -72.79
C GLY E 7 -6.23 32.79 -72.69
N THR E 8 -6.13 33.26 -71.45
CA THR E 8 -5.71 34.62 -71.16
C THR E 8 -4.51 34.62 -70.22
N PHE E 9 -3.65 35.61 -70.41
CA PHE E 9 -2.45 35.77 -69.61
C PHE E 9 -2.79 36.40 -68.26
N ASN E 10 -2.27 35.82 -67.19
CA ASN E 10 -2.45 36.36 -65.85
C ASN E 10 -1.23 36.05 -65.01
N ASN E 11 -0.58 37.10 -64.51
CA ASN E 11 0.54 36.98 -63.58
C ASN E 11 0.32 37.93 -62.40
N GLN E 12 -0.92 38.00 -61.93
CA GLN E 12 -1.27 38.87 -60.82
C GLN E 12 -1.37 38.06 -59.53
N THR E 13 -0.88 38.65 -58.45
CA THR E 13 -0.95 38.05 -57.12
C THR E 13 -2.05 38.73 -56.33
N GLU E 14 -2.99 37.93 -55.81
CA GLU E 14 -4.15 38.43 -55.11
C GLU E 14 -4.05 38.08 -53.63
N PHE E 15 -4.43 39.02 -52.78
CA PHE E 15 -4.47 38.84 -51.34
C PHE E 15 -5.90 39.09 -50.88
N LYS E 16 -6.66 38.00 -50.72
CA LYS E 16 -8.03 38.08 -50.21
C LYS E 16 -7.99 37.84 -48.71
N PHE E 17 -8.57 38.75 -47.94
CA PHE E 17 -8.52 38.67 -46.49
C PHE E 17 -9.80 38.05 -45.97
N LEU E 18 -9.64 37.12 -45.03
CA LEU E 18 -10.73 36.32 -44.49
C LEU E 18 -10.92 36.64 -43.01
N GLU E 19 -11.78 35.87 -42.35
CA GLU E 19 -12.03 36.05 -40.94
C GLU E 19 -10.81 35.63 -40.12
N ASN E 20 -10.60 36.34 -39.02
CA ASN E 20 -9.65 35.94 -37.97
C ASN E 20 -8.21 35.98 -38.46
N GLY E 21 -7.83 37.04 -39.17
CA GLY E 21 -6.44 37.26 -39.49
C GLY E 21 -5.85 36.34 -40.54
N TRP E 22 -6.68 35.61 -41.28
CA TRP E 22 -6.19 34.71 -42.32
C TRP E 22 -6.40 35.34 -43.69
N VAL E 23 -5.41 35.15 -44.55
CA VAL E 23 -5.41 35.71 -45.89
C VAL E 23 -5.30 34.58 -46.90
N TYR E 24 -6.01 34.73 -48.01
CA TYR E 24 -6.02 33.75 -49.09
C TYR E 24 -5.19 34.32 -50.23
N ILE E 25 -3.99 33.75 -50.43
CA ILE E 25 -3.04 34.25 -51.43
C ILE E 25 -3.18 33.40 -52.69
N THR E 26 -3.46 34.06 -53.81
CA THR E 26 -3.52 33.41 -55.11
C THR E 26 -2.42 33.99 -55.97
N ALA E 27 -1.39 33.19 -56.23
CA ALA E 27 -0.28 33.60 -57.08
C ALA E 27 -0.50 33.03 -58.47
N ASN E 28 -0.93 33.88 -59.39
CA ASN E 28 -1.06 33.51 -60.79
C ASN E 28 0.27 33.72 -61.50
N SER E 29 0.63 32.77 -62.34
CA SER E 29 1.85 32.84 -63.12
C SER E 29 1.54 32.47 -64.55
N SER E 30 2.03 33.27 -65.49
CA SER E 30 1.86 33.02 -66.91
C SER E 30 3.21 33.12 -67.60
N ARG E 31 3.47 32.20 -68.53
CA ARG E 31 4.74 32.14 -69.20
C ARG E 31 4.55 31.78 -70.66
N LEU E 32 5.51 32.19 -71.49
CA LEU E 32 5.60 31.74 -72.88
C LEU E 32 6.74 30.73 -72.95
N VAL E 33 6.42 29.52 -73.39
CA VAL E 33 7.33 28.38 -73.30
C VAL E 33 7.76 28.00 -74.71
N HIS E 34 9.07 27.93 -74.92
CA HIS E 34 9.65 27.56 -76.21
C HIS E 34 10.10 26.12 -76.16
N LEU E 35 9.64 25.30 -77.11
CA LEU E 35 9.88 23.86 -77.11
C LEU E 35 10.36 23.44 -78.49
N ASN E 36 11.60 22.94 -78.56
CA ASN E 36 12.12 22.34 -79.78
C ASN E 36 11.86 20.85 -79.78
N MET E 37 11.83 20.26 -80.97
CA MET E 37 11.63 18.83 -81.09
C MET E 37 12.85 18.09 -80.55
N PRO E 38 12.65 16.93 -79.93
CA PRO E 38 13.76 16.26 -79.26
C PRO E 38 14.86 15.84 -80.23
N GLU E 39 16.08 15.80 -79.70
CA GLU E 39 17.22 15.35 -80.50
C GLU E 39 16.94 14.01 -81.15
N SER E 40 16.35 13.08 -80.40
CA SER E 40 15.89 11.81 -80.95
C SER E 40 14.57 11.46 -80.29
N GLU E 41 13.70 10.79 -81.05
CA GLU E 41 12.45 10.29 -80.48
C GLU E 41 12.65 9.03 -79.65
N ASN E 42 13.89 8.61 -79.44
CA ASN E 42 14.16 7.35 -78.76
C ASN E 42 14.53 7.57 -77.31
N TYR E 43 14.14 6.62 -76.46
CA TYR E 43 14.65 6.56 -75.11
C TYR E 43 16.06 5.98 -75.11
N ARG E 44 16.94 6.55 -74.31
CA ARG E 44 18.33 6.11 -74.21
C ARG E 44 18.64 5.70 -72.78
N ARG E 45 19.57 4.76 -72.64
CA ARG E 45 20.14 4.40 -71.36
C ARG E 45 21.62 4.77 -71.40
N VAL E 46 22.00 5.80 -70.63
CA VAL E 46 23.32 6.40 -70.74
C VAL E 46 23.99 6.36 -69.37
N VAL E 47 25.28 6.04 -69.36
CA VAL E 47 26.08 5.96 -68.15
C VAL E 47 27.16 7.04 -68.21
N VAL E 48 27.23 7.86 -67.17
CA VAL E 48 28.27 8.86 -67.00
C VAL E 48 29.30 8.29 -66.03
N ASN E 49 30.58 8.40 -66.38
CA ASN E 49 31.63 7.81 -65.56
C ASN E 49 32.88 8.68 -65.68
N ASN E 50 33.07 9.58 -64.71
CA ASN E 50 34.21 10.48 -64.69
C ASN E 50 35.38 9.84 -63.94
N LEU E 51 36.05 8.91 -64.64
CA LEU E 51 37.20 8.21 -64.04
C LEU E 51 38.43 9.10 -64.00
N ASP E 52 38.59 9.97 -65.00
CA ASP E 52 39.77 10.83 -65.04
C ASP E 52 39.82 11.76 -63.84
N LYS E 53 38.67 12.25 -63.40
CA LYS E 53 38.65 13.13 -62.23
C LYS E 53 38.85 12.36 -60.94
N THR E 54 38.22 11.20 -60.80
CA THR E 54 38.29 10.42 -59.58
C THR E 54 39.54 9.54 -59.50
N ALA E 55 40.23 9.31 -60.61
CA ALA E 55 41.46 8.56 -60.56
C ALA E 55 42.56 9.31 -59.83
N VAL E 56 42.45 10.63 -59.73
CA VAL E 56 43.37 11.42 -58.91
C VAL E 56 43.02 11.20 -57.45
N ASN E 57 43.95 10.62 -56.70
CA ASN E 57 43.68 10.25 -55.33
C ASN E 57 43.27 11.47 -54.50
N GLY E 58 42.21 11.31 -53.71
CA GLY E 58 41.70 12.38 -52.89
C GLY E 58 40.54 13.14 -53.49
N ASN E 59 40.10 12.78 -54.69
CA ASN E 59 39.02 13.47 -55.38
C ASN E 59 37.72 12.69 -55.36
N MET E 60 37.57 11.73 -54.45
CA MET E 60 36.38 10.89 -54.43
C MET E 60 35.11 11.72 -54.28
N ALA E 61 35.20 12.89 -53.63
CA ALA E 61 34.02 13.73 -53.47
C ALA E 61 33.53 14.29 -54.81
N LEU E 62 34.36 14.25 -55.84
CA LEU E 62 33.99 14.75 -57.15
C LEU E 62 33.39 13.66 -58.04
N ASP E 63 32.78 12.64 -57.46
CA ASP E 63 32.21 11.56 -58.24
C ASP E 63 30.94 12.01 -58.94
N ASP E 64 30.85 11.72 -60.24
CA ASP E 64 29.65 11.97 -61.03
C ASP E 64 29.08 10.71 -61.65
N THR E 65 29.62 9.55 -61.30
CA THR E 65 29.20 8.30 -61.92
C THR E 65 27.74 8.04 -61.67
N HIS E 66 27.00 7.70 -62.72
CA HIS E 66 25.59 7.36 -62.59
C HIS E 66 25.07 6.88 -63.94
N ALA E 67 23.85 6.35 -63.91
CA ALA E 67 23.15 5.91 -65.10
C ALA E 67 21.76 6.52 -65.11
N GLU E 68 21.28 6.90 -66.29
CA GLU E 68 20.01 7.60 -66.42
C GLU E 68 19.34 7.19 -67.71
N ILE E 69 18.03 7.40 -67.77
CA ILE E 69 17.25 7.25 -68.99
C ILE E 69 16.98 8.64 -69.55
N VAL E 70 17.48 8.90 -70.75
CA VAL E 70 17.22 10.16 -71.44
C VAL E 70 16.00 9.97 -72.33
N THR E 71 14.95 10.73 -72.05
CA THR E 71 13.68 10.61 -72.72
C THR E 71 13.49 11.73 -73.73
N PRO E 72 12.64 11.55 -74.73
CA PRO E 72 12.36 12.63 -75.67
C PRO E 72 11.38 13.67 -75.16
N TRP E 73 10.83 13.49 -73.96
CA TRP E 73 9.84 14.39 -73.39
C TRP E 73 10.52 15.48 -72.57
N SER E 74 9.84 16.62 -72.47
CA SER E 74 10.31 17.76 -71.70
C SER E 74 9.38 17.99 -70.53
N LEU E 75 9.93 18.55 -69.46
CA LEU E 75 9.22 18.73 -68.20
C LEU E 75 8.92 20.21 -67.99
N VAL E 76 7.66 20.52 -67.68
CA VAL E 76 7.24 21.87 -67.34
C VAL E 76 7.10 21.91 -65.83
N ASP E 77 8.08 22.52 -65.16
CA ASP E 77 8.17 22.52 -63.70
C ASP E 77 8.02 23.94 -63.19
N ALA E 78 7.11 24.12 -62.23
CA ALA E 78 6.90 25.40 -61.58
C ALA E 78 7.12 25.35 -60.07
N ASN E 79 7.97 24.43 -59.60
CA ASN E 79 8.17 24.20 -58.17
C ASN E 79 9.37 25.00 -57.65
N ALA E 80 9.29 26.32 -57.82
CA ALA E 80 10.25 27.24 -57.24
C ALA E 80 9.54 28.54 -56.89
N TRP E 81 9.97 29.16 -55.79
CA TRP E 81 9.27 30.33 -55.29
C TRP E 81 9.25 31.47 -56.29
N GLY E 82 10.31 31.60 -57.10
CA GLY E 82 10.41 32.74 -58.00
C GLY E 82 9.46 32.66 -59.17
N VAL E 83 8.89 31.49 -59.45
CA VAL E 83 7.93 31.37 -60.52
C VAL E 83 6.60 32.01 -60.15
N TRP E 84 6.43 32.42 -58.89
CA TRP E 84 5.13 32.85 -58.39
C TRP E 84 5.14 34.21 -57.72
N PHE E 85 6.27 34.67 -57.20
CA PHE E 85 6.32 35.87 -56.39
C PHE E 85 7.43 36.78 -56.87
N ASN E 86 7.12 38.05 -57.04
CA ASN E 86 8.14 39.06 -57.23
C ASN E 86 8.59 39.56 -55.87
N PRO E 87 9.72 40.26 -55.81
CA PRO E 87 10.26 40.68 -54.50
C PRO E 87 9.28 41.45 -53.65
N GLY E 88 8.37 42.22 -54.24
CA GLY E 88 7.39 42.94 -53.45
C GLY E 88 6.41 42.02 -52.74
N ASP E 89 5.91 41.02 -53.45
CA ASP E 89 4.97 40.07 -52.84
C ASP E 89 5.65 39.29 -51.72
N TRP E 90 6.89 38.85 -51.95
CA TRP E 90 7.62 38.15 -50.89
C TRP E 90 7.90 39.05 -49.71
N GLN E 91 8.23 40.32 -49.97
CA GLN E 91 8.36 41.27 -48.88
C GLN E 91 7.09 41.30 -48.04
N LEU E 92 5.95 41.40 -48.71
CA LEU E 92 4.69 41.45 -47.98
C LEU E 92 4.49 40.20 -47.14
N ILE E 93 4.70 39.03 -47.74
CA ILE E 93 4.46 37.77 -47.05
C ILE E 93 5.38 37.65 -45.83
N VAL E 94 6.67 37.94 -46.01
CA VAL E 94 7.62 37.66 -44.95
C VAL E 94 7.61 38.76 -43.89
N ASN E 95 7.17 39.97 -44.22
CA ASN E 95 7.11 41.02 -43.23
C ASN E 95 5.82 40.99 -42.44
N THR E 96 4.71 40.54 -43.04
CA THR E 96 3.41 40.66 -42.42
C THR E 96 2.69 39.35 -42.15
N MET E 97 3.37 38.21 -42.28
CA MET E 97 2.74 36.91 -42.06
C MET E 97 3.55 36.10 -41.07
N SER E 98 2.88 35.17 -40.39
CA SER E 98 3.52 34.32 -39.40
C SER E 98 3.63 32.87 -39.82
N GLU E 99 2.60 32.31 -40.45
CA GLU E 99 2.65 30.95 -40.94
C GLU E 99 2.06 30.92 -42.34
N LEU E 100 2.45 29.91 -43.11
CA LEU E 100 2.09 29.81 -44.52
C LEU E 100 1.58 28.41 -44.81
N HIS E 101 0.37 28.32 -45.35
CA HIS E 101 -0.26 27.05 -45.70
C HIS E 101 -0.34 26.94 -47.22
N LEU E 102 0.01 25.78 -47.75
CA LEU E 102 -0.08 25.52 -49.19
C LEU E 102 -1.39 24.82 -49.48
N VAL E 103 -2.22 25.41 -50.34
CA VAL E 103 -3.61 24.97 -50.49
C VAL E 103 -3.83 24.18 -51.77
N SER E 104 -3.62 24.82 -52.93
CA SER E 104 -4.00 24.17 -54.18
C SER E 104 -3.08 24.63 -55.29
N PHE E 105 -3.08 23.86 -56.38
CA PHE E 105 -2.25 24.14 -57.54
C PHE E 105 -2.98 23.68 -58.79
N GLU E 106 -2.96 24.52 -59.83
CA GLU E 106 -3.52 24.15 -61.13
C GLU E 106 -2.69 24.82 -62.22
N GLN E 107 -2.75 24.24 -63.42
CA GLN E 107 -2.01 24.78 -64.55
C GLN E 107 -2.74 24.42 -65.83
N GLU E 108 -2.44 25.17 -66.89
CA GLU E 108 -3.06 24.93 -68.19
C GLU E 108 -2.14 25.40 -69.30
N ILE E 109 -2.17 24.68 -70.40
CA ILE E 109 -1.45 25.05 -71.62
C ILE E 109 -2.48 25.52 -72.64
N PHE E 110 -2.25 26.70 -73.20
CA PHE E 110 -3.19 27.30 -74.13
C PHE E 110 -2.43 28.06 -75.20
N ASN E 111 -3.15 28.43 -76.26
CA ASN E 111 -2.59 29.19 -77.37
C ASN E 111 -1.34 28.51 -77.93
N VAL E 112 -1.53 27.26 -78.36
CA VAL E 112 -0.41 26.48 -78.89
C VAL E 112 -0.09 26.95 -80.29
N VAL E 113 1.18 27.15 -80.57
CA VAL E 113 1.66 27.52 -81.90
C VAL E 113 2.75 26.54 -82.29
N LEU E 114 2.62 25.95 -83.47
CA LEU E 114 3.63 25.06 -84.04
C LEU E 114 4.12 25.64 -85.36
N LYS E 115 5.43 25.71 -85.50
CA LYS E 115 6.06 26.29 -86.68
C LYS E 115 7.11 25.33 -87.21
N THR E 116 7.43 25.49 -88.49
CA THR E 116 8.49 24.73 -89.13
C THR E 116 9.54 25.69 -89.67
N VAL E 117 10.75 25.17 -89.87
CA VAL E 117 11.88 25.95 -90.35
C VAL E 117 12.33 25.38 -91.68
N SER E 118 12.37 26.22 -92.70
CA SER E 118 12.84 25.84 -94.03
C SER E 118 14.06 26.66 -94.37
N GLU E 119 15.16 25.99 -94.70
CA GLU E 119 16.42 26.65 -95.02
C GLU E 119 16.67 26.53 -96.52
N SER E 120 16.96 27.66 -97.15
CA SER E 120 17.10 27.70 -98.60
C SER E 120 18.42 27.07 -99.03
N ALA E 121 18.45 26.62 -100.29
CA ALA E 121 19.69 26.14 -100.89
C ALA E 121 20.60 27.28 -101.32
N THR E 122 20.16 28.52 -101.15
CA THR E 122 20.98 29.67 -101.54
C THR E 122 22.33 29.62 -100.83
N GLN E 123 23.39 29.96 -101.58
CA GLN E 123 24.73 29.88 -101.02
C GLN E 123 24.88 30.72 -99.76
N PRO E 124 24.49 31.99 -99.73
CA PRO E 124 24.36 32.69 -98.45
C PRO E 124 23.14 32.19 -97.70
N PRO E 125 23.32 31.72 -96.46
CA PRO E 125 22.19 31.09 -95.76
C PRO E 125 21.00 32.04 -95.59
N THR E 126 19.80 31.46 -95.67
CA THR E 126 18.57 32.18 -95.40
C THR E 126 17.48 31.16 -95.07
N LYS E 127 16.67 31.47 -94.07
CA LYS E 127 15.68 30.52 -93.58
C LYS E 127 14.39 31.26 -93.25
N VAL E 128 13.27 30.54 -93.39
CA VAL E 128 11.94 31.11 -93.24
C VAL E 128 11.12 30.21 -92.32
N TYR E 129 10.12 30.80 -91.68
CA TYR E 129 9.29 30.12 -90.69
C TYR E 129 7.85 30.12 -91.15
N ASN E 130 7.24 28.94 -91.17
CA ASN E 130 5.86 28.78 -91.60
C ASN E 130 5.07 28.08 -90.50
N ASN E 131 3.79 28.40 -90.42
CA ASN E 131 2.91 27.73 -89.48
C ASN E 131 2.57 26.34 -89.99
N ASP E 132 2.32 25.42 -89.06
CA ASP E 132 1.81 24.10 -89.38
C ASP E 132 0.48 23.99 -88.65
N LEU E 133 -0.61 24.37 -89.34
CA LEU E 133 -1.91 24.44 -88.70
C LEU E 133 -2.41 23.08 -88.25
N THR E 134 -1.84 21.99 -88.76
CA THR E 134 -2.26 20.64 -88.41
C THR E 134 -1.22 19.91 -87.57
N ALA E 135 -0.09 20.53 -87.26
CA ALA E 135 0.87 19.92 -86.36
C ALA E 135 0.29 19.84 -84.95
N SER E 136 0.88 18.98 -84.13
CA SER E 136 0.35 18.70 -82.81
C SER E 136 1.45 18.82 -81.76
N LEU E 137 1.04 19.23 -80.57
CA LEU E 137 1.90 19.23 -79.40
C LEU E 137 1.41 18.15 -78.44
N MET E 138 2.29 17.21 -78.11
CA MET E 138 1.91 16.12 -77.21
C MET E 138 2.05 16.59 -75.77
N VAL E 139 1.00 16.40 -74.99
CA VAL E 139 0.95 16.85 -73.60
C VAL E 139 0.49 15.68 -72.74
N ALA E 140 1.26 15.37 -71.70
CA ALA E 140 0.97 14.27 -70.80
C ALA E 140 1.03 14.75 -69.36
N LEU E 141 0.01 14.44 -68.57
CA LEU E 141 -0.06 14.80 -67.16
C LEU E 141 -0.08 13.51 -66.35
N ASP E 142 0.94 13.32 -65.50
CA ASP E 142 1.06 12.11 -64.70
C ASP E 142 0.31 12.29 -63.38
N SER E 143 -1.02 12.34 -63.49
CA SER E 143 -1.86 12.58 -62.33
C SER E 143 -1.71 11.50 -61.27
N ASN E 144 -1.31 10.29 -61.66
CA ASN E 144 -1.18 9.18 -60.74
C ASN E 144 0.24 9.02 -60.21
N ASN E 145 1.15 9.91 -60.58
CA ASN E 145 2.53 9.88 -60.11
C ASN E 145 3.16 8.51 -60.37
N THR E 146 2.95 8.01 -61.58
CA THR E 146 3.55 6.75 -61.99
C THR E 146 5.02 6.90 -62.33
N MET E 147 5.45 8.09 -62.70
CA MET E 147 6.82 8.30 -63.14
C MET E 147 7.69 8.80 -61.99
N PRO E 148 9.01 8.65 -62.08
CA PRO E 148 9.88 9.14 -61.02
C PRO E 148 9.72 10.64 -60.81
N PHE E 149 9.80 11.06 -59.56
CA PHE E 149 9.69 12.47 -59.21
C PHE E 149 11.05 13.14 -59.40
N THR E 150 11.10 14.14 -60.27
CA THR E 150 12.34 14.83 -60.63
C THR E 150 12.10 16.33 -60.58
N PRO E 151 12.08 16.92 -59.39
CA PRO E 151 11.88 18.37 -59.30
C PRO E 151 13.06 19.12 -59.89
N ALA E 152 12.76 20.17 -60.65
CA ALA E 152 13.78 20.89 -61.39
C ALA E 152 14.53 21.91 -60.55
N ALA E 153 13.99 22.28 -59.39
CA ALA E 153 14.66 23.28 -58.58
C ALA E 153 16.03 22.80 -58.10
N MET E 154 16.24 21.48 -58.06
CA MET E 154 17.52 20.96 -57.63
C MET E 154 18.62 21.27 -58.63
N ARG E 155 18.31 21.23 -59.92
CA ARG E 155 19.26 21.59 -60.98
C ARG E 155 19.08 23.01 -61.48
N SER E 156 18.18 23.78 -60.88
CA SER E 156 17.88 25.15 -61.32
C SER E 156 17.35 25.15 -62.75
N GLU E 157 16.40 24.24 -63.01
CA GLU E 157 15.84 24.07 -64.34
C GLU E 157 14.32 24.26 -64.35
N THR E 158 13.79 25.00 -63.38
CA THR E 158 12.38 25.34 -63.38
C THR E 158 12.10 26.37 -64.46
N LEU E 159 10.85 26.84 -64.51
CA LEU E 159 10.51 27.92 -65.41
C LEU E 159 11.15 29.22 -64.95
N GLY E 160 11.21 30.19 -65.85
CA GLY E 160 11.82 31.45 -65.52
C GLY E 160 11.02 32.23 -64.49
N PHE E 161 11.70 33.19 -63.88
CA PHE E 161 11.13 33.99 -62.81
C PHE E 161 10.61 35.35 -63.28
N TYR E 162 10.62 35.61 -64.59
CA TYR E 162 10.21 36.90 -65.13
C TYR E 162 8.96 36.74 -65.97
N PRO E 163 7.84 37.38 -65.62
CA PRO E 163 6.62 37.21 -66.41
C PRO E 163 6.76 37.56 -67.88
N TRP E 164 7.66 38.48 -68.23
CA TRP E 164 7.79 38.96 -69.60
C TRP E 164 8.97 38.33 -70.33
N LYS E 165 9.63 37.33 -69.76
CA LYS E 165 10.75 36.67 -70.41
C LYS E 165 10.34 35.27 -70.82
N PRO E 166 10.36 34.94 -72.12
CA PRO E 166 10.01 33.57 -72.52
C PRO E 166 10.95 32.55 -71.87
N THR E 167 10.39 31.39 -71.56
CA THR E 167 11.13 30.36 -70.84
C THR E 167 11.08 29.07 -71.64
N ILE E 168 11.83 28.07 -71.16
CA ILE E 168 11.94 26.77 -71.82
C ILE E 168 11.68 25.68 -70.80
N PRO E 169 11.21 24.51 -71.22
CA PRO E 169 11.13 23.37 -70.29
C PRO E 169 12.40 22.54 -70.31
N THR E 170 12.62 21.83 -69.23
CA THR E 170 13.85 21.07 -69.08
C THR E 170 13.70 19.69 -69.72
N PRO E 171 14.64 19.26 -70.55
CA PRO E 171 14.57 17.88 -71.08
C PRO E 171 14.54 16.88 -69.93
N TRP E 172 13.65 15.89 -70.06
CA TRP E 172 13.40 14.99 -68.94
C TRP E 172 14.33 13.79 -68.97
N ARG E 173 14.83 13.44 -67.79
CA ARG E 173 15.67 12.27 -67.61
C ARG E 173 15.46 11.79 -66.18
N TYR E 174 15.68 10.49 -65.97
CA TYR E 174 15.51 9.94 -64.64
C TYR E 174 16.58 8.87 -64.40
N TYR E 175 16.76 8.54 -63.13
CA TYR E 175 17.86 7.66 -62.74
C TYR E 175 17.54 6.21 -63.05
N PHE E 176 18.58 5.47 -63.46
CA PHE E 176 18.49 4.07 -63.79
C PHE E 176 19.52 3.32 -62.94
N GLN E 177 19.12 2.21 -62.35
CA GLN E 177 19.94 1.59 -61.31
C GLN E 177 21.32 1.23 -61.83
N TRP E 178 22.32 1.40 -60.96
CA TRP E 178 23.69 1.03 -61.25
C TRP E 178 24.39 0.69 -59.94
N ASP E 179 25.48 -0.07 -60.06
CA ASP E 179 26.30 -0.46 -58.92
C ASP E 179 27.70 0.13 -59.10
N ARG E 180 28.15 0.87 -58.09
CA ARG E 180 29.40 1.59 -58.18
C ARG E 180 30.13 1.52 -56.84
N THR E 181 31.43 1.24 -56.89
CA THR E 181 32.27 1.20 -55.70
C THR E 181 33.43 2.17 -55.89
N LEU E 182 33.75 2.93 -54.84
CA LEU E 182 34.84 3.91 -54.90
C LEU E 182 35.49 3.97 -53.52
N ILE E 183 36.66 3.33 -53.39
CA ILE E 183 37.41 3.33 -52.14
C ILE E 183 38.14 4.67 -52.01
N PRO E 184 37.91 5.43 -50.93
CA PRO E 184 38.52 6.75 -50.83
C PRO E 184 40.01 6.68 -50.60
N SER E 185 40.67 7.81 -50.87
CA SER E 185 42.12 7.91 -50.75
C SER E 185 42.47 9.35 -50.40
N HIS E 186 43.75 9.68 -50.51
CA HIS E 186 44.24 11.03 -50.23
C HIS E 186 45.54 11.25 -50.99
N THR E 187 45.88 12.53 -51.16
CA THR E 187 47.16 12.87 -51.77
C THR E 187 48.27 12.18 -51.00
N GLY E 188 48.97 11.26 -51.65
CA GLY E 188 49.97 10.46 -50.98
C GLY E 188 49.55 9.03 -50.70
N THR E 189 48.36 8.63 -51.13
CA THR E 189 47.99 7.22 -51.07
C THR E 189 48.72 6.45 -52.17
N SER E 190 49.23 5.27 -51.81
CA SER E 190 49.96 4.45 -52.75
C SER E 190 49.03 3.51 -53.49
N GLY E 191 49.34 3.27 -54.76
CA GLY E 191 48.53 2.37 -55.57
C GLY E 191 47.33 3.08 -56.17
N THR E 192 46.48 2.26 -56.80
CA THR E 192 45.26 2.74 -57.46
C THR E 192 44.05 2.27 -56.68
N PRO E 193 43.41 3.14 -55.89
CA PRO E 193 42.24 2.71 -55.13
C PRO E 193 41.13 2.22 -56.04
N THR E 194 40.38 1.24 -55.54
CA THR E 194 39.28 0.66 -56.31
C THR E 194 38.32 1.74 -56.77
N ASN E 195 38.13 1.84 -58.08
CA ASN E 195 37.25 2.83 -58.70
C ASN E 195 36.59 2.12 -59.87
N ILE E 196 35.42 1.54 -59.63
CA ILE E 196 34.83 0.56 -60.54
C ILE E 196 33.33 0.81 -60.67
N TYR E 197 32.84 0.72 -61.89
CA TYR E 197 31.40 0.69 -62.20
C TYR E 197 31.00 -0.76 -62.46
N HIS E 198 30.10 -1.28 -61.63
CA HIS E 198 29.82 -2.71 -61.60
C HIS E 198 28.69 -3.12 -62.54
N GLY E 199 27.96 -2.17 -63.12
CA GLY E 199 26.85 -2.50 -63.96
C GLY E 199 25.52 -2.23 -63.31
N THR E 200 24.54 -3.10 -63.55
CA THR E 200 23.18 -2.92 -63.07
C THR E 200 22.69 -4.21 -62.43
N ASP E 201 21.84 -4.06 -61.43
CA ASP E 201 21.21 -5.21 -60.79
C ASP E 201 19.88 -5.51 -61.46
N PRO E 202 19.67 -6.69 -62.05
CA PRO E 202 18.42 -6.94 -62.77
C PRO E 202 17.18 -6.79 -61.92
N ASP E 203 17.28 -7.05 -60.62
CA ASP E 203 16.13 -6.95 -59.74
C ASP E 203 15.68 -5.50 -59.53
N ASP E 204 16.49 -4.52 -59.92
CA ASP E 204 16.18 -3.12 -59.72
C ASP E 204 15.88 -2.38 -61.02
N VAL E 205 15.96 -3.05 -62.17
CA VAL E 205 15.75 -2.36 -63.43
C VAL E 205 14.32 -1.85 -63.47
N GLN E 206 14.16 -0.58 -63.85
CA GLN E 206 12.85 0.06 -63.94
C GLN E 206 12.91 1.04 -65.11
N PHE E 207 12.45 0.59 -66.28
CA PHE E 207 12.41 1.41 -67.48
C PHE E 207 11.00 1.95 -67.65
N TYR E 208 10.83 3.26 -67.50
CA TYR E 208 9.54 3.92 -67.61
C TYR E 208 9.41 4.62 -68.95
N THR E 209 8.21 4.61 -69.50
CA THR E 209 7.89 5.34 -70.72
C THR E 209 6.59 6.11 -70.52
N ILE E 210 6.55 7.35 -70.98
CA ILE E 210 5.36 8.17 -70.82
C ILE E 210 4.21 7.59 -71.61
N GLU E 211 4.48 7.04 -72.78
CA GLU E 211 3.42 6.55 -73.66
C GLU E 211 2.69 5.37 -73.04
N ASN E 212 3.37 4.56 -72.24
CA ASN E 212 2.77 3.38 -71.64
C ASN E 212 2.10 3.65 -70.30
N SER E 213 2.22 4.86 -69.77
CA SER E 213 1.79 5.12 -68.39
C SER E 213 0.80 6.27 -68.27
N VAL E 214 0.85 7.23 -69.18
CA VAL E 214 0.03 8.43 -69.06
C VAL E 214 -0.84 8.60 -70.30
N PRO E 215 -2.08 9.07 -70.15
CA PRO E 215 -2.81 9.55 -71.33
C PRO E 215 -2.07 10.71 -71.97
N VAL E 216 -2.07 10.75 -73.30
CA VAL E 216 -1.37 11.78 -74.05
C VAL E 216 -2.39 12.54 -74.89
N HIS E 217 -2.40 13.86 -74.74
CA HIS E 217 -3.31 14.73 -75.46
C HIS E 217 -2.55 15.38 -76.61
N LEU E 218 -3.04 15.19 -77.83
CA LEU E 218 -2.50 15.89 -78.99
C LEU E 218 -3.19 17.25 -79.09
N LEU E 219 -2.41 18.31 -79.07
CA LEU E 219 -2.94 19.67 -79.12
C LEU E 219 -2.55 20.32 -80.44
N ARG E 220 -3.54 20.81 -81.18
CA ARG E 220 -3.30 21.65 -82.32
C ARG E 220 -3.44 23.11 -81.93
N THR E 221 -3.27 24.00 -82.91
CA THR E 221 -3.21 25.43 -82.59
C THR E 221 -4.47 25.91 -81.90
N GLY E 222 -5.61 25.28 -82.15
CA GLY E 222 -6.87 25.69 -81.55
C GLY E 222 -7.26 24.94 -80.31
N ASP E 223 -6.38 24.14 -79.74
CA ASP E 223 -6.69 23.33 -78.56
C ASP E 223 -6.00 23.89 -77.33
N GLU E 224 -6.45 23.43 -76.17
CA GLU E 224 -5.89 23.85 -74.89
C GLU E 224 -6.03 22.70 -73.90
N PHE E 225 -5.21 22.75 -72.85
CA PHE E 225 -5.15 21.69 -71.86
C PHE E 225 -5.12 22.30 -70.47
N ALA E 226 -6.11 21.94 -69.65
CA ALA E 226 -6.16 22.33 -68.24
C ALA E 226 -6.06 21.08 -67.39
N THR E 227 -5.28 21.16 -66.31
CA THR E 227 -5.00 20.00 -65.48
C THR E 227 -6.06 19.78 -64.39
N GLY E 228 -6.82 20.79 -64.04
CA GLY E 228 -7.66 20.72 -62.88
C GLY E 228 -6.90 21.17 -61.65
N THR E 229 -7.63 21.33 -60.55
CA THR E 229 -7.06 21.80 -59.30
C THR E 229 -6.67 20.61 -58.44
N PHE E 230 -5.43 20.59 -57.97
CA PHE E 230 -5.00 19.65 -56.95
C PHE E 230 -4.92 20.36 -55.61
N PHE E 231 -5.39 19.70 -54.57
CA PHE E 231 -5.41 20.23 -53.22
C PHE E 231 -4.41 19.48 -52.37
N PHE E 232 -3.54 20.23 -51.69
CA PHE E 232 -2.46 19.63 -50.92
C PHE E 232 -2.96 19.19 -49.54
N ASP E 233 -2.10 18.45 -48.84
CA ASP E 233 -2.33 18.03 -47.48
C ASP E 233 -1.11 18.27 -46.59
N CYS E 234 -0.33 19.30 -46.89
CA CYS E 234 0.94 19.51 -46.19
C CYS E 234 0.73 20.20 -44.85
N LYS E 235 1.80 20.24 -44.06
CA LYS E 235 1.78 20.95 -42.80
C LYS E 235 2.05 22.43 -43.01
N PRO E 236 1.70 23.27 -42.05
CA PRO E 236 2.03 24.69 -42.17
C PRO E 236 3.53 24.94 -42.12
N CYS E 237 3.94 26.04 -42.73
CA CYS E 237 5.32 26.51 -42.68
C CYS E 237 5.38 27.82 -41.91
N ARG E 238 6.35 27.90 -41.00
CA ARG E 238 6.46 29.05 -40.12
C ARG E 238 7.35 30.11 -40.76
N LEU E 239 6.86 31.34 -40.77
CA LEU E 239 7.62 32.50 -41.25
C LEU E 239 8.30 33.23 -40.10
N THR E 240 8.56 32.52 -39.00
CA THR E 240 9.29 33.04 -37.86
C THR E 240 10.43 32.10 -37.52
N HIS E 241 11.46 32.63 -36.87
CA HIS E 241 12.61 31.83 -36.47
C HIS E 241 12.73 31.80 -34.96
N THR E 242 13.27 30.70 -34.45
CA THR E 242 13.56 30.57 -33.04
C THR E 242 15.00 30.95 -32.76
N TRP E 243 15.23 31.57 -31.62
CA TRP E 243 16.56 32.04 -31.23
C TRP E 243 17.12 31.34 -30.01
N GLN E 244 16.29 30.64 -29.24
CA GLN E 244 16.70 30.09 -27.96
C GLN E 244 17.47 28.79 -28.17
N THR E 245 18.71 28.76 -27.67
CA THR E 245 19.40 27.50 -27.49
C THR E 245 19.17 26.98 -26.08
N ASN E 246 19.80 25.85 -25.75
CA ASN E 246 19.60 25.26 -24.43
C ASN E 246 19.94 26.25 -23.32
N ARG E 247 20.89 27.14 -23.56
CA ARG E 247 21.32 28.06 -22.52
C ARG E 247 20.29 29.14 -22.22
N ALA E 248 19.25 29.27 -23.04
CA ALA E 248 18.21 30.28 -22.83
C ALA E 248 16.84 29.66 -22.63
N LEU E 249 16.77 28.48 -22.02
CA LEU E 249 15.51 27.82 -21.73
C LEU E 249 15.23 27.88 -20.23
N GLY E 250 14.04 28.32 -19.87
CA GLY E 250 13.59 28.25 -18.49
C GLY E 250 13.93 29.49 -17.68
N LEU E 251 13.78 29.32 -16.38
CA LEU E 251 13.97 30.43 -15.44
C LEU E 251 15.45 30.75 -15.28
N PRO E 252 15.89 31.96 -15.56
CA PRO E 252 17.29 32.31 -15.36
C PRO E 252 17.64 32.35 -13.88
N PRO E 253 18.92 32.40 -13.55
CA PRO E 253 19.32 32.47 -12.15
C PRO E 253 18.98 33.83 -11.56
N PHE E 254 18.83 33.84 -10.24
CA PHE E 254 18.52 35.07 -9.53
C PHE E 254 19.80 35.86 -9.26
N LEU E 255 19.75 37.15 -9.57
CA LEU E 255 20.90 38.03 -9.42
C LEU E 255 20.81 38.72 -8.07
N ASN E 256 21.71 38.35 -7.16
CA ASN E 256 21.75 38.95 -5.83
C ASN E 256 22.54 40.25 -5.80
N SER E 257 23.16 40.65 -6.92
CA SER E 257 23.87 41.92 -7.00
C SER E 257 23.63 42.49 -8.40
N LEU E 258 22.63 43.38 -8.50
CA LEU E 258 22.35 44.05 -9.76
C LEU E 258 23.30 45.23 -9.95
N PRO E 259 23.52 45.65 -11.20
CA PRO E 259 24.42 46.77 -11.44
C PRO E 259 23.84 48.09 -10.94
N GLN E 260 24.73 49.04 -10.68
CA GLN E 260 24.36 50.34 -10.14
C GLN E 260 24.65 51.50 -11.09
N SER E 261 25.43 51.28 -12.13
CA SER E 261 25.67 52.31 -13.13
C SER E 261 25.78 51.65 -14.50
N GLU E 262 25.37 52.38 -15.52
CA GLU E 262 25.40 51.85 -16.88
C GLU E 262 26.82 51.81 -17.42
N GLY E 263 27.12 50.79 -18.21
CA GLY E 263 28.43 50.66 -18.82
C GLY E 263 28.66 49.25 -19.31
N GLY E 264 29.69 49.12 -20.15
CA GLY E 264 30.03 47.82 -20.70
C GLY E 264 30.52 46.82 -19.68
N THR E 265 31.26 47.28 -18.68
CA THR E 265 31.83 46.40 -17.66
C THR E 265 31.01 46.36 -16.37
N ASN E 266 29.79 46.89 -16.38
CA ASN E 266 28.93 46.90 -15.20
C ASN E 266 28.02 45.68 -15.24
N PHE E 267 28.59 44.54 -14.83
CA PHE E 267 27.88 43.27 -14.90
C PHE E 267 27.11 43.03 -13.61
N GLY E 268 26.15 42.11 -13.70
CA GLY E 268 25.46 41.61 -12.53
C GLY E 268 26.00 40.27 -12.08
N TYR E 269 25.74 39.94 -10.82
CA TYR E 269 26.30 38.75 -10.22
C TYR E 269 25.19 37.92 -9.57
N ILE E 270 25.34 36.59 -9.68
CA ILE E 270 24.38 35.70 -9.04
C ILE E 270 24.52 35.77 -7.52
N GLY E 271 25.75 35.86 -7.02
CA GLY E 271 25.99 36.10 -5.62
C GLY E 271 26.08 34.86 -4.75
N VAL E 272 25.79 33.69 -5.29
CA VAL E 272 25.84 32.44 -4.54
C VAL E 272 26.96 31.58 -5.10
N GLN E 273 27.79 31.04 -4.22
CA GLN E 273 28.91 30.21 -4.66
C GLN E 273 28.37 28.99 -5.42
N GLN E 274 29.10 28.59 -6.46
CA GLN E 274 28.55 27.67 -7.44
C GLN E 274 28.24 26.31 -6.84
N ASP E 275 29.02 25.87 -5.87
CA ASP E 275 28.75 24.59 -5.21
C ASP E 275 27.72 24.70 -4.10
N LYS E 276 27.23 25.90 -3.81
CA LYS E 276 26.20 26.12 -2.81
C LYS E 276 24.88 26.57 -3.41
N ARG E 277 24.61 26.22 -4.67
CA ARG E 277 23.43 26.71 -5.36
C ARG E 277 22.34 25.66 -5.38
N ARG E 278 21.10 26.14 -5.48
CA ARG E 278 19.94 25.29 -5.62
C ARG E 278 19.61 25.09 -7.10
N GLY E 279 18.80 24.07 -7.38
CA GLY E 279 18.45 23.76 -8.75
C GLY E 279 18.59 22.29 -9.06
N VAL E 280 18.58 21.93 -10.34
CA VAL E 280 18.58 20.54 -10.77
C VAL E 280 19.63 20.37 -11.86
N THR E 281 20.37 19.27 -11.79
CA THR E 281 21.29 18.87 -12.83
C THR E 281 21.10 17.38 -13.10
N GLN E 282 21.55 16.94 -14.26
CA GLN E 282 21.63 15.52 -14.57
C GLN E 282 22.98 14.93 -14.18
N MET E 283 23.80 15.69 -13.46
CA MET E 283 25.17 15.32 -13.12
C MET E 283 25.15 14.87 -11.66
N GLY E 284 25.00 13.57 -11.45
CA GLY E 284 24.75 13.05 -10.13
C GLY E 284 25.96 13.01 -9.23
N ASN E 285 27.15 13.33 -9.74
CA ASN E 285 28.37 13.29 -8.94
C ASN E 285 29.07 14.64 -8.92
N THR E 286 28.32 15.73 -8.84
CA THR E 286 28.89 17.06 -8.70
C THR E 286 27.88 17.97 -8.02
N ASN E 287 28.39 18.88 -7.20
CA ASN E 287 27.56 19.88 -6.56
C ASN E 287 27.50 21.19 -7.34
N TYR E 288 28.19 21.27 -8.47
CA TYR E 288 28.25 22.48 -9.27
C TYR E 288 26.96 22.61 -10.09
N ILE E 289 26.17 23.64 -9.80
CA ILE E 289 25.00 23.98 -10.58
C ILE E 289 25.32 25.28 -11.31
N THR E 290 25.62 25.18 -12.60
CA THR E 290 26.01 26.33 -13.40
C THR E 290 25.17 26.34 -14.67
N GLU E 291 25.19 27.49 -15.35
CA GLU E 291 24.39 27.62 -16.57
C GLU E 291 24.73 26.54 -17.59
N ALA E 292 25.99 26.13 -17.65
CA ALA E 292 26.40 25.10 -18.60
C ALA E 292 26.04 23.71 -18.11
N THR E 293 25.68 23.55 -16.83
CA THR E 293 25.40 22.24 -16.27
C THR E 293 23.97 22.08 -15.76
N ILE E 294 23.18 23.14 -15.76
CA ILE E 294 21.81 23.03 -15.25
C ILE E 294 20.95 22.22 -16.21
N MET E 295 19.93 21.57 -15.67
CA MET E 295 19.06 20.73 -16.47
C MET E 295 18.13 21.58 -17.32
N ARG E 296 17.91 21.14 -18.55
CA ARG E 296 17.00 21.77 -19.49
C ARG E 296 15.95 20.76 -19.94
N PRO E 297 14.80 21.23 -20.42
CA PRO E 297 13.74 20.28 -20.81
C PRO E 297 14.17 19.30 -21.87
N ALA E 298 14.96 19.74 -22.85
CA ALA E 298 15.37 18.88 -23.96
C ALA E 298 16.51 19.59 -24.70
N GLU E 299 16.90 19.04 -25.84
CA GLU E 299 17.99 19.58 -26.65
C GLU E 299 17.41 20.26 -27.88
N VAL E 300 17.89 21.47 -28.15
CA VAL E 300 17.53 22.20 -29.37
C VAL E 300 18.69 22.03 -30.35
N GLY E 301 18.39 21.42 -31.49
CA GLY E 301 19.42 21.12 -32.47
C GLY E 301 20.19 19.87 -32.08
N TYR E 302 21.12 19.50 -32.94
CA TYR E 302 21.95 18.34 -32.68
C TYR E 302 23.26 18.46 -33.45
N SER E 303 24.26 17.72 -32.99
CA SER E 303 25.52 17.60 -33.72
C SER E 303 25.46 16.39 -34.63
N ALA E 304 26.01 16.54 -35.83
CA ALA E 304 26.08 15.47 -36.81
C ALA E 304 27.48 15.46 -37.40
N PRO E 305 27.94 14.31 -37.91
CA PRO E 305 29.24 14.28 -38.57
C PRO E 305 29.22 15.11 -39.84
N TYR E 306 30.04 16.16 -39.87
CA TYR E 306 29.97 17.15 -40.94
C TYR E 306 31.04 16.89 -41.98
N TYR E 307 30.68 17.17 -43.23
CA TYR E 307 31.39 16.66 -44.41
C TYR E 307 31.72 15.18 -44.21
N SER E 308 30.67 14.42 -43.92
CA SER E 308 30.75 12.97 -43.86
C SER E 308 30.14 12.38 -45.12
N PHE E 309 30.91 11.59 -45.86
CA PHE E 309 30.46 10.97 -47.08
C PHE E 309 30.27 9.48 -46.85
N GLU E 310 29.04 9.02 -47.04
CA GLU E 310 28.67 7.63 -46.86
C GLU E 310 28.56 6.94 -48.22
N ALA E 311 28.94 5.68 -48.27
CA ALA E 311 28.90 4.90 -49.50
C ALA E 311 27.81 3.85 -49.43
N SER E 312 27.17 3.61 -50.57
CA SER E 312 26.19 2.55 -50.72
C SER E 312 26.36 1.95 -52.11
N THR E 313 25.36 1.21 -52.56
CA THR E 313 25.47 0.53 -53.85
C THR E 313 25.85 1.51 -54.97
N GLN E 314 25.22 2.67 -55.01
CA GLN E 314 25.38 3.59 -56.12
C GLN E 314 26.60 4.48 -56.00
N GLY E 315 27.24 4.54 -54.83
CA GLY E 315 28.45 5.33 -54.66
C GLY E 315 28.34 6.32 -53.52
N PRO E 316 29.42 7.08 -53.30
CA PRO E 316 29.46 7.98 -52.15
C PRO E 316 28.50 9.15 -52.26
N PHE E 317 28.04 9.60 -51.10
CA PHE E 317 27.19 10.78 -51.01
C PHE E 317 27.38 11.42 -49.64
N LYS E 318 27.25 12.75 -49.61
CA LYS E 318 27.37 13.48 -48.35
C LYS E 318 26.19 13.18 -47.45
N THR E 319 26.46 12.99 -46.16
CA THR E 319 25.39 12.83 -45.19
C THR E 319 24.71 14.17 -44.95
N PRO E 320 23.41 14.29 -45.21
CA PRO E 320 22.74 15.58 -45.03
C PRO E 320 22.54 15.92 -43.56
N ILE E 321 22.38 17.22 -43.31
CA ILE E 321 22.16 17.75 -41.97
C ILE E 321 20.98 18.72 -42.04
N ALA E 322 20.19 18.75 -40.98
CA ALA E 322 18.95 19.52 -40.98
C ALA E 322 19.10 20.94 -40.43
N ALA E 323 20.31 21.35 -40.04
CA ALA E 323 20.52 22.68 -39.49
C ALA E 323 21.85 23.22 -39.98
N GLY E 324 21.99 24.55 -39.89
CA GLY E 324 23.17 25.22 -40.38
C GLY E 324 24.22 25.43 -39.31
N ARG E 325 25.33 26.03 -39.72
CA ARG E 325 26.46 26.22 -38.83
C ARG E 325 26.20 27.34 -37.83
N GLY E 326 27.00 27.37 -36.78
CA GLY E 326 26.93 28.44 -35.81
C GLY E 326 28.02 29.47 -35.99
N GLY E 327 27.65 30.72 -35.77
CA GLY E 327 28.57 31.83 -35.98
C GLY E 327 28.57 32.29 -37.42
N ALA E 328 27.80 31.61 -38.27
CA ALA E 328 27.69 32.01 -39.67
C ALA E 328 27.03 33.37 -39.82
N GLN E 329 26.13 33.73 -38.90
CA GLN E 329 25.46 35.02 -38.99
C GLN E 329 26.40 36.17 -38.69
N THR E 330 27.44 35.93 -37.89
CA THR E 330 28.40 36.98 -37.57
C THR E 330 29.51 37.06 -38.62
N ASP E 331 29.92 35.91 -39.17
CA ASP E 331 30.98 35.85 -40.17
C ASP E 331 30.51 34.94 -41.30
N GLU E 332 30.19 35.54 -42.45
CA GLU E 332 29.72 34.75 -43.58
C GLU E 332 30.77 33.77 -44.07
N ASN E 333 32.06 34.09 -43.89
CA ASN E 333 33.12 33.19 -44.34
C ASN E 333 33.08 31.87 -43.60
N GLN E 334 32.38 31.79 -42.47
CA GLN E 334 32.25 30.55 -41.71
C GLN E 334 31.03 29.74 -42.09
N ALA E 335 30.28 30.18 -43.10
CA ALA E 335 29.14 29.40 -43.57
C ALA E 335 29.65 28.10 -44.21
N ALA E 336 29.13 26.98 -43.72
CA ALA E 336 29.65 25.66 -44.09
C ALA E 336 28.53 24.64 -44.05
N ASP E 337 28.89 23.37 -43.93
CA ASP E 337 27.94 22.26 -43.97
C ASP E 337 26.63 22.68 -43.32
N GLY E 338 25.52 22.42 -44.02
CA GLY E 338 24.20 22.73 -43.52
C GLY E 338 23.62 24.04 -44.00
N ASP E 339 24.45 24.91 -44.58
CA ASP E 339 23.96 26.16 -45.15
C ASP E 339 23.83 25.97 -46.65
N PRO E 340 22.62 25.86 -47.20
CA PRO E 340 22.50 25.51 -48.62
C PRO E 340 23.09 26.58 -49.52
N ARG E 341 23.79 26.14 -50.56
CA ARG E 341 24.39 27.03 -51.55
C ARG E 341 23.69 26.79 -52.88
N TYR E 342 23.21 27.87 -53.49
CA TYR E 342 22.43 27.80 -54.71
C TYR E 342 23.23 28.36 -55.87
N ALA E 343 23.28 27.62 -56.97
CA ALA E 343 23.88 28.09 -58.22
C ALA E 343 22.79 28.14 -59.27
N PHE E 344 22.70 29.27 -59.97
CA PHE E 344 21.60 29.50 -60.89
C PHE E 344 22.07 30.38 -62.04
N GLY E 345 21.21 30.48 -63.06
CA GLY E 345 21.54 31.18 -64.28
C GLY E 345 20.65 32.39 -64.52
N ARG E 346 20.81 32.96 -65.71
CA ARG E 346 20.16 34.22 -66.06
C ARG E 346 18.64 34.11 -66.09
N GLN E 347 18.11 32.89 -66.21
CA GLN E 347 16.67 32.69 -66.19
C GLN E 347 16.10 32.67 -64.78
N HIS E 348 16.95 32.51 -63.75
CA HIS E 348 16.49 32.29 -62.39
C HIS E 348 17.15 33.23 -61.39
N GLY E 349 17.63 34.39 -61.83
CA GLY E 349 18.08 35.40 -60.90
C GLY E 349 19.36 36.10 -61.28
N GLN E 350 20.27 35.40 -61.97
CA GLN E 350 21.51 36.02 -62.37
C GLN E 350 21.24 37.19 -63.31
N LYS E 351 22.04 38.23 -63.20
CA LYS E 351 21.88 39.41 -64.05
C LYS E 351 21.72 38.99 -65.50
N THR E 352 20.59 39.33 -66.12
CA THR E 352 20.27 38.80 -67.43
C THR E 352 21.21 39.31 -68.52
N THR E 353 22.01 40.33 -68.22
CA THR E 353 22.93 40.90 -69.20
C THR E 353 24.38 40.53 -68.93
N THR E 354 24.63 39.60 -68.02
CA THR E 354 25.98 39.09 -67.84
C THR E 354 26.33 38.10 -68.96
N THR E 355 27.62 37.98 -69.22
CA THR E 355 28.13 37.07 -70.23
C THR E 355 29.05 36.04 -69.59
N GLY E 356 28.99 34.82 -70.09
CA GLY E 356 29.83 33.75 -69.60
C GLY E 356 29.04 32.66 -68.91
N GLU E 357 29.69 31.49 -68.77
CA GLU E 357 29.04 30.34 -68.18
C GLU E 357 29.08 30.35 -66.65
N THR E 358 29.91 31.19 -66.05
CA THR E 358 30.01 31.22 -64.60
C THR E 358 28.65 31.58 -64.00
N PRO E 359 28.09 30.75 -63.12
CA PRO E 359 26.78 31.06 -62.57
C PRO E 359 26.87 31.98 -61.36
N GLU E 360 25.70 32.41 -60.91
CA GLU E 360 25.59 33.23 -59.72
C GLU E 360 25.26 32.34 -58.52
N ARG E 361 26.02 32.53 -57.44
CA ARG E 361 25.92 31.65 -56.29
C ARG E 361 25.74 32.46 -55.01
N PHE E 362 24.97 31.89 -54.09
CA PHE E 362 24.84 32.44 -52.74
C PHE E 362 24.59 31.29 -51.78
N THR E 363 25.08 31.46 -50.55
CA THR E 363 24.83 30.53 -49.47
C THR E 363 23.77 31.14 -48.56
N TYR E 364 22.76 30.36 -48.22
CA TYR E 364 21.66 30.84 -47.40
C TYR E 364 22.02 30.68 -45.92
N ILE E 365 22.09 31.79 -45.20
CA ILE E 365 22.41 31.79 -43.78
C ILE E 365 21.12 32.12 -43.04
N ALA E 366 20.47 31.09 -42.52
CA ALA E 366 19.16 31.25 -41.90
C ALA E 366 19.28 32.01 -40.57
N HIS E 367 18.18 32.63 -40.18
CA HIS E 367 18.13 33.38 -38.93
C HIS E 367 17.94 32.48 -37.72
N GLN E 368 17.55 31.23 -37.91
CA GLN E 368 17.31 30.33 -36.79
C GLN E 368 18.62 29.85 -36.19
N ASP E 369 18.72 29.96 -34.87
CA ASP E 369 19.92 29.54 -34.15
C ASP E 369 19.76 28.14 -33.58
N THR E 370 19.67 27.15 -34.47
CA THR E 370 19.58 25.74 -34.07
C THR E 370 20.85 24.97 -34.39
N GLY E 371 21.93 25.65 -34.77
CA GLY E 371 23.15 24.99 -35.18
C GLY E 371 24.11 24.76 -34.03
N ARG E 372 25.30 24.30 -34.40
CA ARG E 372 26.35 23.98 -33.45
C ARG E 372 27.63 24.70 -33.82
N TYR E 373 28.40 25.04 -32.80
CA TYR E 373 29.73 25.62 -32.97
C TYR E 373 30.75 24.59 -32.48
N PRO E 374 31.16 23.65 -33.31
CA PRO E 374 31.97 22.53 -32.80
C PRO E 374 33.29 22.94 -32.17
N GLU E 375 33.78 24.15 -32.44
CA GLU E 375 35.02 24.60 -31.81
C GLU E 375 34.83 24.90 -30.33
N GLY E 376 33.60 24.95 -29.83
CA GLY E 376 33.32 25.18 -28.44
C GLY E 376 32.92 23.94 -27.66
N ASP E 377 32.71 22.81 -28.32
CA ASP E 377 32.35 21.58 -27.64
C ASP E 377 33.57 20.92 -27.01
N TRP E 378 33.32 20.04 -26.04
CA TRP E 378 34.36 19.25 -25.43
C TRP E 378 33.73 18.09 -24.70
N ILE E 379 34.51 17.05 -24.47
CA ILE E 379 34.10 15.88 -23.68
C ILE E 379 35.13 15.67 -22.59
N GLN E 380 34.66 15.35 -21.40
CA GLN E 380 35.55 15.18 -20.25
C GLN E 380 35.11 14.02 -19.39
N ASN E 381 36.03 13.55 -18.56
CA ASN E 381 35.84 12.31 -17.82
C ASN E 381 34.68 12.43 -16.85
N ILE E 382 34.06 11.28 -16.55
CA ILE E 382 32.89 11.26 -15.69
C ILE E 382 33.20 11.77 -14.28
N ASN E 383 34.45 11.66 -13.85
CA ASN E 383 34.80 12.10 -12.50
C ASN E 383 34.51 13.58 -12.27
N PHE E 384 34.65 14.41 -13.30
CA PHE E 384 34.31 15.83 -13.22
C PHE E 384 35.15 16.55 -12.18
N ASN E 385 36.47 16.52 -12.37
CA ASN E 385 37.37 17.26 -11.51
C ASN E 385 37.77 18.56 -12.20
N LEU E 386 37.53 19.69 -11.54
CA LEU E 386 37.75 20.99 -12.14
C LEU E 386 38.87 21.71 -11.41
N PRO E 387 39.79 22.36 -12.15
CA PRO E 387 39.89 22.42 -13.61
C PRO E 387 40.34 21.09 -14.20
N VAL E 388 39.87 20.76 -15.41
CA VAL E 388 40.17 19.47 -15.99
C VAL E 388 41.60 19.43 -16.51
N THR E 389 42.22 18.27 -16.41
CA THR E 389 43.58 18.05 -16.87
C THR E 389 43.57 17.51 -18.30
N ASP E 390 44.76 17.48 -18.90
CA ASP E 390 44.88 17.10 -20.30
C ASP E 390 44.26 15.73 -20.57
N ASP E 391 44.57 14.76 -19.70
CA ASP E 391 44.18 13.38 -19.98
C ASP E 391 42.70 13.12 -19.75
N ASN E 392 41.98 14.06 -19.12
CA ASN E 392 40.60 13.84 -18.75
C ASN E 392 39.61 14.61 -19.61
N VAL E 393 40.07 15.30 -20.65
CA VAL E 393 39.19 16.05 -21.55
C VAL E 393 39.59 15.78 -22.99
N LEU E 394 38.59 15.63 -23.84
CA LEU E 394 38.78 15.52 -25.29
C LEU E 394 38.28 16.80 -25.94
N LEU E 395 39.18 17.54 -26.57
CA LEU E 395 38.89 18.84 -27.13
C LEU E 395 38.86 18.79 -28.65
N PRO E 396 38.20 19.77 -29.30
CA PRO E 396 38.23 19.82 -30.77
C PRO E 396 39.62 20.03 -31.32
N THR E 397 40.58 20.49 -30.52
CA THR E 397 41.95 20.68 -30.97
C THR E 397 42.75 19.39 -30.99
N ASP E 398 42.16 18.26 -30.57
CA ASP E 398 42.93 17.04 -30.37
C ASP E 398 42.76 16.11 -31.56
N PRO E 399 43.83 15.55 -32.11
CA PRO E 399 43.69 14.75 -33.34
C PRO E 399 43.00 13.43 -33.08
N ILE E 400 42.16 13.04 -34.04
CA ILE E 400 41.47 11.75 -34.04
C ILE E 400 42.02 10.90 -35.17
N GLY E 401 42.40 9.66 -34.86
CA GLY E 401 42.96 8.80 -35.86
C GLY E 401 44.35 9.20 -36.31
N GLY E 402 45.04 10.02 -35.53
CA GLY E 402 46.36 10.48 -35.89
C GLY E 402 46.39 11.63 -36.86
N LYS E 403 45.23 12.16 -37.25
CA LYS E 403 45.13 13.19 -38.26
C LYS E 403 45.05 14.56 -37.59
N THR E 404 45.98 15.46 -37.94
CA THR E 404 46.00 16.77 -37.34
C THR E 404 44.77 17.60 -37.67
N GLY E 405 44.05 17.25 -38.75
CA GLY E 405 42.93 18.03 -39.21
C GLY E 405 41.56 17.48 -38.89
N ILE E 406 41.48 16.30 -38.28
CA ILE E 406 40.21 15.67 -37.94
C ILE E 406 40.12 15.55 -36.43
N ASN E 407 39.07 16.12 -35.86
CA ASN E 407 38.82 16.07 -34.43
C ASN E 407 37.50 15.34 -34.18
N TYR E 408 37.20 15.11 -32.91
CA TYR E 408 36.10 14.22 -32.57
C TYR E 408 34.76 14.76 -33.06
N THR E 409 34.62 16.07 -33.13
CA THR E 409 33.37 16.66 -33.61
C THR E 409 33.04 16.23 -35.02
N ASN E 410 34.04 15.86 -35.82
CA ASN E 410 33.79 15.43 -37.19
C ASN E 410 33.02 14.12 -37.23
N ILE E 411 33.29 13.20 -36.30
CA ILE E 411 32.59 11.92 -36.24
C ILE E 411 31.56 11.88 -35.13
N PHE E 412 31.04 13.03 -34.71
CA PHE E 412 30.23 13.15 -33.52
C PHE E 412 28.76 13.27 -33.88
N ASN E 413 27.91 12.54 -33.15
CA ASN E 413 26.48 12.55 -33.37
C ASN E 413 25.78 12.61 -32.02
N THR E 414 24.94 13.62 -31.81
CA THR E 414 24.18 13.76 -30.58
C THR E 414 22.68 13.73 -30.81
N TYR E 415 22.22 13.23 -31.96
CA TYR E 415 20.79 13.08 -32.18
C TYR E 415 20.21 12.08 -31.19
N GLY E 416 19.09 12.42 -30.61
CA GLY E 416 18.47 11.59 -29.61
C GLY E 416 17.01 11.95 -29.40
N PRO E 417 16.36 11.26 -28.46
CA PRO E 417 14.93 11.53 -28.21
C PRO E 417 14.66 12.88 -27.57
N LEU E 418 15.71 13.62 -27.18
CA LEU E 418 15.55 14.96 -26.64
C LEU E 418 15.85 16.04 -27.66
N THR E 419 15.96 15.69 -28.93
CA THR E 419 16.31 16.67 -29.96
C THR E 419 15.05 17.38 -30.44
N ALA E 420 15.13 18.70 -30.56
CA ALA E 420 14.07 19.53 -31.12
C ALA E 420 14.69 20.38 -32.21
N LEU E 421 14.11 20.33 -33.40
CA LEU E 421 14.64 21.08 -34.53
C LEU E 421 13.49 21.58 -35.39
N ASN E 422 13.77 22.62 -36.16
CA ASN E 422 12.78 23.27 -37.01
C ASN E 422 12.92 22.79 -38.46
N ASN E 423 11.83 22.93 -39.21
CA ASN E 423 11.83 22.62 -40.62
C ASN E 423 12.64 23.68 -41.37
N VAL E 424 13.11 23.31 -42.56
CA VAL E 424 13.95 24.23 -43.33
C VAL E 424 13.13 25.47 -43.71
N PRO E 425 13.69 26.66 -43.68
CA PRO E 425 12.96 27.84 -44.10
C PRO E 425 12.81 27.89 -45.61
N PRO E 426 11.76 28.53 -46.12
CA PRO E 426 11.71 28.79 -47.57
C PRO E 426 12.90 29.64 -48.02
N VAL E 427 13.44 29.30 -49.17
CA VAL E 427 14.51 30.06 -49.79
C VAL E 427 13.96 30.68 -51.07
N TYR E 428 14.01 32.00 -51.14
CA TYR E 428 13.45 32.71 -52.27
C TYR E 428 14.57 33.34 -53.09
N PRO E 429 14.48 33.34 -54.44
CA PRO E 429 13.46 32.72 -55.28
C PRO E 429 13.78 31.29 -55.68
N ASN E 430 15.01 30.86 -55.42
CA ASN E 430 15.56 29.67 -56.06
C ASN E 430 15.18 28.38 -55.35
N GLY E 431 14.62 28.46 -54.15
CA GLY E 431 14.32 27.26 -53.41
C GLY E 431 13.05 26.59 -53.90
N GLN E 432 13.01 25.27 -53.74
CA GLN E 432 11.84 24.48 -54.05
C GLN E 432 10.71 24.81 -53.08
N ILE E 433 9.47 24.63 -53.54
CA ILE E 433 8.31 24.91 -52.71
C ILE E 433 7.85 23.64 -52.02
N TRP E 434 7.44 22.65 -52.81
CA TRP E 434 6.94 21.39 -52.27
C TRP E 434 7.78 20.23 -52.79
N ASP E 435 7.76 19.14 -52.03
CA ASP E 435 8.45 17.91 -52.40
C ASP E 435 7.55 16.73 -52.09
N LYS E 436 7.82 15.62 -52.74
CA LYS E 436 7.09 14.38 -52.48
C LYS E 436 7.68 13.67 -51.28
N GLU E 437 6.83 12.98 -50.53
CA GLU E 437 7.30 12.15 -49.45
C GLU E 437 7.91 10.86 -49.99
N PHE E 438 8.89 10.35 -49.28
CA PHE E 438 9.50 9.09 -49.66
C PHE E 438 8.50 7.95 -49.50
N ASP E 439 8.63 6.93 -50.35
CA ASP E 439 7.77 5.76 -50.29
C ASP E 439 8.33 4.67 -49.39
N THR E 440 9.15 5.04 -48.43
CA THR E 440 9.67 4.08 -47.47
C THR E 440 8.68 3.85 -46.34
N ASP E 441 8.84 2.72 -45.65
CA ASP E 441 7.94 2.42 -44.54
C ASP E 441 8.08 3.44 -43.42
N LEU E 442 9.31 3.83 -43.11
CA LEU E 442 9.59 4.81 -42.06
C LEU E 442 10.16 6.06 -42.71
N LYS E 443 9.49 7.18 -42.53
CA LYS E 443 9.72 8.36 -43.33
C LYS E 443 10.53 9.42 -42.57
N PRO E 444 11.30 10.24 -43.27
CA PRO E 444 12.11 11.25 -42.59
C PRO E 444 11.23 12.30 -41.94
N ARG E 445 11.71 12.84 -40.83
CA ARG E 445 10.95 13.85 -40.11
C ARG E 445 10.84 15.15 -40.90
N LEU E 446 11.78 15.40 -41.81
CA LEU E 446 11.74 16.59 -42.63
C LEU E 446 12.55 16.36 -43.90
N HIS E 447 12.31 17.21 -44.90
CA HIS E 447 13.11 17.27 -46.11
C HIS E 447 13.94 18.54 -46.08
N VAL E 448 15.17 18.45 -46.57
CA VAL E 448 16.07 19.59 -46.51
C VAL E 448 15.94 20.51 -47.71
N ASN E 449 15.18 20.12 -48.73
CA ASN E 449 15.12 20.88 -49.97
C ASN E 449 13.84 21.69 -50.13
N ALA E 450 12.74 21.27 -49.49
CA ALA E 450 11.48 21.98 -49.60
C ALA E 450 10.84 22.11 -48.23
N PRO E 451 10.13 23.22 -47.98
CA PRO E 451 9.43 23.34 -46.69
C PRO E 451 8.12 22.59 -46.64
N PHE E 452 7.53 22.26 -47.79
CA PHE E 452 6.26 21.55 -47.87
C PHE E 452 6.49 20.15 -48.40
N VAL E 453 6.04 19.15 -47.65
CA VAL E 453 6.22 17.75 -48.01
C VAL E 453 4.85 17.13 -48.18
N CYS E 454 4.68 16.38 -49.27
CA CYS E 454 3.40 15.84 -49.68
C CYS E 454 3.24 14.43 -49.12
N GLN E 455 2.22 14.22 -48.30
CA GLN E 455 2.07 12.91 -47.67
C GLN E 455 1.51 11.87 -48.64
N ASN E 456 0.28 12.09 -49.11
CA ASN E 456 -0.34 11.10 -49.98
C ASN E 456 0.22 11.17 -51.40
N ASN E 457 0.02 12.29 -52.06
CA ASN E 457 0.54 12.52 -53.40
C ASN E 457 0.55 14.02 -53.63
N CYS E 458 1.28 14.46 -54.66
CA CYS E 458 1.00 15.82 -55.07
C CYS E 458 1.37 16.05 -56.53
N PRO E 459 1.06 17.24 -57.08
CA PRO E 459 0.55 17.28 -58.45
C PRO E 459 1.41 16.52 -59.43
N GLY E 460 0.74 15.83 -60.35
CA GLY E 460 1.45 15.09 -61.36
C GLY E 460 2.30 16.01 -62.22
N GLN E 461 3.41 15.46 -62.69
CA GLN E 461 4.32 16.23 -63.53
C GLN E 461 3.72 16.39 -64.93
N LEU E 462 4.05 17.52 -65.57
CA LEU E 462 3.49 17.86 -66.86
C LEU E 462 4.58 17.71 -67.92
N PHE E 463 4.34 16.86 -68.91
CA PHE E 463 5.30 16.56 -69.96
C PHE E 463 4.78 17.03 -71.30
N VAL E 464 5.66 17.62 -72.11
CA VAL E 464 5.32 18.15 -73.41
C VAL E 464 6.32 17.64 -74.43
N LYS E 465 5.83 17.32 -75.63
CA LYS E 465 6.65 16.81 -76.71
C LYS E 465 6.05 17.23 -78.04
N VAL E 466 6.90 17.63 -78.97
CA VAL E 466 6.46 17.98 -80.31
C VAL E 466 6.27 16.70 -81.11
N ALA E 467 5.06 16.50 -81.62
CA ALA E 467 4.75 15.26 -82.32
C ALA E 467 5.65 15.13 -83.54
N PRO E 468 6.11 13.91 -83.85
CA PRO E 468 7.03 13.76 -84.98
C PRO E 468 6.41 14.21 -86.30
N ASN E 469 6.98 15.26 -86.88
CA ASN E 469 6.53 15.78 -88.17
C ASN E 469 7.41 15.14 -89.24
N LEU E 470 6.86 14.13 -89.90
CA LEU E 470 7.66 13.28 -90.77
C LEU E 470 7.79 13.88 -92.17
N THR E 471 8.80 13.41 -92.89
CA THR E 471 8.89 13.66 -94.32
C THR E 471 8.29 12.48 -95.08
N ASN E 472 8.44 12.51 -96.40
CA ASN E 472 7.91 11.43 -97.23
C ASN E 472 8.90 10.29 -97.41
N GLN E 473 10.07 10.36 -96.80
CA GLN E 473 11.09 9.34 -96.95
C GLN E 473 11.21 8.42 -95.74
N TYR E 474 10.21 8.41 -94.85
CA TYR E 474 10.31 7.66 -93.61
C TYR E 474 10.23 6.17 -93.88
N ASP E 475 11.22 5.42 -93.42
CA ASP E 475 11.25 3.97 -93.49
C ASP E 475 11.43 3.44 -92.08
N PRO E 476 10.41 2.86 -91.44
CA PRO E 476 10.58 2.39 -90.05
C PRO E 476 11.60 1.26 -89.90
N ASP E 477 11.97 0.59 -90.97
CA ASP E 477 12.96 -0.48 -90.90
C ASP E 477 14.39 0.02 -91.04
N ALA E 478 14.58 1.31 -91.25
CA ALA E 478 15.93 1.85 -91.40
C ALA E 478 16.54 2.13 -90.03
N SER E 479 17.80 1.76 -89.87
CA SER E 479 18.51 1.96 -88.60
C SER E 479 18.77 3.42 -88.32
N ALA E 480 18.99 4.24 -89.34
CA ALA E 480 19.30 5.64 -89.14
C ALA E 480 18.13 6.35 -88.45
N ASN E 481 18.43 7.51 -87.88
CA ASN E 481 17.40 8.26 -87.17
C ASN E 481 16.30 8.70 -88.13
N MET E 482 15.10 8.83 -87.58
CA MET E 482 13.95 9.27 -88.35
C MET E 482 14.19 10.65 -88.93
N SER E 483 13.91 10.79 -90.23
CA SER E 483 14.04 12.08 -90.90
C SER E 483 12.78 12.91 -90.66
N ARG E 484 12.94 14.04 -89.98
CA ARG E 484 11.81 14.84 -89.51
C ARG E 484 11.88 16.25 -90.09
N ILE E 485 10.72 16.91 -90.14
CA ILE E 485 10.69 18.32 -90.44
C ILE E 485 11.07 19.11 -89.21
N VAL E 486 11.94 20.10 -89.39
CA VAL E 486 12.40 20.91 -88.26
C VAL E 486 11.22 21.72 -87.75
N THR E 487 10.68 21.32 -86.60
CA THR E 487 9.47 21.90 -86.03
C THR E 487 9.74 22.32 -84.60
N TYR E 488 9.10 23.41 -84.18
CA TYR E 488 9.18 23.87 -82.81
C TYR E 488 7.85 24.47 -82.42
N SER E 489 7.55 24.44 -81.13
CA SER E 489 6.27 24.85 -80.61
C SER E 489 6.44 25.94 -79.57
N ASP E 490 5.58 26.95 -79.65
CA ASP E 490 5.47 27.98 -78.63
C ASP E 490 4.05 27.95 -78.07
N PHE E 491 3.95 27.84 -76.75
CA PHE E 491 2.65 27.78 -76.09
C PHE E 491 2.74 28.54 -74.78
N TRP E 492 1.58 28.96 -74.28
CA TRP E 492 1.50 29.73 -73.05
C TRP E 492 1.14 28.80 -71.90
N TRP E 493 1.81 28.99 -70.77
CA TRP E 493 1.57 28.23 -69.56
C TRP E 493 1.06 29.17 -68.48
N LYS E 494 -0.17 28.95 -68.03
CA LYS E 494 -0.73 29.69 -66.91
C LYS E 494 -0.94 28.73 -65.74
N GLY E 495 -0.49 29.12 -64.56
CA GLY E 495 -0.64 28.32 -63.37
C GLY E 495 -1.15 29.15 -62.22
N LYS E 496 -1.91 28.50 -61.33
CA LYS E 496 -2.45 29.14 -60.14
C LYS E 496 -2.03 28.33 -58.92
N LEU E 497 -1.38 28.99 -57.97
CA LEU E 497 -0.92 28.37 -56.74
C LEU E 497 -1.50 29.18 -55.58
N VAL E 498 -2.21 28.49 -54.68
CA VAL E 498 -3.00 29.12 -53.64
C VAL E 498 -2.37 28.82 -52.29
N PHE E 499 -2.16 29.87 -51.49
CA PHE E 499 -1.65 29.76 -50.14
C PHE E 499 -2.65 30.39 -49.17
N LYS E 500 -2.61 29.91 -47.93
CA LYS E 500 -3.31 30.53 -46.81
C LYS E 500 -2.29 30.90 -45.76
N ALA E 501 -2.29 32.17 -45.35
CA ALA E 501 -1.30 32.69 -44.43
C ALA E 501 -1.98 33.41 -43.29
N LYS E 502 -1.30 33.47 -42.15
CA LYS E 502 -1.80 34.14 -40.97
C LYS E 502 -1.02 35.43 -40.75
N LEU E 503 -1.75 36.52 -40.49
CA LEU E 503 -1.11 37.79 -40.18
C LEU E 503 -0.44 37.71 -38.82
N ARG E 504 0.67 38.44 -38.68
CA ARG E 504 1.44 38.39 -37.45
C ARG E 504 0.94 39.42 -36.45
N ALA E 505 1.15 39.12 -35.18
CA ALA E 505 0.88 40.07 -34.10
C ALA E 505 2.19 40.64 -33.59
N SER E 506 2.10 41.60 -32.69
CA SER E 506 3.26 42.19 -32.02
C SER E 506 3.18 41.83 -30.55
N HIS E 507 4.04 40.92 -30.11
CA HIS E 507 4.03 40.42 -28.75
C HIS E 507 5.08 41.08 -27.88
N THR E 508 5.85 42.03 -28.40
CA THR E 508 6.99 42.59 -27.70
C THR E 508 6.97 44.11 -27.82
N TRP E 509 7.62 44.76 -26.85
CA TRP E 509 7.78 46.20 -26.90
C TRP E 509 8.59 46.62 -28.11
N ASN E 510 9.65 45.87 -28.42
CA ASN E 510 10.56 46.27 -29.47
C ASN E 510 9.97 45.97 -30.85
N PRO E 511 10.44 46.68 -31.88
CA PRO E 511 10.13 46.25 -33.25
C PRO E 511 10.98 45.05 -33.63
N ILE E 512 10.58 44.40 -34.72
CA ILE E 512 11.23 43.19 -35.17
C ILE E 512 11.92 43.44 -36.51
N GLN E 513 12.69 42.45 -36.95
CA GLN E 513 13.37 42.55 -38.23
C GLN E 513 12.39 42.53 -39.39
N GLN E 514 12.60 43.41 -40.36
CA GLN E 514 11.77 43.49 -41.55
C GLN E 514 12.64 43.65 -42.77
N MET E 515 12.20 43.05 -43.87
CA MET E 515 12.86 43.25 -45.16
C MET E 515 12.51 44.63 -45.69
N SER E 516 13.52 45.38 -46.12
CA SER E 516 13.33 46.75 -46.58
C SER E 516 14.23 47.02 -47.77
N ILE E 517 13.80 47.99 -48.59
CA ILE E 517 14.67 48.52 -49.64
C ILE E 517 15.50 49.65 -49.05
N ASN E 518 16.74 49.77 -49.51
CA ASN E 518 17.64 50.78 -48.99
C ASN E 518 18.64 51.16 -50.08
N VAL E 519 19.51 52.11 -49.74
CA VAL E 519 20.45 52.66 -50.71
C VAL E 519 21.41 51.61 -51.23
N ASP E 520 21.66 50.56 -50.46
CA ASP E 520 22.60 49.53 -50.88
C ASP E 520 21.98 48.50 -51.81
N ASN E 521 20.67 48.27 -51.71
CA ASN E 521 20.02 47.21 -52.47
C ASN E 521 18.96 47.71 -53.44
N GLN E 522 18.77 49.02 -53.59
CA GLN E 522 17.70 49.52 -54.43
C GLN E 522 17.84 49.00 -55.86
N PHE E 523 19.06 48.96 -56.37
CA PHE E 523 19.32 48.59 -57.75
C PHE E 523 19.43 47.09 -57.96
N ASN E 524 18.93 46.30 -57.01
CA ASN E 524 18.68 44.89 -57.24
C ASN E 524 17.24 44.61 -57.63
N TYR E 525 16.37 45.63 -57.58
CA TYR E 525 14.93 45.44 -57.74
C TYR E 525 14.35 46.21 -58.92
N VAL E 526 15.18 46.93 -59.68
CA VAL E 526 14.71 47.67 -60.85
C VAL E 526 15.63 47.36 -62.03
N PRO E 527 15.13 47.44 -63.27
CA PRO E 527 15.95 47.04 -64.41
C PRO E 527 17.10 48.00 -64.67
N SER E 528 18.02 47.56 -65.51
CA SER E 528 19.15 48.38 -65.90
C SER E 528 18.82 49.21 -67.14
N ASN E 529 19.76 50.06 -67.53
CA ASN E 529 19.52 50.92 -68.69
C ASN E 529 19.51 50.14 -69.99
N ILE E 530 20.08 48.93 -70.00
CA ILE E 530 20.05 48.08 -71.18
C ILE E 530 19.01 46.98 -70.99
N GLY E 531 18.12 47.16 -70.02
CA GLY E 531 17.04 46.22 -69.80
C GLY E 531 17.37 45.03 -68.94
N GLY E 532 18.55 44.98 -68.33
CA GLY E 532 18.92 43.84 -67.52
C GLY E 532 18.16 43.81 -66.21
N MET E 533 17.89 42.59 -65.74
CA MET E 533 17.27 42.35 -64.44
C MET E 533 18.01 41.27 -63.67
N LYS E 534 17.74 41.24 -62.36
CA LYS E 534 18.23 40.22 -61.47
C LYS E 534 17.24 40.07 -60.32
N ILE E 535 17.26 38.90 -59.69
CA ILE E 535 16.53 38.67 -58.45
C ILE E 535 17.53 38.16 -57.42
N VAL E 536 17.69 38.90 -56.33
CA VAL E 536 18.60 38.48 -55.28
C VAL E 536 17.83 37.65 -54.25
N TYR E 537 18.58 36.88 -53.46
CA TYR E 537 17.95 36.01 -52.48
C TYR E 537 17.42 36.82 -51.32
N GLU E 538 16.25 36.41 -50.83
CA GLU E 538 15.59 37.07 -49.71
C GLU E 538 15.31 36.04 -48.62
N LYS E 539 15.62 36.40 -47.39
CA LYS E 539 15.36 35.52 -46.26
C LYS E 539 13.89 35.61 -45.84
N SER E 540 13.39 34.53 -45.26
CA SER E 540 11.96 34.34 -45.07
C SER E 540 11.50 34.38 -43.62
N GLN E 541 12.28 33.85 -42.68
CA GLN E 541 11.88 33.77 -41.28
C GLN E 541 12.44 34.93 -40.48
N LEU E 542 11.96 36.14 -40.76
CA LEU E 542 12.58 37.34 -40.19
C LEU E 542 12.13 37.56 -38.75
N ALA E 543 10.85 37.37 -38.47
CA ALA E 543 10.33 37.67 -37.15
C ALA E 543 10.78 36.60 -36.15
N PRO E 544 11.24 36.98 -34.96
CA PRO E 544 11.59 35.98 -33.95
C PRO E 544 10.35 35.44 -33.25
N ARG E 545 10.46 34.20 -32.79
CA ARG E 545 9.39 33.60 -32.01
C ARG E 545 9.99 32.83 -30.83
N LYS E 546 9.13 32.52 -29.87
CA LYS E 546 9.55 31.87 -28.66
C LYS E 546 9.49 30.36 -28.80
N LEU E 547 10.56 29.68 -28.39
CA LEU E 547 10.61 28.23 -28.46
C LEU E 547 10.07 27.60 -27.19
N TYR E 548 10.24 28.26 -26.05
CA TYR E 548 9.87 27.71 -24.77
C TYR E 548 9.51 28.82 -23.79
N GLY F 1 -15.84 43.30 1.03
CA GLY F 1 -15.57 44.48 1.90
C GLY F 1 -14.27 44.37 2.67
N VAL F 2 -14.03 45.34 3.56
CA VAL F 2 -12.80 45.36 4.32
C VAL F 2 -12.74 44.19 5.29
N GLY F 3 -13.85 43.91 5.98
CA GLY F 3 -13.89 42.92 7.03
C GLY F 3 -14.55 41.60 6.68
N ILE F 4 -14.70 41.29 5.40
CA ILE F 4 -15.31 40.05 4.96
C ILE F 4 -14.24 39.23 4.25
N SER F 5 -14.13 37.95 4.62
CA SER F 5 -13.17 37.05 3.99
C SER F 5 -13.68 36.62 2.62
N THR F 6 -12.75 36.47 1.68
CA THR F 6 -13.10 36.17 0.29
C THR F 6 -12.73 34.77 -0.14
N GLY F 7 -12.38 33.89 0.80
CA GLY F 7 -12.05 32.52 0.44
C GLY F 7 -11.80 31.70 1.68
N THR F 8 -11.62 30.40 1.46
CA THR F 8 -11.41 29.44 2.54
C THR F 8 -10.12 28.68 2.31
N PHE F 9 -9.42 28.38 3.39
CA PHE F 9 -8.17 27.62 3.32
C PHE F 9 -8.50 26.13 3.21
N ASN F 10 -7.93 25.48 2.21
CA ASN F 10 -8.15 24.06 1.99
C ASN F 10 -6.85 23.44 1.51
N ASN F 11 -6.36 22.44 2.24
CA ASN F 11 -5.18 21.68 1.85
C ASN F 11 -5.41 20.19 2.09
N GLN F 12 -6.58 19.71 1.71
CA GLN F 12 -6.88 18.29 1.80
C GLN F 12 -6.61 17.60 0.47
N THR F 13 -6.52 16.28 0.52
CA THR F 13 -6.44 15.45 -0.67
C THR F 13 -7.60 14.45 -0.63
N GLU F 14 -8.34 14.38 -1.72
CA GLU F 14 -9.53 13.53 -1.82
C GLU F 14 -9.30 12.45 -2.85
N PHE F 15 -9.68 11.23 -2.52
CA PHE F 15 -9.57 10.08 -3.40
C PHE F 15 -10.98 9.55 -3.67
N LYS F 16 -11.60 10.06 -4.72
CA LYS F 16 -12.94 9.63 -5.12
C LYS F 16 -12.79 8.45 -6.08
N PHE F 17 -13.32 7.30 -5.69
CA PHE F 17 -13.18 6.10 -6.48
C PHE F 17 -14.32 5.99 -7.49
N LEU F 18 -13.98 5.57 -8.70
CA LEU F 18 -14.91 5.48 -9.82
C LEU F 18 -15.00 4.04 -10.29
N GLU F 19 -15.73 3.84 -11.38
CA GLU F 19 -15.89 2.50 -11.94
C GLU F 19 -14.61 2.04 -12.62
N ASN F 20 -14.41 0.73 -12.64
CA ASN F 20 -13.35 0.08 -13.39
C ASN F 20 -11.96 0.37 -12.83
N GLY F 21 -11.86 0.61 -11.53
CA GLY F 21 -10.55 0.77 -10.91
C GLY F 21 -9.88 2.09 -11.17
N TRP F 22 -10.64 3.16 -11.32
CA TRP F 22 -10.08 4.49 -11.48
C TRP F 22 -10.42 5.35 -10.27
N VAL F 23 -9.43 6.16 -9.85
CA VAL F 23 -9.58 7.04 -8.71
C VAL F 23 -9.37 8.48 -9.17
N TYR F 24 -10.28 9.35 -8.76
CA TYR F 24 -10.21 10.78 -9.05
C TYR F 24 -9.49 11.45 -7.89
N ILE F 25 -8.19 11.71 -8.08
CA ILE F 25 -7.37 12.31 -7.02
C ILE F 25 -7.47 13.82 -7.15
N THR F 26 -8.02 14.47 -6.13
CA THR F 26 -8.14 15.91 -6.08
C THR F 26 -7.24 16.41 -4.96
N ALA F 27 -6.15 17.07 -5.33
CA ALA F 27 -5.20 17.61 -4.37
C ALA F 27 -5.46 19.11 -4.20
N ASN F 28 -5.72 19.52 -2.98
CA ASN F 28 -5.93 20.93 -2.65
C ASN F 28 -4.72 21.44 -1.89
N SER F 29 -4.24 22.61 -2.28
CA SER F 29 -3.10 23.23 -1.63
C SER F 29 -3.43 24.69 -1.35
N SER F 30 -3.16 25.13 -0.13
CA SER F 30 -3.41 26.50 0.27
C SER F 30 -2.18 27.01 1.01
N ARG F 31 -1.75 28.21 0.64
CA ARG F 31 -0.57 28.82 1.23
C ARG F 31 -0.87 30.26 1.63
N LEU F 32 -0.06 30.78 2.53
CA LEU F 32 0.01 32.20 2.81
C LEU F 32 1.27 32.73 2.15
N VAL F 33 1.11 33.71 1.26
CA VAL F 33 2.18 34.18 0.41
C VAL F 33 2.56 35.59 0.83
N HIS F 34 3.85 35.81 1.06
CA HIS F 34 4.38 37.08 1.51
C HIS F 34 5.10 37.74 0.34
N LEU F 35 4.66 38.96 0.01
CA LEU F 35 5.17 39.67 -1.16
C LEU F 35 5.67 41.03 -0.73
N ASN F 36 6.89 41.37 -1.13
CA ASN F 36 7.45 42.69 -0.91
C ASN F 36 7.39 43.50 -2.20
N MET F 37 7.43 44.82 -2.06
CA MET F 37 7.48 45.67 -3.23
C MET F 37 8.84 45.52 -3.91
N PRO F 38 8.89 45.57 -5.24
CA PRO F 38 10.14 45.25 -5.94
C PRO F 38 11.22 46.29 -5.69
N GLU F 39 12.46 45.85 -5.85
CA GLU F 39 13.60 46.76 -5.69
C GLU F 39 13.41 48.01 -6.54
N SER F 40 12.91 47.84 -7.76
CA SER F 40 12.60 48.97 -8.63
C SER F 40 11.36 48.64 -9.44
N GLU F 41 10.67 49.70 -9.86
CA GLU F 41 9.50 49.54 -10.71
C GLU F 41 9.86 49.34 -12.17
N ASN F 42 11.14 49.44 -12.51
CA ASN F 42 11.58 49.45 -13.90
C ASN F 42 12.08 48.10 -14.33
N TYR F 43 11.94 47.81 -15.61
CA TYR F 43 12.56 46.62 -16.19
C TYR F 43 14.05 46.87 -16.38
N ARG F 44 14.84 45.82 -16.21
CA ARG F 44 16.29 45.88 -16.36
C ARG F 44 16.74 44.85 -17.37
N ARG F 45 17.82 45.16 -18.08
CA ARG F 45 18.51 44.20 -18.94
C ARG F 45 19.90 44.01 -18.39
N VAL F 46 20.14 42.86 -17.76
CA VAL F 46 21.34 42.63 -16.98
C VAL F 46 22.15 41.52 -17.63
N VAL F 47 23.45 41.73 -17.76
CA VAL F 47 24.37 40.75 -18.33
C VAL F 47 25.26 40.24 -17.21
N VAL F 48 25.41 38.92 -17.14
CA VAL F 48 26.28 38.25 -16.18
C VAL F 48 27.44 37.65 -16.94
N ASN F 49 28.66 37.84 -16.45
CA ASN F 49 29.86 37.35 -17.14
C ASN F 49 30.92 37.04 -16.07
N ASN F 50 31.03 35.75 -15.72
CA ASN F 50 32.00 35.31 -14.73
C ASN F 50 33.34 34.96 -15.38
N LEU F 51 33.92 35.97 -16.03
CA LEU F 51 35.18 35.78 -16.72
C LEU F 51 36.28 35.30 -15.77
N ASP F 52 36.19 35.71 -14.50
CA ASP F 52 37.21 35.31 -13.53
C ASP F 52 37.26 33.80 -13.36
N LYS F 53 36.10 33.16 -13.28
CA LYS F 53 36.07 31.72 -13.06
C LYS F 53 36.46 30.95 -14.31
N THR F 54 35.95 31.35 -15.47
CA THR F 54 36.27 30.68 -16.72
C THR F 54 37.58 31.14 -17.34
N ALA F 55 38.24 32.14 -16.75
CA ALA F 55 39.57 32.51 -17.19
C ALA F 55 40.60 31.47 -16.78
N VAL F 56 40.31 30.66 -15.76
CA VAL F 56 41.19 29.56 -15.38
C VAL F 56 40.97 28.41 -16.35
N ASN F 57 42.02 28.01 -17.04
CA ASN F 57 41.89 26.97 -18.06
C ASN F 57 41.36 25.68 -17.45
N GLY F 58 40.36 25.09 -18.09
CA GLY F 58 39.74 23.88 -17.62
C GLY F 58 38.43 24.08 -16.89
N ASN F 59 38.03 25.32 -16.63
CA ASN F 59 36.83 25.64 -15.89
C ASN F 59 35.65 25.99 -16.79
N MET F 60 35.74 25.66 -18.08
CA MET F 60 34.71 26.06 -19.03
C MET F 60 33.32 25.56 -18.62
N ALA F 61 33.23 24.40 -17.97
CA ALA F 61 31.93 23.89 -17.56
C ALA F 61 31.28 24.74 -16.48
N LEU F 62 32.02 25.65 -15.86
CA LEU F 62 31.48 26.56 -14.86
C LEU F 62 31.05 27.88 -15.45
N ASP F 63 30.66 27.90 -16.72
CA ASP F 63 30.24 29.14 -17.36
C ASP F 63 28.88 29.58 -16.84
N ASP F 64 28.78 30.86 -16.46
CA ASP F 64 27.54 31.45 -16.00
C ASP F 64 27.16 32.67 -16.82
N THR F 65 27.73 32.84 -18.01
CA THR F 65 27.50 34.03 -18.81
C THR F 65 26.11 33.98 -19.44
N HIS F 66 25.38 35.08 -19.37
CA HIS F 66 24.05 35.16 -19.97
C HIS F 66 23.54 36.59 -19.84
N ALA F 67 22.37 36.82 -20.44
CA ALA F 67 21.65 38.08 -20.33
C ALA F 67 20.19 37.78 -20.03
N GLU F 68 19.62 38.53 -19.08
CA GLU F 68 18.25 38.32 -18.66
C GLU F 68 17.56 39.67 -18.52
N ILE F 69 16.24 39.63 -18.46
CA ILE F 69 15.41 40.80 -18.16
C ILE F 69 14.88 40.63 -16.75
N VAL F 70 15.31 41.51 -15.85
CA VAL F 70 14.85 41.49 -14.46
C VAL F 70 13.58 42.33 -14.39
N THR F 71 12.45 41.67 -14.24
CA THR F 71 11.15 42.32 -14.17
C THR F 71 10.82 42.69 -12.74
N PRO F 72 9.93 43.67 -12.54
CA PRO F 72 9.46 43.98 -11.18
C PRO F 72 8.39 43.03 -10.68
N TRP F 73 7.91 42.12 -11.50
CA TRP F 73 6.85 41.20 -11.11
C TRP F 73 7.43 39.98 -10.41
N SER F 74 6.54 39.23 -9.75
CA SER F 74 6.90 38.00 -9.05
C SER F 74 5.98 36.89 -9.51
N LEU F 75 6.51 35.67 -9.49
CA LEU F 75 5.84 34.51 -10.07
C LEU F 75 5.34 33.59 -8.96
N VAL F 76 4.06 33.23 -9.03
CA VAL F 76 3.44 32.32 -8.07
C VAL F 76 3.38 30.97 -8.76
N ASP F 77 4.39 30.14 -8.54
CA ASP F 77 4.56 28.88 -9.24
C ASP F 77 4.32 27.73 -8.28
N ALA F 78 3.40 26.83 -8.65
CA ALA F 78 3.08 25.66 -7.86
C ALA F 78 3.38 24.36 -8.59
N ASN F 79 4.34 24.37 -9.51
CA ASN F 79 4.60 23.23 -10.39
C ASN F 79 5.69 22.33 -9.81
N ALA F 80 5.43 21.84 -8.60
CA ALA F 80 6.28 20.85 -7.96
C ALA F 80 5.42 19.88 -7.19
N TRP F 81 5.86 18.62 -7.11
CA TRP F 81 5.04 17.57 -6.52
C TRP F 81 4.78 17.85 -5.04
N GLY F 82 5.78 18.37 -4.32
CA GLY F 82 5.64 18.59 -2.90
C GLY F 82 4.63 19.67 -2.55
N VAL F 83 4.25 20.49 -3.51
CA VAL F 83 3.25 21.52 -3.25
C VAL F 83 1.86 20.92 -3.07
N TRP F 84 1.67 19.67 -3.48
CA TRP F 84 0.34 19.07 -3.56
C TRP F 84 0.17 17.83 -2.70
N PHE F 85 1.24 17.08 -2.44
CA PHE F 85 1.15 15.81 -1.75
C PHE F 85 2.13 15.78 -0.58
N ASN F 86 1.67 15.25 0.54
CA ASN F 86 2.55 14.95 1.66
C ASN F 86 3.05 13.52 1.53
N PRO F 87 4.00 13.10 2.37
CA PRO F 87 4.56 11.76 2.22
C PRO F 87 3.52 10.64 2.26
N GLY F 88 2.48 10.76 3.08
CA GLY F 88 1.48 9.70 3.14
C GLY F 88 0.67 9.56 1.87
N ASP F 89 0.23 10.69 1.31
CA ASP F 89 -0.51 10.63 0.05
C ASP F 89 0.36 10.09 -1.06
N TRP F 90 1.63 10.49 -1.08
CA TRP F 90 2.55 9.95 -2.07
C TRP F 90 2.73 8.45 -1.90
N GLN F 91 2.82 7.98 -0.66
CA GLN F 91 2.89 6.54 -0.42
C GLN F 91 1.67 5.85 -1.00
N LEU F 92 0.48 6.38 -0.72
CA LEU F 92 -0.73 5.77 -1.25
C LEU F 92 -0.68 5.69 -2.77
N ILE F 93 -0.30 6.80 -3.41
CA ILE F 93 -0.28 6.85 -4.88
C ILE F 93 0.71 5.84 -5.44
N VAL F 94 1.95 5.85 -4.91
CA VAL F 94 3.00 5.06 -5.53
C VAL F 94 2.89 3.59 -5.16
N ASN F 95 2.12 3.27 -4.11
CA ASN F 95 2.01 1.88 -3.70
C ASN F 95 0.75 1.21 -4.25
N THR F 96 -0.31 1.97 -4.49
CA THR F 96 -1.57 1.38 -4.89
C THR F 96 -2.03 1.74 -6.31
N MET F 97 -1.23 2.49 -7.07
CA MET F 97 -1.61 2.87 -8.42
C MET F 97 -0.58 2.39 -9.43
N SER F 98 -1.01 2.30 -10.69
CA SER F 98 -0.15 1.88 -11.78
C SER F 98 0.13 2.99 -12.78
N GLU F 99 -0.84 3.85 -13.06
CA GLU F 99 -0.64 4.96 -13.99
C GLU F 99 -1.36 6.18 -13.47
N LEU F 100 -0.88 7.34 -13.88
CA LEU F 100 -1.38 8.63 -13.42
C LEU F 100 -1.68 9.50 -14.63
N HIS F 101 -2.82 10.18 -14.60
CA HIS F 101 -3.21 11.14 -15.64
C HIS F 101 -3.35 12.51 -15.00
N LEU F 102 -2.87 13.54 -15.70
CA LEU F 102 -3.06 14.92 -15.25
C LEU F 102 -4.30 15.49 -15.92
N VAL F 103 -5.25 15.96 -15.12
CA VAL F 103 -6.59 16.30 -15.60
C VAL F 103 -6.79 17.81 -15.66
N SER F 104 -6.73 18.49 -14.52
CA SER F 104 -7.09 19.90 -14.49
C SER F 104 -6.31 20.63 -13.40
N PHE F 105 -6.25 21.95 -13.53
CA PHE F 105 -5.56 22.82 -12.59
C PHE F 105 -6.30 24.15 -12.49
N GLU F 106 -6.49 24.62 -11.27
CA GLU F 106 -7.09 25.93 -11.04
C GLU F 106 -6.50 26.52 -9.77
N GLN F 107 -6.46 27.86 -9.71
CA GLN F 107 -5.93 28.54 -8.54
C GLN F 107 -6.68 29.85 -8.34
N GLU F 108 -6.64 30.35 -7.11
CA GLU F 108 -7.31 31.60 -6.77
C GLU F 108 -6.55 32.30 -5.66
N ILE F 109 -6.55 33.63 -5.72
CA ILE F 109 -5.93 34.48 -4.70
C ILE F 109 -7.04 35.17 -3.92
N PHE F 110 -7.01 35.03 -2.60
CA PHE F 110 -8.03 35.60 -1.74
C PHE F 110 -7.39 36.18 -0.49
N ASN F 111 -8.16 36.99 0.23
CA ASN F 111 -7.75 37.58 1.49
C ASN F 111 -6.44 38.36 1.34
N VAL F 112 -6.51 39.43 0.54
CA VAL F 112 -5.35 40.27 0.31
C VAL F 112 -5.21 41.26 1.45
N VAL F 113 -4.01 41.34 2.01
CA VAL F 113 -3.69 42.31 3.05
C VAL F 113 -2.49 43.11 2.57
N LEU F 114 -2.62 44.42 2.53
CA LEU F 114 -1.51 45.32 2.21
C LEU F 114 -1.20 46.18 3.43
N LYS F 115 0.06 46.17 3.83
CA LYS F 115 0.53 46.88 5.01
C LYS F 115 1.68 47.79 4.62
N THR F 116 1.89 48.83 5.42
CA THR F 116 2.98 49.77 5.23
C THR F 116 3.86 49.79 6.47
N VAL F 117 5.11 50.18 6.28
CA VAL F 117 6.11 50.21 7.34
C VAL F 117 6.49 51.66 7.59
N SER F 118 6.51 52.04 8.86
CA SER F 118 6.93 53.37 9.27
C SER F 118 7.99 53.25 10.36
N GLU F 119 9.06 54.01 10.23
CA GLU F 119 10.16 54.00 11.19
C GLU F 119 10.23 55.34 11.92
N SER F 120 10.29 55.28 13.24
CA SER F 120 10.28 56.50 14.04
C SER F 120 11.63 57.21 13.96
N ALA F 121 11.60 58.52 14.19
CA ALA F 121 12.82 59.31 14.25
C ALA F 121 13.49 59.25 15.62
N THR F 122 12.91 58.52 16.56
CA THR F 122 13.49 58.38 17.89
C THR F 122 14.91 57.82 17.79
N GLN F 123 15.79 58.31 18.65
CA GLN F 123 17.20 57.90 18.58
C GLN F 123 17.36 56.39 18.61
N PRO F 124 16.76 55.65 19.55
CA PRO F 124 16.65 54.20 19.40
C PRO F 124 15.63 53.85 18.34
N PRO F 125 16.04 53.20 17.24
CA PRO F 125 15.09 52.94 16.16
C PRO F 125 13.93 52.05 16.61
N THR F 126 12.76 52.32 16.01
CA THR F 126 11.59 51.48 16.18
C THR F 126 10.71 51.68 14.96
N LYS F 127 9.83 50.71 14.70
CA LYS F 127 9.01 50.74 13.50
C LYS F 127 7.65 50.11 13.77
N VAL F 128 6.64 50.60 13.05
CA VAL F 128 5.25 50.20 13.25
C VAL F 128 4.67 49.78 11.92
N TYR F 129 3.65 48.92 11.97
CA TYR F 129 3.02 48.36 10.78
C TYR F 129 1.55 48.76 10.75
N ASN F 130 1.14 49.38 9.64
CA ASN F 130 -0.20 49.91 9.49
C ASN F 130 -0.85 49.32 8.24
N ASN F 131 -2.17 49.22 8.27
CA ASN F 131 -2.91 48.73 7.12
C ASN F 131 -3.20 49.87 6.15
N ASP F 132 -2.96 49.62 4.87
CA ASP F 132 -3.30 50.55 3.80
C ASP F 132 -4.49 49.95 3.06
N LEU F 133 -5.70 50.28 3.52
CA LEU F 133 -6.90 49.66 2.99
C LEU F 133 -7.13 49.98 1.52
N THR F 134 -6.63 51.11 1.03
CA THR F 134 -6.83 51.49 -0.36
C THR F 134 -5.73 50.98 -1.28
N ALA F 135 -4.69 50.36 -0.74
CA ALA F 135 -3.63 49.82 -1.57
C ALA F 135 -4.14 48.64 -2.39
N SER F 136 -3.43 48.34 -3.47
CA SER F 136 -3.84 47.32 -4.42
C SER F 136 -2.70 46.34 -4.69
N LEU F 137 -3.07 45.11 -5.00
CA LEU F 137 -2.13 44.10 -5.44
C LEU F 137 -2.38 43.79 -6.91
N MET F 138 -1.35 43.92 -7.74
CA MET F 138 -1.50 43.72 -9.17
C MET F 138 -1.34 42.24 -9.49
N VAL F 139 -2.38 41.65 -10.07
CA VAL F 139 -2.42 40.24 -10.40
C VAL F 139 -2.63 40.10 -11.90
N ALA F 140 -1.75 39.35 -12.55
CA ALA F 140 -1.83 39.11 -13.98
C ALA F 140 -1.73 37.62 -14.25
N LEU F 141 -2.70 37.08 -15.00
CA LEU F 141 -2.68 35.71 -15.45
C LEU F 141 -2.42 35.70 -16.96
N ASP F 142 -1.32 35.07 -17.37
CA ASP F 142 -0.95 34.98 -18.77
C ASP F 142 -1.59 33.74 -19.40
N SER F 143 -2.92 33.81 -19.54
CA SER F 143 -3.67 32.66 -20.03
C SER F 143 -3.33 32.30 -21.47
N ASN F 144 -2.84 33.26 -22.24
CA ASN F 144 -2.47 33.01 -23.63
C ASN F 144 -1.03 32.57 -23.79
N ASN F 145 -0.28 32.42 -22.69
CA ASN F 145 1.11 32.00 -22.73
C ASN F 145 1.93 32.92 -23.65
N THR F 146 1.67 34.22 -23.54
CA THR F 146 2.45 35.19 -24.29
C THR F 146 3.87 35.31 -23.76
N MET F 147 4.05 35.15 -22.45
CA MET F 147 5.34 35.36 -21.83
C MET F 147 6.20 34.11 -21.88
N PRO F 148 7.51 34.25 -21.75
CA PRO F 148 8.38 33.07 -21.68
C PRO F 148 7.99 32.16 -20.52
N PHE F 149 8.12 30.86 -20.76
CA PHE F 149 7.79 29.86 -19.75
C PHE F 149 8.99 29.66 -18.83
N THR F 150 8.83 29.99 -17.57
CA THR F 150 9.94 30.00 -16.60
C THR F 150 9.50 29.25 -15.35
N PRO F 151 9.41 27.93 -15.43
CA PRO F 151 9.03 27.15 -14.25
C PRO F 151 10.10 27.21 -13.17
N ALA F 152 9.66 27.27 -11.92
CA ALA F 152 10.56 27.57 -10.81
C ALA F 152 11.20 26.34 -10.19
N ALA F 153 10.71 25.14 -10.48
CA ALA F 153 11.30 23.94 -9.89
C ALA F 153 12.75 23.76 -10.32
N MET F 154 13.11 24.27 -11.49
CA MET F 154 14.48 24.13 -11.96
C MET F 154 15.48 24.87 -11.09
N ARG F 155 15.05 25.95 -10.44
CA ARG F 155 15.88 26.70 -9.51
C ARG F 155 15.49 26.47 -8.06
N SER F 156 14.57 25.53 -7.80
CA SER F 156 14.08 25.28 -6.44
C SER F 156 13.41 26.54 -5.87
N GLU F 157 12.55 27.16 -6.68
CA GLU F 157 11.94 28.43 -6.33
C GLU F 157 10.41 28.38 -6.40
N THR F 158 9.82 27.19 -6.30
CA THR F 158 8.38 27.07 -6.27
C THR F 158 7.85 27.49 -4.89
N LEU F 159 6.55 27.32 -4.70
CA LEU F 159 5.97 27.54 -3.39
C LEU F 159 6.49 26.50 -2.41
N GLY F 160 6.43 26.84 -1.12
CA GLY F 160 6.89 25.93 -0.10
C GLY F 160 6.02 24.69 -0.02
N PHE F 161 6.57 23.66 0.62
CA PHE F 161 5.91 22.37 0.70
C PHE F 161 5.11 22.17 1.97
N TYR F 162 5.11 23.12 2.89
CA TYR F 162 4.46 22.95 4.18
C TYR F 162 3.21 23.82 4.27
N PRO F 163 2.03 23.26 4.49
CA PRO F 163 0.83 24.09 4.60
C PRO F 163 0.88 25.12 5.70
N TRP F 164 1.55 24.81 6.81
CA TRP F 164 1.58 25.70 7.97
C TRP F 164 2.73 26.69 7.95
N LYS F 165 3.49 26.74 6.85
CA LYS F 165 4.62 27.65 6.74
C LYS F 165 4.32 28.70 5.70
N PRO F 166 4.32 29.99 6.03
CA PRO F 166 4.16 31.02 5.00
C PRO F 166 5.27 30.91 3.95
N THR F 167 4.90 31.20 2.71
CA THR F 167 5.79 31.04 1.57
C THR F 167 5.94 32.37 0.86
N ILE F 168 6.83 32.40 -0.13
CA ILE F 168 7.08 33.60 -0.92
C ILE F 168 7.05 33.26 -2.41
N PRO F 169 6.75 34.21 -3.28
CA PRO F 169 6.91 33.98 -4.71
C PRO F 169 8.31 34.38 -5.16
N THR F 170 8.66 33.91 -6.35
CA THR F 170 10.01 34.17 -6.84
C THR F 170 10.02 35.40 -7.73
N PRO F 171 10.97 36.32 -7.56
CA PRO F 171 11.05 37.44 -8.51
C PRO F 171 11.22 36.95 -9.93
N TRP F 172 10.46 37.50 -10.86
CA TRP F 172 10.42 36.94 -12.21
C TRP F 172 11.46 37.57 -13.10
N ARG F 173 12.13 36.74 -13.88
CA ARG F 173 13.13 37.17 -14.83
C ARG F 173 13.13 36.17 -15.97
N TYR F 174 13.49 36.63 -17.17
CA TYR F 174 13.54 35.77 -18.33
C TYR F 174 14.77 36.07 -19.14
N TYR F 175 15.17 35.12 -19.98
CA TYR F 175 16.40 35.21 -20.72
C TYR F 175 16.27 36.22 -21.86
N PHE F 176 17.31 37.04 -22.02
CA PHE F 176 17.50 37.85 -23.20
C PHE F 176 18.47 37.13 -24.13
N GLN F 177 18.54 37.58 -25.38
CA GLN F 177 19.42 36.95 -26.33
C GLN F 177 20.83 37.49 -26.18
N TRP F 178 21.81 36.60 -26.32
CA TRP F 178 23.21 37.00 -26.29
C TRP F 178 24.02 36.02 -27.12
N ASP F 179 25.19 36.46 -27.55
CA ASP F 179 26.13 35.64 -28.29
C ASP F 179 27.38 35.46 -27.45
N ARG F 180 27.80 34.20 -27.25
CA ARG F 180 28.92 33.88 -26.41
C ARG F 180 29.81 32.87 -27.10
N THR F 181 31.11 33.06 -27.01
CA THR F 181 32.09 32.09 -27.48
C THR F 181 33.06 31.78 -26.35
N LEU F 182 33.27 30.49 -26.09
CA LEU F 182 34.14 30.02 -25.01
C LEU F 182 34.87 28.78 -25.53
N ILE F 183 36.11 28.96 -25.97
CA ILE F 183 36.91 27.88 -26.50
C ILE F 183 37.41 27.04 -25.33
N PRO F 184 37.14 25.74 -25.29
CA PRO F 184 37.53 24.93 -24.14
C PRO F 184 39.04 24.74 -24.06
N SER F 185 39.49 24.34 -22.88
CA SER F 185 40.91 24.20 -22.61
C SER F 185 41.09 23.21 -21.46
N HIS F 186 42.33 23.10 -20.98
CA HIS F 186 42.67 22.26 -19.85
C HIS F 186 43.86 22.87 -19.14
N THR F 187 44.06 22.47 -17.89
CA THR F 187 45.23 22.91 -17.15
C THR F 187 46.48 22.55 -17.95
N GLY F 188 47.37 23.51 -18.11
CA GLY F 188 48.52 23.35 -18.96
C GLY F 188 48.32 23.78 -20.39
N THR F 189 47.11 24.21 -20.76
CA THR F 189 46.90 24.79 -22.07
C THR F 189 47.66 26.10 -22.19
N SER F 190 48.41 26.25 -23.27
CA SER F 190 49.20 27.46 -23.46
C SER F 190 48.33 28.58 -24.03
N GLY F 191 48.55 29.79 -23.52
CA GLY F 191 47.78 30.94 -23.94
C GLY F 191 46.43 31.01 -23.25
N THR F 192 45.67 32.03 -23.62
CA THR F 192 44.36 32.27 -23.04
C THR F 192 43.29 31.88 -24.05
N PRO F 193 42.49 30.84 -23.79
CA PRO F 193 41.44 30.48 -24.75
C PRO F 193 40.44 31.61 -24.94
N THR F 194 39.89 31.69 -26.15
CA THR F 194 38.93 32.73 -26.49
C THR F 194 37.71 32.66 -25.58
N ASN F 195 37.49 33.72 -24.80
CA ASN F 195 36.38 33.79 -23.84
C ASN F 195 35.79 35.20 -23.96
N ILE F 196 34.80 35.36 -24.82
CA ILE F 196 34.30 36.68 -25.21
C ILE F 196 32.77 36.65 -25.26
N TYR F 197 32.17 37.69 -24.68
CA TYR F 197 30.74 37.93 -24.79
C TYR F 197 30.52 38.90 -25.95
N HIS F 198 29.69 38.49 -26.91
CA HIS F 198 29.64 39.14 -28.22
C HIS F 198 28.55 40.19 -28.34
N GLY F 199 27.56 40.19 -27.46
CA GLY F 199 26.47 41.13 -27.54
C GLY F 199 25.16 40.47 -27.90
N THR F 200 24.23 41.23 -28.48
CA THR F 200 22.91 40.73 -28.82
C THR F 200 22.68 40.85 -30.33
N ASP F 201 22.13 39.80 -30.91
CA ASP F 201 21.73 39.85 -32.31
C ASP F 201 20.38 40.56 -32.42
N PRO F 202 20.29 41.66 -33.16
CA PRO F 202 19.01 42.39 -33.21
C PRO F 202 17.86 41.57 -33.78
N ASP F 203 18.14 40.59 -34.62
CA ASP F 203 17.08 39.78 -35.21
C ASP F 203 16.38 38.90 -34.19
N ASP F 204 16.94 38.77 -32.98
CA ASP F 204 16.40 37.89 -31.96
C ASP F 204 15.95 38.63 -30.71
N VAL F 205 16.05 39.95 -30.69
CA VAL F 205 15.66 40.70 -29.49
C VAL F 205 14.16 40.52 -29.27
N GLN F 206 13.77 40.18 -28.05
CA GLN F 206 12.36 40.06 -27.66
C GLN F 206 12.24 40.59 -26.24
N PHE F 207 11.66 41.77 -26.10
CA PHE F 207 11.48 42.40 -24.79
C PHE F 207 10.00 42.37 -24.42
N TYR F 208 9.65 41.46 -23.52
CA TYR F 208 8.27 41.31 -23.08
C TYR F 208 8.02 42.14 -21.82
N THR F 209 6.86 42.76 -21.76
CA THR F 209 6.38 43.42 -20.55
C THR F 209 5.01 42.86 -20.21
N ILE F 210 4.75 42.71 -18.91
CA ILE F 210 3.46 42.19 -18.47
C ILE F 210 2.34 43.14 -18.81
N GLU F 211 2.60 44.45 -18.68
CA GLU F 211 1.54 45.43 -18.84
C GLU F 211 1.02 45.50 -20.27
N ASN F 212 1.90 45.29 -21.25
CA ASN F 212 1.52 45.41 -22.65
C ASN F 212 0.98 44.11 -23.24
N SER F 213 0.94 43.03 -22.46
CA SER F 213 0.56 41.73 -22.97
C SER F 213 -0.55 41.05 -22.19
N VAL F 214 -0.69 41.32 -20.91
CA VAL F 214 -1.64 40.58 -20.08
C VAL F 214 -2.58 41.57 -19.38
N PRO F 215 -3.87 41.29 -19.28
CA PRO F 215 -4.73 42.09 -18.38
C PRO F 215 -4.22 42.00 -16.96
N VAL F 216 -4.29 43.13 -16.25
CA VAL F 216 -3.83 43.22 -14.87
C VAL F 216 -5.01 43.57 -13.99
N HIS F 217 -5.22 42.78 -12.95
CA HIS F 217 -6.32 42.99 -12.00
C HIS F 217 -5.79 43.65 -10.74
N LEU F 218 -6.40 44.76 -10.37
CA LEU F 218 -6.04 45.49 -9.15
C LEU F 218 -6.91 44.96 -8.01
N LEU F 219 -6.31 44.19 -7.12
CA LEU F 219 -7.03 43.59 -5.99
C LEU F 219 -6.81 44.46 -4.76
N ARG F 220 -7.90 44.97 -4.18
CA ARG F 220 -7.83 45.61 -2.88
C ARG F 220 -8.13 44.58 -1.79
N THR F 221 -8.11 45.03 -0.54
CA THR F 221 -8.16 44.10 0.58
C THR F 221 -9.41 43.22 0.54
N GLY F 222 -10.47 43.68 -0.09
CA GLY F 222 -11.71 42.93 -0.18
C GLY F 222 -11.95 42.22 -1.49
N ASP F 223 -10.92 42.03 -2.30
CA ASP F 223 -11.07 41.45 -3.62
C ASP F 223 -10.42 40.07 -3.70
N GLU F 224 -10.89 39.28 -4.66
CA GLU F 224 -10.36 37.95 -4.89
C GLU F 224 -10.19 37.73 -6.39
N PHE F 225 -9.22 36.91 -6.76
CA PHE F 225 -8.95 36.57 -8.14
C PHE F 225 -8.95 35.06 -8.30
N ALA F 226 -9.67 34.59 -9.31
CA ALA F 226 -9.76 33.17 -9.62
C ALA F 226 -9.48 32.96 -11.11
N THR F 227 -8.60 32.01 -11.40
CA THR F 227 -8.12 31.81 -12.76
C THR F 227 -9.13 31.09 -13.65
N GLY F 228 -9.90 30.17 -13.10
CA GLY F 228 -10.71 29.28 -13.90
C GLY F 228 -10.00 27.96 -14.15
N THR F 229 -10.81 26.91 -14.30
CA THR F 229 -10.27 25.58 -14.43
C THR F 229 -9.62 25.41 -15.79
N PHE F 230 -8.36 24.97 -15.80
CA PHE F 230 -7.68 24.58 -17.03
C PHE F 230 -7.67 23.06 -17.13
N PHE F 231 -7.72 22.56 -18.36
CA PHE F 231 -7.79 21.13 -18.63
C PHE F 231 -6.59 20.73 -19.48
N PHE F 232 -5.87 19.70 -19.04
CA PHE F 232 -4.65 19.27 -19.70
C PHE F 232 -4.97 18.30 -20.84
N ASP F 233 -3.95 18.04 -21.66
CA ASP F 233 -4.03 17.07 -22.74
C ASP F 233 -2.79 16.17 -22.78
N CYS F 234 -2.27 15.80 -21.62
CA CYS F 234 -1.00 15.10 -21.55
C CYS F 234 -1.19 13.60 -21.75
N LYS F 235 -0.06 12.90 -21.89
CA LYS F 235 -0.08 11.45 -21.94
C LYS F 235 -0.06 10.88 -20.52
N PRO F 236 -0.51 9.64 -20.34
CA PRO F 236 -0.44 9.02 -19.01
C PRO F 236 0.98 8.86 -18.53
N CYS F 237 1.15 8.95 -17.21
CA CYS F 237 2.43 8.71 -16.57
C CYS F 237 2.38 7.38 -15.83
N ARG F 238 3.37 6.53 -16.08
CA ARG F 238 3.43 5.19 -15.51
C ARG F 238 4.08 5.23 -14.14
N LEU F 239 3.48 4.54 -13.18
CA LEU F 239 4.03 4.39 -11.84
C LEU F 239 4.67 3.02 -11.65
N THR F 240 5.01 2.35 -12.76
CA THR F 240 5.72 1.09 -12.76
C THR F 240 7.02 1.29 -13.51
N HIS F 241 7.96 0.38 -13.28
CA HIS F 241 9.25 0.42 -13.95
C HIS F 241 9.48 -0.88 -14.71
N THR F 242 10.39 -0.81 -15.68
CA THR F 242 10.77 -1.95 -16.48
C THR F 242 12.18 -2.39 -16.15
N TRP F 243 12.38 -3.69 -15.95
CA TRP F 243 13.68 -4.23 -15.62
C TRP F 243 14.36 -4.95 -16.78
N GLN F 244 13.62 -5.23 -17.86
CA GLN F 244 14.13 -6.07 -18.93
C GLN F 244 15.07 -5.28 -19.82
N THR F 245 16.35 -5.65 -19.83
CA THR F 245 17.27 -5.19 -20.84
C THR F 245 17.13 -6.07 -22.08
N ASN F 246 18.03 -5.88 -23.04
CA ASN F 246 17.98 -6.71 -24.25
C ASN F 246 18.18 -8.18 -23.92
N ARG F 247 18.94 -8.46 -22.86
CA ARG F 247 19.25 -9.84 -22.51
C ARG F 247 18.07 -10.58 -21.92
N ALA F 248 16.97 -9.88 -21.61
CA ALA F 248 15.82 -10.49 -20.97
C ALA F 248 14.55 -10.34 -21.81
N LEU F 249 14.68 -10.39 -23.13
CA LEU F 249 13.54 -10.33 -24.03
C LEU F 249 13.40 -11.66 -24.76
N GLY F 250 12.21 -12.24 -24.70
CA GLY F 250 11.91 -13.40 -25.50
C GLY F 250 11.96 -14.71 -24.74
N LEU F 251 12.26 -15.76 -25.48
CA LEU F 251 12.24 -17.11 -24.95
C LEU F 251 13.64 -17.52 -24.51
N PRO F 252 13.88 -17.78 -23.23
CA PRO F 252 15.22 -18.21 -22.79
C PRO F 252 15.58 -19.55 -23.41
N PRO F 253 16.87 -19.84 -23.56
CA PRO F 253 17.27 -21.10 -24.17
C PRO F 253 16.85 -22.29 -23.32
N PHE F 254 16.54 -23.40 -23.99
CA PHE F 254 16.16 -24.61 -23.28
C PHE F 254 17.36 -25.24 -22.60
N LEU F 255 17.20 -25.60 -21.33
CA LEU F 255 18.27 -26.18 -20.54
C LEU F 255 18.16 -27.70 -20.63
N ASN F 256 19.18 -28.34 -21.19
CA ASN F 256 19.18 -29.79 -21.28
C ASN F 256 19.69 -30.44 -20.01
N SER F 257 20.32 -29.69 -19.11
CA SER F 257 20.82 -30.20 -17.84
C SER F 257 20.32 -29.29 -16.73
N LEU F 258 19.27 -29.71 -16.04
CA LEU F 258 18.79 -28.92 -14.92
C LEU F 258 19.52 -29.33 -13.64
N PRO F 259 19.70 -28.41 -12.70
CA PRO F 259 20.44 -28.73 -11.49
C PRO F 259 19.73 -29.77 -10.63
N GLN F 260 20.53 -30.61 -9.97
CA GLN F 260 20.01 -31.69 -9.14
C GLN F 260 20.04 -31.39 -7.65
N SER F 261 20.66 -30.29 -7.23
CA SER F 261 20.75 -29.96 -5.81
C SER F 261 20.70 -28.45 -5.64
N GLU F 262 20.26 -28.02 -4.46
CA GLU F 262 20.17 -26.59 -4.17
C GLU F 262 21.55 -26.01 -3.89
N GLY F 263 21.70 -24.73 -4.17
CA GLY F 263 22.95 -24.05 -3.93
C GLY F 263 23.14 -22.89 -4.87
N GLY F 264 24.08 -22.02 -4.49
CA GLY F 264 24.38 -20.87 -5.32
C GLY F 264 25.21 -21.22 -6.54
N THR F 265 26.04 -22.25 -6.44
CA THR F 265 26.89 -22.68 -7.54
C THR F 265 26.31 -23.86 -8.32
N ASN F 266 25.09 -24.29 -7.99
CA ASN F 266 24.44 -25.39 -8.71
C ASN F 266 23.66 -24.81 -9.89
N PHE F 267 24.38 -24.58 -10.97
CA PHE F 267 23.81 -23.92 -12.14
C PHE F 267 23.19 -24.94 -13.09
N GLY F 268 22.43 -24.42 -14.05
CA GLY F 268 21.96 -25.22 -15.16
C GLY F 268 22.80 -25.01 -16.40
N TYR F 269 22.72 -25.98 -17.31
CA TYR F 269 23.51 -25.97 -18.53
C TYR F 269 22.61 -26.13 -19.73
N ILE F 270 22.86 -25.33 -20.77
CA ILE F 270 22.12 -25.46 -22.01
C ILE F 270 22.38 -26.82 -22.66
N GLY F 271 23.63 -27.25 -22.67
CA GLY F 271 23.98 -28.58 -23.11
C GLY F 271 24.18 -28.76 -24.60
N VAL F 272 23.94 -27.72 -25.39
CA VAL F 272 24.17 -27.74 -26.83
C VAL F 272 25.36 -26.86 -27.12
N GLN F 273 26.32 -27.40 -27.89
CA GLN F 273 27.51 -26.62 -28.22
C GLN F 273 27.11 -25.33 -28.92
N GLN F 274 27.85 -24.26 -28.62
CA GLN F 274 27.40 -22.92 -28.99
C GLN F 274 27.33 -22.73 -30.50
N ASP F 275 28.20 -23.40 -31.25
CA ASP F 275 28.20 -23.27 -32.70
C ASP F 275 27.27 -24.28 -33.38
N LYS F 276 26.55 -25.09 -32.61
CA LYS F 276 25.59 -26.03 -33.15
C LYS F 276 24.16 -25.73 -32.71
N ARG F 277 23.89 -24.51 -32.25
CA ARG F 277 22.58 -24.17 -31.71
C ARG F 277 21.66 -23.66 -32.81
N ARG F 278 20.37 -23.58 -32.48
CA ARG F 278 19.34 -23.11 -33.38
C ARG F 278 18.78 -21.78 -32.88
N GLY F 279 18.52 -20.88 -33.81
CA GLY F 279 17.99 -19.58 -33.49
C GLY F 279 18.33 -18.58 -34.57
N VAL F 280 18.10 -17.31 -34.27
CA VAL F 280 18.24 -16.22 -35.22
C VAL F 280 19.22 -15.20 -34.67
N THR F 281 20.15 -14.76 -35.51
CA THR F 281 21.10 -13.71 -35.16
C THR F 281 21.26 -12.78 -36.35
N GLN F 282 21.69 -11.55 -36.07
CA GLN F 282 22.00 -10.57 -37.10
C GLN F 282 23.48 -10.60 -37.45
N MET F 283 24.14 -11.73 -37.23
CA MET F 283 25.57 -11.89 -37.45
C MET F 283 25.69 -12.92 -38.57
N GLY F 284 25.63 -12.44 -39.82
CA GLY F 284 25.52 -13.34 -40.95
C GLY F 284 26.79 -14.08 -41.28
N ASN F 285 27.89 -13.82 -40.56
CA ASN F 285 29.17 -14.44 -40.84
C ASN F 285 29.71 -15.22 -39.65
N THR F 286 28.85 -15.76 -38.81
CA THR F 286 29.27 -16.53 -37.65
C THR F 286 28.17 -17.50 -37.26
N ASN F 287 28.58 -18.68 -36.78
CA ASN F 287 27.64 -19.71 -36.35
C ASN F 287 27.31 -19.66 -34.87
N TYR F 288 27.98 -18.79 -34.11
CA TYR F 288 27.76 -18.73 -32.66
C TYR F 288 26.42 -18.07 -32.37
N ILE F 289 25.51 -18.81 -31.75
CA ILE F 289 24.26 -18.26 -31.24
C ILE F 289 24.37 -18.26 -29.73
N THR F 290 24.64 -17.09 -29.15
CA THR F 290 24.83 -16.94 -27.73
C THR F 290 23.91 -15.85 -27.22
N GLU F 291 23.73 -15.81 -25.90
CA GLU F 291 22.80 -14.85 -25.32
C GLU F 291 23.16 -13.42 -25.72
N ALA F 292 24.44 -13.13 -25.86
CA ALA F 292 24.86 -11.81 -26.32
C ALA F 292 24.57 -11.60 -27.81
N THR F 293 24.66 -12.66 -28.61
CA THR F 293 24.56 -12.54 -30.06
C THR F 293 23.19 -12.92 -30.61
N ILE F 294 22.24 -13.33 -29.77
CA ILE F 294 20.94 -13.73 -30.29
C ILE F 294 20.10 -12.50 -30.62
N MET F 295 19.32 -12.61 -31.69
CA MET F 295 18.50 -11.49 -32.12
C MET F 295 17.43 -11.18 -31.09
N ARG F 296 17.17 -9.89 -30.91
CA ARG F 296 16.10 -9.42 -30.06
C ARG F 296 15.23 -8.43 -30.84
N PRO F 297 13.97 -8.26 -30.46
CA PRO F 297 13.08 -7.44 -31.30
C PRO F 297 13.60 -6.03 -31.56
N ALA F 298 14.12 -5.37 -30.54
CA ALA F 298 14.60 -4.01 -30.67
C ALA F 298 15.57 -3.74 -29.51
N GLU F 299 15.99 -2.49 -29.37
CA GLU F 299 16.94 -2.10 -28.34
C GLU F 299 16.18 -1.37 -27.22
N VAL F 300 16.45 -1.77 -25.98
CA VAL F 300 15.95 -1.06 -24.83
C VAL F 300 17.05 -0.12 -24.34
N GLY F 301 16.77 1.17 -24.39
CA GLY F 301 17.76 2.15 -24.03
C GLY F 301 18.72 2.44 -25.18
N TYR F 302 19.66 3.33 -24.88
CA TYR F 302 20.68 3.70 -25.87
C TYR F 302 21.87 4.30 -25.15
N SER F 303 23.01 4.26 -25.82
CA SER F 303 24.21 4.89 -25.32
C SER F 303 24.35 6.29 -25.91
N ALA F 304 24.74 7.24 -25.08
CA ALA F 304 24.91 8.63 -25.48
C ALA F 304 26.28 9.09 -25.00
N PRO F 305 26.82 10.13 -25.63
CA PRO F 305 28.09 10.69 -25.15
C PRO F 305 27.90 11.34 -23.79
N TYR F 306 28.53 10.84 -22.74
CA TYR F 306 28.25 11.32 -21.40
C TYR F 306 29.28 12.35 -20.96
N TYR F 307 28.81 13.32 -20.19
CA TYR F 307 29.51 14.58 -19.90
C TYR F 307 30.04 15.15 -21.20
N SER F 308 29.18 15.21 -22.20
CA SER F 308 29.45 15.93 -23.43
C SER F 308 28.86 17.33 -23.33
N PHE F 309 29.64 18.33 -23.69
CA PHE F 309 29.18 19.71 -23.73
C PHE F 309 29.18 20.20 -25.16
N GLU F 310 28.03 20.72 -25.59
CA GLU F 310 27.86 21.23 -26.94
C GLU F 310 27.76 22.75 -26.90
N ALA F 311 28.33 23.40 -27.91
CA ALA F 311 28.36 24.85 -28.00
C ALA F 311 27.43 25.33 -29.10
N SER F 312 26.58 26.29 -28.76
CA SER F 312 25.78 27.01 -29.74
C SER F 312 26.02 28.50 -29.54
N THR F 313 25.20 29.35 -30.17
CA THR F 313 25.45 30.78 -30.12
C THR F 313 25.62 31.28 -28.69
N GLN F 314 24.86 30.71 -27.75
CA GLN F 314 24.81 31.24 -26.39
C GLN F 314 25.83 30.61 -25.46
N GLY F 315 26.60 29.62 -25.90
CA GLY F 315 27.66 29.07 -25.10
C GLY F 315 27.50 27.59 -24.82
N PRO F 316 28.48 27.01 -24.14
CA PRO F 316 28.45 25.56 -23.91
C PRO F 316 27.30 25.15 -23.00
N PHE F 317 26.77 23.96 -23.26
CA PHE F 317 25.74 23.37 -22.43
C PHE F 317 25.89 21.86 -22.48
N LYS F 318 25.40 21.19 -21.45
CA LYS F 318 25.54 19.74 -21.37
C LYS F 318 24.50 19.06 -22.25
N THR F 319 24.92 17.98 -22.91
CA THR F 319 24.00 17.19 -23.70
C THR F 319 23.18 16.29 -22.77
N PRO F 320 21.86 16.46 -22.69
CA PRO F 320 21.08 15.65 -21.76
C PRO F 320 20.89 14.22 -22.25
N ILE F 321 20.54 13.36 -21.31
CA ILE F 321 20.35 11.94 -21.57
C ILE F 321 19.07 11.50 -20.86
N ALA F 322 18.29 10.66 -21.53
CA ALA F 322 16.97 10.30 -21.04
C ALA F 322 16.99 9.24 -19.95
N ALA F 323 18.07 8.49 -19.78
CA ALA F 323 18.12 7.39 -18.83
C ALA F 323 19.37 7.50 -17.98
N GLY F 324 19.29 6.94 -16.77
CA GLY F 324 20.37 7.00 -15.83
C GLY F 324 21.44 5.96 -16.11
N ARG F 325 22.39 5.87 -15.19
CA ARG F 325 23.54 4.99 -15.35
C ARG F 325 23.18 3.55 -14.96
N GLY F 326 24.08 2.64 -15.30
CA GLY F 326 23.92 1.26 -14.90
C GLY F 326 24.85 0.87 -13.77
N GLY F 327 24.34 0.05 -12.86
CA GLY F 327 25.10 -0.34 -11.70
C GLY F 327 25.00 0.66 -10.57
N ALA F 328 24.35 1.80 -10.84
CA ALA F 328 24.17 2.81 -9.82
C ALA F 328 23.22 2.35 -8.72
N GLN F 329 22.32 1.43 -9.03
CA GLN F 329 21.39 0.92 -8.03
C GLN F 329 22.07 -0.02 -7.03
N THR F 330 23.21 -0.59 -7.40
CA THR F 330 23.97 -1.44 -6.49
C THR F 330 25.03 -0.65 -5.71
N ASP F 331 25.57 0.40 -6.31
CA ASP F 331 26.58 1.25 -5.67
C ASP F 331 26.23 2.69 -5.97
N GLU F 332 25.79 3.42 -4.94
CA GLU F 332 25.37 4.80 -5.14
C GLU F 332 26.50 5.68 -5.65
N ASN F 333 27.75 5.31 -5.36
CA ASN F 333 28.88 6.12 -5.78
C ASN F 333 29.01 6.17 -7.30
N GLN F 334 28.34 5.27 -8.01
CA GLN F 334 28.40 5.23 -9.47
C GLN F 334 27.29 6.03 -10.13
N ALA F 335 26.52 6.80 -9.37
CA ALA F 335 25.50 7.66 -9.96
C ALA F 335 26.16 8.81 -10.68
N ALA F 336 25.83 8.96 -11.95
CA ALA F 336 26.50 9.90 -12.83
C ALA F 336 25.51 10.41 -13.87
N ASP F 337 26.02 10.96 -14.97
CA ASP F 337 25.17 11.44 -16.06
C ASP F 337 23.90 10.62 -16.18
N GLY F 338 22.76 11.31 -16.21
CA GLY F 338 21.47 10.67 -16.32
C GLY F 338 20.70 10.56 -15.02
N ASP F 339 21.38 10.49 -13.89
CA ASP F 339 20.70 10.50 -12.60
C ASP F 339 20.57 11.94 -12.13
N PRO F 340 19.36 12.50 -12.08
CA PRO F 340 19.24 13.92 -11.72
C PRO F 340 19.65 14.16 -10.28
N ARG F 341 20.27 15.31 -10.05
CA ARG F 341 20.67 15.76 -8.71
C ARG F 341 19.88 17.00 -8.36
N TYR F 342 19.17 16.95 -7.24
CA TYR F 342 18.30 18.03 -6.81
C TYR F 342 18.93 18.73 -5.62
N ALA F 343 19.15 20.04 -5.75
CA ALA F 343 19.70 20.85 -4.67
C ALA F 343 18.64 21.86 -4.25
N PHE F 344 18.30 21.84 -2.97
CA PHE F 344 17.14 22.59 -2.48
C PHE F 344 17.44 23.12 -1.08
N GLY F 345 16.55 23.97 -0.60
CA GLY F 345 16.69 24.60 0.69
C GLY F 345 15.54 24.30 1.63
N ARG F 346 15.43 25.15 2.65
CA ARG F 346 14.55 24.85 3.78
C ARG F 346 13.07 25.00 3.43
N GLN F 347 12.75 25.67 2.33
CA GLN F 347 11.35 25.73 1.90
C GLN F 347 10.90 24.42 1.28
N HIS F 348 11.83 23.63 0.74
CA HIS F 348 11.47 22.54 -0.14
C HIS F 348 12.07 21.20 0.31
N GLY F 349 12.36 21.06 1.60
CA GLY F 349 12.74 19.76 2.13
C GLY F 349 13.90 19.76 3.10
N GLN F 350 14.84 20.68 2.96
CA GLN F 350 15.97 20.73 3.87
C GLN F 350 15.48 20.96 5.29
N LYS F 351 16.04 20.19 6.23
CA LYS F 351 15.68 20.34 7.63
C LYS F 351 15.62 21.81 8.02
N THR F 352 14.43 22.25 8.44
CA THR F 352 14.15 23.67 8.56
C THR F 352 14.92 24.34 9.70
N THR F 353 15.43 23.57 10.65
CA THR F 353 16.11 24.14 11.80
C THR F 353 17.62 24.27 11.62
N THR F 354 18.14 23.92 10.45
CA THR F 354 19.59 23.98 10.24
C THR F 354 20.00 25.34 9.71
N THR F 355 21.14 25.83 10.18
CA THR F 355 21.69 27.10 9.74
C THR F 355 22.64 26.88 8.57
N GLY F 356 23.05 27.98 7.95
CA GLY F 356 24.04 27.95 6.91
C GLY F 356 23.44 28.00 5.52
N GLU F 357 24.29 28.35 4.55
CA GLU F 357 23.88 28.49 3.16
C GLU F 357 24.06 27.21 2.36
N THR F 358 24.60 26.15 2.95
CA THR F 358 24.75 24.90 2.23
C THR F 358 23.39 24.29 1.94
N PRO F 359 23.12 23.87 0.71
CA PRO F 359 21.83 23.24 0.41
C PRO F 359 21.84 21.75 0.70
N GLU F 360 20.63 21.21 0.80
CA GLU F 360 20.43 19.77 0.85
C GLU F 360 20.34 19.22 -0.57
N ARG F 361 21.04 18.11 -0.80
CA ARG F 361 21.10 17.52 -2.12
C ARG F 361 20.83 16.03 -2.04
N PHE F 362 20.23 15.50 -3.10
CA PHE F 362 20.13 14.07 -3.32
C PHE F 362 20.22 13.78 -4.81
N THR F 363 20.79 12.63 -5.15
CA THR F 363 20.80 12.15 -6.52
C THR F 363 19.76 11.05 -6.65
N TYR F 364 18.84 11.23 -7.59
CA TYR F 364 17.74 10.30 -7.77
C TYR F 364 18.22 9.12 -8.61
N ILE F 365 18.06 7.91 -8.07
CA ILE F 365 18.40 6.68 -8.77
C ILE F 365 17.10 5.99 -9.13
N ALA F 366 16.69 6.14 -10.39
CA ALA F 366 15.44 5.54 -10.82
C ALA F 366 15.54 4.02 -10.79
N HIS F 367 14.39 3.37 -10.53
CA HIS F 367 14.31 1.92 -10.50
C HIS F 367 14.39 1.30 -11.88
N GLN F 368 14.13 2.07 -12.94
CA GLN F 368 14.13 1.53 -14.29
C GLN F 368 15.55 1.17 -14.71
N ASP F 369 15.64 0.12 -15.53
CA ASP F 369 16.93 -0.44 -15.95
C ASP F 369 17.22 -0.19 -17.42
N THR F 370 16.89 1.00 -17.92
CA THR F 370 17.11 1.35 -19.32
C THR F 370 18.47 2.00 -19.58
N GLY F 371 19.34 2.04 -18.57
CA GLY F 371 20.62 2.72 -18.72
C GLY F 371 21.70 1.82 -19.28
N ARG F 372 22.93 2.29 -19.15
CA ARG F 372 24.09 1.63 -19.73
C ARG F 372 25.21 1.52 -18.70
N TYR F 373 26.03 0.51 -18.89
CA TYR F 373 27.15 0.22 -18.03
C TYR F 373 28.40 0.40 -18.88
N PRO F 374 28.80 1.63 -19.18
CA PRO F 374 29.73 1.84 -20.30
C PRO F 374 31.00 1.04 -20.20
N GLU F 375 31.47 0.71 -19.00
CA GLU F 375 32.70 -0.07 -18.88
C GLU F 375 32.50 -1.53 -19.25
N GLY F 376 31.27 -1.94 -19.55
CA GLY F 376 31.00 -3.28 -20.03
C GLY F 376 30.82 -3.43 -21.53
N ASP F 377 31.01 -2.37 -22.30
CA ASP F 377 30.81 -2.41 -23.75
C ASP F 377 32.14 -2.66 -24.46
N TRP F 378 32.05 -3.01 -25.73
CA TRP F 378 33.22 -3.15 -26.58
C TRP F 378 32.79 -3.25 -28.04
N ILE F 379 33.73 -2.96 -28.93
CA ILE F 379 33.54 -3.09 -30.36
C ILE F 379 34.68 -3.93 -30.93
N GLN F 380 34.34 -4.90 -31.78
CA GLN F 380 35.33 -5.75 -32.40
C GLN F 380 35.10 -5.82 -33.90
N ASN F 381 36.13 -6.27 -34.61
CA ASN F 381 36.14 -6.25 -36.06
C ASN F 381 35.02 -7.12 -36.62
N ILE F 382 34.63 -6.84 -37.87
CA ILE F 382 33.47 -7.49 -38.46
C ILE F 382 33.69 -8.99 -38.64
N ASN F 383 34.94 -9.45 -38.58
CA ASN F 383 35.23 -10.86 -38.83
C ASN F 383 34.72 -11.77 -37.71
N PHE F 384 34.84 -11.34 -36.46
CA PHE F 384 34.32 -12.10 -35.32
C PHE F 384 35.15 -13.37 -35.08
N ASN F 385 36.46 -13.24 -35.16
CA ASN F 385 37.34 -14.32 -34.75
C ASN F 385 37.46 -14.32 -33.23
N LEU F 386 37.17 -15.46 -32.61
CA LEU F 386 37.19 -15.57 -31.17
C LEU F 386 38.20 -16.62 -30.74
N PRO F 387 38.94 -16.40 -29.64
CA PRO F 387 38.93 -15.21 -28.78
C PRO F 387 39.55 -14.00 -29.46
N VAL F 388 39.00 -12.81 -29.23
CA VAL F 388 39.40 -11.64 -29.98
C VAL F 388 40.81 -11.22 -29.59
N THR F 389 41.57 -10.78 -30.58
CA THR F 389 42.92 -10.28 -30.38
C THR F 389 42.87 -8.78 -30.08
N ASP F 390 44.01 -8.26 -29.58
CA ASP F 390 44.05 -6.87 -29.16
C ASP F 390 43.73 -5.93 -30.30
N ASP F 391 44.27 -6.21 -31.49
CA ASP F 391 44.15 -5.27 -32.60
C ASP F 391 42.76 -5.25 -33.20
N ASN F 392 41.89 -6.18 -32.80
CA ASN F 392 40.56 -6.32 -33.39
C ASN F 392 39.45 -6.03 -32.38
N VAL F 393 39.74 -5.33 -31.29
CA VAL F 393 38.72 -4.97 -30.31
C VAL F 393 39.04 -3.59 -29.77
N LEU F 394 38.00 -2.78 -29.58
CA LEU F 394 38.11 -1.46 -28.97
C LEU F 394 37.41 -1.52 -27.62
N LEU F 395 38.19 -1.38 -26.56
CA LEU F 395 37.72 -1.53 -25.19
C LEU F 395 37.55 -0.17 -24.51
N PRO F 396 36.72 -0.09 -23.48
CA PRO F 396 36.66 1.14 -22.67
C PRO F 396 38.00 1.45 -22.03
N THR F 397 38.86 0.45 -21.91
CA THR F 397 40.21 0.66 -21.41
C THR F 397 41.11 1.39 -22.39
N ASP F 398 40.77 1.39 -23.69
CA ASP F 398 41.68 1.93 -24.69
C ASP F 398 41.51 3.44 -24.84
N PRO F 399 42.57 4.16 -25.18
CA PRO F 399 42.48 5.62 -25.26
C PRO F 399 41.84 6.09 -26.54
N ILE F 400 41.38 7.34 -26.51
CA ILE F 400 40.89 8.05 -27.69
C ILE F 400 41.60 9.38 -27.78
N GLY F 401 42.16 9.68 -28.96
CA GLY F 401 42.86 10.93 -29.15
C GLY F 401 44.12 11.05 -28.32
N GLY F 402 44.63 9.95 -27.79
CA GLY F 402 45.79 9.98 -26.92
C GLY F 402 45.48 10.27 -25.47
N LYS F 403 44.21 10.35 -25.10
CA LYS F 403 43.83 10.64 -23.73
C LYS F 403 43.64 9.36 -22.94
N THR F 404 44.26 9.29 -21.76
CA THR F 404 44.13 8.11 -20.92
C THR F 404 42.84 8.10 -20.12
N GLY F 405 42.13 9.23 -20.06
CA GLY F 405 40.88 9.34 -19.34
C GLY F 405 39.64 9.40 -20.20
N ILE F 406 39.79 9.39 -21.53
CA ILE F 406 38.66 9.40 -22.45
C ILE F 406 38.72 8.12 -23.28
N ASN F 407 37.60 7.43 -23.37
CA ASN F 407 37.48 6.20 -24.13
C ASN F 407 36.30 6.31 -25.09
N TYR F 408 36.23 5.35 -26.01
CA TYR F 408 35.29 5.49 -27.13
C TYR F 408 33.85 5.64 -26.66
N THR F 409 33.54 5.15 -25.45
CA THR F 409 32.18 5.25 -24.96
C THR F 409 31.79 6.68 -24.59
N ASN F 410 32.77 7.57 -24.45
CA ASN F 410 32.45 8.96 -24.16
C ASN F 410 31.92 9.67 -25.41
N ILE F 411 32.33 9.23 -26.59
CA ILE F 411 31.91 9.81 -27.86
C ILE F 411 30.94 8.91 -28.61
N PHE F 412 30.21 8.07 -27.91
CA PHE F 412 29.48 6.96 -28.51
C PHE F 412 27.98 7.23 -28.46
N ASN F 413 27.31 7.08 -29.59
CA ASN F 413 25.86 7.23 -29.70
C ASN F 413 25.29 6.01 -30.38
N THR F 414 24.29 5.37 -29.75
CA THR F 414 23.66 4.18 -30.30
C THR F 414 22.16 4.37 -30.45
N TYR F 415 21.68 5.61 -30.38
CA TYR F 415 20.29 5.88 -30.66
C TYR F 415 20.00 5.59 -32.13
N GLY F 416 18.87 4.94 -32.38
CA GLY F 416 18.49 4.58 -33.71
C GLY F 416 17.01 4.27 -33.79
N PRO F 417 16.57 3.73 -34.93
CA PRO F 417 15.14 3.43 -35.08
C PRO F 417 14.66 2.32 -34.18
N LEU F 418 15.55 1.52 -33.61
CA LEU F 418 15.19 0.39 -32.77
C LEU F 418 15.24 0.72 -31.28
N THR F 419 15.43 1.98 -30.91
CA THR F 419 15.60 2.34 -29.52
C THR F 419 14.23 2.48 -28.85
N ALA F 420 14.08 1.82 -27.71
CA ALA F 420 12.88 1.93 -26.88
C ALA F 420 13.30 2.44 -25.51
N LEU F 421 12.66 3.53 -25.06
CA LEU F 421 12.99 4.13 -23.79
C LEU F 421 11.70 4.54 -23.10
N ASN F 422 11.83 4.86 -21.81
CA ASN F 422 10.70 5.26 -20.99
C ASN F 422 10.73 6.75 -20.70
N ASN F 423 9.59 7.26 -20.25
CA ASN F 423 9.51 8.63 -19.78
C ASN F 423 10.20 8.78 -18.43
N VAL F 424 10.55 10.00 -18.09
CA VAL F 424 11.22 10.24 -16.80
C VAL F 424 10.21 10.03 -15.66
N PRO F 425 10.58 9.35 -14.58
CA PRO F 425 9.62 9.14 -13.50
C PRO F 425 9.39 10.41 -12.71
N PRO F 426 8.25 10.54 -12.03
CA PRO F 426 8.08 11.65 -11.09
C PRO F 426 9.14 11.59 -10.00
N VAL F 427 9.62 12.76 -9.59
CA VAL F 427 10.56 12.89 -8.49
C VAL F 427 9.89 13.69 -7.40
N TYR F 428 9.64 13.06 -6.27
CA TYR F 428 8.99 13.69 -5.14
C TYR F 428 10.01 14.05 -4.06
N PRO F 429 9.88 15.19 -3.39
CA PRO F 429 8.90 16.26 -3.60
C PRO F 429 9.37 17.35 -4.58
N ASN F 430 10.62 17.28 -5.04
CA ASN F 430 11.23 18.43 -5.70
C ASN F 430 11.06 18.44 -7.21
N GLY F 431 10.35 17.46 -7.78
CA GLY F 431 10.29 17.35 -9.22
C GLY F 431 9.18 18.21 -9.82
N GLN F 432 9.40 18.59 -11.07
CA GLN F 432 8.36 19.27 -11.83
C GLN F 432 7.20 18.32 -12.06
N ILE F 433 6.00 18.88 -12.23
CA ILE F 433 4.84 18.07 -12.58
C ILE F 433 4.65 18.11 -14.09
N TRP F 434 4.47 19.30 -14.65
CA TRP F 434 4.21 19.45 -16.06
C TRP F 434 5.17 20.47 -16.68
N ASP F 435 5.37 20.34 -17.99
CA ASP F 435 6.22 21.23 -18.76
C ASP F 435 5.51 21.57 -20.06
N LYS F 436 5.88 22.70 -20.64
CA LYS F 436 5.32 23.12 -21.91
C LYS F 436 6.11 22.51 -23.06
N GLU F 437 5.40 22.13 -24.11
CA GLU F 437 6.04 21.63 -25.32
C GLU F 437 6.81 22.74 -26.03
N PHE F 438 7.93 22.36 -26.62
CA PHE F 438 8.70 23.30 -27.44
C PHE F 438 7.89 23.72 -28.65
N ASP F 439 8.02 24.98 -29.04
CA ASP F 439 7.42 25.47 -30.27
C ASP F 439 8.33 25.28 -31.47
N THR F 440 8.87 24.08 -31.64
CA THR F 440 9.62 23.72 -32.83
C THR F 440 8.74 22.89 -33.75
N ASP F 441 9.07 22.91 -35.04
CA ASP F 441 8.31 22.10 -35.98
C ASP F 441 8.41 20.62 -35.65
N LEU F 442 9.61 20.14 -35.33
CA LEU F 442 9.82 18.77 -34.89
C LEU F 442 10.13 18.79 -33.40
N LYS F 443 9.37 18.03 -32.64
CA LYS F 443 9.38 18.14 -31.19
C LYS F 443 10.11 16.97 -30.54
N PRO F 444 10.63 17.16 -29.33
CA PRO F 444 11.30 16.05 -28.65
C PRO F 444 10.32 14.97 -28.22
N ARG F 445 10.82 13.74 -28.15
CA ARG F 445 9.97 12.62 -27.76
C ARG F 445 9.62 12.65 -26.28
N LEU F 446 10.49 13.21 -25.45
CA LEU F 446 10.22 13.35 -24.03
C LEU F 446 11.00 14.53 -23.48
N HIS F 447 10.53 15.04 -22.35
CA HIS F 447 11.26 16.03 -21.57
C HIS F 447 11.87 15.35 -20.36
N VAL F 448 13.10 15.76 -20.01
CA VAL F 448 13.81 15.12 -18.91
C VAL F 448 13.51 15.75 -17.56
N ASN F 449 12.54 16.66 -17.47
CA ASN F 449 12.30 17.41 -16.25
C ASN F 449 10.90 17.21 -15.69
N ALA F 450 9.91 16.86 -16.50
CA ALA F 450 8.55 16.70 -16.02
C ALA F 450 7.90 15.51 -16.70
N PRO F 451 7.25 14.62 -15.93
CA PRO F 451 6.60 13.47 -16.57
C PRO F 451 5.49 13.84 -17.52
N PHE F 452 4.86 15.00 -17.35
CA PHE F 452 3.75 15.42 -18.19
C PHE F 452 4.19 16.59 -19.06
N VAL F 453 3.97 16.48 -20.36
CA VAL F 453 4.34 17.51 -21.32
C VAL F 453 3.07 17.95 -22.03
N CYS F 454 2.87 19.26 -22.10
CA CYS F 454 1.60 19.86 -22.51
C CYS F 454 1.60 20.00 -24.02
N GLN F 455 0.75 19.22 -24.70
CA GLN F 455 0.79 19.22 -26.15
C GLN F 455 0.52 20.61 -26.73
N ASN F 456 -0.68 21.15 -26.51
CA ASN F 456 -1.03 22.43 -27.10
C ASN F 456 -0.52 23.59 -26.26
N ASN F 457 -1.05 23.73 -25.04
CA ASN F 457 -0.65 24.77 -24.12
C ASN F 457 -1.14 24.38 -22.74
N CYS F 458 -0.54 24.95 -21.69
CA CYS F 458 -1.15 24.69 -20.39
C CYS F 458 -0.88 25.82 -19.40
N PRO F 459 -1.39 25.73 -18.17
CA PRO F 459 -1.94 26.92 -17.51
C PRO F 459 -1.03 28.12 -17.57
N GLY F 460 -1.65 29.29 -17.72
CA GLY F 460 -0.88 30.51 -17.79
C GLY F 460 -0.18 30.79 -16.48
N GLN F 461 0.98 31.42 -16.57
CA GLN F 461 1.73 31.80 -15.39
C GLN F 461 1.02 32.91 -14.64
N LEU F 462 1.07 32.86 -13.31
CA LEU F 462 0.41 33.84 -12.46
C LEU F 462 1.46 34.78 -11.91
N PHE F 463 1.29 36.08 -12.16
CA PHE F 463 2.23 37.10 -11.74
C PHE F 463 1.56 38.04 -10.75
N VAL F 464 2.32 38.45 -9.74
CA VAL F 464 1.82 39.33 -8.70
C VAL F 464 2.79 40.49 -8.54
N LYS F 465 2.27 41.61 -8.04
CA LYS F 465 3.06 42.83 -7.89
C LYS F 465 2.32 43.79 -6.97
N VAL F 466 3.04 44.39 -6.04
CA VAL F 466 2.49 45.45 -5.21
C VAL F 466 2.43 46.73 -6.02
N ALA F 467 1.25 47.31 -6.12
CA ALA F 467 1.11 48.55 -6.89
C ALA F 467 1.93 49.65 -6.24
N PRO F 468 2.56 50.53 -7.01
CA PRO F 468 3.40 51.57 -6.41
C PRO F 468 2.57 52.47 -5.49
N ASN F 469 3.13 52.77 -4.33
CA ASN F 469 2.48 53.61 -3.32
C ASN F 469 3.34 54.86 -3.19
N LEU F 470 2.96 55.90 -3.91
CA LEU F 470 3.82 57.08 -4.03
C LEU F 470 3.66 58.01 -2.84
N THR F 471 4.73 58.74 -2.55
CA THR F 471 4.65 59.85 -1.61
C THR F 471 4.19 61.11 -2.34
N ASN F 472 4.10 62.21 -1.59
CA ASN F 472 3.67 63.46 -2.19
C ASN F 472 4.78 64.18 -2.93
N GLN F 473 5.95 63.58 -3.07
CA GLN F 473 7.10 64.21 -3.72
C GLN F 473 7.49 63.49 -5.00
N TYR F 474 6.53 62.93 -5.73
CA TYR F 474 6.84 62.21 -6.95
C TYR F 474 7.09 63.18 -8.11
N ASP F 475 8.08 62.88 -8.92
CA ASP F 475 8.43 63.70 -10.07
C ASP F 475 8.92 62.80 -11.20
N PRO F 476 8.08 62.48 -12.19
CA PRO F 476 8.52 61.58 -13.26
C PRO F 476 9.68 62.11 -14.09
N ASP F 477 9.91 63.43 -14.09
CA ASP F 477 11.05 63.99 -14.81
C ASP F 477 12.37 63.75 -14.08
N ALA F 478 12.34 63.38 -12.81
CA ALA F 478 13.57 63.09 -12.08
C ALA F 478 14.14 61.75 -12.51
N SER F 479 15.47 61.68 -12.58
CA SER F 479 16.13 60.46 -13.00
C SER F 479 16.28 59.45 -11.87
N ALA F 480 16.07 59.87 -10.62
CA ALA F 480 16.28 58.98 -9.49
C ALA F 480 15.09 58.04 -9.31
N ASN F 481 15.29 57.02 -8.48
CA ASN F 481 14.25 56.04 -8.24
C ASN F 481 13.02 56.68 -7.61
N MET F 482 11.85 56.22 -8.04
CA MET F 482 10.59 56.71 -7.50
C MET F 482 10.56 56.51 -5.99
N SER F 483 10.10 57.54 -5.28
CA SER F 483 10.00 57.47 -3.82
C SER F 483 8.67 56.84 -3.44
N ARG F 484 8.73 55.67 -2.83
CA ARG F 484 7.55 54.86 -2.53
C ARG F 484 7.39 54.69 -1.02
N ILE F 485 6.15 54.52 -0.59
CA ILE F 485 5.88 54.11 0.78
C ILE F 485 6.18 52.62 0.90
N VAL F 486 7.01 52.26 1.86
CA VAL F 486 7.44 50.87 2.00
C VAL F 486 6.21 50.01 2.25
N THR F 487 5.87 49.18 1.29
CA THR F 487 4.62 48.44 1.29
C THR F 487 4.89 46.97 1.02
N TYR F 488 4.22 46.11 1.78
CA TYR F 488 4.28 44.67 1.55
C TYR F 488 2.88 44.10 1.66
N SER F 489 2.67 42.96 1.01
CA SER F 489 1.37 42.32 0.94
C SER F 489 1.47 40.88 1.42
N ASP F 490 0.41 40.43 2.07
CA ASP F 490 0.23 39.03 2.41
C ASP F 490 -1.13 38.58 1.87
N PHE F 491 -1.11 37.61 0.97
CA PHE F 491 -2.33 37.11 0.37
C PHE F 491 -2.33 35.59 0.42
N TRP F 492 -3.52 35.01 0.37
CA TRP F 492 -3.70 33.57 0.45
C TRP F 492 -3.87 33.00 -0.95
N TRP F 493 -3.09 31.96 -1.25
CA TRP F 493 -3.16 31.25 -2.52
C TRP F 493 -3.77 29.89 -2.28
N LYS F 494 -4.79 29.54 -3.06
CA LYS F 494 -5.37 28.20 -3.04
C LYS F 494 -5.37 27.65 -4.45
N GLY F 495 -4.91 26.42 -4.59
CA GLY F 495 -4.86 25.75 -5.88
C GLY F 495 -5.45 24.36 -5.79
N LYS F 496 -6.06 23.92 -6.89
CA LYS F 496 -6.63 22.58 -7.00
C LYS F 496 -6.04 21.90 -8.22
N LEU F 497 -5.35 20.79 -8.00
CA LEU F 497 -4.77 19.98 -9.07
C LEU F 497 -5.44 18.62 -9.03
N VAL F 498 -6.01 18.21 -10.16
CA VAL F 498 -6.83 17.00 -10.26
C VAL F 498 -6.10 16.01 -11.15
N PHE F 499 -5.98 14.77 -10.68
CA PHE F 499 -5.42 13.67 -11.46
C PHE F 499 -6.44 12.56 -11.61
N LYS F 500 -6.16 11.65 -12.53
CA LYS F 500 -6.85 10.38 -12.63
C LYS F 500 -5.82 9.27 -12.62
N ALA F 501 -6.00 8.31 -11.72
CA ALA F 501 -5.05 7.22 -11.54
C ALA F 501 -5.78 5.89 -11.59
N LYS F 502 -5.05 4.84 -11.94
CA LYS F 502 -5.58 3.50 -12.04
C LYS F 502 -5.02 2.66 -10.91
N LEU F 503 -5.89 1.89 -10.25
CA LEU F 503 -5.45 1.01 -9.18
C LEU F 503 -4.72 -0.18 -9.77
N ARG F 504 -3.62 -0.57 -9.13
CA ARG F 504 -2.80 -1.63 -9.68
C ARG F 504 -3.41 -3.00 -9.40
N ALA F 505 -2.88 -4.01 -10.08
CA ALA F 505 -3.32 -5.39 -9.91
C ALA F 505 -2.11 -6.28 -9.71
N SER F 506 -2.28 -7.32 -8.91
CA SER F 506 -1.21 -8.28 -8.65
C SER F 506 -1.19 -9.30 -9.79
N HIS F 507 -0.08 -9.36 -10.50
CA HIS F 507 0.07 -10.23 -11.66
C HIS F 507 1.05 -11.37 -11.40
N THR F 508 1.67 -11.42 -10.22
CA THR F 508 2.72 -12.38 -9.93
C THR F 508 2.47 -13.02 -8.57
N TRP F 509 3.09 -14.19 -8.37
CA TRP F 509 3.02 -14.86 -7.08
C TRP F 509 3.68 -14.02 -5.99
N ASN F 510 4.86 -13.46 -6.29
CA ASN F 510 5.61 -12.76 -5.27
C ASN F 510 5.06 -11.35 -5.05
N PRO F 511 5.24 -10.79 -3.86
CA PRO F 511 4.90 -9.39 -3.65
C PRO F 511 5.97 -8.49 -4.27
N ILE F 512 5.61 -7.22 -4.42
CA ILE F 512 6.44 -6.27 -5.11
C ILE F 512 6.97 -5.24 -4.11
N GLN F 513 7.86 -4.38 -4.58
CA GLN F 513 8.41 -3.33 -3.73
C GLN F 513 7.33 -2.31 -3.36
N GLN F 514 7.37 -1.89 -2.10
CA GLN F 514 6.45 -0.87 -1.59
C GLN F 514 7.24 0.09 -0.73
N MET F 515 6.80 1.34 -0.71
CA MET F 515 7.39 2.32 0.20
C MET F 515 6.78 2.16 1.57
N SER F 516 7.62 2.17 2.61
CA SER F 516 7.17 1.90 3.96
C SER F 516 7.96 2.74 4.95
N ILE F 517 7.34 2.99 6.10
CA ILE F 517 8.04 3.61 7.22
C ILE F 517 8.76 2.55 8.02
N ASN F 518 10.04 2.75 8.27
CA ASN F 518 10.82 1.81 9.05
C ASN F 518 11.59 2.58 10.12
N VAL F 519 12.23 1.82 11.01
CA VAL F 519 12.94 2.42 12.12
C VAL F 519 14.09 3.30 11.67
N ASP F 520 14.62 3.07 10.46
CA ASP F 520 15.71 3.90 9.96
C ASP F 520 15.21 5.28 9.55
N ASN F 521 14.10 5.34 8.82
CA ASN F 521 13.58 6.58 8.28
C ASN F 521 12.43 7.15 9.09
N GLN F 522 12.18 6.63 10.29
CA GLN F 522 11.01 7.00 11.07
C GLN F 522 10.90 8.50 11.25
N PHE F 523 12.01 9.15 11.55
CA PHE F 523 12.01 10.55 11.97
C PHE F 523 12.20 11.51 10.80
N ASN F 524 12.18 11.03 9.57
CA ASN F 524 12.10 11.90 8.42
C ASN F 524 10.69 12.42 8.20
N TYR F 525 9.69 11.85 8.88
CA TYR F 525 8.29 12.14 8.61
C TYR F 525 7.57 12.71 9.83
N VAL F 526 8.30 13.12 10.86
CA VAL F 526 7.69 13.74 12.03
C VAL F 526 8.54 14.92 12.47
N PRO F 527 7.94 15.89 13.13
CA PRO F 527 8.69 17.09 13.50
C PRO F 527 9.64 16.83 14.67
N SER F 528 10.58 17.74 14.83
CA SER F 528 11.54 17.67 15.93
C SER F 528 11.00 18.40 17.15
N ASN F 529 11.77 18.35 18.23
CA ASN F 529 11.32 18.94 19.48
C ASN F 529 11.22 20.45 19.40
N ILE F 530 11.95 21.08 18.49
CA ILE F 530 11.87 22.52 18.28
C ILE F 530 11.12 22.87 17.00
N GLY F 531 10.33 21.94 16.47
CA GLY F 531 9.52 22.23 15.31
C GLY F 531 10.16 21.94 13.97
N GLY F 532 11.39 21.46 13.95
CA GLY F 532 12.05 21.20 12.68
C GLY F 532 11.28 20.21 11.84
N MET F 533 11.29 20.46 10.53
CA MET F 533 10.63 19.59 9.57
C MET F 533 11.56 19.38 8.38
N LYS F 534 11.40 18.21 7.75
CA LYS F 534 12.07 17.93 6.49
C LYS F 534 11.15 17.07 5.65
N ILE F 535 11.36 17.12 4.33
CA ILE F 535 10.70 16.22 3.39
C ILE F 535 11.79 15.54 2.59
N VAL F 536 11.85 14.21 2.67
CA VAL F 536 12.89 13.45 2.01
C VAL F 536 12.36 12.94 0.68
N TYR F 537 13.28 12.67 -0.24
CA TYR F 537 12.88 12.23 -1.56
C TYR F 537 12.35 10.80 -1.51
N GLU F 538 11.31 10.56 -2.32
CA GLU F 538 10.66 9.26 -2.38
C GLU F 538 10.63 8.81 -3.83
N LYS F 539 10.83 7.51 -4.05
CA LYS F 539 10.75 6.96 -5.38
C LYS F 539 9.29 6.79 -5.80
N SER F 540 9.07 6.61 -7.10
CA SER F 540 7.71 6.66 -7.63
C SER F 540 7.33 5.40 -8.39
N GLN F 541 8.25 4.83 -9.16
CA GLN F 541 7.98 3.66 -9.98
C GLN F 541 8.41 2.38 -9.26
N LEU F 542 7.75 2.07 -8.15
CA LEU F 542 8.19 0.98 -7.30
C LEU F 542 7.87 -0.38 -7.90
N ALA F 543 6.66 -0.55 -8.42
CA ALA F 543 6.26 -1.85 -8.92
C ALA F 543 6.89 -2.11 -10.29
N PRO F 544 7.20 -3.36 -10.61
CA PRO F 544 7.69 -3.67 -11.95
C PRO F 544 6.56 -4.00 -12.91
N ARG F 545 6.84 -3.81 -14.20
CA ARG F 545 5.96 -4.24 -15.26
C ARG F 545 6.79 -4.90 -16.35
N LYS F 546 6.21 -5.87 -17.03
CA LYS F 546 6.93 -6.58 -18.07
C LYS F 546 6.97 -5.73 -19.33
N LEU F 547 8.19 -5.46 -19.81
CA LEU F 547 8.38 -4.73 -21.05
C LEU F 547 7.95 -5.56 -22.25
N TYR F 548 8.23 -6.85 -22.23
CA TYR F 548 8.01 -7.69 -23.39
C TYR F 548 7.65 -9.10 -22.97
N GLU G 1 23.72 -17.50 18.91
CA GLU G 1 24.08 -16.53 19.98
C GLU G 1 24.68 -15.26 19.36
N VAL G 2 24.55 -14.14 20.07
CA VAL G 2 25.07 -12.88 19.56
C VAL G 2 26.57 -13.00 19.32
N GLN G 3 27.03 -12.45 18.20
CA GLN G 3 28.44 -12.49 17.86
C GLN G 3 28.81 -11.21 17.11
N LEU G 4 29.96 -10.64 17.46
CA LEU G 4 30.46 -9.43 16.83
C LEU G 4 31.91 -9.64 16.40
N VAL G 5 32.29 -9.03 15.27
CA VAL G 5 33.63 -9.14 14.74
C VAL G 5 34.05 -7.76 14.23
N GLU G 6 35.22 -7.29 14.66
CA GLU G 6 35.72 -5.97 14.31
C GLU G 6 36.83 -6.08 13.26
N SER G 7 37.26 -4.92 12.77
CA SER G 7 38.36 -4.83 11.82
C SER G 7 38.69 -3.35 11.62
N GLY G 8 39.80 -3.11 10.93
CA GLY G 8 40.22 -1.75 10.57
C GLY G 8 41.45 -1.25 11.28
N GLY G 9 42.11 -2.05 12.12
CA GLY G 9 43.29 -1.56 12.81
C GLY G 9 44.44 -1.29 11.86
N ASP G 10 45.24 -0.28 12.18
CA ASP G 10 46.39 0.09 11.37
C ASP G 10 47.24 1.07 12.16
N LEU G 11 48.43 1.35 11.61
CA LEU G 11 49.35 2.34 12.17
C LEU G 11 49.33 3.57 11.28
N VAL G 12 49.17 4.74 11.89
CA VAL G 12 49.01 5.99 11.15
C VAL G 12 49.89 7.06 11.78
N LYS G 13 50.09 8.15 11.04
CA LYS G 13 50.96 9.22 11.49
C LYS G 13 50.30 10.03 12.59
N PRO G 14 51.08 10.77 13.38
CA PRO G 14 50.51 11.48 14.55
C PRO G 14 49.44 12.50 14.21
N ALA G 15 49.17 12.72 12.92
CA ALA G 15 48.12 13.66 12.52
C ALA G 15 47.26 13.12 11.38
N GLY G 16 47.06 11.80 11.31
CA GLY G 16 46.31 11.19 10.24
C GLY G 16 44.87 10.91 10.64
N SER G 17 44.26 9.98 9.89
CA SER G 17 42.87 9.60 10.10
C SER G 17 42.72 8.11 9.81
N LEU G 18 41.66 7.52 10.35
CA LEU G 18 41.45 6.08 10.21
C LEU G 18 39.98 5.78 10.38
N ARG G 19 39.58 4.60 9.91
CA ARG G 19 38.18 4.17 9.92
C ARG G 19 38.12 2.70 10.32
N LEU G 20 37.18 2.35 11.19
CA LEU G 20 37.02 1.01 11.70
C LEU G 20 35.61 0.50 11.43
N SER G 21 35.46 -0.83 11.41
CA SER G 21 34.19 -1.46 11.09
C SER G 21 33.98 -2.71 11.94
N CYS G 22 32.72 -2.93 12.34
CA CYS G 22 32.30 -4.15 13.00
C CYS G 22 31.17 -4.79 12.22
N VAL G 23 31.05 -6.10 12.31
CA VAL G 23 29.94 -6.85 11.74
C VAL G 23 29.27 -7.63 12.86
N ALA G 24 27.94 -7.55 12.94
CA ALA G 24 27.17 -8.16 14.00
C ALA G 24 26.23 -9.22 13.43
N SER G 25 25.65 -10.02 14.33
CA SER G 25 24.70 -11.03 13.93
C SER G 25 24.02 -11.60 15.17
N GLY G 26 22.88 -12.24 14.96
CA GLY G 26 22.22 -13.02 15.99
C GLY G 26 21.09 -12.33 16.72
N PHE G 27 20.78 -11.07 16.41
CA PHE G 27 19.75 -10.35 17.13
C PHE G 27 19.13 -9.30 16.22
N THR G 28 18.08 -8.65 16.72
CA THR G 28 17.39 -7.58 16.01
C THR G 28 18.30 -6.36 16.03
N PHE G 29 19.11 -6.24 14.98
CA PHE G 29 20.16 -5.23 14.96
C PHE G 29 19.61 -3.83 15.13
N SER G 30 18.46 -3.54 14.52
CA SER G 30 17.92 -2.19 14.53
C SER G 30 17.37 -1.78 15.89
N SER G 31 17.19 -2.72 16.81
CA SER G 31 16.56 -2.43 18.09
C SER G 31 17.55 -2.01 19.16
N TYR G 32 18.83 -2.34 19.00
CA TYR G 32 19.83 -2.15 20.04
C TYR G 32 20.95 -1.28 19.53
N GLY G 33 21.52 -0.47 20.42
CA GLY G 33 22.60 0.41 20.03
C GLY G 33 23.94 -0.30 20.04
N MET G 34 24.88 0.26 19.28
CA MET G 34 26.23 -0.27 19.18
C MET G 34 27.21 0.83 19.55
N ASN G 35 28.25 0.47 20.30
CA ASN G 35 29.14 1.45 20.92
C ASN G 35 30.60 1.09 20.68
N TRP G 36 31.45 2.11 20.71
CA TRP G 36 32.89 1.96 20.56
C TRP G 36 33.57 2.36 21.87
N VAL G 37 34.20 1.40 22.52
CA VAL G 37 34.91 1.60 23.77
C VAL G 37 36.36 1.17 23.58
N ARG G 38 37.29 2.03 24.02
CA ARG G 38 38.71 1.81 23.79
C ARG G 38 39.44 1.66 25.11
N GLN G 39 40.63 1.04 25.05
CA GLN G 39 41.46 0.78 26.21
C GLN G 39 42.91 1.06 25.86
N ALA G 40 43.47 2.14 26.39
CA ALA G 40 44.88 2.42 26.18
C ALA G 40 45.72 1.34 26.84
N PRO G 41 46.93 1.09 26.32
CA PRO G 41 47.75 -0.01 26.86
C PRO G 41 47.99 0.16 28.36
N GLY G 42 47.59 -0.85 29.12
CA GLY G 42 47.78 -0.83 30.56
C GLY G 42 46.81 0.03 31.33
N LYS G 43 45.83 0.63 30.65
CA LYS G 43 44.88 1.53 31.28
C LYS G 43 43.48 0.92 31.24
N GLY G 44 42.53 1.65 31.81
CA GLY G 44 41.16 1.18 31.87
C GLY G 44 40.38 1.48 30.61
N LEU G 45 39.15 0.95 30.58
CA LEU G 45 38.27 1.15 29.44
C LEU G 45 37.83 2.61 29.35
N GLN G 46 37.68 3.09 28.12
CA GLN G 46 37.21 4.44 27.87
C GLN G 46 36.20 4.43 26.73
N TRP G 47 35.11 5.15 26.90
CA TRP G 47 34.06 5.20 25.88
C TRP G 47 34.41 6.22 24.81
N VAL G 48 34.10 5.88 23.56
CA VAL G 48 34.42 6.76 22.43
C VAL G 48 33.13 7.32 21.84
N ALA G 49 32.27 6.44 21.31
CA ALA G 49 31.07 6.91 20.64
C ALA G 49 30.06 5.77 20.53
N GLY G 50 28.81 6.15 20.29
CA GLY G 50 27.74 5.18 20.13
C GLY G 50 26.71 5.73 19.16
N VAL G 51 26.02 4.80 18.48
CA VAL G 51 25.05 5.15 17.45
C VAL G 51 23.82 4.26 17.61
N ASN G 52 22.64 4.85 17.45
CA ASN G 52 21.38 4.14 17.61
C ASN G 52 20.69 3.94 16.27
N SER G 53 19.47 3.39 16.32
CA SER G 53 18.84 2.84 15.12
C SER G 53 18.67 3.89 14.03
N GLY G 54 18.21 5.08 14.40
CA GLY G 54 17.91 6.10 13.42
C GLY G 54 19.07 6.94 12.97
N GLY G 55 20.29 6.56 13.32
CA GLY G 55 21.46 7.33 12.95
C GLY G 55 21.93 8.31 14.00
N PHE G 56 21.26 8.38 15.14
CA PHE G 56 21.66 9.31 16.18
C PHE G 56 22.88 8.81 16.92
N THR G 57 23.80 9.72 17.20
CA THR G 57 25.12 9.36 17.70
C THR G 57 25.42 10.14 18.97
N GLY G 58 26.31 9.58 19.77
CA GLY G 58 26.83 10.27 20.94
C GLY G 58 28.32 10.08 21.03
N TYR G 59 29.03 11.17 21.32
CA TYR G 59 30.47 11.17 21.37
C TYR G 59 30.95 11.68 22.72
N ALA G 60 32.00 11.06 23.24
CA ALA G 60 32.62 11.55 24.46
C ALA G 60 33.30 12.89 24.20
N ASP G 61 33.47 13.67 25.26
CA ASP G 61 34.10 14.99 25.12
C ASP G 61 35.51 14.90 24.55
N ALA G 62 36.16 13.74 24.68
CA ALA G 62 37.52 13.59 24.18
C ALA G 62 37.56 13.43 22.66
N VAL G 63 36.45 13.07 22.03
CA VAL G 63 36.44 12.81 20.60
C VAL G 63 35.26 13.52 19.93
N LYS G 64 34.52 14.32 20.71
CA LYS G 64 33.27 14.87 20.19
C LYS G 64 33.52 15.76 18.97
N GLY G 65 34.63 16.48 18.94
CA GLY G 65 34.92 17.38 17.83
C GLY G 65 35.72 16.79 16.70
N ARG G 66 36.04 15.49 16.73
CA ARG G 66 36.94 14.92 15.75
C ARG G 66 36.36 13.70 15.04
N PHE G 67 35.65 12.85 15.76
CA PHE G 67 35.29 11.54 15.27
C PHE G 67 33.85 11.51 14.75
N THR G 68 33.49 10.41 14.10
CA THR G 68 32.15 10.21 13.56
C THR G 68 31.84 8.72 13.50
N ILE G 69 30.60 8.37 13.82
CA ILE G 69 30.16 6.98 13.88
C ILE G 69 28.88 6.84 13.07
N SER G 70 28.70 5.69 12.43
CA SER G 70 27.54 5.47 11.58
C SER G 70 27.18 3.99 11.55
N ARG G 71 26.01 3.69 11.02
CA ARG G 71 25.47 2.34 10.95
C ARG G 71 25.03 2.02 9.53
N ASP G 72 24.61 0.77 9.35
CA ASP G 72 23.86 0.34 8.17
C ASP G 72 23.04 -0.87 8.58
N ASN G 73 21.77 -0.64 8.93
CA ASN G 73 20.94 -1.72 9.45
C ASN G 73 20.66 -2.79 8.40
N ALA G 74 20.70 -2.43 7.12
CA ALA G 74 20.54 -3.41 6.05
C ALA G 74 21.76 -4.32 5.91
N LYS G 75 22.88 -3.97 6.55
CA LYS G 75 24.10 -4.76 6.49
C LYS G 75 24.62 -5.15 7.87
N ASN G 76 23.91 -4.79 8.93
CA ASN G 76 24.30 -5.15 10.30
C ASN G 76 25.76 -4.77 10.57
N THR G 77 26.12 -3.54 10.20
CA THR G 77 27.49 -3.08 10.28
C THR G 77 27.52 -1.70 10.93
N VAL G 78 28.59 -1.44 11.68
CA VAL G 78 28.78 -0.16 12.35
C VAL G 78 30.19 0.32 12.05
N TYR G 79 30.31 1.59 11.68
CA TYR G 79 31.58 2.19 11.29
C TYR G 79 31.93 3.33 12.23
N LEU G 80 33.23 3.55 12.42
CA LEU G 80 33.74 4.69 13.18
C LEU G 80 34.78 5.40 12.33
N GLN G 81 34.64 6.71 12.18
CA GLN G 81 35.56 7.52 11.40
C GLN G 81 36.30 8.44 12.35
N MET G 82 37.63 8.39 12.31
CA MET G 82 38.49 9.17 13.20
C MET G 82 39.32 10.12 12.36
N ASN G 83 39.39 11.38 12.78
CA ASN G 83 40.15 12.41 12.09
C ASN G 83 41.00 13.19 13.09
N SER G 84 42.11 13.73 12.59
CA SER G 84 43.04 14.50 13.43
C SER G 84 43.48 13.68 14.63
N LEU G 85 43.96 12.47 14.36
CA LEU G 85 44.39 11.58 15.41
C LEU G 85 45.63 12.14 16.12
N THR G 86 45.76 11.79 17.40
CA THR G 86 46.93 12.13 18.19
C THR G 86 47.42 10.87 18.92
N ALA G 87 48.64 10.95 19.44
CA ALA G 87 49.25 9.78 20.06
C ALA G 87 48.39 9.18 21.15
N GLU G 88 47.69 10.02 21.92
CA GLU G 88 46.89 9.53 23.03
C GLU G 88 45.78 8.59 22.57
N ASP G 89 45.34 8.70 21.32
CA ASP G 89 44.28 7.85 20.81
C ASP G 89 44.71 6.39 20.67
N THR G 90 45.99 6.09 20.78
CA THR G 90 46.46 4.71 20.64
C THR G 90 45.78 3.80 21.67
N ALA G 91 45.09 2.77 21.19
CA ALA G 91 44.38 1.86 22.08
C ALA G 91 43.74 0.75 21.24
N VAL G 92 43.37 -0.33 21.93
CA VAL G 92 42.55 -1.38 21.31
C VAL G 92 41.09 -1.01 21.49
N TYR G 93 40.34 -1.00 20.40
CA TYR G 93 38.97 -0.51 20.38
C TYR G 93 38.02 -1.70 20.32
N TYR G 94 37.05 -1.72 21.24
CA TYR G 94 36.13 -2.84 21.39
C TYR G 94 34.72 -2.43 20.98
N CYS G 95 34.06 -3.32 20.24
CA CYS G 95 32.72 -3.09 19.71
C CYS G 95 31.73 -3.91 20.53
N ALA G 96 30.70 -3.26 21.05
CA ALA G 96 29.79 -3.90 22.01
C ALA G 96 28.35 -3.55 21.69
N LYS G 97 27.44 -4.30 22.31
CA LYS G 97 26.00 -4.18 22.12
C LYS G 97 25.34 -3.79 23.43
N ASP G 98 24.25 -3.02 23.34
CA ASP G 98 23.52 -2.63 24.53
C ASP G 98 22.49 -3.67 24.92
N ARG G 99 22.26 -3.79 26.23
CA ARG G 99 21.22 -4.68 26.73
C ARG G 99 19.82 -4.13 26.46
N TYR G 100 19.70 -2.82 26.35
CA TYR G 100 18.40 -2.16 26.35
C TYR G 100 18.00 -1.73 24.94
N TYR G 101 16.71 -1.77 24.67
CA TYR G 101 16.19 -1.43 23.36
C TYR G 101 15.91 0.07 23.27
N CYS G 102 16.75 0.79 22.55
CA CYS G 102 16.55 2.21 22.31
C CYS G 102 16.81 2.48 20.84
N THR G 103 16.01 3.36 20.22
CA THR G 103 16.07 3.55 18.78
C THR G 103 16.39 4.98 18.37
N GLY G 104 15.74 5.98 18.94
CA GLY G 104 15.76 7.31 18.37
C GLY G 104 16.69 8.32 19.03
N ASP G 105 16.19 9.54 19.22
CA ASP G 105 17.06 10.65 19.60
C ASP G 105 17.37 10.64 21.08
N TYR G 106 16.50 10.03 21.90
CA TYR G 106 16.55 10.16 23.34
C TYR G 106 17.22 8.97 24.02
N CYS G 107 18.24 8.40 23.39
CA CYS G 107 19.00 7.33 24.01
C CYS G 107 20.09 7.90 24.91
N PHE G 108 21.01 7.05 25.35
CA PHE G 108 22.12 7.43 26.21
C PHE G 108 21.66 7.86 27.60
N ASN G 109 20.45 7.46 27.99
CA ASN G 109 20.00 7.63 29.37
C ASN G 109 20.15 6.36 30.19
N LEU G 110 20.39 5.22 29.54
CA LEU G 110 20.64 3.96 30.24
C LEU G 110 21.37 3.04 29.27
N ILE G 111 22.63 2.75 29.58
CA ILE G 111 23.50 1.97 28.70
C ILE G 111 24.13 0.85 29.53
N ALA G 112 24.14 -0.36 28.97
CA ALA G 112 24.77 -1.50 29.62
C ALA G 112 25.16 -2.49 28.55
N PHE G 113 26.48 -2.66 28.34
CA PHE G 113 26.97 -3.52 27.29
C PHE G 113 26.88 -4.98 27.72
N GLY G 114 26.21 -5.80 26.91
CA GLY G 114 25.92 -7.17 27.28
C GLY G 114 26.67 -8.19 26.45
N TYR G 115 27.11 -7.81 25.26
CA TYR G 115 27.91 -8.68 24.41
C TYR G 115 29.04 -7.88 23.80
N TRP G 116 30.15 -8.56 23.55
CA TRP G 116 31.39 -7.90 23.15
C TRP G 116 32.01 -8.63 21.97
N GLY G 117 32.87 -7.93 21.25
CA GLY G 117 33.57 -8.51 20.11
C GLY G 117 34.96 -8.99 20.50
N GLN G 118 35.90 -8.89 19.55
CA GLN G 118 37.27 -9.31 19.78
C GLN G 118 38.24 -8.16 19.92
N GLY G 119 37.94 -7.00 19.33
CA GLY G 119 38.80 -5.84 19.45
C GLY G 119 39.76 -5.70 18.29
N THR G 120 40.11 -4.44 18.00
CA THR G 120 41.08 -4.11 16.97
C THR G 120 42.01 -3.03 17.51
N LEU G 121 43.25 -3.07 17.06
CA LEU G 121 44.30 -2.21 17.61
C LEU G 121 44.46 -0.97 16.74
N VAL G 122 44.57 0.18 17.39
CA VAL G 122 44.84 1.46 16.73
C VAL G 122 46.11 2.01 17.36
N THR G 123 47.10 2.33 16.51
CA THR G 123 48.37 2.88 16.95
C THR G 123 48.63 4.20 16.23
N VAL G 124 48.90 5.25 16.99
CA VAL G 124 49.18 6.57 16.45
C VAL G 124 50.62 6.90 16.82
N SER G 125 51.49 6.95 15.81
CA SER G 125 52.91 7.23 16.03
C SER G 125 53.54 7.60 14.70
N SER G 126 54.74 8.17 14.78
CA SER G 126 55.49 8.55 13.59
C SER G 126 56.11 7.33 12.93
N SER H 2 32.85 13.93 33.54
CA SER H 2 32.57 13.10 34.75
C SER H 2 33.28 11.76 34.67
N VAL H 3 33.90 11.35 35.77
CA VAL H 3 34.63 10.09 35.85
C VAL H 3 34.25 9.40 37.15
N LEU H 4 34.30 8.07 37.14
CA LEU H 4 34.03 7.28 38.32
C LEU H 4 35.33 6.90 39.03
N THR H 5 35.23 6.60 40.31
CA THR H 5 36.39 6.31 41.15
C THR H 5 36.30 4.88 41.67
N GLN H 6 37.40 4.15 41.56
CA GLN H 6 37.51 2.79 42.05
C GLN H 6 38.82 2.62 42.81
N PRO H 7 38.86 1.70 43.77
CA PRO H 7 40.14 1.40 44.42
C PRO H 7 41.05 0.61 43.48
N THR H 8 42.36 0.84 43.63
CA THR H 8 43.33 0.26 42.69
C THR H 8 43.30 -1.26 42.74
N SER H 9 43.21 -1.84 43.94
CA SER H 9 43.23 -3.28 44.07
C SER H 9 42.45 -3.68 45.31
N VAL H 10 41.99 -4.93 45.31
CA VAL H 10 41.27 -5.52 46.43
C VAL H 10 41.72 -6.97 46.54
N SER H 11 41.91 -7.43 47.78
CA SER H 11 42.44 -8.76 48.04
C SER H 11 41.48 -9.55 48.91
N GLY H 12 41.36 -10.84 48.59
CA GLY H 12 40.57 -11.74 49.40
C GLY H 12 41.11 -13.15 49.28
N SER H 13 40.77 -13.98 50.26
CA SER H 13 41.23 -15.37 50.28
C SER H 13 40.12 -16.31 49.85
N LEU H 14 40.52 -17.47 49.33
CA LEU H 14 39.56 -18.43 48.80
C LEU H 14 38.50 -18.75 49.85
N GLY H 15 37.24 -18.72 49.43
CA GLY H 15 36.14 -19.00 50.30
C GLY H 15 35.61 -17.83 51.09
N GLN H 16 36.26 -16.67 51.03
CA GLN H 16 35.82 -15.50 51.77
C GLN H 16 34.90 -14.65 50.89
N ARG H 17 34.57 -13.46 51.38
CA ARG H 17 33.75 -12.50 50.67
C ARG H 17 34.60 -11.32 50.24
N VAL H 18 34.35 -10.83 49.02
CA VAL H 18 35.12 -9.73 48.45
C VAL H 18 34.14 -8.61 48.08
N THR H 19 34.57 -7.37 48.29
CA THR H 19 33.76 -6.19 48.01
C THR H 19 34.59 -5.21 47.21
N ILE H 20 34.04 -4.72 46.10
CA ILE H 20 34.68 -3.72 45.25
C ILE H 20 33.75 -2.52 45.16
N SER H 21 34.29 -1.33 45.38
CA SER H 21 33.49 -0.13 45.54
C SER H 21 33.77 0.86 44.42
N CYS H 22 32.70 1.45 43.90
CA CYS H 22 32.78 2.47 42.86
C CYS H 22 32.00 3.69 43.31
N SER H 23 32.62 4.86 43.20
CA SER H 23 32.04 6.09 43.70
C SER H 23 31.78 7.05 42.54
N GLY H 24 30.62 7.70 42.56
CA GLY H 24 30.26 8.63 41.51
C GLY H 24 29.57 9.87 42.04
N SER H 25 28.52 10.31 41.38
CA SER H 25 27.81 11.52 41.76
C SER H 25 26.32 11.32 41.56
N THR H 26 25.55 12.31 41.99
CA THR H 26 24.11 12.29 41.73
C THR H 26 23.82 12.32 40.24
N ASN H 27 24.76 12.85 39.45
CA ASN H 27 24.58 12.98 38.01
C ASN H 27 24.74 11.65 37.27
N ASN H 28 25.55 10.73 37.77
CA ASN H 28 25.81 9.49 37.04
C ASN H 28 25.27 8.26 37.78
N ILE H 29 25.67 8.06 39.03
CA ILE H 29 25.29 6.84 39.74
C ILE H 29 24.03 7.04 40.56
N GLY H 30 23.72 8.28 40.91
CA GLY H 30 22.52 8.54 41.70
C GLY H 30 21.24 8.40 40.93
N ILE H 31 21.30 8.28 39.61
CA ILE H 31 20.13 8.12 38.76
C ILE H 31 20.16 6.79 38.03
N VAL H 32 21.28 6.47 37.39
CA VAL H 32 21.51 5.17 36.77
C VAL H 32 22.62 4.49 37.56
N GLY H 33 22.31 3.36 38.18
CA GLY H 33 23.30 2.64 38.95
C GLY H 33 24.39 2.06 38.07
N ALA H 34 25.45 1.62 38.72
CA ALA H 34 26.60 1.10 37.99
C ALA H 34 26.33 -0.30 37.47
N SER H 35 27.01 -0.65 36.39
CA SER H 35 27.04 -2.02 35.88
C SER H 35 28.49 -2.51 35.89
N TRP H 36 28.69 -3.75 36.30
CA TRP H 36 30.01 -4.29 36.58
C TRP H 36 30.45 -5.24 35.48
N TYR H 37 31.72 -5.16 35.12
CA TYR H 37 32.32 -5.93 34.05
C TYR H 37 33.52 -6.70 34.56
N GLN H 38 33.81 -7.83 33.91
CA GLN H 38 34.96 -8.66 34.23
C GLN H 38 35.85 -8.77 33.00
N GLN H 39 37.16 -8.65 33.21
CA GLN H 39 38.14 -8.68 32.12
C GLN H 39 39.31 -9.55 32.53
N LEU H 40 39.45 -10.71 31.90
CA LEU H 40 40.65 -11.49 32.03
C LEU H 40 41.80 -10.79 31.30
N PRO H 41 43.04 -11.03 31.70
CA PRO H 41 44.16 -10.28 31.09
C PRO H 41 44.22 -10.51 29.59
N GLY H 42 44.00 -9.43 28.84
CA GLY H 42 44.08 -9.47 27.39
C GLY H 42 42.82 -9.92 26.68
N LYS H 43 41.74 -10.21 27.40
CA LYS H 43 40.51 -10.68 26.79
C LYS H 43 39.45 -9.57 26.78
N ALA H 44 38.42 -9.80 25.99
CA ALA H 44 37.33 -8.83 25.91
C ALA H 44 36.50 -8.85 27.20
N PRO H 45 36.02 -7.70 27.67
CA PRO H 45 35.27 -7.67 28.93
C PRO H 45 34.00 -8.49 28.86
N LYS H 46 33.53 -8.89 30.04
CA LYS H 46 32.30 -9.64 30.21
C LYS H 46 31.45 -8.96 31.27
N LEU H 47 30.16 -8.82 30.98
CA LEU H 47 29.22 -8.23 31.93
C LEU H 47 28.87 -9.22 33.02
N LEU H 48 28.82 -8.73 34.26
CA LEU H 48 28.58 -9.57 35.43
C LEU H 48 27.26 -9.25 36.12
N VAL H 49 27.04 -8.00 36.48
CA VAL H 49 25.84 -7.57 37.20
C VAL H 49 25.29 -6.33 36.52
N TYR H 50 23.99 -6.33 36.25
CA TYR H 50 23.34 -5.16 35.68
C TYR H 50 23.16 -4.08 36.75
N SER H 51 22.65 -2.93 36.31
CA SER H 51 22.41 -1.83 37.23
C SER H 51 21.31 -2.15 38.23
N ASP H 52 20.46 -3.14 37.95
CA ASP H 52 19.35 -3.50 38.81
C ASP H 52 19.63 -4.73 39.65
N GLY H 53 20.86 -5.23 39.67
CA GLY H 53 21.22 -6.39 40.45
C GLY H 53 21.04 -7.71 39.72
N ASN H 54 20.47 -7.71 38.53
CA ASN H 54 20.33 -8.94 37.77
C ASN H 54 21.66 -9.32 37.13
N ARG H 55 21.78 -10.60 36.77
CA ARG H 55 22.98 -11.08 36.14
C ARG H 55 22.67 -11.68 34.77
N PRO H 56 23.60 -11.63 33.82
CA PRO H 56 23.38 -12.31 32.55
C PRO H 56 23.26 -13.82 32.75
N SER H 57 22.56 -14.48 31.83
CA SER H 57 22.36 -15.92 31.95
C SER H 57 23.71 -16.63 32.08
N GLY H 58 23.80 -17.53 33.06
CA GLY H 58 24.99 -18.31 33.28
C GLY H 58 25.97 -17.73 34.28
N VAL H 59 25.76 -16.50 34.73
CA VAL H 59 26.64 -15.93 35.75
C VAL H 59 26.28 -16.53 37.11
N PRO H 60 27.25 -17.04 37.87
CA PRO H 60 26.91 -17.64 39.16
C PRO H 60 26.31 -16.62 40.11
N ASP H 61 25.46 -17.10 41.01
CA ASP H 61 24.89 -16.24 42.04
C ASP H 61 25.94 -15.70 43.01
N ARG H 62 27.18 -16.17 42.90
CA ARG H 62 28.25 -15.62 43.72
C ARG H 62 28.32 -14.11 43.57
N PHE H 63 28.08 -13.61 42.37
CA PHE H 63 28.25 -12.19 42.06
C PHE H 63 26.96 -11.44 42.37
N SER H 64 27.08 -10.32 43.06
CA SER H 64 25.93 -9.50 43.40
C SER H 64 26.37 -8.04 43.50
N GLY H 65 25.41 -7.15 43.38
CA GLY H 65 25.69 -5.72 43.41
C GLY H 65 24.59 -4.96 44.10
N SER H 66 24.93 -3.74 44.53
CA SER H 66 23.99 -2.88 45.22
C SER H 66 24.38 -1.42 44.95
N ASN H 67 23.41 -0.54 45.16
CA ASN H 67 23.60 0.89 44.95
C ASN H 67 23.06 1.65 46.15
N SER H 68 23.86 2.57 46.68
CA SER H 68 23.43 3.41 47.80
C SER H 68 23.96 4.81 47.55
N GLY H 69 23.05 5.78 47.45
CA GLY H 69 23.46 7.14 47.18
C GLY H 69 24.24 7.26 45.89
N ASN H 70 25.46 7.78 45.97
CA ASN H 70 26.31 7.98 44.80
C ASN H 70 27.37 6.91 44.65
N SER H 71 27.29 5.82 45.41
CA SER H 71 28.31 4.78 45.40
C SER H 71 27.66 3.43 45.13
N ALA H 72 28.39 2.59 44.40
CA ALA H 72 27.96 1.24 44.09
C ALA H 72 29.06 0.26 44.48
N THR H 73 28.65 -0.97 44.75
CA THR H 73 29.59 -2.00 45.17
C THR H 73 29.24 -3.32 44.49
N LEU H 74 30.28 -4.11 44.23
CA LEU H 74 30.14 -5.46 43.70
C LEU H 74 30.65 -6.43 44.75
N THR H 75 29.83 -7.41 45.11
CA THR H 75 30.15 -8.38 46.15
C THR H 75 30.31 -9.75 45.51
N ILE H 76 31.46 -10.38 45.74
CA ILE H 76 31.75 -11.72 45.25
C ILE H 76 31.83 -12.63 46.46
N THR H 77 30.94 -13.62 46.53
CA THR H 77 30.85 -14.53 47.66
C THR H 77 31.37 -15.90 47.26
N GLY H 78 32.03 -16.57 48.21
CA GLY H 78 32.61 -17.86 47.93
C GLY H 78 33.72 -17.75 46.90
N LEU H 79 34.59 -16.75 47.06
CA LEU H 79 35.66 -16.50 46.12
C LEU H 79 36.35 -17.79 45.69
N GLN H 80 36.39 -18.01 44.38
CA GLN H 80 37.04 -19.17 43.79
C GLN H 80 38.24 -18.72 42.97
N ALA H 81 39.01 -19.71 42.51
CA ALA H 81 40.16 -19.40 41.65
C ALA H 81 39.73 -18.82 40.32
N GLU H 82 38.44 -18.96 39.97
CA GLU H 82 37.97 -18.45 38.69
C GLU H 82 37.88 -16.93 38.66
N ASP H 83 38.01 -16.27 39.81
CA ASP H 83 37.69 -14.86 39.95
C ASP H 83 38.91 -13.95 39.85
N GLU H 84 40.10 -14.48 39.64
CA GLU H 84 41.30 -13.64 39.53
C GLU H 84 41.23 -12.89 38.20
N ALA H 85 40.90 -11.61 38.26
CA ALA H 85 40.73 -10.82 37.05
C ALA H 85 40.63 -9.35 37.42
N ASP H 86 40.33 -8.53 36.42
CA ASP H 86 40.14 -7.09 36.62
C ASP H 86 38.67 -6.75 36.43
N TYR H 87 38.19 -5.81 37.23
CA TYR H 87 36.77 -5.48 37.29
C TYR H 87 36.59 -3.97 37.11
N TYR H 88 35.50 -3.58 36.45
CA TYR H 88 35.22 -2.19 36.14
C TYR H 88 33.77 -1.86 36.44
N CYS H 89 33.53 -0.62 36.88
CA CYS H 89 32.18 -0.10 37.05
C CYS H 89 31.85 0.85 35.91
N GLN H 90 30.65 0.72 35.38
CA GLN H 90 30.19 1.50 34.24
C GLN H 90 28.86 2.16 34.57
N SER H 91 28.77 3.45 34.28
CA SER H 91 27.53 4.20 34.46
C SER H 91 27.44 5.25 33.37
N VAL H 92 26.23 5.73 33.12
CA VAL H 92 25.96 6.70 32.07
C VAL H 92 25.42 7.97 32.70
N ASP H 93 25.92 9.12 32.25
CA ASP H 93 25.42 10.40 32.71
C ASP H 93 24.21 10.81 31.87
N PRO H 94 23.01 10.90 32.46
CA PRO H 94 21.86 11.33 31.65
C PRO H 94 21.86 12.82 31.35
N THR H 95 22.42 13.64 32.23
CA THR H 95 22.44 15.08 31.98
C THR H 95 23.24 15.42 30.72
N LEU H 96 24.41 14.80 30.56
CA LEU H 96 25.27 15.09 29.42
C LEU H 96 25.16 14.06 28.30
N GLY H 97 24.67 12.86 28.59
CA GLY H 97 24.67 11.80 27.60
C GLY H 97 26.04 11.21 27.35
N VAL H 98 26.82 11.00 28.41
CA VAL H 98 28.17 10.47 28.32
C VAL H 98 28.25 9.20 29.14
N VAL H 99 28.77 8.14 28.54
CA VAL H 99 28.97 6.87 29.24
C VAL H 99 30.28 6.94 30.01
N VAL H 100 30.25 6.57 31.28
CA VAL H 100 31.37 6.72 32.19
C VAL H 100 31.78 5.35 32.71
N PHE H 101 33.04 4.98 32.50
CA PHE H 101 33.63 3.81 33.11
C PHE H 101 34.48 4.22 34.30
N GLY H 102 34.72 3.27 35.20
CA GLY H 102 35.64 3.50 36.30
C GLY H 102 37.07 3.17 35.90
N GLY H 103 37.99 3.52 36.78
CA GLY H 103 39.40 3.29 36.51
C GLY H 103 39.81 1.84 36.56
N GLY H 104 38.98 0.97 37.11
CA GLY H 104 39.31 -0.45 37.19
C GLY H 104 39.99 -0.82 38.49
N THR H 105 39.74 -2.05 38.93
CA THR H 105 40.33 -2.57 40.15
C THR H 105 40.80 -3.99 39.89
N HIS H 106 42.01 -4.31 40.34
CA HIS H 106 42.56 -5.65 40.19
C HIS H 106 42.24 -6.47 41.44
N LEU H 107 41.76 -7.68 41.23
CA LEU H 107 41.34 -8.57 42.31
C LEU H 107 42.43 -9.63 42.51
N THR H 108 42.88 -9.78 43.75
CA THR H 108 43.89 -10.76 44.11
C THR H 108 43.27 -11.82 45.00
N VAL H 109 43.41 -13.09 44.59
CA VAL H 109 42.88 -14.22 45.33
C VAL H 109 44.03 -14.86 46.10
N LEU H 110 43.83 -15.06 47.40
CA LEU H 110 44.88 -15.62 48.25
C LEU H 110 44.59 -17.08 48.57
#